data_7YKL
#
_entry.id   7YKL
#
_cell.length_a   1.00
_cell.length_b   1.00
_cell.length_c   1.00
_cell.angle_alpha   90.00
_cell.angle_beta   90.00
_cell.angle_gamma   90.00
#
_symmetry.space_group_name_H-M   'P 1'
#
loop_
_entity.id
_entity.type
_entity.pdbx_description
1 polymer 'ATPase family gene 2 protein'
2 non-polymer "ADENOSINE-5'-TRIPHOSPHATE"
#
_entity_poly.entity_id   1
_entity_poly.type   'polypeptide(L)'
_entity_poly.pdbx_seq_one_letter_code
;MAPKSSSSGSKKKSSASSNSADAKASKFKLPAEFITRPHPSKDHGKETCTAYIHPNVLSSLEINPGSFCTVGKIGENGIL
VIARAGDEEVHPVNVITLSTTIRSVGNLILGDRLELKKAQVQPPYATKVTVGSLQGYNILECMEEKVIQKLLDDSGVIMP
GMIFQNLKTKAGDESIDVVITDASDDSLPDVSQLDLNMDDMYGGLDNLFYLSPPFIFRKGSTHITFSKETQANRKYNLPE
PLSYAAVGGLDKEIESLKSAIEIPLHQPTLFSSFGVSPPRGILLHGPPGTGKTMLLRVVANTSNAHVLTINGPSIVSKYL
GETEAALRDIFNEARKYQPSIIFIDEIDSIAPNRANDDSGEVESRVVATLLTLMDGMGAAGKVVVIAATNRPNSVDPALR
RPGRFDQEVEIGIPDVDARFDILTKQFSRMSSDRHVLDSEAIKYIASKTHGYVGADLTALCRESVMKTIQRGLGTDANID
KFSLKVTLKDVESAMVDIRPSAMREIFLEMPKVYWSDIGGQEELKTKMKEMIQLPLEASETFARLGISAPKGVLLYGPPG
CSKTLTAKALATESGINFLAVKGPEIFNKYVGESERAIREIFRKARSAAPSIIFFDEIDALSPDRDGSSTSAANHVLTSL
LNEIDGVEELKGVVIVAATNRPDEIDAALLRPGRLDRHIYVGPPDVNARLEILKKCTKKFNTEESGVDLHELADRTEGYS
GAEVVLLCQEAGLAAIMEDLDVAKVELRHFEKAFKGIARGITPEMLSYYEEFALRSGSSS
;
_entity_poly.pdbx_strand_id   F,A,B,C,D,E
#
loop_
_chem_comp.id
_chem_comp.type
_chem_comp.name
_chem_comp.formula
ATP non-polymer ADENOSINE-5'-TRIPHOSPHATE 'C10 H16 N5 O13 P3'
#
# COMPACT_ATOMS: atom_id res chain seq x y z
N PHE A 28 -35.49 30.27 0.82
CA PHE A 28 -34.12 29.97 0.41
C PHE A 28 -33.32 29.36 1.55
N LYS A 29 -33.80 29.57 2.78
CA LYS A 29 -33.12 29.02 3.95
C LYS A 29 -33.17 27.49 3.94
N LEU A 30 -34.30 26.91 3.53
CA LEU A 30 -34.53 25.48 3.50
C LEU A 30 -34.33 24.87 4.89
N PRO A 31 -35.20 25.16 5.85
CA PRO A 31 -35.02 24.63 7.20
C PRO A 31 -35.41 23.16 7.29
N ALA A 32 -34.49 22.34 7.79
CA ALA A 32 -34.73 20.91 7.96
C ALA A 32 -34.33 20.37 9.32
N GLU A 33 -33.51 21.08 10.08
CA GLU A 33 -33.05 20.60 11.38
C GLU A 33 -33.36 21.65 12.44
N PHE A 34 -33.87 21.19 13.59
CA PHE A 34 -34.25 22.07 14.68
C PHE A 34 -33.73 21.49 15.99
N ILE A 35 -33.51 22.37 16.97
CA ILE A 35 -32.93 21.99 18.26
C ILE A 35 -33.88 22.42 19.37
N THR A 36 -34.17 21.49 20.29
CA THR A 36 -35.12 21.76 21.36
C THR A 36 -34.49 22.63 22.46
N ARG A 37 -35.35 23.21 23.28
CA ARG A 37 -34.94 24.10 24.37
C ARG A 37 -36.08 24.21 25.36
N PRO A 38 -35.81 24.17 26.67
CA PRO A 38 -36.91 24.28 27.64
C PRO A 38 -37.57 25.66 27.58
N HIS A 39 -38.85 25.67 27.94
CA HIS A 39 -39.61 26.92 27.97
C HIS A 39 -39.12 27.80 29.12
N PRO A 40 -38.70 29.04 28.86
CA PRO A 40 -38.19 29.89 29.92
C PRO A 40 -39.31 30.64 30.66
N SER A 41 -38.91 31.33 31.72
CA SER A 41 -39.74 32.19 32.56
C SER A 41 -40.80 31.43 33.35
N LYS A 42 -40.86 30.10 33.23
CA LYS A 42 -41.83 29.28 33.95
C LYS A 42 -43.25 29.76 33.73
N ASP A 43 -43.90 30.25 34.79
CA ASP A 43 -45.28 30.74 34.76
C ASP A 43 -46.17 29.60 34.26
N HIS A 44 -47.33 29.94 33.67
CA HIS A 44 -48.22 28.95 33.09
C HIS A 44 -48.33 29.09 31.57
N GLY A 45 -48.74 30.27 31.09
CA GLY A 45 -48.86 30.51 29.67
C GLY A 45 -49.71 29.50 28.95
N LYS A 46 -49.17 28.92 27.88
CA LYS A 46 -49.80 27.81 27.17
C LYS A 46 -49.42 26.46 27.75
N GLU A 47 -48.14 26.28 28.09
CA GLU A 47 -47.65 25.15 28.89
C GLU A 47 -47.64 23.85 28.09
N THR A 48 -48.23 23.86 26.90
CA THR A 48 -48.26 22.64 26.08
C THR A 48 -47.85 22.91 24.64
N CYS A 49 -48.13 24.12 24.15
CA CYS A 49 -48.01 24.43 22.73
C CYS A 49 -47.29 25.77 22.54
N THR A 50 -46.16 25.94 23.22
CA THR A 50 -45.37 27.17 23.05
C THR A 50 -44.90 27.30 21.61
N ALA A 51 -44.04 26.37 21.17
CA ALA A 51 -43.65 26.22 19.77
C ALA A 51 -43.20 27.54 19.15
N TYR A 52 -42.09 28.07 19.68
CA TYR A 52 -41.51 29.31 19.18
C TYR A 52 -40.93 29.06 17.79
N ILE A 53 -41.66 29.44 16.75
CA ILE A 53 -41.27 29.25 15.37
C ILE A 53 -41.31 30.60 14.66
N HIS A 54 -40.26 30.90 13.92
CA HIS A 54 -40.21 32.15 13.16
C HIS A 54 -41.25 32.13 12.04
N PRO A 55 -41.85 33.29 11.74
CA PRO A 55 -42.91 33.31 10.70
C PRO A 55 -42.46 32.83 9.34
N ASN A 56 -41.19 33.03 8.97
CA ASN A 56 -40.72 32.57 7.67
C ASN A 56 -40.78 31.05 7.57
N VAL A 57 -40.43 30.35 8.65
CA VAL A 57 -40.55 28.90 8.67
C VAL A 57 -42.02 28.49 8.56
N LEU A 58 -42.91 29.25 9.20
CA LEU A 58 -44.34 28.95 9.11
C LEU A 58 -44.83 29.08 7.67
N SER A 59 -44.39 30.13 6.97
CA SER A 59 -44.85 30.37 5.60
C SER A 59 -44.21 29.42 4.60
N SER A 60 -42.95 29.01 4.83
CA SER A 60 -42.24 28.17 3.88
C SER A 60 -42.71 26.72 3.90
N LEU A 61 -43.46 26.31 4.91
CA LEU A 61 -43.93 24.93 5.03
C LEU A 61 -45.39 24.77 4.64
N GLU A 62 -45.94 25.72 3.87
CA GLU A 62 -47.31 25.72 3.37
C GLU A 62 -48.32 25.27 4.42
N ILE A 63 -48.10 25.65 5.68
CA ILE A 63 -48.97 25.29 6.78
C ILE A 63 -49.28 26.54 7.59
N ASN A 64 -50.53 26.70 7.99
CA ASN A 64 -50.93 27.88 8.74
C ASN A 64 -50.29 27.87 10.14
N PRO A 65 -50.00 29.04 10.70
CA PRO A 65 -49.44 29.07 12.06
C PRO A 65 -50.36 28.46 13.11
N GLY A 66 -51.68 28.56 12.92
CA GLY A 66 -52.62 27.98 13.86
C GLY A 66 -52.91 26.52 13.57
N SER A 67 -51.86 25.76 13.26
CA SER A 67 -51.98 24.34 12.97
C SER A 67 -50.93 23.57 13.76
N PHE A 68 -51.06 22.24 13.74
CA PHE A 68 -50.16 21.39 14.51
C PHE A 68 -48.79 21.29 13.85
N CYS A 69 -47.78 20.96 14.66
CA CYS A 69 -46.42 20.73 14.19
C CYS A 69 -45.96 19.36 14.65
N THR A 70 -44.93 18.84 13.98
CA THR A 70 -44.45 17.49 14.21
C THR A 70 -42.96 17.50 14.51
N VAL A 71 -42.52 16.52 15.30
CA VAL A 71 -41.12 16.39 15.71
C VAL A 71 -40.59 15.08 15.15
N GLY A 72 -39.54 15.16 14.34
CA GLY A 72 -39.05 13.97 13.66
C GLY A 72 -38.49 12.93 14.61
N LYS A 73 -37.69 13.35 15.58
CA LYS A 73 -37.05 12.49 16.58
C LYS A 73 -36.51 11.20 15.97
N ILE A 74 -35.91 11.34 14.78
CA ILE A 74 -35.31 10.27 13.99
C ILE A 74 -36.05 8.93 14.12
N GLY A 75 -36.98 8.69 13.20
CA GLY A 75 -37.77 7.48 13.23
C GLY A 75 -38.98 7.61 14.13
N GLU A 76 -39.53 6.45 14.52
CA GLU A 76 -40.70 6.38 15.41
C GLU A 76 -41.87 7.14 14.80
N ASN A 77 -42.37 6.58 13.69
CA ASN A 77 -43.41 7.22 12.88
C ASN A 77 -44.57 7.69 13.75
N GLY A 78 -45.19 8.77 13.32
CA GLY A 78 -46.14 9.51 14.13
C GLY A 78 -45.65 10.94 14.28
N ILE A 79 -44.33 11.06 14.39
CA ILE A 79 -43.58 12.32 14.29
C ILE A 79 -44.05 13.33 15.34
N LEU A 80 -44.68 12.85 16.40
CA LEU A 80 -45.03 13.65 17.57
C LEU A 80 -45.79 14.93 17.19
N VAL A 81 -46.99 14.71 16.65
CA VAL A 81 -47.83 15.83 16.23
C VAL A 81 -48.26 16.63 17.45
N ILE A 82 -48.15 17.95 17.37
CA ILE A 82 -48.48 18.84 18.48
C ILE A 82 -48.75 20.22 17.92
N ALA A 83 -49.62 20.96 18.58
CA ALA A 83 -50.02 22.28 18.10
C ALA A 83 -48.85 23.24 18.09
N ARG A 84 -48.91 24.21 17.18
CA ARG A 84 -47.82 25.15 16.95
C ARG A 84 -48.35 26.58 16.99
N ALA A 85 -47.43 27.51 17.27
CA ALA A 85 -47.75 28.93 17.31
C ALA A 85 -46.53 29.70 16.84
N GLY A 86 -46.52 31.01 17.11
CA GLY A 86 -45.42 31.86 16.70
C GLY A 86 -44.62 32.42 17.85
N ASP A 87 -43.39 32.85 17.58
CA ASP A 87 -42.52 33.41 18.58
C ASP A 87 -42.68 34.92 18.65
N GLU A 88 -41.80 35.60 19.38
CA GLU A 88 -41.84 37.05 19.53
C GLU A 88 -40.60 37.70 18.93
N GLU A 89 -40.06 37.11 17.87
CA GLU A 89 -38.90 37.64 17.15
C GLU A 89 -37.69 37.80 18.07
N VAL A 90 -37.50 36.84 18.98
CA VAL A 90 -36.31 36.83 19.83
C VAL A 90 -35.55 35.50 19.76
N HIS A 91 -36.21 34.40 19.43
CA HIS A 91 -35.54 33.11 19.33
C HIS A 91 -34.97 32.92 17.93
N PRO A 92 -33.74 32.44 17.79
CA PRO A 92 -33.20 32.17 16.46
C PRO A 92 -33.97 31.04 15.77
N VAL A 93 -33.82 30.99 14.45
CA VAL A 93 -34.57 30.04 13.64
C VAL A 93 -34.20 28.60 14.01
N ASN A 94 -32.92 28.36 14.32
CA ASN A 94 -32.46 27.00 14.55
C ASN A 94 -33.13 26.37 15.77
N VAL A 95 -33.30 27.14 16.84
CA VAL A 95 -33.77 26.58 18.11
C VAL A 95 -35.28 26.40 18.08
N ILE A 96 -35.74 25.36 18.77
CA ILE A 96 -37.16 25.08 18.96
C ILE A 96 -37.38 24.77 20.44
N THR A 97 -38.65 24.66 20.82
CA THR A 97 -39.01 24.34 22.20
C THR A 97 -39.98 23.17 22.21
N LEU A 98 -39.84 22.31 23.23
CA LEU A 98 -40.72 21.17 23.42
C LEU A 98 -41.36 21.13 24.80
N SER A 99 -41.01 22.09 25.68
CA SER A 99 -41.54 22.20 27.05
C SER A 99 -41.04 21.06 27.93
N THR A 100 -40.80 21.38 29.22
CA THR A 100 -40.17 20.42 30.11
C THR A 100 -41.06 19.20 30.34
N THR A 101 -42.34 19.42 30.60
CA THR A 101 -43.23 18.31 30.91
C THR A 101 -43.39 17.37 29.73
N ILE A 102 -43.61 17.93 28.53
CA ILE A 102 -43.76 17.09 27.34
C ILE A 102 -42.47 16.37 27.03
N ARG A 103 -41.33 17.06 27.12
CA ARG A 103 -40.05 16.41 26.83
C ARG A 103 -39.73 15.32 27.85
N SER A 104 -40.21 15.47 29.08
CA SER A 104 -39.99 14.43 30.09
C SER A 104 -40.89 13.23 29.87
N VAL A 105 -42.18 13.46 29.56
CA VAL A 105 -43.10 12.34 29.40
C VAL A 105 -42.81 11.58 28.11
N GLY A 106 -42.40 12.29 27.07
CA GLY A 106 -42.06 11.65 25.81
C GLY A 106 -40.63 11.19 25.69
N ASN A 107 -39.84 11.32 26.76
CA ASN A 107 -38.41 10.98 26.75
C ASN A 107 -37.67 11.76 25.67
N LEU A 108 -38.06 13.02 25.48
CA LEU A 108 -37.37 13.92 24.56
C LEU A 108 -36.21 14.56 25.31
N ILE A 109 -35.08 13.85 25.31
CA ILE A 109 -33.88 14.36 25.96
C ILE A 109 -33.43 15.64 25.26
N LEU A 110 -33.06 16.65 26.05
CA LEU A 110 -32.65 17.92 25.51
C LEU A 110 -31.49 17.76 24.54
N GLY A 111 -31.60 18.37 23.37
CA GLY A 111 -30.55 18.28 22.37
C GLY A 111 -30.61 17.08 21.46
N ASP A 112 -31.63 16.23 21.60
CA ASP A 112 -31.74 15.09 20.71
C ASP A 112 -32.12 15.55 19.29
N ARG A 113 -31.84 14.68 18.32
CA ARG A 113 -32.09 15.04 16.93
C ARG A 113 -33.59 15.03 16.66
N LEU A 114 -34.07 16.04 15.93
CA LEU A 114 -35.49 16.14 15.64
C LEU A 114 -35.67 16.97 14.38
N GLU A 115 -36.85 16.80 13.74
CA GLU A 115 -37.15 17.50 12.50
C GLU A 115 -38.55 18.09 12.54
N LEU A 116 -39.01 18.62 11.40
CA LEU A 116 -40.32 19.23 11.27
C LEU A 116 -40.98 18.73 9.99
N LYS A 117 -42.28 18.48 10.05
CA LYS A 117 -43.00 17.93 8.91
C LYS A 117 -44.45 18.43 8.97
N LYS A 118 -45.33 17.82 8.19
CA LYS A 118 -46.72 18.22 8.09
C LYS A 118 -47.55 17.61 9.22
N ALA A 119 -48.58 18.34 9.64
CA ALA A 119 -49.44 17.90 10.72
C ALA A 119 -50.31 16.72 10.28
N GLN A 120 -50.98 16.12 11.26
CA GLN A 120 -51.82 14.95 11.04
C GLN A 120 -53.28 15.30 11.35
N VAL A 121 -54.15 14.30 11.25
CA VAL A 121 -55.58 14.51 11.48
C VAL A 121 -55.83 14.86 12.95
N GLN A 122 -56.88 15.66 13.18
CA GLN A 122 -57.21 16.09 14.53
C GLN A 122 -57.64 14.90 15.39
N PRO A 123 -57.34 14.93 16.68
CA PRO A 123 -57.73 13.83 17.57
C PRO A 123 -59.24 13.71 17.68
N PRO A 124 -59.77 12.49 17.73
CA PRO A 124 -61.22 12.33 17.86
C PRO A 124 -61.77 12.82 19.20
N TYR A 125 -61.27 12.27 20.31
CA TYR A 125 -61.78 12.59 21.64
C TYR A 125 -61.00 11.88 22.73
N ALA A 126 -61.32 12.18 23.99
CA ALA A 126 -60.79 11.48 25.15
C ALA A 126 -61.91 10.74 25.85
N THR A 127 -61.57 9.63 26.52
CA THR A 127 -62.58 8.72 27.04
C THR A 127 -62.62 8.68 28.56
N LYS A 128 -61.51 8.32 29.23
CA LYS A 128 -61.54 8.09 30.67
C LYS A 128 -60.70 9.10 31.45
N VAL A 129 -59.40 9.20 31.16
CA VAL A 129 -58.46 10.04 31.89
C VAL A 129 -58.46 9.65 33.37
N THR A 130 -57.49 8.83 33.77
CA THR A 130 -57.43 8.29 35.13
C THR A 130 -56.05 8.53 35.74
N VAL A 131 -56.02 8.82 37.04
CA VAL A 131 -54.77 9.09 37.73
C VAL A 131 -54.10 7.79 38.14
N GLY A 132 -52.78 7.87 38.38
CA GLY A 132 -52.01 6.71 38.80
C GLY A 132 -51.28 6.88 40.11
N SER A 133 -50.95 8.12 40.46
CA SER A 133 -50.32 8.47 41.74
C SER A 133 -48.99 7.72 41.91
N LEU A 134 -48.04 8.07 41.05
CA LEU A 134 -46.71 7.48 41.11
C LEU A 134 -46.01 7.85 42.41
N GLN A 135 -45.14 6.94 42.86
CA GLN A 135 -44.33 7.07 44.08
C GLN A 135 -45.13 7.62 45.25
N GLY A 136 -46.39 7.21 45.36
CA GLY A 136 -47.25 7.65 46.45
C GLY A 136 -48.31 6.62 46.75
N TYR A 137 -48.99 6.84 47.87
CA TYR A 137 -50.04 5.95 48.33
C TYR A 137 -51.42 6.39 47.85
N ASN A 138 -51.49 7.42 47.03
CA ASN A 138 -52.75 8.00 46.53
C ASN A 138 -53.55 8.46 47.74
N ILE A 139 -54.87 8.29 47.75
CA ILE A 139 -55.74 8.73 48.84
C ILE A 139 -55.50 10.22 49.06
N LEU A 140 -56.01 11.04 48.14
CA LEU A 140 -55.75 12.47 48.13
C LEU A 140 -56.93 13.30 48.60
N GLU A 141 -58.16 12.87 48.32
CA GLU A 141 -59.39 13.54 48.71
C GLU A 141 -59.30 15.07 48.73
N CYS A 142 -58.90 15.65 49.86
CA CYS A 142 -58.80 17.10 49.94
C CYS A 142 -57.58 17.63 49.19
N MET A 143 -56.53 16.82 49.06
CA MET A 143 -55.39 17.22 48.23
C MET A 143 -55.73 17.29 46.74
N GLU A 144 -56.89 16.77 46.34
CA GLU A 144 -57.27 16.80 44.93
C GLU A 144 -57.44 18.23 44.43
N GLU A 145 -58.06 19.09 45.24
CA GLU A 145 -58.24 20.52 44.98
C GLU A 145 -58.62 20.82 43.53
N LYS A 146 -59.44 19.96 42.93
CA LYS A 146 -59.93 20.13 41.56
C LYS A 146 -58.76 20.19 40.56
N VAL A 147 -58.02 19.08 40.47
CA VAL A 147 -56.99 18.96 39.45
C VAL A 147 -57.58 18.83 38.05
N ILE A 148 -58.87 18.54 37.94
CA ILE A 148 -59.52 18.49 36.63
C ILE A 148 -59.46 19.86 35.96
N GLN A 149 -59.72 20.92 36.73
CA GLN A 149 -59.59 22.27 36.20
C GLN A 149 -58.13 22.60 35.88
N LYS A 150 -57.20 22.10 36.70
CA LYS A 150 -55.78 22.39 36.47
C LYS A 150 -55.28 21.81 35.15
N LEU A 151 -55.91 20.73 34.69
CA LEU A 151 -55.59 20.16 33.38
C LEU A 151 -56.51 20.65 32.27
N LEU A 152 -57.68 21.20 32.63
CA LEU A 152 -58.61 21.74 31.65
C LEU A 152 -58.34 23.21 31.33
N ASP A 153 -57.43 23.86 32.06
CA ASP A 153 -57.10 25.25 31.75
C ASP A 153 -56.49 25.36 30.36
N ASP A 154 -55.63 24.41 29.99
CA ASP A 154 -55.03 24.35 28.67
C ASP A 154 -55.63 23.20 27.87
N SER A 155 -55.33 23.18 26.58
CA SER A 155 -55.84 22.14 25.70
C SER A 155 -55.24 20.79 26.06
N GLY A 156 -56.05 19.73 25.90
CA GLY A 156 -55.58 18.40 26.19
C GLY A 156 -54.53 17.94 25.20
N VAL A 157 -53.75 16.95 25.61
CA VAL A 157 -52.67 16.41 24.80
C VAL A 157 -52.50 14.92 25.11
N ILE A 158 -52.18 14.15 24.06
CA ILE A 158 -51.82 12.72 24.04
C ILE A 158 -52.83 11.81 24.74
N MET A 159 -52.99 10.59 24.20
CA MET A 159 -53.88 9.61 24.80
C MET A 159 -53.58 9.35 26.28
N PRO A 160 -52.32 9.18 26.71
CA PRO A 160 -52.06 9.09 28.15
C PRO A 160 -52.53 10.32 28.91
N GLY A 161 -52.04 11.51 28.53
CA GLY A 161 -52.51 12.73 29.15
C GLY A 161 -51.42 13.67 29.60
N MET A 162 -50.17 13.18 29.64
CA MET A 162 -48.99 13.96 29.99
C MET A 162 -48.96 14.28 31.48
N ILE A 163 -47.76 14.19 32.08
CA ILE A 163 -47.58 14.36 33.51
C ILE A 163 -47.01 15.75 33.77
N PHE A 164 -47.67 16.50 34.64
CA PHE A 164 -47.24 17.85 35.00
C PHE A 164 -47.13 17.95 36.52
N GLN A 165 -46.16 18.74 36.98
CA GLN A 165 -45.89 18.88 38.40
C GLN A 165 -47.06 19.54 39.12
N ASN A 166 -47.07 19.44 40.44
CA ASN A 166 -48.16 19.97 41.25
C ASN A 166 -47.98 21.44 41.62
N LEU A 167 -46.75 21.95 41.59
CA LEU A 167 -46.44 23.34 41.97
C LEU A 167 -46.91 23.53 43.42
N LYS A 168 -47.68 24.55 43.73
CA LYS A 168 -48.18 24.79 45.08
C LYS A 168 -49.70 24.59 45.08
N THR A 169 -50.17 23.65 45.90
CA THR A 169 -51.60 23.35 46.03
C THR A 169 -51.98 23.41 47.50
N LYS A 170 -52.97 24.25 47.80
CA LYS A 170 -53.52 24.45 49.15
C LYS A 170 -52.46 24.47 50.23
N ALA A 171 -52.74 23.90 51.39
CA ALA A 171 -51.80 23.85 52.50
C ALA A 171 -51.04 22.53 52.49
N GLY A 172 -49.97 22.49 53.28
CA GLY A 172 -49.13 21.32 53.41
C GLY A 172 -47.89 21.34 52.54
N ASP A 173 -47.86 22.19 51.52
CA ASP A 173 -46.72 22.34 50.61
C ASP A 173 -46.45 20.97 49.96
N GLU A 174 -45.25 20.39 50.10
CA GLU A 174 -44.88 19.07 49.59
C GLU A 174 -45.08 18.94 48.08
N SER A 175 -44.77 17.76 47.53
CA SER A 175 -44.92 17.51 46.11
C SER A 175 -44.96 16.02 45.82
N ILE A 176 -45.94 15.58 45.03
CA ILE A 176 -46.08 14.18 44.66
C ILE A 176 -46.27 14.09 43.15
N ASP A 177 -45.98 12.91 42.61
CA ASP A 177 -46.07 12.65 41.19
C ASP A 177 -47.34 11.88 40.87
N VAL A 178 -48.04 12.30 39.82
CA VAL A 178 -49.29 11.69 39.39
C VAL A 178 -49.13 11.20 37.96
N VAL A 179 -49.60 9.98 37.70
CA VAL A 179 -49.56 9.37 36.38
C VAL A 179 -50.99 9.38 35.85
N ILE A 180 -51.25 10.23 34.85
CA ILE A 180 -52.59 10.40 34.31
C ILE A 180 -52.74 9.50 33.09
N THR A 181 -51.69 8.73 32.79
CA THR A 181 -51.68 7.92 31.57
C THR A 181 -52.76 6.85 31.54
N ASP A 182 -53.31 6.48 32.70
CA ASP A 182 -54.32 5.43 32.74
C ASP A 182 -55.57 5.88 32.01
N ALA A 183 -55.99 5.10 31.02
CA ALA A 183 -57.17 5.39 30.22
C ALA A 183 -57.53 4.15 29.42
N SER A 184 -58.71 4.18 28.79
CA SER A 184 -59.19 3.08 27.95
C SER A 184 -59.81 3.70 26.70
N ASP A 185 -59.01 3.85 25.66
CA ASP A 185 -59.47 4.42 24.40
C ASP A 185 -58.64 3.87 23.25
N ASP A 186 -59.20 3.93 22.05
CA ASP A 186 -58.55 3.42 20.86
C ASP A 186 -58.72 4.39 19.71
N SER A 187 -57.77 4.36 18.78
CA SER A 187 -57.80 5.19 17.59
C SER A 187 -57.51 4.34 16.36
N LEU A 188 -58.15 4.68 15.25
CA LEU A 188 -57.95 3.91 14.01
C LEU A 188 -56.52 3.93 13.49
N PRO A 189 -55.78 5.04 13.46
CA PRO A 189 -54.43 4.97 12.87
C PRO A 189 -53.41 4.47 13.89
N ASP A 190 -52.82 3.31 13.59
CA ASP A 190 -51.79 2.73 14.45
C ASP A 190 -50.39 3.24 14.13
N VAL A 191 -50.23 3.99 13.04
CA VAL A 191 -48.91 4.52 12.68
C VAL A 191 -48.45 5.53 13.72
N SER A 192 -49.34 6.41 14.16
CA SER A 192 -48.98 7.45 15.10
C SER A 192 -48.59 6.86 16.46
N GLN A 193 -47.52 7.39 17.03
CA GLN A 193 -47.05 6.97 18.35
C GLN A 193 -47.45 7.94 19.46
N LEU A 194 -47.32 9.25 19.21
CA LEU A 194 -47.71 10.22 20.22
C LEU A 194 -49.21 10.20 20.48
N ASP A 195 -50.00 10.12 19.41
CA ASP A 195 -51.47 10.01 19.50
C ASP A 195 -52.06 11.21 20.25
N LEU A 196 -51.92 12.37 19.61
CA LEU A 196 -52.42 13.62 20.18
C LEU A 196 -53.86 13.50 20.62
N ASN A 197 -54.24 14.29 21.62
CA ASN A 197 -55.56 14.22 22.24
C ASN A 197 -56.19 15.59 22.30
N MET A 198 -57.52 15.61 22.42
CA MET A 198 -58.29 16.82 22.65
C MET A 198 -59.25 16.58 23.81
N ASP A 199 -59.58 17.64 24.53
CA ASP A 199 -60.43 17.57 25.70
C ASP A 199 -61.58 18.56 25.58
N ASP A 200 -62.76 18.15 26.03
CA ASP A 200 -63.95 19.00 26.02
C ASP A 200 -64.80 18.62 27.24
N MET A 201 -64.61 19.36 28.34
CA MET A 201 -65.35 19.09 29.57
C MET A 201 -65.83 20.38 30.21
N TYR A 202 -66.32 20.29 31.45
CA TYR A 202 -66.84 21.43 32.17
C TYR A 202 -66.02 21.65 33.45
N GLY A 203 -65.63 22.89 33.68
CA GLY A 203 -64.87 23.22 34.88
C GLY A 203 -64.75 24.71 35.05
N GLY A 204 -64.56 25.13 36.29
CA GLY A 204 -64.42 26.54 36.60
C GLY A 204 -64.30 26.74 38.09
N LEU A 205 -63.81 27.93 38.46
CA LEU A 205 -63.61 28.31 39.86
C LEU A 205 -62.73 27.30 40.59
N GLY A 220 -69.62 18.22 34.11
CA GLY A 220 -68.69 17.77 35.13
C GLY A 220 -68.21 16.35 34.94
N SER A 221 -67.15 16.20 34.13
CA SER A 221 -66.55 14.91 33.85
C SER A 221 -67.54 13.94 33.20
N THR A 222 -67.16 12.67 33.10
CA THR A 222 -68.05 11.65 32.55
C THR A 222 -67.59 10.29 33.05
N HIS A 223 -68.52 9.55 33.66
CA HIS A 223 -68.26 8.18 34.14
C HIS A 223 -67.04 8.13 35.04
N ILE A 224 -66.89 9.15 35.90
CA ILE A 224 -65.83 9.35 36.89
C ILE A 224 -64.45 9.40 36.21
N THR A 225 -63.47 9.96 36.91
CA THR A 225 -62.12 10.06 36.39
C THR A 225 -61.06 9.43 37.28
N PHE A 226 -61.20 9.56 38.60
CA PHE A 226 -60.19 9.05 39.53
C PHE A 226 -60.54 7.63 39.94
N SER A 227 -59.61 6.70 39.74
CA SER A 227 -59.80 5.31 40.10
C SER A 227 -58.45 4.63 40.20
N LYS A 228 -58.35 3.69 41.15
CA LYS A 228 -57.16 2.86 41.35
C LYS A 228 -55.93 3.69 41.72
N GLU A 229 -54.82 3.01 41.99
CA GLU A 229 -53.56 3.67 42.31
C GLU A 229 -52.38 2.97 41.65
N THR A 230 -52.60 2.36 40.49
CA THR A 230 -51.56 1.60 39.81
C THR A 230 -50.55 2.54 39.16
N GLN A 231 -49.38 1.98 38.84
CA GLN A 231 -48.31 2.72 38.18
C GLN A 231 -48.61 2.81 36.68
N ALA A 232 -47.61 3.23 35.90
CA ALA A 232 -47.77 3.34 34.46
C ALA A 232 -48.13 1.99 33.86
N ASN A 233 -49.11 1.99 32.96
CA ASN A 233 -49.63 0.76 32.38
C ASN A 233 -48.59 0.12 31.47
N ARG A 234 -48.35 -1.18 31.67
CA ARG A 234 -47.39 -1.90 30.83
C ARG A 234 -47.95 -2.20 29.45
N LYS A 235 -49.27 -2.30 29.32
CA LYS A 235 -49.86 -2.61 28.02
C LYS A 235 -49.65 -1.48 27.02
N TYR A 236 -49.50 -0.24 27.50
CA TYR A 236 -49.24 0.88 26.61
C TYR A 236 -47.87 0.81 25.96
N ASN A 237 -46.93 0.07 26.57
CA ASN A 237 -45.55 -0.08 26.13
C ASN A 237 -44.93 1.22 25.64
N LEU A 238 -45.19 2.32 26.34
CA LEU A 238 -44.47 3.56 26.08
C LEU A 238 -43.09 3.50 26.72
N PRO A 239 -42.11 4.22 26.16
CA PRO A 239 -40.79 4.27 26.79
C PRO A 239 -40.87 4.85 28.19
N GLU A 240 -40.06 4.30 29.10
CA GLU A 240 -40.07 4.70 30.49
C GLU A 240 -38.81 5.46 30.83
N PRO A 241 -38.92 6.62 31.48
CA PRO A 241 -37.71 7.37 31.86
C PRO A 241 -36.90 6.61 32.90
N LEU A 242 -35.59 6.84 32.88
CA LEU A 242 -34.65 6.21 33.80
C LEU A 242 -34.10 7.25 34.77
N SER A 243 -34.08 6.90 36.05
CA SER A 243 -33.60 7.81 37.08
C SER A 243 -32.37 7.22 37.77
N TYR A 244 -31.91 7.87 38.84
CA TYR A 244 -30.76 7.36 39.58
C TYR A 244 -31.06 6.05 40.31
N ALA A 245 -32.34 5.71 40.49
CA ALA A 245 -32.73 4.42 41.04
C ALA A 245 -32.48 3.28 40.07
N ALA A 246 -32.17 3.58 38.81
CA ALA A 246 -31.85 2.52 37.85
C ALA A 246 -30.55 1.82 38.21
N VAL A 247 -29.71 2.46 39.02
CA VAL A 247 -28.47 1.86 39.49
C VAL A 247 -28.51 1.77 41.00
N GLY A 248 -28.59 0.55 41.52
CA GLY A 248 -28.67 0.37 42.97
C GLY A 248 -27.36 -0.11 43.56
N GLY A 249 -26.65 -0.99 42.86
CA GLY A 249 -25.37 -1.49 43.33
C GLY A 249 -24.20 -0.72 42.76
N LEU A 250 -22.98 -1.24 42.95
CA LEU A 250 -21.76 -0.61 42.45
C LEU A 250 -21.65 0.82 42.97
N ASP A 251 -21.95 1.01 44.26
CA ASP A 251 -22.10 2.35 44.82
C ASP A 251 -20.79 3.13 44.77
N LYS A 252 -19.67 2.46 45.09
CA LYS A 252 -18.41 3.15 45.38
C LYS A 252 -17.94 4.01 44.20
N GLU A 253 -18.41 3.73 42.99
CA GLU A 253 -18.15 4.61 41.86
C GLU A 253 -19.34 5.46 41.45
N ILE A 254 -20.58 5.00 41.69
CA ILE A 254 -21.72 5.77 41.19
C ILE A 254 -21.91 7.04 42.01
N GLU A 255 -21.84 6.97 43.35
CA GLU A 255 -21.94 8.22 44.10
C GLU A 255 -20.72 9.10 43.92
N SER A 256 -19.54 8.49 43.71
CA SER A 256 -18.36 9.29 43.42
C SER A 256 -18.54 10.09 42.13
N LEU A 257 -19.04 9.43 41.08
CA LEU A 257 -19.30 10.12 39.82
C LEU A 257 -20.40 11.17 39.98
N LYS A 258 -21.44 10.86 40.77
CA LYS A 258 -22.51 11.81 40.99
C LYS A 258 -22.00 13.08 41.65
N SER A 259 -21.15 12.93 42.67
CA SER A 259 -20.57 14.10 43.32
C SER A 259 -19.63 14.84 42.38
N ALA A 260 -18.82 14.12 41.60
CA ALA A 260 -17.86 14.76 40.71
C ALA A 260 -18.55 15.50 39.58
N ILE A 261 -19.76 15.09 39.22
CA ILE A 261 -20.53 15.83 38.23
C ILE A 261 -21.36 16.95 38.86
N GLU A 262 -21.79 16.77 40.11
CA GLU A 262 -22.57 17.81 40.78
C GLU A 262 -21.72 19.03 41.12
N ILE A 263 -20.49 18.81 41.58
CA ILE A 263 -19.68 19.95 42.05
C ILE A 263 -19.42 21.01 40.99
N PRO A 264 -19.17 20.68 39.69
CA PRO A 264 -18.97 21.77 38.73
C PRO A 264 -20.28 22.46 38.35
N LEU A 265 -21.35 21.68 38.27
CA LEU A 265 -22.61 22.20 37.73
C LEU A 265 -23.27 23.18 38.69
N HIS A 266 -23.61 22.74 39.88
CA HIS A 266 -24.38 23.56 40.81
C HIS A 266 -23.51 24.43 41.71
N GLN A 267 -22.20 24.19 41.76
CA GLN A 267 -21.28 24.98 42.57
C GLN A 267 -20.12 25.47 41.70
N PRO A 268 -20.36 26.47 40.85
CA PRO A 268 -19.29 27.03 40.03
C PRO A 268 -18.53 28.18 40.67
N THR A 269 -19.04 28.75 41.75
CA THR A 269 -18.38 29.90 42.37
C THR A 269 -17.15 29.50 43.17
N LEU A 270 -17.20 28.34 43.81
CA LEU A 270 -16.07 27.90 44.62
C LEU A 270 -14.83 27.65 43.76
N PHE A 271 -15.02 26.98 42.62
CA PHE A 271 -13.88 26.72 41.73
C PHE A 271 -13.31 28.01 41.15
N SER A 272 -14.19 28.96 40.79
CA SER A 272 -13.73 30.24 40.30
C SER A 272 -12.94 30.99 41.36
N SER A 273 -13.41 30.95 42.61
CA SER A 273 -12.69 31.60 43.70
C SER A 273 -11.33 30.94 43.94
N PHE A 274 -11.27 29.61 43.85
CA PHE A 274 -10.01 28.92 44.03
C PHE A 274 -8.99 29.31 42.96
N GLY A 275 -9.45 29.43 41.71
CA GLY A 275 -8.58 29.82 40.62
C GLY A 275 -7.81 28.69 39.97
N VAL A 276 -7.96 27.45 40.45
CA VAL A 276 -7.28 26.31 39.85
C VAL A 276 -8.04 25.74 38.67
N SER A 277 -9.21 26.29 38.34
CA SER A 277 -10.07 25.90 37.23
C SER A 277 -10.70 24.53 37.47
N PRO A 278 -11.95 24.33 37.05
CA PRO A 278 -12.60 23.03 37.24
C PRO A 278 -12.10 22.02 36.23
N PRO A 279 -12.22 20.72 36.53
CA PRO A 279 -11.76 19.70 35.58
C PRO A 279 -12.59 19.71 34.30
N ARG A 280 -11.93 19.33 33.20
CA ARG A 280 -12.55 19.32 31.88
C ARG A 280 -12.66 17.92 31.29
N GLY A 281 -12.50 16.88 32.11
CA GLY A 281 -12.55 15.53 31.60
C GLY A 281 -13.02 14.49 32.59
N ILE A 282 -14.00 13.68 32.20
CA ILE A 282 -14.48 12.55 32.98
C ILE A 282 -14.34 11.29 32.14
N LEU A 283 -13.72 10.27 32.70
CA LEU A 283 -13.42 9.04 31.99
C LEU A 283 -14.33 7.92 32.47
N LEU A 284 -14.98 7.25 31.51
CA LEU A 284 -15.79 6.06 31.78
C LEU A 284 -15.20 4.93 30.93
N HIS A 285 -14.19 4.25 31.47
CA HIS A 285 -13.48 3.22 30.74
C HIS A 285 -13.44 1.93 31.55
N GLY A 286 -13.60 0.81 30.86
CA GLY A 286 -13.61 -0.49 31.48
C GLY A 286 -13.89 -1.60 30.48
N PRO A 287 -14.10 -2.81 30.99
CA PRO A 287 -14.42 -3.92 30.09
C PRO A 287 -15.74 -3.68 29.40
N PRO A 288 -15.93 -4.24 28.20
CA PRO A 288 -17.22 -4.08 27.51
C PRO A 288 -18.34 -4.77 28.27
N GLY A 289 -19.53 -4.18 28.18
CA GLY A 289 -20.71 -4.76 28.79
C GLY A 289 -20.94 -4.42 30.25
N THR A 290 -20.09 -3.58 30.85
CA THR A 290 -20.30 -3.21 32.24
C THR A 290 -21.53 -2.32 32.41
N GLY A 291 -21.89 -1.55 31.39
CA GLY A 291 -23.08 -0.73 31.47
C GLY A 291 -22.79 0.77 31.43
N LYS A 292 -21.75 1.16 30.70
CA LYS A 292 -21.44 2.59 30.58
C LYS A 292 -22.55 3.34 29.87
N THR A 293 -23.20 2.68 28.90
CA THR A 293 -24.25 3.36 28.13
C THR A 293 -25.43 3.74 29.01
N MET A 294 -25.89 2.82 29.86
CA MET A 294 -27.02 3.15 30.73
C MET A 294 -26.62 4.19 31.77
N LEU A 295 -25.39 4.12 32.27
CA LEU A 295 -24.93 5.12 33.23
C LEU A 295 -24.93 6.51 32.60
N LEU A 296 -24.38 6.64 31.38
CA LEU A 296 -24.36 7.95 30.73
C LEU A 296 -25.76 8.44 30.40
N ARG A 297 -26.64 7.52 29.96
CA ARG A 297 -28.01 7.93 29.66
C ARG A 297 -28.72 8.43 30.92
N VAL A 298 -28.53 7.74 32.04
CA VAL A 298 -29.18 8.15 33.29
C VAL A 298 -28.64 9.49 33.76
N VAL A 299 -27.31 9.65 33.77
CA VAL A 299 -26.75 10.92 34.24
C VAL A 299 -27.00 12.05 33.24
N ALA A 300 -27.39 11.73 32.01
CA ALA A 300 -27.74 12.77 31.05
C ALA A 300 -29.19 13.20 31.19
N ASN A 301 -30.12 12.24 31.30
CA ASN A 301 -31.53 12.59 31.36
C ASN A 301 -32.01 12.91 32.78
N THR A 302 -31.16 12.71 33.79
CA THR A 302 -31.54 13.08 35.15
C THR A 302 -31.42 14.58 35.41
N SER A 303 -30.74 15.32 34.53
CA SER A 303 -30.55 16.75 34.68
C SER A 303 -31.41 17.51 33.66
N ASN A 304 -31.24 18.83 33.67
CA ASN A 304 -32.01 19.69 32.77
C ASN A 304 -31.07 20.54 31.91
N ALA A 305 -30.04 19.91 31.34
CA ALA A 305 -29.03 20.62 30.57
C ALA A 305 -28.92 20.03 29.16
N HIS A 306 -28.55 20.87 28.22
CA HIS A 306 -28.33 20.45 26.85
C HIS A 306 -27.20 19.42 26.79
N VAL A 307 -27.43 18.32 26.08
CA VAL A 307 -26.44 17.27 25.92
C VAL A 307 -26.08 17.15 24.44
N LEU A 308 -24.79 16.94 24.18
CA LEU A 308 -24.28 16.78 22.83
C LEU A 308 -24.04 15.30 22.58
N THR A 309 -24.91 14.68 21.77
CA THR A 309 -24.84 13.25 21.48
C THR A 309 -24.32 13.08 20.06
N ILE A 310 -23.21 12.37 19.93
CA ILE A 310 -22.62 12.10 18.62
C ILE A 310 -22.95 10.67 18.20
N ASN A 311 -23.00 10.46 16.89
CA ASN A 311 -23.27 9.14 16.33
C ASN A 311 -22.04 8.26 16.23
N GLY A 312 -20.86 8.80 16.54
CA GLY A 312 -19.65 8.03 16.49
C GLY A 312 -18.99 8.07 15.12
N PRO A 313 -18.80 6.90 14.51
CA PRO A 313 -18.16 6.87 13.18
C PRO A 313 -18.98 7.55 12.09
N SER A 314 -20.29 7.75 12.31
CA SER A 314 -21.11 8.39 11.29
C SER A 314 -20.72 9.84 11.05
N ILE A 315 -20.05 10.49 12.01
CA ILE A 315 -19.62 11.87 11.84
C ILE A 315 -18.49 12.01 10.83
N VAL A 316 -17.85 10.91 10.44
CA VAL A 316 -16.76 10.97 9.48
C VAL A 316 -17.31 11.30 8.10
N SER A 317 -16.71 12.28 7.44
CA SER A 317 -17.11 12.70 6.11
C SER A 317 -15.91 12.69 5.18
N LYS A 318 -16.18 12.57 3.89
CA LYS A 318 -15.11 12.53 2.90
C LYS A 318 -14.32 13.83 2.89
N TYR A 319 -15.01 14.97 2.95
CA TYR A 319 -14.32 16.25 2.98
C TYR A 319 -13.69 16.49 4.35
N LEU A 320 -12.49 17.05 4.34
CA LEU A 320 -11.77 17.27 5.59
C LEU A 320 -12.34 18.45 6.37
N GLY A 321 -12.84 19.48 5.66
CA GLY A 321 -13.32 20.67 6.32
C GLY A 321 -14.72 20.56 6.90
N GLU A 322 -15.54 19.65 6.38
CA GLU A 322 -16.91 19.55 6.85
C GLU A 322 -16.96 19.08 8.31
N THR A 323 -16.14 18.10 8.68
CA THR A 323 -16.13 17.63 10.05
C THR A 323 -15.60 18.69 11.01
N GLU A 324 -14.59 19.46 10.57
CA GLU A 324 -14.08 20.54 11.40
C GLU A 324 -15.14 21.63 11.60
N ALA A 325 -15.86 21.97 10.53
CA ALA A 325 -16.92 22.96 10.65
C ALA A 325 -18.03 22.47 11.57
N ALA A 326 -18.40 21.18 11.46
CA ALA A 326 -19.42 20.63 12.34
C ALA A 326 -18.97 20.66 13.80
N LEU A 327 -17.71 20.30 14.05
CA LEU A 327 -17.19 20.34 15.42
C LEU A 327 -17.19 21.76 15.96
N ARG A 328 -16.77 22.74 15.15
CA ARG A 328 -16.80 24.13 15.58
C ARG A 328 -18.22 24.59 15.88
N ASP A 329 -19.18 24.21 15.02
CA ASP A 329 -20.56 24.63 15.23
C ASP A 329 -21.15 24.03 16.51
N ILE A 330 -20.90 22.73 16.75
CA ILE A 330 -21.46 22.09 17.92
C ILE A 330 -20.81 22.64 19.19
N PHE A 331 -19.50 22.89 19.16
CA PHE A 331 -18.84 23.49 20.31
C PHE A 331 -19.36 24.90 20.57
N ASN A 332 -19.58 25.68 19.52
CA ASN A 332 -20.10 27.03 19.69
C ASN A 332 -21.52 27.02 20.28
N GLU A 333 -22.38 26.12 19.78
CA GLU A 333 -23.74 26.08 20.29
C GLU A 333 -23.79 25.53 21.71
N ALA A 334 -22.85 24.65 22.08
CA ALA A 334 -22.78 24.20 23.45
C ALA A 334 -22.27 25.31 24.37
N ARG A 335 -21.34 26.13 23.86
CA ARG A 335 -20.77 27.19 24.68
C ARG A 335 -21.75 28.34 24.88
N LYS A 336 -22.53 28.67 23.85
CA LYS A 336 -23.37 29.86 23.92
C LYS A 336 -24.50 29.71 24.94
N TYR A 337 -24.92 28.48 25.23
CA TYR A 337 -25.94 28.23 26.23
C TYR A 337 -25.27 27.84 27.55
N GLN A 338 -25.63 28.54 28.63
CA GLN A 338 -25.05 28.23 29.93
C GLN A 338 -25.37 26.82 30.40
N PRO A 339 -26.63 26.33 30.36
CA PRO A 339 -26.88 24.91 30.68
C PRO A 339 -26.51 24.01 29.51
N SER A 340 -25.40 23.31 29.65
CA SER A 340 -24.93 22.44 28.57
C SER A 340 -24.01 21.38 29.15
N ILE A 341 -24.14 20.15 28.65
CA ILE A 341 -23.29 19.04 29.03
C ILE A 341 -22.84 18.34 27.75
N ILE A 342 -21.64 17.77 27.79
CA ILE A 342 -21.04 17.11 26.62
C ILE A 342 -20.81 15.66 26.95
N PHE A 343 -21.28 14.77 26.08
CA PHE A 343 -21.12 13.33 26.23
C PHE A 343 -20.43 12.78 24.99
N ILE A 344 -19.38 11.99 25.20
CA ILE A 344 -18.61 11.37 24.13
C ILE A 344 -18.61 9.86 24.36
N ASP A 345 -18.99 9.11 23.33
CA ASP A 345 -19.05 7.65 23.39
C ASP A 345 -18.18 7.06 22.31
N GLU A 346 -17.39 6.05 22.68
CA GLU A 346 -16.52 5.33 21.75
C GLU A 346 -15.54 6.28 21.06
N ILE A 347 -14.85 7.09 21.86
CA ILE A 347 -13.91 8.07 21.31
C ILE A 347 -12.72 7.41 20.63
N ASP A 348 -12.51 6.11 20.87
CA ASP A 348 -11.38 5.42 20.25
C ASP A 348 -11.50 5.41 18.73
N SER A 349 -12.71 5.16 18.22
CA SER A 349 -12.91 5.17 16.77
C SER A 349 -12.70 6.56 16.19
N ILE A 350 -13.21 7.59 16.85
CA ILE A 350 -13.02 8.96 16.37
C ILE A 350 -11.57 9.38 16.54
N ALA A 351 -10.92 8.95 17.63
CA ALA A 351 -9.56 9.36 17.96
C ALA A 351 -8.68 8.13 18.11
N PRO A 352 -8.20 7.56 17.01
CA PRO A 352 -7.26 6.44 17.09
C PRO A 352 -5.87 6.92 17.49
N ASN A 353 -5.03 5.96 17.88
CA ASN A 353 -3.67 6.28 18.28
C ASN A 353 -2.85 6.72 17.06
N ARG A 354 -2.16 7.84 17.19
CA ARG A 354 -1.33 8.34 16.10
C ARG A 354 -0.09 7.48 15.89
N ALA A 355 0.55 7.07 16.98
CA ALA A 355 1.78 6.31 16.87
C ALA A 355 1.53 4.90 16.34
N ASN A 356 0.39 4.29 16.69
CA ASN A 356 0.12 2.93 16.27
C ASN A 356 -0.04 2.82 14.76
N ASP A 357 -0.75 3.77 14.14
CA ASP A 357 -0.94 3.75 12.70
C ASP A 357 -1.24 5.14 12.18
N ASP A 358 -0.65 5.48 11.04
CA ASP A 358 -0.93 6.75 10.36
C ASP A 358 -1.93 6.50 9.24
N SER A 359 -3.18 6.25 9.66
CA SER A 359 -4.23 5.93 8.70
C SER A 359 -4.52 7.11 7.78
N GLY A 360 -4.52 8.33 8.32
CA GLY A 360 -4.84 9.50 7.54
C GLY A 360 -6.30 9.90 7.67
N GLU A 361 -6.63 10.98 6.96
CA GLU A 361 -7.98 11.55 6.98
C GLU A 361 -8.39 11.88 8.42
N VAL A 362 -9.12 10.97 9.05
CA VAL A 362 -9.49 11.13 10.45
C VAL A 362 -8.30 10.68 11.31
N GLU A 363 -7.66 11.65 11.96
CA GLU A 363 -6.48 11.38 12.77
C GLU A 363 -6.44 12.39 13.91
N SER A 364 -5.27 12.56 14.52
CA SER A 364 -5.12 13.43 15.68
C SER A 364 -5.41 14.90 15.38
N ARG A 365 -5.75 15.21 14.12
CA ARG A 365 -6.11 16.58 13.77
C ARG A 365 -7.36 17.02 14.54
N VAL A 366 -8.37 16.15 14.60
CA VAL A 366 -9.59 16.51 15.32
C VAL A 366 -9.30 16.66 16.81
N VAL A 367 -8.43 15.81 17.36
CA VAL A 367 -8.05 15.93 18.76
C VAL A 367 -7.38 17.27 19.01
N ALA A 368 -6.43 17.65 18.15
CA ALA A 368 -5.73 18.91 18.32
C ALA A 368 -6.68 20.09 18.22
N THR A 369 -7.59 20.07 17.24
CA THR A 369 -8.49 21.21 17.08
C THR A 369 -9.49 21.31 18.22
N LEU A 370 -9.98 20.17 18.73
CA LEU A 370 -10.91 20.23 19.85
C LEU A 370 -10.20 20.70 21.12
N LEU A 371 -8.95 20.25 21.33
CA LEU A 371 -8.19 20.74 22.48
C LEU A 371 -7.94 22.23 22.38
N THR A 372 -7.61 22.72 21.17
CA THR A 372 -7.40 24.15 21.00
C THR A 372 -8.68 24.93 21.26
N LEU A 373 -9.82 24.43 20.77
CA LEU A 373 -11.08 25.13 21.00
C LEU A 373 -11.47 25.15 22.47
N MET A 374 -11.28 24.04 23.18
CA MET A 374 -11.65 24.01 24.59
C MET A 374 -10.63 24.73 25.48
N ASP A 375 -9.41 24.95 24.98
CA ASP A 375 -8.42 25.67 25.77
C ASP A 375 -8.85 27.11 26.02
N GLY A 376 -9.38 27.77 25.00
CA GLY A 376 -9.79 29.16 25.13
C GLY A 376 -11.29 29.36 25.05
N MET A 377 -12.05 28.41 25.59
CA MET A 377 -13.51 28.53 25.57
C MET A 377 -13.98 29.72 26.41
N GLY A 378 -13.34 29.95 27.55
CA GLY A 378 -13.72 31.06 28.40
C GLY A 378 -12.83 31.11 29.62
N ALA A 379 -13.09 32.12 30.46
CA ALA A 379 -12.32 32.30 31.67
C ALA A 379 -12.69 31.23 32.70
N ALA A 380 -13.94 31.23 33.15
CA ALA A 380 -14.44 30.22 34.08
C ALA A 380 -15.36 29.22 33.38
N GLY A 381 -16.41 29.72 32.75
CA GLY A 381 -17.37 28.86 32.05
C GLY A 381 -18.04 27.84 32.95
N LYS A 382 -18.87 26.99 32.36
CA LYS A 382 -19.41 25.83 33.09
C LYS A 382 -19.65 24.74 32.06
N VAL A 383 -18.63 23.90 31.85
CA VAL A 383 -18.66 22.82 30.88
C VAL A 383 -17.75 21.70 31.37
N VAL A 384 -18.29 20.48 31.46
CA VAL A 384 -17.49 19.29 31.74
C VAL A 384 -17.85 18.23 30.71
N VAL A 385 -16.84 17.51 30.23
CA VAL A 385 -16.99 16.57 29.13
C VAL A 385 -17.04 15.15 29.70
N ILE A 386 -18.01 14.37 29.22
CA ILE A 386 -18.15 12.97 29.60
C ILE A 386 -17.61 12.11 28.47
N ALA A 387 -16.66 11.23 28.78
CA ALA A 387 -16.02 10.36 27.80
C ALA A 387 -16.23 8.92 28.20
N ALA A 388 -16.70 8.09 27.26
CA ALA A 388 -16.90 6.67 27.48
C ALA A 388 -16.15 5.90 26.39
N THR A 389 -15.37 4.91 26.81
CA THR A 389 -14.57 4.12 25.88
C THR A 389 -14.37 2.73 26.46
N ASN A 390 -14.41 1.72 25.58
CA ASN A 390 -14.21 0.35 25.99
C ASN A 390 -12.74 -0.01 26.22
N ARG A 391 -11.81 0.81 25.74
CA ARG A 391 -10.39 0.51 25.89
C ARG A 391 -9.57 1.80 25.89
N PRO A 392 -8.99 2.18 27.03
CA PRO A 392 -8.10 3.36 27.04
C PRO A 392 -6.89 3.20 26.13
N ASN A 393 -6.43 1.97 25.87
CA ASN A 393 -5.28 1.77 25.01
C ASN A 393 -5.57 2.26 23.59
N SER A 394 -6.78 1.99 23.09
CA SER A 394 -7.14 2.43 21.74
C SER A 394 -7.27 3.94 21.63
N VAL A 395 -7.40 4.64 22.76
CA VAL A 395 -7.46 6.09 22.77
C VAL A 395 -6.08 6.66 22.49
N ASP A 396 -6.03 7.82 21.86
CA ASP A 396 -4.75 8.47 21.59
C ASP A 396 -4.06 8.81 22.91
N PRO A 397 -2.74 8.58 23.00
CA PRO A 397 -2.04 8.87 24.26
C PRO A 397 -2.07 10.32 24.68
N ALA A 398 -2.28 11.25 23.74
CA ALA A 398 -2.37 12.66 24.10
C ALA A 398 -3.60 12.94 24.98
N LEU A 399 -4.66 12.16 24.82
CA LEU A 399 -5.86 12.36 25.63
C LEU A 399 -5.58 12.06 27.10
N ARG A 400 -4.95 10.92 27.38
CA ARG A 400 -4.75 10.46 28.76
C ARG A 400 -3.53 11.15 29.36
N ARG A 401 -3.71 12.42 29.70
CA ARG A 401 -2.72 13.20 30.42
C ARG A 401 -3.39 13.95 31.57
N PRO A 402 -2.65 14.19 32.65
CA PRO A 402 -3.26 14.87 33.81
C PRO A 402 -3.72 16.29 33.53
N GLY A 403 -3.20 16.92 32.47
CA GLY A 403 -3.60 18.28 32.15
C GLY A 403 -5.07 18.43 31.78
N ARG A 404 -5.62 17.50 31.03
CA ARG A 404 -7.00 17.57 30.57
C ARG A 404 -7.89 16.47 31.15
N PHE A 405 -7.31 15.30 31.44
CA PHE A 405 -8.09 14.16 31.91
C PHE A 405 -7.64 13.72 33.29
N ASP A 406 -7.46 14.67 34.21
CA ASP A 406 -7.01 14.35 35.56
C ASP A 406 -8.01 13.45 36.29
N GLN A 407 -9.30 13.68 36.07
CA GLN A 407 -10.34 12.89 36.74
C GLN A 407 -10.56 11.59 35.97
N GLU A 408 -10.46 10.46 36.68
CA GLU A 408 -10.67 9.14 36.11
C GLU A 408 -11.64 8.36 36.98
N VAL A 409 -12.62 7.72 36.35
CA VAL A 409 -13.58 6.86 37.04
C VAL A 409 -13.41 5.44 36.51
N GLU A 410 -13.28 4.48 37.42
CA GLU A 410 -13.00 3.10 37.06
C GLU A 410 -14.26 2.27 37.23
N ILE A 411 -14.60 1.49 36.20
CA ILE A 411 -15.73 0.57 36.22
C ILE A 411 -15.19 -0.83 35.99
N GLY A 412 -15.64 -1.79 36.81
CA GLY A 412 -15.14 -3.14 36.71
C GLY A 412 -16.20 -4.21 36.91
N ILE A 413 -15.76 -5.46 36.98
CA ILE A 413 -16.71 -6.57 37.14
C ILE A 413 -17.27 -6.56 38.56
N PRO A 414 -18.60 -6.55 38.73
CA PRO A 414 -19.17 -6.56 40.08
C PRO A 414 -18.83 -7.86 40.81
N ASP A 415 -18.74 -7.75 42.14
CA ASP A 415 -18.45 -8.91 42.97
C ASP A 415 -19.75 -9.63 43.29
N VAL A 416 -19.71 -10.56 44.26
CA VAL A 416 -20.87 -11.38 44.58
C VAL A 416 -21.99 -10.52 45.14
N ASP A 417 -21.68 -9.62 46.06
CA ASP A 417 -22.71 -8.79 46.68
C ASP A 417 -23.35 -7.85 45.68
N ALA A 418 -22.54 -7.22 44.82
CA ALA A 418 -23.10 -6.32 43.81
C ALA A 418 -23.97 -7.07 42.81
N ARG A 419 -23.53 -8.26 42.39
CA ARG A 419 -24.33 -9.05 41.47
C ARG A 419 -25.64 -9.49 42.11
N PHE A 420 -25.60 -9.85 43.40
CA PHE A 420 -26.83 -10.17 44.12
C PHE A 420 -27.77 -8.97 44.19
N ASP A 421 -27.21 -7.78 44.42
CA ASP A 421 -28.02 -6.57 44.43
C ASP A 421 -28.66 -6.32 43.07
N ILE A 422 -27.90 -6.55 41.99
CA ILE A 422 -28.43 -6.36 40.64
C ILE A 422 -29.56 -7.36 40.37
N LEU A 423 -29.37 -8.61 40.79
CA LEU A 423 -30.44 -9.59 40.64
C LEU A 423 -31.68 -9.18 41.43
N THR A 424 -31.47 -8.71 42.67
CA THR A 424 -32.60 -8.32 43.50
C THR A 424 -33.38 -7.17 42.87
N LYS A 425 -32.67 -6.16 42.36
CA LYS A 425 -33.35 -5.04 41.72
C LYS A 425 -34.04 -5.46 40.43
N GLN A 426 -33.43 -6.38 39.67
CA GLN A 426 -34.03 -6.75 38.39
C GLN A 426 -35.27 -7.61 38.59
N PHE A 427 -35.33 -8.41 39.67
CA PHE A 427 -36.59 -9.05 40.00
C PHE A 427 -37.60 -8.09 40.60
N SER A 428 -37.15 -7.15 41.45
CA SER A 428 -38.08 -6.18 42.02
C SER A 428 -38.65 -5.24 40.97
N ARG A 429 -38.03 -5.17 39.79
CA ARG A 429 -38.56 -4.33 38.72
C ARG A 429 -40.00 -4.69 38.39
N MET A 430 -40.28 -5.97 38.16
CA MET A 430 -41.66 -6.43 37.97
C MET A 430 -42.23 -7.13 39.20
N SER A 431 -41.51 -7.13 40.33
CA SER A 431 -42.07 -7.52 41.62
C SER A 431 -42.49 -8.99 41.64
N SER A 432 -43.24 -9.38 42.67
CA SER A 432 -43.65 -10.76 42.85
C SER A 432 -44.90 -11.13 42.06
N ASP A 433 -45.51 -10.17 41.35
CA ASP A 433 -46.71 -10.48 40.59
C ASP A 433 -46.44 -11.45 39.46
N ARG A 434 -45.33 -11.25 38.74
CA ARG A 434 -45.02 -12.06 37.58
C ARG A 434 -44.10 -13.25 37.88
N HIS A 435 -43.58 -13.34 39.09
CA HIS A 435 -42.67 -14.42 39.46
C HIS A 435 -42.60 -14.54 40.97
N VAL A 436 -42.30 -15.74 41.45
CA VAL A 436 -42.09 -16.00 42.87
C VAL A 436 -40.74 -16.67 43.03
N LEU A 437 -39.87 -16.06 43.85
CA LEU A 437 -38.53 -16.60 44.09
C LEU A 437 -38.07 -16.17 45.47
N ASP A 438 -37.52 -17.12 46.22
CA ASP A 438 -36.98 -16.84 47.54
C ASP A 438 -35.59 -16.21 47.43
N SER A 439 -35.17 -15.55 48.51
CA SER A 439 -33.93 -14.78 48.50
C SER A 439 -32.70 -15.67 48.45
N GLU A 440 -32.72 -16.82 49.14
CA GLU A 440 -31.55 -17.68 49.19
C GLU A 440 -31.25 -18.28 47.81
N ALA A 441 -32.27 -18.54 47.00
CA ALA A 441 -32.02 -18.97 45.63
C ALA A 441 -31.35 -17.88 44.82
N ILE A 442 -31.76 -16.63 45.04
CA ILE A 442 -31.13 -15.50 44.34
C ILE A 442 -29.66 -15.39 44.75
N LYS A 443 -29.38 -15.55 46.05
CA LYS A 443 -28.00 -15.51 46.51
C LYS A 443 -27.18 -16.66 45.94
N TYR A 444 -27.76 -17.87 45.85
CA TYR A 444 -27.06 -18.99 45.26
C TYR A 444 -26.76 -18.75 43.79
N ILE A 445 -27.72 -18.18 43.05
CA ILE A 445 -27.50 -17.86 41.64
C ILE A 445 -26.40 -16.82 41.51
N ALA A 446 -26.41 -15.80 42.35
CA ALA A 446 -25.37 -14.77 42.31
C ALA A 446 -23.99 -15.37 42.60
N SER A 447 -23.92 -16.28 43.58
CA SER A 447 -22.66 -16.94 43.88
C SER A 447 -22.18 -17.79 42.70
N LYS A 448 -23.12 -18.49 42.04
CA LYS A 448 -22.75 -19.27 40.87
C LYS A 448 -22.23 -18.39 39.73
N THR A 449 -22.89 -17.25 39.51
CA THR A 449 -22.49 -16.32 38.45
C THR A 449 -21.41 -15.41 39.01
N HIS A 450 -20.15 -15.81 38.83
CA HIS A 450 -19.03 -15.08 39.39
C HIS A 450 -18.26 -14.26 38.35
N GLY A 451 -18.06 -14.80 37.15
CA GLY A 451 -17.28 -14.12 36.14
C GLY A 451 -18.10 -13.37 35.12
N TYR A 452 -19.36 -13.08 35.45
CA TYR A 452 -20.26 -12.42 34.51
C TYR A 452 -20.22 -10.90 34.70
N VAL A 453 -20.92 -10.20 33.81
CA VAL A 453 -20.96 -8.74 33.80
C VAL A 453 -22.42 -8.32 33.65
N GLY A 454 -22.66 -7.01 33.73
CA GLY A 454 -24.02 -6.50 33.67
C GLY A 454 -24.74 -6.88 32.41
N ALA A 455 -24.08 -6.72 31.26
CA ALA A 455 -24.67 -7.19 30.01
C ALA A 455 -24.83 -8.70 30.00
N ASP A 456 -23.85 -9.41 30.58
CA ASP A 456 -23.94 -10.86 30.65
C ASP A 456 -25.15 -11.29 31.48
N LEU A 457 -25.39 -10.64 32.63
CA LEU A 457 -26.54 -11.03 33.44
C LEU A 457 -27.85 -10.57 32.81
N THR A 458 -27.84 -9.46 32.08
CA THR A 458 -29.05 -9.04 31.36
C THR A 458 -29.43 -10.07 30.30
N ALA A 459 -28.44 -10.52 29.52
CA ALA A 459 -28.69 -11.58 28.55
C ALA A 459 -29.06 -12.90 29.25
N LEU A 460 -28.49 -13.13 30.43
CA LEU A 460 -28.86 -14.29 31.23
C LEU A 460 -30.35 -14.28 31.54
N CYS A 461 -30.85 -13.15 32.06
CA CYS A 461 -32.27 -13.05 32.38
C CYS A 461 -33.12 -13.14 31.13
N ARG A 462 -32.67 -12.53 30.04
CA ARG A 462 -33.40 -12.59 28.76
C ARG A 462 -33.56 -14.03 28.30
N GLU A 463 -32.46 -14.78 28.26
CA GLU A 463 -32.53 -16.17 27.82
C GLU A 463 -33.30 -17.04 28.81
N SER A 464 -33.21 -16.73 30.11
CA SER A 464 -33.95 -17.49 31.11
C SER A 464 -35.46 -17.32 30.92
N VAL A 465 -35.92 -16.08 30.74
CA VAL A 465 -37.35 -15.87 30.55
C VAL A 465 -37.79 -16.44 29.20
N MET A 466 -36.93 -16.37 28.19
CA MET A 466 -37.27 -16.97 26.89
C MET A 466 -37.46 -18.48 27.03
N LYS A 467 -36.53 -19.15 27.73
CA LYS A 467 -36.65 -20.59 27.93
C LYS A 467 -37.87 -20.93 28.78
N THR A 468 -38.16 -20.12 29.80
CA THR A 468 -39.32 -20.36 30.63
C THR A 468 -40.61 -20.26 29.82
N ILE A 469 -40.73 -19.23 28.98
CA ILE A 469 -41.94 -19.09 28.18
C ILE A 469 -42.02 -20.17 27.11
N GLN A 470 -40.87 -20.63 26.60
CA GLN A 470 -40.89 -21.72 25.64
C GLN A 470 -41.40 -23.01 26.28
N ARG A 471 -40.91 -23.32 27.49
CA ARG A 471 -41.40 -24.49 28.20
C ARG A 471 -42.88 -24.35 28.55
N GLY A 472 -43.29 -23.14 28.94
CA GLY A 472 -44.70 -22.91 29.23
C GLY A 472 -45.59 -23.12 28.02
N LEU A 473 -45.14 -22.65 26.84
CA LEU A 473 -45.89 -22.90 25.62
C LEU A 473 -45.92 -24.39 25.28
N GLY A 474 -44.80 -25.08 25.48
CA GLY A 474 -44.76 -26.50 25.17
C GLY A 474 -45.69 -27.33 26.04
N THR A 475 -45.74 -27.01 27.33
CA THR A 475 -46.57 -27.74 28.28
C THR A 475 -47.93 -27.09 28.48
N ASP A 476 -48.25 -26.05 27.73
CA ASP A 476 -49.40 -25.19 28.00
C ASP A 476 -50.67 -25.67 27.30
N ALA A 477 -50.63 -25.75 25.97
CA ALA A 477 -51.80 -26.08 25.14
C ALA A 477 -52.90 -25.04 25.32
N ASN A 478 -52.54 -23.78 25.06
CA ASN A 478 -53.45 -22.63 24.97
C ASN A 478 -54.09 -22.26 26.29
N ILE A 479 -53.62 -22.80 27.42
CA ILE A 479 -54.14 -22.40 28.73
C ILE A 479 -53.43 -21.14 29.19
N ASP A 480 -53.92 -20.52 30.26
CA ASP A 480 -53.32 -19.30 30.77
C ASP A 480 -51.90 -19.55 31.26
N LYS A 481 -51.00 -18.64 30.92
CA LYS A 481 -49.59 -18.77 31.24
C LYS A 481 -49.17 -17.98 32.48
N PHE A 482 -50.10 -17.27 33.13
CA PHE A 482 -49.73 -16.47 34.28
C PHE A 482 -49.50 -17.31 35.53
N SER A 483 -50.08 -18.51 35.59
CA SER A 483 -49.93 -19.35 36.78
C SER A 483 -48.54 -19.97 36.86
N LEU A 484 -48.00 -20.39 35.71
CA LEU A 484 -46.71 -21.10 35.72
C LEU A 484 -45.57 -20.17 36.11
N LYS A 485 -45.64 -18.90 35.70
CA LYS A 485 -44.64 -17.86 35.95
C LYS A 485 -43.21 -18.40 35.86
N VAL A 486 -42.35 -17.97 36.79
CA VAL A 486 -40.96 -18.43 36.77
C VAL A 486 -40.89 -19.88 37.23
N THR A 487 -39.88 -20.60 36.74
CA THR A 487 -39.68 -22.00 37.06
C THR A 487 -38.27 -22.20 37.62
N LEU A 488 -38.19 -22.92 38.75
CA LEU A 488 -36.88 -23.20 39.35
C LEU A 488 -36.09 -24.20 38.54
N LYS A 489 -36.76 -25.03 37.74
CA LYS A 489 -36.07 -26.02 36.94
C LYS A 489 -35.44 -25.38 35.70
N ASP A 490 -34.49 -26.10 35.11
CA ASP A 490 -33.76 -25.74 33.89
C ASP A 490 -32.90 -24.50 34.08
N VAL A 491 -32.80 -23.94 35.28
CA VAL A 491 -31.99 -22.76 35.49
C VAL A 491 -30.51 -23.06 35.26
N GLU A 492 -30.02 -24.19 35.79
CA GLU A 492 -28.62 -24.56 35.59
C GLU A 492 -28.34 -24.88 34.12
N SER A 493 -29.29 -25.54 33.45
CA SER A 493 -29.13 -25.79 32.02
C SER A 493 -29.03 -24.49 31.24
N ALA A 494 -29.86 -23.50 31.57
CA ALA A 494 -29.75 -22.20 30.94
C ALA A 494 -28.41 -21.54 31.25
N MET A 495 -27.94 -21.70 32.50
CA MET A 495 -26.65 -21.12 32.88
C MET A 495 -25.53 -21.69 32.03
N VAL A 496 -25.56 -23.00 31.77
CA VAL A 496 -24.58 -23.60 30.89
C VAL A 496 -24.78 -23.11 29.45
N ASP A 497 -26.04 -22.96 29.04
CA ASP A 497 -26.38 -22.67 27.65
C ASP A 497 -26.06 -21.24 27.23
N ILE A 498 -25.98 -20.29 28.17
CA ILE A 498 -25.78 -18.89 27.77
C ILE A 498 -24.47 -18.69 27.01
N ARG A 499 -23.48 -19.56 27.21
CA ARG A 499 -22.19 -19.49 26.53
C ARG A 499 -21.56 -18.11 26.67
N PRO A 500 -21.04 -17.78 27.86
CA PRO A 500 -20.46 -16.44 28.07
C PRO A 500 -19.27 -16.21 27.15
N SER A 501 -19.14 -14.97 26.68
CA SER A 501 -18.03 -14.56 25.83
C SER A 501 -17.03 -13.68 26.56
N ALA A 502 -17.15 -13.56 27.88
CA ALA A 502 -16.26 -12.73 28.69
C ALA A 502 -15.31 -13.56 29.54
N MET A 503 -15.00 -14.78 29.10
CA MET A 503 -14.09 -15.64 29.85
C MET A 503 -12.67 -15.09 29.87
N ARG A 504 -12.32 -14.23 28.92
CA ARG A 504 -11.00 -13.59 28.88
C ARG A 504 -11.17 -12.13 29.31
N GLU A 505 -10.64 -11.80 30.49
CA GLU A 505 -10.76 -10.46 31.03
C GLU A 505 -9.40 -9.97 31.50
N ILE A 506 -9.18 -8.66 31.38
CA ILE A 506 -7.92 -8.07 31.82
C ILE A 506 -7.81 -8.06 33.34
N PHE A 507 -8.92 -8.19 34.06
CA PHE A 507 -8.93 -8.29 35.51
C PHE A 507 -9.18 -9.75 35.87
N LEU A 508 -8.11 -10.48 36.17
CA LEU A 508 -8.21 -11.90 36.49
C LEU A 508 -8.84 -12.05 37.88
N GLU A 509 -10.14 -12.33 37.91
CA GLU A 509 -10.88 -12.50 39.17
C GLU A 509 -11.06 -14.00 39.40
N MET A 510 -10.03 -14.63 39.95
CA MET A 510 -10.10 -16.04 40.26
C MET A 510 -11.01 -16.25 41.48
N PRO A 511 -11.89 -17.25 41.44
CA PRO A 511 -12.75 -17.52 42.61
C PRO A 511 -11.94 -17.79 43.86
N LYS A 512 -12.43 -17.27 44.98
CA LYS A 512 -11.73 -17.37 46.25
C LYS A 512 -11.89 -18.76 46.85
N VAL A 513 -10.96 -19.12 47.74
CA VAL A 513 -10.97 -20.39 48.44
C VAL A 513 -10.70 -20.13 49.91
N TYR A 514 -11.39 -20.87 50.77
CA TYR A 514 -11.23 -20.71 52.21
C TYR A 514 -9.93 -21.36 52.69
N TRP A 515 -9.55 -21.05 53.93
CA TRP A 515 -8.34 -21.58 54.52
C TRP A 515 -8.44 -23.06 54.85
N SER A 516 -9.63 -23.66 54.76
CA SER A 516 -9.78 -25.07 55.06
C SER A 516 -9.21 -25.98 53.98
N ASP A 517 -8.86 -25.43 52.81
CA ASP A 517 -8.37 -26.24 51.69
C ASP A 517 -6.99 -25.78 51.23
N ILE A 518 -6.20 -25.16 52.09
CA ILE A 518 -4.88 -24.68 51.71
C ILE A 518 -3.91 -25.85 51.66
N GLY A 519 -3.13 -25.92 50.58
CA GLY A 519 -2.12 -26.95 50.45
C GLY A 519 -0.72 -26.43 50.74
N GLY A 520 -0.20 -26.75 51.92
CA GLY A 520 1.12 -26.28 52.29
C GLY A 520 1.45 -26.64 53.72
N GLN A 521 2.55 -26.09 54.20
CA GLN A 521 3.03 -26.32 55.56
C GLN A 521 3.01 -25.02 56.34
N GLU A 522 2.84 -25.15 57.67
CA GLU A 522 2.76 -23.96 58.51
C GLU A 522 4.07 -23.19 58.53
N GLU A 523 5.19 -23.86 58.29
CA GLU A 523 6.49 -23.19 58.29
C GLU A 523 6.54 -22.10 57.22
N LEU A 524 6.11 -22.42 56.00
CA LEU A 524 6.03 -21.42 54.95
C LEU A 524 4.82 -20.51 55.13
N LYS A 525 3.76 -21.02 55.76
CA LYS A 525 2.57 -20.20 55.99
C LYS A 525 2.87 -19.00 56.87
N THR A 526 3.63 -19.21 57.95
CA THR A 526 3.99 -18.10 58.83
C THR A 526 4.83 -17.07 58.07
N LYS A 527 5.79 -17.53 57.28
CA LYS A 527 6.65 -16.61 56.53
C LYS A 527 5.85 -15.79 55.53
N MET A 528 4.96 -16.45 54.78
CA MET A 528 4.18 -15.71 53.79
C MET A 528 3.20 -14.75 54.45
N LYS A 529 2.58 -15.16 55.56
CA LYS A 529 1.69 -14.26 56.28
C LYS A 529 2.43 -13.04 56.79
N GLU A 530 3.63 -13.24 57.37
CA GLU A 530 4.43 -12.11 57.80
C GLU A 530 4.76 -11.20 56.63
N MET A 531 5.20 -11.78 55.50
CA MET A 531 5.62 -10.97 54.37
C MET A 531 4.45 -10.20 53.76
N ILE A 532 3.23 -10.73 53.85
CA ILE A 532 2.11 -10.04 53.22
C ILE A 532 1.44 -9.03 54.16
N GLN A 533 1.40 -9.29 55.47
CA GLN A 533 0.81 -8.34 56.41
C GLN A 533 1.81 -7.38 57.02
N LEU A 534 3.10 -7.48 56.66
CA LEU A 534 4.06 -6.47 57.11
C LEU A 534 3.79 -5.09 56.54
N PRO A 535 3.61 -4.89 55.22
CA PRO A 535 3.50 -3.51 54.72
C PRO A 535 2.32 -2.73 55.28
N LEU A 536 1.19 -3.41 55.52
CA LEU A 536 -0.04 -2.70 55.89
C LEU A 536 0.14 -1.88 57.17
N GLU A 537 0.80 -2.46 58.18
CA GLU A 537 1.07 -1.74 59.42
C GLU A 537 2.54 -1.38 59.57
N ALA A 538 3.33 -1.49 58.50
CA ALA A 538 4.75 -1.14 58.54
C ALA A 538 5.13 -0.09 57.52
N SER A 539 4.16 0.46 56.77
CA SER A 539 4.49 1.51 55.82
C SER A 539 5.07 2.73 56.51
N GLU A 540 4.47 3.14 57.63
CA GLU A 540 5.00 4.28 58.37
C GLU A 540 6.38 3.99 58.95
N THR A 541 6.60 2.75 59.43
CA THR A 541 7.91 2.39 59.95
C THR A 541 8.96 2.42 58.84
N PHE A 542 8.63 1.92 57.66
CA PHE A 542 9.55 1.99 56.53
C PHE A 542 9.84 3.43 56.13
N ALA A 543 8.81 4.28 56.13
CA ALA A 543 9.01 5.68 55.78
C ALA A 543 9.90 6.40 56.78
N ARG A 544 9.71 6.14 58.07
CA ARG A 544 10.50 6.81 59.10
C ARG A 544 11.85 6.15 59.35
N LEU A 545 12.09 4.97 58.78
CA LEU A 545 13.37 4.28 58.94
C LEU A 545 14.16 4.15 57.65
N GLY A 546 13.55 4.40 56.49
CA GLY A 546 14.27 4.29 55.23
C GLY A 546 14.75 2.89 54.90
N ILE A 547 13.91 1.89 55.17
CA ILE A 547 14.28 0.51 54.90
C ILE A 547 13.41 -0.13 53.82
N SER A 548 12.15 0.30 53.68
CA SER A 548 11.22 -0.18 52.66
C SER A 548 11.01 -1.69 52.82
N ALA A 549 10.69 -2.38 51.75
CA ALA A 549 10.40 -3.81 51.76
C ALA A 549 11.14 -4.51 50.64
N PRO A 550 11.46 -5.80 50.80
CA PRO A 550 12.12 -6.52 49.71
C PRO A 550 11.27 -6.62 48.45
N LYS A 551 9.94 -6.69 48.59
CA LYS A 551 9.01 -6.68 47.46
C LYS A 551 9.30 -7.83 46.49
N GLY A 552 9.67 -8.99 47.04
CA GLY A 552 9.93 -10.15 46.21
C GLY A 552 9.70 -11.48 46.91
N VAL A 553 8.91 -12.34 46.30
CA VAL A 553 8.64 -13.68 46.82
C VAL A 553 8.77 -14.68 45.67
N LEU A 554 9.49 -15.77 45.91
CA LEU A 554 9.68 -16.82 44.92
C LEU A 554 9.03 -18.11 45.41
N LEU A 555 8.29 -18.76 44.50
CA LEU A 555 7.62 -20.03 44.78
C LEU A 555 8.04 -21.02 43.71
N TYR A 556 9.14 -21.73 43.96
CA TYR A 556 9.68 -22.71 43.02
C TYR A 556 9.60 -24.09 43.64
N GLY A 557 9.08 -25.06 42.89
CA GLY A 557 8.92 -26.41 43.36
C GLY A 557 8.36 -27.33 42.31
N PRO A 558 7.92 -28.52 42.73
CA PRO A 558 7.34 -29.46 41.77
C PRO A 558 6.06 -28.90 41.18
N PRO A 559 5.76 -29.25 39.93
CA PRO A 559 4.54 -28.74 39.28
C PRO A 559 3.26 -29.44 39.70
N GLY A 560 3.28 -30.25 40.76
CA GLY A 560 2.10 -30.96 41.21
C GLY A 560 1.01 -30.05 41.71
N CYS A 561 1.27 -29.35 42.81
CA CYS A 561 0.28 -28.47 43.42
C CYS A 561 1.01 -27.47 44.30
N SER A 562 0.25 -26.73 45.12
CA SER A 562 0.71 -25.74 46.09
C SER A 562 1.36 -24.53 45.43
N LYS A 563 1.34 -24.41 44.11
CA LYS A 563 1.89 -23.26 43.42
C LYS A 563 0.84 -22.29 42.88
N THR A 564 -0.40 -22.73 42.75
CA THR A 564 -1.49 -21.89 42.28
C THR A 564 -2.53 -21.59 43.35
N LEU A 565 -2.91 -22.58 44.16
CA LEU A 565 -3.88 -22.36 45.23
C LEU A 565 -3.32 -21.45 46.32
N THR A 566 -1.99 -21.38 46.46
CA THR A 566 -1.41 -20.49 47.46
C THR A 566 -1.72 -19.02 47.14
N ALA A 567 -1.71 -18.66 45.86
CA ALA A 567 -2.07 -17.30 45.48
C ALA A 567 -3.53 -17.00 45.81
N LYS A 568 -4.43 -17.96 45.56
CA LYS A 568 -5.83 -17.77 45.91
C LYS A 568 -6.01 -17.62 47.40
N ALA A 569 -5.31 -18.44 48.20
CA ALA A 569 -5.40 -18.32 49.65
C ALA A 569 -4.86 -16.98 50.13
N LEU A 570 -3.75 -16.52 49.54
CA LEU A 570 -3.18 -15.23 49.91
C LEU A 570 -4.14 -14.11 49.59
N ALA A 571 -4.78 -14.16 48.42
CA ALA A 571 -5.76 -13.13 48.05
C ALA A 571 -6.96 -13.16 48.99
N THR A 572 -7.43 -14.35 49.36
CA THR A 572 -8.57 -14.46 50.26
C THR A 572 -8.24 -13.91 51.64
N GLU A 573 -7.03 -14.21 52.15
CA GLU A 573 -6.66 -13.76 53.48
C GLU A 573 -6.41 -12.25 53.51
N SER A 574 -5.66 -11.74 52.52
CA SER A 574 -5.33 -10.32 52.52
C SER A 574 -6.57 -9.45 52.31
N GLY A 575 -7.46 -9.87 51.41
CA GLY A 575 -8.63 -9.07 51.09
C GLY A 575 -8.37 -7.92 50.14
N ILE A 576 -7.17 -7.80 49.61
CA ILE A 576 -6.83 -6.73 48.69
C ILE A 576 -7.04 -7.23 47.27
N ASN A 577 -7.16 -6.29 46.32
CA ASN A 577 -7.36 -6.65 44.93
C ASN A 577 -6.22 -7.52 44.43
N PHE A 578 -6.56 -8.61 43.74
CA PHE A 578 -5.60 -9.59 43.27
C PHE A 578 -5.60 -9.59 41.74
N LEU A 579 -4.42 -9.44 41.15
CA LEU A 579 -4.25 -9.49 39.71
C LEU A 579 -3.27 -10.61 39.35
N ALA A 580 -3.68 -11.46 38.42
CA ALA A 580 -2.87 -12.60 37.98
C ALA A 580 -2.45 -12.39 36.54
N VAL A 581 -1.14 -12.53 36.28
CA VAL A 581 -0.57 -12.36 34.95
C VAL A 581 0.08 -13.68 34.55
N LYS A 582 -0.31 -14.20 33.39
CA LYS A 582 0.20 -15.47 32.90
C LYS A 582 1.33 -15.24 31.90
N GLY A 583 2.20 -16.24 31.78
CA GLY A 583 3.34 -16.16 30.90
C GLY A 583 2.97 -16.20 29.43
N PRO A 584 2.48 -17.34 28.95
CA PRO A 584 2.10 -17.43 27.53
C PRO A 584 0.97 -16.48 27.13
N GLU A 585 0.07 -16.15 28.06
CA GLU A 585 -1.09 -15.33 27.72
C GLU A 585 -0.67 -13.92 27.29
N ILE A 586 0.26 -13.31 28.00
CA ILE A 586 0.67 -11.96 27.65
C ILE A 586 1.43 -11.94 26.32
N PHE A 587 2.11 -13.03 26.00
CA PHE A 587 2.80 -13.13 24.71
C PHE A 587 1.79 -13.12 23.57
N ASN A 588 2.13 -12.39 22.50
CA ASN A 588 1.24 -12.25 21.36
C ASN A 588 2.07 -12.24 20.08
N LYS A 589 1.39 -12.49 18.95
CA LYS A 589 2.07 -12.49 17.67
C LYS A 589 2.62 -11.11 17.33
N TYR A 590 1.86 -10.06 17.62
CA TYR A 590 2.33 -8.70 17.36
C TYR A 590 3.52 -8.37 18.26
N VAL A 591 4.51 -7.72 17.68
CA VAL A 591 5.71 -7.35 18.42
C VAL A 591 5.43 -6.08 19.21
N GLY A 592 5.74 -6.09 20.51
CA GLY A 592 5.51 -4.98 21.39
C GLY A 592 4.19 -4.99 22.11
N GLU A 593 3.29 -5.93 21.77
CA GLU A 593 2.02 -6.03 22.49
C GLU A 593 2.23 -6.42 23.94
N SER A 594 3.19 -7.32 24.19
CA SER A 594 3.49 -7.73 25.56
C SER A 594 3.99 -6.56 26.39
N GLU A 595 4.84 -5.71 25.80
CA GLU A 595 5.34 -4.54 26.51
C GLU A 595 4.20 -3.62 26.92
N ARG A 596 3.30 -3.33 25.99
CA ARG A 596 2.16 -2.46 26.31
C ARG A 596 1.24 -3.10 27.35
N ALA A 597 1.03 -4.41 27.26
CA ALA A 597 0.20 -5.09 28.25
C ALA A 597 0.82 -5.01 29.64
N ILE A 598 2.13 -5.21 29.74
CA ILE A 598 2.81 -5.11 31.02
C ILE A 598 2.74 -3.69 31.57
N ARG A 599 2.98 -2.70 30.71
CA ARG A 599 2.87 -1.31 31.16
C ARG A 599 1.47 -1.00 31.66
N GLU A 600 0.45 -1.45 30.94
CA GLU A 600 -0.93 -1.17 31.34
C GLU A 600 -1.29 -1.85 32.65
N ILE A 601 -0.92 -3.14 32.79
CA ILE A 601 -1.26 -3.85 34.02
C ILE A 601 -0.57 -3.21 35.22
N PHE A 602 0.72 -2.85 35.08
CA PHE A 602 1.41 -2.20 36.18
C PHE A 602 0.81 -0.83 36.49
N ARG A 603 0.47 -0.05 35.46
CA ARG A 603 -0.08 1.27 35.69
C ARG A 603 -1.41 1.21 36.42
N LYS A 604 -2.31 0.31 35.99
CA LYS A 604 -3.60 0.25 36.66
C LYS A 604 -3.52 -0.46 38.02
N ALA A 605 -2.54 -1.34 38.21
CA ALA A 605 -2.30 -1.88 39.55
C ALA A 605 -1.85 -0.78 40.50
N ARG A 606 -0.98 0.12 40.04
CA ARG A 606 -0.61 1.27 40.84
C ARG A 606 -1.81 2.17 41.09
N SER A 607 -2.62 2.42 40.06
CA SER A 607 -3.77 3.31 40.19
C SER A 607 -4.88 2.73 41.04
N ALA A 608 -4.89 1.42 41.24
CA ALA A 608 -5.92 0.74 42.02
C ALA A 608 -5.47 0.46 43.45
N ALA A 609 -4.71 1.40 44.04
CA ALA A 609 -4.17 1.33 45.40
C ALA A 609 -3.13 0.22 45.49
N PRO A 610 -2.33 0.16 46.56
CA PRO A 610 -1.40 -0.96 46.72
C PRO A 610 -2.13 -2.30 46.68
N SER A 611 -1.54 -3.25 45.97
CA SER A 611 -2.17 -4.54 45.75
C SER A 611 -1.07 -5.58 45.53
N ILE A 612 -1.45 -6.76 45.05
CA ILE A 612 -0.55 -7.89 44.84
C ILE A 612 -0.65 -8.34 43.39
N ILE A 613 0.50 -8.57 42.77
CA ILE A 613 0.58 -9.09 41.41
C ILE A 613 1.31 -10.42 41.46
N PHE A 614 0.68 -11.47 40.93
CA PHE A 614 1.21 -12.82 40.97
C PHE A 614 1.44 -13.33 39.56
N PHE A 615 2.62 -13.90 39.33
CA PHE A 615 2.97 -14.50 38.04
C PHE A 615 2.88 -16.01 38.19
N ASP A 616 1.86 -16.62 37.57
CA ASP A 616 1.69 -18.07 37.65
C ASP A 616 2.84 -18.79 36.96
N GLU A 617 3.27 -18.32 35.80
CA GLU A 617 4.34 -18.95 35.02
C GLU A 617 5.29 -17.83 34.55
N ILE A 618 6.30 -17.55 35.37
CA ILE A 618 7.32 -16.57 35.01
C ILE A 618 8.47 -17.19 34.22
N ASP A 619 8.52 -18.52 34.14
CA ASP A 619 9.61 -19.22 33.46
C ASP A 619 9.45 -19.24 31.95
N ALA A 620 8.58 -18.40 31.39
CA ALA A 620 8.39 -18.31 29.94
C ALA A 620 9.19 -17.16 29.34
N LEU A 621 8.97 -15.93 29.85
CA LEU A 621 9.72 -14.78 29.35
C LEU A 621 11.14 -14.73 29.91
N SER A 622 11.37 -15.29 31.09
CA SER A 622 12.69 -15.21 31.72
C SER A 622 13.80 -15.87 30.91
N PRO A 623 13.65 -17.09 30.34
CA PRO A 623 14.79 -17.70 29.64
C PRO A 623 15.16 -16.97 28.37
N ASP A 624 16.33 -16.34 28.36
CA ASP A 624 16.82 -15.61 27.20
C ASP A 624 18.16 -16.12 26.68
N ARG A 625 19.04 -16.61 27.56
CA ARG A 625 20.35 -17.11 27.14
C ARG A 625 20.40 -18.62 27.00
N ASP A 626 19.53 -19.35 27.69
CA ASP A 626 19.50 -20.81 27.53
C ASP A 626 19.14 -21.20 26.11
N GLY A 627 18.14 -20.54 25.53
CA GLY A 627 17.76 -20.78 24.15
C GLY A 627 17.95 -19.55 23.28
N SER A 628 16.94 -19.23 22.48
CA SER A 628 16.95 -18.03 21.65
C SER A 628 15.92 -17.02 22.09
N SER A 629 14.64 -17.42 22.13
CA SER A 629 13.53 -16.60 22.60
C SER A 629 13.40 -15.28 21.82
N THR A 630 14.00 -15.22 20.63
CA THR A 630 13.98 -14.02 19.79
C THR A 630 14.45 -12.80 20.56
N SER A 631 13.85 -11.64 20.28
CA SER A 631 14.17 -10.41 20.99
C SER A 631 13.02 -9.89 21.84
N ALA A 632 11.79 -10.36 21.62
CA ALA A 632 10.66 -9.90 22.42
C ALA A 632 10.82 -10.29 23.88
N ALA A 633 11.28 -11.52 24.14
CA ALA A 633 11.50 -11.95 25.52
C ALA A 633 12.59 -11.13 26.20
N ASN A 634 13.68 -10.85 25.46
CA ASN A 634 14.74 -10.02 26.02
C ASN A 634 14.25 -8.61 26.34
N HIS A 635 13.45 -8.04 25.44
CA HIS A 635 12.88 -6.71 25.69
C HIS A 635 11.96 -6.74 26.90
N VAL A 636 11.15 -7.79 27.03
CA VAL A 636 10.26 -7.91 28.19
C VAL A 636 11.06 -7.99 29.48
N LEU A 637 12.13 -8.80 29.47
CA LEU A 637 12.97 -8.93 30.66
C LEU A 637 13.63 -7.61 31.03
N THR A 638 14.16 -6.90 30.03
CA THR A 638 14.80 -5.61 30.30
C THR A 638 13.80 -4.60 30.84
N SER A 639 12.59 -4.55 30.26
CA SER A 639 11.58 -3.63 30.76
C SER A 639 11.17 -3.97 32.19
N LEU A 640 11.01 -5.26 32.47
CA LEU A 640 10.67 -5.69 33.83
C LEU A 640 11.75 -5.30 34.83
N LEU A 641 13.02 -5.52 34.47
CA LEU A 641 14.12 -5.16 35.35
C LEU A 641 14.17 -3.66 35.57
N ASN A 642 13.92 -2.87 34.52
CA ASN A 642 13.96 -1.42 34.65
C ASN A 642 12.79 -0.88 35.44
N GLU A 643 11.63 -1.55 35.38
CA GLU A 643 10.45 -1.04 36.06
C GLU A 643 10.28 -1.56 37.48
N ILE A 644 10.97 -2.64 37.85
CA ILE A 644 10.90 -3.10 39.24
C ILE A 644 11.71 -2.20 40.16
N ASP A 645 13.02 -2.11 39.92
CA ASP A 645 13.88 -1.29 40.77
C ASP A 645 14.94 -0.55 39.96
N GLY A 646 14.62 -0.18 38.71
CA GLY A 646 15.52 0.55 37.87
C GLY A 646 15.19 2.03 37.87
N VAL A 647 16.13 2.83 38.37
CA VAL A 647 16.06 4.28 38.48
C VAL A 647 14.67 4.74 38.98
N GLU A 648 14.02 3.87 39.75
CA GLU A 648 12.69 4.17 40.28
C GLU A 648 12.54 3.48 41.62
N GLU A 649 11.58 3.96 42.41
CA GLU A 649 11.31 3.40 43.73
C GLU A 649 9.80 3.16 43.86
N LEU A 650 9.46 2.12 44.62
CA LEU A 650 8.08 1.76 44.87
C LEU A 650 7.93 1.33 46.33
N LYS A 651 6.75 1.60 46.90
CA LYS A 651 6.47 1.24 48.27
C LYS A 651 5.12 0.57 48.48
N GLY A 652 4.15 0.75 47.59
CA GLY A 652 2.83 0.21 47.79
C GLY A 652 2.62 -1.20 47.29
N VAL A 653 2.89 -1.42 46.01
CA VAL A 653 2.59 -2.72 45.40
C VAL A 653 3.55 -3.78 45.92
N VAL A 654 3.11 -5.03 45.87
CA VAL A 654 3.91 -6.19 46.27
C VAL A 654 3.94 -7.16 45.11
N ILE A 655 5.14 -7.63 44.75
CA ILE A 655 5.34 -8.51 43.62
C ILE A 655 5.69 -9.91 44.13
N VAL A 656 4.93 -10.90 43.71
CA VAL A 656 5.18 -12.30 44.03
C VAL A 656 5.27 -13.08 42.73
N ALA A 657 6.28 -13.95 42.62
CA ALA A 657 6.53 -14.71 41.41
C ALA A 657 6.63 -16.19 41.74
N ALA A 658 6.13 -17.02 40.82
CA ALA A 658 6.20 -18.47 40.94
C ALA A 658 6.79 -19.04 39.66
N THR A 659 7.75 -19.94 39.81
CA THR A 659 8.43 -20.57 38.68
C THR A 659 8.53 -22.07 38.90
N ASN A 660 8.68 -22.80 37.79
CA ASN A 660 8.82 -24.25 37.86
C ASN A 660 10.28 -24.68 37.91
N ARG A 661 11.09 -24.23 36.94
CA ARG A 661 12.51 -24.57 36.89
C ARG A 661 13.33 -23.35 37.23
N PRO A 662 14.13 -23.39 38.31
CA PRO A 662 14.96 -22.22 38.65
C PRO A 662 15.99 -21.88 37.60
N ASP A 663 16.36 -22.83 36.73
CA ASP A 663 17.33 -22.54 35.69
C ASP A 663 16.78 -21.62 34.61
N GLU A 664 15.45 -21.50 34.51
CA GLU A 664 14.87 -20.65 33.47
C GLU A 664 15.21 -19.19 33.67
N ILE A 665 15.15 -18.70 34.90
CA ILE A 665 15.43 -17.30 35.16
C ILE A 665 16.94 -17.05 35.06
N ASP A 666 17.29 -15.88 34.52
CA ASP A 666 18.68 -15.52 34.35
C ASP A 666 19.29 -15.06 35.68
N ALA A 667 20.62 -15.04 35.73
CA ALA A 667 21.31 -14.61 36.94
C ALA A 667 21.10 -13.13 37.23
N ALA A 668 20.93 -12.32 36.18
CA ALA A 668 20.70 -10.89 36.38
C ALA A 668 19.38 -10.64 37.13
N LEU A 669 18.33 -11.37 36.76
CA LEU A 669 17.05 -11.23 37.45
C LEU A 669 17.15 -11.71 38.89
N LEU A 670 17.88 -12.79 39.15
CA LEU A 670 18.04 -13.34 40.50
C LEU A 670 19.13 -12.57 41.26
N ARG A 671 18.85 -11.29 41.50
CA ARG A 671 19.72 -10.36 42.22
C ARG A 671 19.07 -9.98 43.55
N PRO A 672 19.86 -9.91 44.62
CA PRO A 672 19.30 -9.50 45.92
C PRO A 672 18.71 -8.09 45.85
N GLY A 673 17.63 -7.89 46.59
CA GLY A 673 16.94 -6.61 46.60
C GLY A 673 15.61 -6.66 45.88
N ARG A 674 15.58 -7.33 44.74
CA ARG A 674 14.35 -7.55 43.98
C ARG A 674 14.19 -9.04 43.75
N LEU A 675 13.06 -9.58 44.19
CA LEU A 675 12.76 -11.01 44.10
C LEU A 675 13.88 -11.83 44.74
N ASP A 676 14.10 -11.58 46.03
CA ASP A 676 15.18 -12.21 46.79
C ASP A 676 14.71 -13.33 47.69
N ARG A 677 13.54 -13.20 48.30
CA ARG A 677 13.04 -14.23 49.20
C ARG A 677 12.72 -15.50 48.41
N HIS A 678 13.13 -16.65 48.94
CA HIS A 678 12.93 -17.94 48.30
C HIS A 678 12.12 -18.84 49.23
N ILE A 679 11.08 -19.47 48.69
CA ILE A 679 10.23 -20.39 49.43
C ILE A 679 10.25 -21.74 48.72
N TYR A 680 10.55 -22.80 49.47
CA TYR A 680 10.60 -24.13 48.88
C TYR A 680 9.24 -24.57 48.38
N VAL A 681 8.17 -24.27 49.15
CA VAL A 681 6.78 -24.60 48.86
C VAL A 681 6.66 -25.99 48.22
N GLY A 682 7.32 -26.97 48.84
CA GLY A 682 7.32 -28.32 48.32
C GLY A 682 6.02 -29.03 48.58
N PRO A 683 5.96 -30.30 48.18
CA PRO A 683 4.75 -31.10 48.36
C PRO A 683 4.39 -31.23 49.83
N PRO A 684 3.10 -31.21 50.16
CA PRO A 684 2.70 -31.34 51.57
C PRO A 684 3.09 -32.69 52.14
N ASP A 685 3.50 -32.69 53.40
CA ASP A 685 3.91 -33.93 54.05
C ASP A 685 2.70 -34.68 54.64
N VAL A 686 2.02 -34.09 55.62
CA VAL A 686 0.92 -34.76 56.29
C VAL A 686 -0.33 -33.88 56.36
N ASN A 687 -0.18 -32.64 56.85
CA ASN A 687 -1.33 -31.85 57.27
C ASN A 687 -2.22 -31.47 56.08
N ALA A 688 -1.62 -30.92 55.02
CA ALA A 688 -2.42 -30.49 53.88
C ALA A 688 -3.00 -31.69 53.12
N ARG A 689 -2.26 -32.80 53.05
CA ARG A 689 -2.80 -34.01 52.44
C ARG A 689 -4.02 -34.50 53.21
N LEU A 690 -3.94 -34.51 54.55
CA LEU A 690 -5.09 -34.91 55.34
C LEU A 690 -6.26 -33.95 55.15
N GLU A 691 -5.97 -32.64 55.08
CA GLU A 691 -7.03 -31.66 54.90
C GLU A 691 -7.74 -31.85 53.57
N ILE A 692 -6.99 -32.04 52.49
CA ILE A 692 -7.62 -32.22 51.18
C ILE A 692 -8.33 -33.56 51.11
N LEU A 693 -7.82 -34.60 51.78
CA LEU A 693 -8.53 -35.86 51.83
C LEU A 693 -9.87 -35.72 52.55
N LYS A 694 -9.88 -34.98 53.66
CA LYS A 694 -11.14 -34.73 54.36
C LYS A 694 -12.09 -33.92 53.49
N LYS A 695 -11.57 -32.92 52.78
CA LYS A 695 -12.42 -32.11 51.91
C LYS A 695 -13.05 -32.93 50.80
N CYS A 696 -12.26 -33.81 50.18
CA CYS A 696 -12.79 -34.66 49.11
C CYS A 696 -13.70 -35.77 49.65
N THR A 697 -13.51 -36.18 50.91
CA THR A 697 -14.31 -37.21 51.53
C THR A 697 -15.55 -36.65 52.22
N LYS A 698 -15.72 -35.32 52.22
CA LYS A 698 -16.84 -34.70 52.92
C LYS A 698 -18.18 -35.17 52.36
N LYS A 699 -18.29 -35.27 51.04
CA LYS A 699 -19.53 -35.74 50.44
C LYS A 699 -19.83 -37.19 50.85
N PHE A 700 -18.81 -38.04 50.86
CA PHE A 700 -19.00 -39.42 51.26
C PHE A 700 -19.19 -39.52 52.77
N ASN A 701 -19.81 -40.62 53.19
CA ASN A 701 -20.05 -40.90 54.60
C ASN A 701 -18.85 -41.64 55.17
N THR A 702 -18.04 -40.95 55.98
CA THR A 702 -16.85 -41.56 56.55
C THR A 702 -17.21 -42.70 57.50
N GLU A 703 -18.24 -42.52 58.33
CA GLU A 703 -18.63 -43.55 59.27
C GLU A 703 -19.18 -44.78 58.55
N GLU A 704 -19.99 -44.57 57.50
CA GLU A 704 -20.53 -45.70 56.75
C GLU A 704 -19.43 -46.45 56.01
N SER A 705 -18.46 -45.73 55.45
CA SER A 705 -17.37 -46.38 54.73
C SER A 705 -16.49 -47.19 55.68
N GLY A 706 -16.26 -46.68 56.89
CA GLY A 706 -15.44 -47.37 57.87
C GLY A 706 -13.95 -47.12 57.74
N VAL A 707 -13.52 -46.27 56.81
CA VAL A 707 -12.10 -45.96 56.65
C VAL A 707 -11.66 -45.04 57.77
N ASP A 708 -10.45 -45.27 58.28
CA ASP A 708 -9.89 -44.44 59.34
C ASP A 708 -9.36 -43.11 58.84
N LEU A 709 -9.21 -42.93 57.53
CA LEU A 709 -8.72 -41.72 56.90
C LEU A 709 -7.30 -41.34 57.34
N HIS A 710 -6.58 -42.25 57.96
CA HIS A 710 -5.20 -42.03 58.37
C HIS A 710 -4.22 -43.00 57.72
N GLU A 711 -4.57 -44.29 57.65
CA GLU A 711 -3.71 -45.27 57.00
C GLU A 711 -3.59 -44.97 55.51
N LEU A 712 -4.70 -44.58 54.87
CA LEU A 712 -4.65 -44.23 53.46
C LEU A 712 -3.77 -43.01 53.22
N ALA A 713 -3.87 -42.00 54.10
CA ALA A 713 -3.03 -40.82 53.97
C ALA A 713 -1.55 -41.17 54.17
N ASP A 714 -1.25 -42.03 55.15
CA ASP A 714 0.13 -42.44 55.38
C ASP A 714 0.67 -43.21 54.18
N ARG A 715 -0.12 -44.11 53.60
CA ARG A 715 0.32 -44.83 52.42
C ARG A 715 0.49 -43.89 51.23
N THR A 716 -0.44 -42.94 51.07
CA THR A 716 -0.37 -41.96 49.98
C THR A 716 0.47 -40.77 50.45
N GLU A 717 1.77 -41.02 50.62
CA GLU A 717 2.69 -40.00 51.10
C GLU A 717 3.59 -39.43 50.01
N GLY A 718 3.89 -40.21 48.98
CA GLY A 718 4.73 -39.76 47.89
C GLY A 718 4.01 -39.05 46.77
N TYR A 719 2.71 -38.80 46.90
CA TYR A 719 1.92 -38.18 45.86
C TYR A 719 1.81 -36.68 46.14
N SER A 720 1.02 -36.00 45.30
CA SER A 720 0.79 -34.56 45.41
C SER A 720 -0.70 -34.29 45.60
N GLY A 721 -1.04 -33.00 45.76
CA GLY A 721 -2.44 -32.63 45.93
C GLY A 721 -3.27 -32.98 44.72
N ALA A 722 -2.77 -32.64 43.52
CA ALA A 722 -3.46 -33.05 42.30
C ALA A 722 -3.52 -34.56 42.17
N GLU A 723 -2.43 -35.24 42.55
CA GLU A 723 -2.43 -36.70 42.55
C GLU A 723 -3.47 -37.26 43.53
N VAL A 724 -3.56 -36.66 44.72
CA VAL A 724 -4.55 -37.11 45.69
C VAL A 724 -5.96 -36.90 45.14
N VAL A 725 -6.19 -35.77 44.48
CA VAL A 725 -7.49 -35.52 43.86
C VAL A 725 -7.80 -36.56 42.79
N LEU A 726 -6.81 -36.90 41.96
CA LEU A 726 -7.01 -37.90 40.93
C LEU A 726 -7.33 -39.27 41.52
N LEU A 727 -6.61 -39.65 42.59
CA LEU A 727 -6.92 -40.90 43.28
C LEU A 727 -8.33 -40.89 43.84
N CYS A 728 -8.77 -39.78 44.43
CA CYS A 728 -10.13 -39.71 44.95
C CYS A 728 -11.15 -39.85 43.83
N GLN A 729 -10.92 -39.17 42.70
CA GLN A 729 -11.86 -39.23 41.59
C GLN A 729 -11.95 -40.65 41.02
N GLU A 730 -10.80 -41.32 40.86
CA GLU A 730 -10.86 -42.67 40.31
C GLU A 730 -11.37 -43.69 41.33
N ALA A 731 -11.20 -43.41 42.63
CA ALA A 731 -11.84 -44.24 43.64
C ALA A 731 -13.36 -44.13 43.54
N GLY A 732 -13.85 -42.90 43.37
CA GLY A 732 -15.28 -42.73 43.12
C GLY A 732 -15.74 -43.42 41.86
N LEU A 733 -14.91 -43.37 40.80
CA LEU A 733 -15.24 -44.05 39.56
C LEU A 733 -15.33 -45.56 39.77
N ALA A 734 -14.36 -46.13 40.49
CA ALA A 734 -14.40 -47.57 40.77
C ALA A 734 -15.61 -47.92 41.62
N ALA A 735 -15.99 -47.04 42.55
CA ALA A 735 -17.19 -47.28 43.35
C ALA A 735 -18.44 -47.30 42.47
N ILE A 736 -18.53 -46.36 41.52
CA ILE A 736 -19.72 -46.31 40.66
C ILE A 736 -19.71 -47.35 39.55
N MET A 737 -18.56 -47.99 39.28
CA MET A 737 -18.54 -49.06 38.29
C MET A 737 -19.41 -50.23 38.71
N GLU A 738 -19.63 -50.42 40.00
CA GLU A 738 -20.33 -51.62 40.47
C GLU A 738 -21.81 -51.57 40.12
N ASP A 739 -22.53 -50.58 40.64
CA ASP A 739 -23.97 -50.48 40.43
C ASP A 739 -24.38 -49.02 40.21
N LEU A 740 -23.62 -48.31 39.37
CA LEU A 740 -23.91 -46.92 39.02
C LEU A 740 -23.96 -46.03 40.26
N ASP A 741 -25.16 -45.67 40.69
CA ASP A 741 -25.32 -44.80 41.85
C ASP A 741 -24.86 -45.50 43.12
N VAL A 742 -24.04 -44.83 43.90
CA VAL A 742 -23.51 -45.36 45.16
C VAL A 742 -23.60 -44.29 46.22
N ALA A 743 -24.01 -44.68 47.43
CA ALA A 743 -24.08 -43.77 48.56
C ALA A 743 -22.82 -43.80 49.43
N LYS A 744 -21.84 -44.62 49.07
CA LYS A 744 -20.62 -44.73 49.86
C LYS A 744 -19.51 -45.27 48.97
N VAL A 745 -18.28 -45.15 49.46
CA VAL A 745 -17.09 -45.64 48.78
C VAL A 745 -16.42 -46.69 49.65
N GLU A 746 -16.02 -47.79 49.04
CA GLU A 746 -15.42 -48.90 49.77
C GLU A 746 -13.90 -48.78 49.77
N LEU A 747 -13.29 -49.36 50.81
CA LEU A 747 -11.83 -49.34 50.92
C LEU A 747 -11.19 -50.23 49.85
N ARG A 748 -11.87 -51.30 49.45
CA ARG A 748 -11.33 -52.19 48.42
C ARG A 748 -11.18 -51.45 47.09
N HIS A 749 -12.16 -50.61 46.74
CA HIS A 749 -12.06 -49.82 45.52
C HIS A 749 -10.88 -48.87 45.57
N PHE A 750 -10.67 -48.23 46.72
CA PHE A 750 -9.52 -47.33 46.87
C PHE A 750 -8.20 -48.09 46.73
N GLU A 751 -8.11 -49.28 47.34
CA GLU A 751 -6.90 -50.08 47.22
C GLU A 751 -6.66 -50.50 45.77
N LYS A 752 -7.72 -50.89 45.06
CA LYS A 752 -7.58 -51.26 43.65
C LYS A 752 -7.14 -50.09 42.80
N ALA A 753 -7.70 -48.90 43.06
CA ALA A 753 -7.35 -47.72 42.27
C ALA A 753 -5.97 -47.19 42.61
N PHE A 754 -5.47 -47.45 43.81
CA PHE A 754 -4.15 -46.91 44.20
C PHE A 754 -3.04 -47.46 43.30
N LYS A 755 -3.08 -48.76 43.00
CA LYS A 755 -2.02 -49.36 42.20
C LYS A 755 -2.09 -48.96 40.73
N GLY A 756 -3.21 -48.42 40.28
CA GLY A 756 -3.35 -48.08 38.87
C GLY A 756 -2.44 -46.96 38.42
N ILE A 757 -2.23 -45.96 39.29
CA ILE A 757 -1.52 -44.75 38.94
C ILE A 757 -0.04 -44.91 39.27
N ALA A 758 0.82 -44.62 38.30
CA ALA A 758 2.24 -44.49 38.54
C ALA A 758 2.55 -43.08 39.04
N ARG A 759 3.28 -43.00 40.14
CA ARG A 759 3.53 -41.70 40.77
C ARG A 759 4.31 -40.77 39.85
N GLY A 760 5.34 -41.29 39.19
CA GLY A 760 6.19 -40.45 38.38
C GLY A 760 7.14 -39.58 39.15
N ILE A 761 7.26 -39.78 40.46
CA ILE A 761 8.13 -38.98 41.32
C ILE A 761 9.35 -39.81 41.68
N THR A 762 10.50 -39.16 41.64
CA THR A 762 11.78 -39.78 41.96
C THR A 762 12.57 -38.88 42.90
N PRO A 763 13.39 -39.46 43.77
CA PRO A 763 14.25 -38.65 44.64
C PRO A 763 15.23 -37.76 43.90
N GLU A 764 15.47 -38.01 42.61
CA GLU A 764 16.48 -37.26 41.87
C GLU A 764 16.12 -35.78 41.80
N MET A 765 14.90 -35.46 41.37
CA MET A 765 14.53 -34.06 41.25
C MET A 765 14.32 -33.41 42.62
N LEU A 766 13.95 -34.21 43.63
CA LEU A 766 13.91 -33.68 44.99
C LEU A 766 15.29 -33.25 45.46
N SER A 767 16.30 -34.08 45.21
CA SER A 767 17.67 -33.72 45.56
C SER A 767 18.15 -32.53 44.76
N TYR A 768 17.76 -32.46 43.48
CA TYR A 768 18.11 -31.31 42.65
C TYR A 768 17.53 -30.02 43.21
N TYR A 769 16.26 -30.06 43.60
CA TYR A 769 15.62 -28.89 44.20
C TYR A 769 16.30 -28.51 45.52
N GLU A 770 16.63 -29.52 46.34
CA GLU A 770 17.32 -29.23 47.60
C GLU A 770 18.67 -28.59 47.37
N GLU A 771 19.44 -29.09 46.40
CA GLU A 771 20.76 -28.55 46.14
C GLU A 771 20.70 -27.17 45.50
N PHE A 772 19.64 -26.88 44.74
CA PHE A 772 19.47 -25.56 44.16
C PHE A 772 18.82 -24.57 45.12
N ALA A 773 18.23 -25.05 46.21
CA ALA A 773 17.69 -24.16 47.24
C ALA A 773 18.70 -23.90 48.35
N LEU A 774 19.62 -24.82 48.60
CA LEU A 774 20.63 -24.61 49.64
C LEU A 774 21.60 -23.50 49.27
N ARG A 775 21.93 -23.36 47.98
CA ARG A 775 22.85 -22.32 47.56
C ARG A 775 22.28 -20.93 47.82
N SER A 776 20.98 -20.75 47.58
CA SER A 776 20.33 -19.46 47.79
C SER A 776 20.12 -19.19 49.28
N PHE B 28 -44.07 16.45 -11.95
CA PHE B 28 -42.77 16.38 -11.30
C PHE B 28 -42.75 15.31 -10.21
N LYS B 29 -43.71 14.37 -10.30
CA LYS B 29 -43.78 13.31 -9.31
C LYS B 29 -42.54 12.44 -9.32
N LEU B 30 -42.05 12.08 -10.51
CA LEU B 30 -40.86 11.26 -10.70
C LEU B 30 -41.00 9.93 -9.95
N PRO B 31 -41.86 9.02 -10.42
CA PRO B 31 -42.04 7.75 -9.71
C PRO B 31 -40.76 6.95 -9.65
N ALA B 32 -40.57 6.25 -8.53
CA ALA B 32 -39.38 5.44 -8.28
C ALA B 32 -39.78 4.03 -7.87
N GLU B 33 -40.69 3.43 -8.63
CA GLU B 33 -41.21 2.08 -8.38
C GLU B 33 -41.96 2.00 -7.06
N PHE B 34 -42.56 0.85 -6.77
CA PHE B 34 -43.43 0.67 -5.62
C PHE B 34 -42.90 -0.47 -4.76
N ILE B 35 -43.64 -0.79 -3.69
CA ILE B 35 -43.30 -1.91 -2.82
C ILE B 35 -44.54 -2.76 -2.60
N THR B 36 -44.41 -4.07 -2.80
CA THR B 36 -45.56 -4.97 -2.77
C THR B 36 -46.12 -5.10 -1.35
N ARG B 37 -47.42 -5.35 -1.27
CA ARG B 37 -48.14 -5.51 0.00
C ARG B 37 -49.52 -6.09 -0.31
N PRO B 38 -49.95 -7.11 0.41
CA PRO B 38 -51.29 -7.67 0.19
C PRO B 38 -52.40 -6.70 0.59
N HIS B 39 -53.54 -6.86 -0.07
CA HIS B 39 -54.67 -5.98 0.18
C HIS B 39 -55.24 -6.24 1.58
N PRO B 40 -55.65 -5.20 2.29
CA PRO B 40 -56.23 -5.39 3.62
C PRO B 40 -57.74 -5.61 3.58
N SER B 41 -58.34 -5.75 4.77
CA SER B 41 -59.78 -5.86 5.01
C SER B 41 -60.38 -7.17 4.49
N LYS B 42 -59.58 -8.04 3.86
CA LYS B 42 -60.05 -9.33 3.34
C LYS B 42 -61.26 -9.15 2.43
N ASP B 43 -62.44 -9.50 2.94
CA ASP B 43 -63.73 -9.46 2.23
C ASP B 43 -63.61 -9.96 0.80
N HIS B 44 -64.34 -9.34 -0.12
CA HIS B 44 -64.25 -9.67 -1.54
C HIS B 44 -63.69 -8.53 -2.37
N GLY B 45 -64.31 -7.35 -2.31
CA GLY B 45 -63.84 -6.22 -3.10
C GLY B 45 -63.79 -6.56 -4.57
N LYS B 46 -62.67 -6.21 -5.21
CA LYS B 46 -62.41 -6.61 -6.57
C LYS B 46 -61.77 -7.99 -6.65
N GLU B 47 -60.90 -8.30 -5.68
CA GLU B 47 -60.33 -9.63 -5.46
C GLU B 47 -59.32 -10.02 -6.53
N THR B 48 -59.20 -9.23 -7.59
CA THR B 48 -58.19 -9.47 -8.61
C THR B 48 -57.48 -8.22 -9.11
N CYS B 49 -58.09 -7.05 -9.05
CA CYS B 49 -57.57 -5.84 -9.68
C CYS B 49 -57.66 -4.66 -8.73
N THR B 50 -57.20 -4.84 -7.50
CA THR B 50 -57.20 -3.75 -6.52
C THR B 50 -56.35 -2.59 -7.01
N ALA B 51 -55.04 -2.83 -7.14
CA ALA B 51 -54.10 -1.89 -7.78
C ALA B 51 -54.30 -0.46 -7.27
N TYR B 52 -54.01 -0.27 -5.99
CA TYR B 52 -54.13 1.04 -5.36
C TYR B 52 -52.92 1.90 -5.73
N ILE B 53 -53.12 2.86 -6.62
CA ILE B 53 -52.08 3.81 -7.03
C ILE B 53 -52.68 5.21 -7.02
N HIS B 54 -51.91 6.17 -6.50
CA HIS B 54 -52.35 7.56 -6.49
C HIS B 54 -52.47 8.09 -7.92
N PRO B 55 -53.48 8.93 -8.19
CA PRO B 55 -53.71 9.37 -9.58
C PRO B 55 -52.55 10.15 -10.19
N ASN B 56 -51.68 10.74 -9.38
CA ASN B 56 -50.54 11.46 -9.94
C ASN B 56 -49.61 10.51 -10.69
N VAL B 57 -49.37 9.32 -10.13
CA VAL B 57 -48.60 8.31 -10.85
C VAL B 57 -49.33 7.84 -12.09
N LEU B 58 -50.67 7.77 -12.01
CA LEU B 58 -51.47 7.43 -13.19
C LEU B 58 -51.23 8.42 -14.32
N SER B 59 -51.22 9.71 -14.00
CA SER B 59 -50.97 10.72 -15.03
C SER B 59 -49.51 10.70 -15.47
N SER B 60 -48.60 10.31 -14.58
CA SER B 60 -47.19 10.27 -14.93
C SER B 60 -46.91 9.28 -16.05
N LEU B 61 -47.53 8.09 -15.99
CA LEU B 61 -47.32 7.05 -16.97
C LEU B 61 -48.20 7.22 -18.21
N GLU B 62 -49.15 8.15 -18.18
CA GLU B 62 -50.07 8.39 -19.29
C GLU B 62 -50.85 7.13 -19.65
N ILE B 63 -51.38 6.47 -18.62
CA ILE B 63 -52.11 5.22 -18.77
C ILE B 63 -53.53 5.41 -18.22
N ASN B 64 -54.50 4.85 -18.91
CA ASN B 64 -55.89 5.00 -18.50
C ASN B 64 -56.14 4.28 -17.18
N PRO B 65 -57.05 4.82 -16.34
CA PRO B 65 -57.32 4.14 -15.06
C PRO B 65 -58.01 2.79 -15.22
N GLY B 66 -59.06 2.71 -16.04
CA GLY B 66 -59.74 1.46 -16.27
C GLY B 66 -59.11 0.64 -17.37
N SER B 67 -57.86 0.24 -17.19
CA SER B 67 -57.14 -0.53 -18.20
C SER B 67 -56.15 -1.45 -17.51
N PHE B 68 -55.72 -2.48 -18.24
CA PHE B 68 -54.76 -3.44 -17.70
C PHE B 68 -53.40 -2.79 -17.51
N CYS B 69 -52.72 -3.16 -16.42
CA CYS B 69 -51.44 -2.58 -16.05
C CYS B 69 -50.46 -3.67 -15.68
N THR B 70 -49.17 -3.40 -15.89
CA THR B 70 -48.13 -4.39 -15.69
C THR B 70 -47.55 -4.26 -14.29
N VAL B 71 -47.03 -5.37 -13.75
CA VAL B 71 -46.44 -5.34 -12.42
C VAL B 71 -44.95 -4.96 -12.51
N GLY B 72 -44.15 -5.80 -13.15
CA GLY B 72 -42.73 -5.56 -13.28
C GLY B 72 -41.85 -6.36 -12.34
N LYS B 73 -42.11 -7.64 -12.16
CA LYS B 73 -41.40 -8.44 -11.17
C LYS B 73 -39.98 -8.76 -11.62
N ILE B 74 -39.10 -7.75 -11.58
CA ILE B 74 -37.67 -7.84 -11.88
C ILE B 74 -37.41 -8.80 -13.03
N GLY B 75 -38.13 -8.61 -14.13
CA GLY B 75 -38.07 -9.53 -15.26
C GLY B 75 -39.36 -10.29 -15.42
N GLU B 76 -39.21 -11.59 -15.70
CA GLU B 76 -40.35 -12.50 -15.80
C GLU B 76 -41.34 -12.01 -16.86
N ASN B 77 -40.93 -12.04 -18.13
CA ASN B 77 -41.75 -11.51 -19.22
C ASN B 77 -43.17 -12.05 -19.15
N GLY B 78 -44.10 -11.26 -19.67
CA GLY B 78 -45.51 -11.45 -19.40
C GLY B 78 -45.95 -10.45 -18.36
N ILE B 79 -45.08 -10.24 -17.37
CA ILE B 79 -45.13 -9.12 -16.42
C ILE B 79 -46.39 -9.19 -15.56
N LEU B 80 -47.21 -10.22 -15.75
CA LEU B 80 -48.42 -10.45 -14.97
C LEU B 80 -49.33 -9.22 -15.01
N VAL B 81 -49.80 -8.88 -16.22
CA VAL B 81 -50.58 -7.66 -16.40
C VAL B 81 -51.92 -7.79 -15.67
N ILE B 82 -52.27 -6.75 -14.91
CA ILE B 82 -53.47 -6.73 -14.08
C ILE B 82 -54.12 -5.35 -14.20
N ALA B 83 -55.45 -5.35 -14.29
CA ALA B 83 -56.19 -4.10 -14.42
C ALA B 83 -56.05 -3.25 -13.17
N ARG B 84 -56.36 -1.96 -13.31
CA ARG B 84 -56.17 -0.99 -12.24
C ARG B 84 -57.52 -0.47 -11.74
N ALA B 85 -57.48 0.14 -10.55
CA ALA B 85 -58.65 0.75 -9.95
C ALA B 85 -58.21 1.92 -9.08
N GLY B 86 -59.15 2.83 -8.80
CA GLY B 86 -58.85 4.00 -8.02
C GLY B 86 -58.69 3.71 -6.54
N ASP B 87 -58.04 4.64 -5.85
CA ASP B 87 -57.81 4.54 -4.41
C ASP B 87 -58.69 5.55 -3.68
N GLU B 88 -58.51 5.63 -2.36
CA GLU B 88 -59.28 6.52 -1.51
C GLU B 88 -58.40 7.60 -0.88
N GLU B 89 -57.45 8.10 -1.69
CA GLU B 89 -56.54 9.20 -1.32
C GLU B 89 -56.00 9.09 0.11
N VAL B 90 -55.78 7.87 0.58
CA VAL B 90 -55.10 7.65 1.85
C VAL B 90 -54.02 6.59 1.65
N HIS B 91 -54.06 5.94 0.49
CA HIS B 91 -53.09 4.89 0.18
C HIS B 91 -51.72 5.50 -0.06
N PRO B 92 -50.68 5.05 0.63
CA PRO B 92 -49.35 5.65 0.44
C PRO B 92 -48.82 5.40 -0.96
N VAL B 93 -48.01 6.34 -1.43
CA VAL B 93 -47.49 6.28 -2.80
C VAL B 93 -46.56 5.08 -2.96
N ASN B 94 -45.80 4.74 -1.93
CA ASN B 94 -44.83 3.66 -2.06
C ASN B 94 -45.52 2.30 -2.16
N VAL B 95 -46.55 2.08 -1.37
CA VAL B 95 -47.15 0.75 -1.23
C VAL B 95 -48.06 0.46 -2.42
N ILE B 96 -47.99 -0.78 -2.91
CA ILE B 96 -48.86 -1.28 -3.97
C ILE B 96 -49.53 -2.56 -3.50
N THR B 97 -50.80 -2.72 -3.85
CA THR B 97 -51.58 -3.89 -3.47
C THR B 97 -51.52 -4.93 -4.58
N LEU B 98 -51.14 -6.15 -4.23
CA LEU B 98 -51.05 -7.24 -5.19
C LEU B 98 -52.04 -8.38 -4.93
N SER B 99 -52.66 -8.42 -3.75
CA SER B 99 -53.63 -9.45 -3.36
C SER B 99 -52.97 -10.82 -3.18
N THR B 100 -53.50 -11.60 -2.23
CA THR B 100 -52.85 -12.85 -1.84
C THR B 100 -52.88 -13.87 -2.97
N THR B 101 -53.95 -13.91 -3.77
CA THR B 101 -54.01 -14.89 -4.85
C THR B 101 -52.97 -14.63 -5.92
N ILE B 102 -52.80 -13.36 -6.32
CA ILE B 102 -51.75 -13.02 -7.28
C ILE B 102 -50.38 -13.28 -6.67
N ARG B 103 -50.21 -12.93 -5.39
CA ARG B 103 -48.92 -13.18 -4.74
C ARG B 103 -48.58 -14.66 -4.75
N SER B 104 -49.58 -15.53 -4.53
CA SER B 104 -49.33 -16.96 -4.50
C SER B 104 -49.05 -17.51 -5.90
N VAL B 105 -49.85 -17.11 -6.89
CA VAL B 105 -49.71 -17.69 -8.22
C VAL B 105 -48.42 -17.21 -8.88
N GLY B 106 -48.07 -15.94 -8.71
CA GLY B 106 -46.88 -15.39 -9.31
C GLY B 106 -45.63 -15.47 -8.47
N ASN B 107 -45.69 -16.12 -7.31
CA ASN B 107 -44.56 -16.20 -6.38
C ASN B 107 -44.05 -14.82 -6.01
N LEU B 108 -44.97 -13.87 -5.81
CA LEU B 108 -44.59 -12.51 -5.44
C LEU B 108 -44.15 -12.45 -3.99
N ILE B 109 -42.84 -12.54 -3.75
CA ILE B 109 -42.32 -12.35 -2.40
C ILE B 109 -42.53 -10.92 -1.96
N LEU B 110 -42.72 -10.72 -0.67
CA LEU B 110 -42.97 -9.39 -0.14
C LEU B 110 -41.73 -8.51 -0.29
N GLY B 111 -41.95 -7.25 -0.65
CA GLY B 111 -40.85 -6.33 -0.86
C GLY B 111 -40.18 -6.44 -2.21
N ASP B 112 -40.71 -7.25 -3.11
CA ASP B 112 -40.14 -7.40 -4.45
C ASP B 112 -40.35 -6.13 -5.25
N ARG B 113 -39.31 -5.69 -5.94
CA ARG B 113 -39.40 -4.47 -6.74
C ARG B 113 -40.25 -4.70 -7.99
N LEU B 114 -41.02 -3.69 -8.36
CA LEU B 114 -41.90 -3.77 -9.52
C LEU B 114 -41.89 -2.44 -10.25
N GLU B 115 -41.90 -2.51 -11.58
CA GLU B 115 -41.83 -1.34 -12.44
C GLU B 115 -42.95 -1.40 -13.47
N LEU B 116 -43.60 -0.26 -13.67
CA LEU B 116 -44.79 -0.22 -14.51
C LEU B 116 -44.43 -0.11 -15.99
N LYS B 117 -45.29 -0.69 -16.83
CA LYS B 117 -45.10 -0.69 -18.27
C LYS B 117 -46.45 -0.43 -18.94
N LYS B 118 -46.40 -0.11 -20.24
CA LYS B 118 -47.60 0.22 -20.98
C LYS B 118 -48.54 -0.99 -21.08
N ALA B 119 -49.81 -0.71 -21.34
CA ALA B 119 -50.82 -1.76 -21.37
C ALA B 119 -50.60 -2.71 -22.54
N GLN B 120 -51.08 -3.94 -22.37
CA GLN B 120 -50.95 -4.98 -23.38
C GLN B 120 -52.27 -5.15 -24.14
N VAL B 121 -52.17 -5.68 -25.36
CA VAL B 121 -53.35 -5.82 -26.23
C VAL B 121 -54.31 -6.84 -25.62
N GLN B 122 -55.60 -6.67 -25.93
CA GLN B 122 -56.63 -7.52 -25.37
C GLN B 122 -56.54 -8.93 -25.95
N PRO B 123 -56.48 -9.97 -25.11
CA PRO B 123 -56.50 -11.34 -25.62
C PRO B 123 -57.85 -11.69 -26.21
N PRO B 124 -57.90 -12.65 -27.14
CA PRO B 124 -59.17 -12.97 -27.82
C PRO B 124 -60.25 -13.51 -26.88
N TYR B 125 -59.97 -14.62 -26.21
CA TYR B 125 -60.97 -15.31 -25.38
C TYR B 125 -60.29 -16.49 -24.69
N ALA B 126 -61.00 -17.07 -23.72
CA ALA B 126 -60.55 -18.25 -23.00
C ALA B 126 -61.15 -19.51 -23.62
N THR B 127 -60.33 -20.56 -23.70
CA THR B 127 -60.74 -21.78 -24.40
C THR B 127 -61.30 -22.83 -23.44
N LYS B 128 -60.50 -23.28 -22.48
CA LYS B 128 -60.85 -24.43 -21.65
C LYS B 128 -61.07 -24.09 -20.19
N VAL B 129 -60.09 -23.44 -19.54
CA VAL B 129 -60.03 -23.17 -18.11
C VAL B 129 -60.67 -24.29 -17.30
N THR B 130 -59.89 -25.33 -16.99
CA THR B 130 -60.36 -26.50 -16.27
C THR B 130 -59.74 -26.53 -14.88
N VAL B 131 -60.53 -26.93 -13.88
CA VAL B 131 -60.07 -26.96 -12.50
C VAL B 131 -59.08 -28.10 -12.29
N GLY B 132 -58.19 -27.94 -11.33
CA GLY B 132 -57.21 -28.96 -11.01
C GLY B 132 -57.51 -29.71 -9.73
N SER B 133 -57.94 -28.97 -8.69
CA SER B 133 -58.30 -29.55 -7.39
C SER B 133 -57.13 -30.33 -6.78
N LEU B 134 -56.06 -29.61 -6.49
CA LEU B 134 -54.87 -30.21 -5.92
C LEU B 134 -55.07 -30.48 -4.42
N GLN B 135 -54.06 -31.12 -3.83
CA GLN B 135 -53.98 -31.47 -2.41
C GLN B 135 -55.29 -32.04 -1.86
N GLY B 136 -56.04 -32.75 -2.71
CA GLY B 136 -57.30 -33.33 -2.30
C GLY B 136 -57.57 -34.61 -3.05
N TYR B 137 -58.71 -35.23 -2.73
CA TYR B 137 -59.13 -36.47 -3.35
C TYR B 137 -60.15 -36.26 -4.46
N ASN B 138 -60.32 -35.01 -4.92
CA ASN B 138 -61.26 -34.65 -5.99
C ASN B 138 -62.67 -34.99 -5.49
N ILE B 139 -63.51 -35.61 -6.33
CA ILE B 139 -64.90 -35.92 -6.00
C ILE B 139 -65.61 -34.64 -5.56
N LEU B 140 -65.87 -33.74 -6.52
CA LEU B 140 -66.50 -32.47 -6.25
C LEU B 140 -67.96 -32.42 -6.72
N GLU B 141 -68.57 -33.58 -6.94
CA GLU B 141 -69.96 -33.61 -7.39
C GLU B 141 -70.88 -32.97 -6.34
N CYS B 142 -70.68 -33.31 -5.07
CA CYS B 142 -71.45 -32.69 -4.00
C CYS B 142 -70.86 -31.36 -3.56
N MET B 143 -69.64 -31.04 -3.98
CA MET B 143 -68.99 -29.79 -3.61
C MET B 143 -69.02 -28.78 -4.75
N GLU B 144 -69.84 -29.03 -5.78
CA GLU B 144 -69.88 -28.12 -6.92
C GLU B 144 -70.66 -26.85 -6.58
N GLU B 145 -71.95 -26.99 -6.31
CA GLU B 145 -72.86 -25.87 -6.01
C GLU B 145 -72.55 -24.63 -6.85
N LYS B 146 -72.38 -24.86 -8.16
CA LYS B 146 -72.15 -23.79 -9.14
C LYS B 146 -70.88 -22.99 -8.82
N VAL B 147 -69.74 -23.69 -8.93
CA VAL B 147 -68.45 -23.03 -8.82
C VAL B 147 -68.26 -22.02 -9.95
N ILE B 148 -68.79 -22.33 -11.14
CA ILE B 148 -68.48 -21.54 -12.33
C ILE B 148 -68.84 -20.08 -12.14
N GLN B 149 -69.98 -19.81 -11.49
CA GLN B 149 -70.36 -18.43 -11.21
C GLN B 149 -69.30 -17.74 -10.35
N LYS B 150 -68.91 -18.38 -9.25
CA LYS B 150 -67.87 -17.80 -8.40
C LYS B 150 -66.49 -17.91 -9.02
N LEU B 151 -66.29 -18.89 -9.92
CA LEU B 151 -64.97 -19.10 -10.49
C LEU B 151 -64.64 -18.05 -11.56
N LEU B 152 -65.63 -17.65 -12.37
CA LEU B 152 -65.42 -16.64 -13.40
C LEU B 152 -66.44 -15.51 -13.28
N ASP B 153 -66.77 -15.11 -12.05
CA ASP B 153 -67.57 -13.91 -11.81
C ASP B 153 -66.72 -12.68 -11.55
N ASP B 154 -65.41 -12.80 -11.64
CA ASP B 154 -64.47 -11.73 -11.34
C ASP B 154 -63.74 -11.30 -12.59
N SER B 155 -63.51 -9.99 -12.72
CA SER B 155 -62.74 -9.48 -13.85
C SER B 155 -61.28 -9.87 -13.73
N GLY B 156 -60.66 -10.13 -14.88
CA GLY B 156 -59.27 -10.53 -14.89
C GLY B 156 -59.09 -12.04 -14.85
N VAL B 157 -58.81 -12.56 -13.65
CA VAL B 157 -58.63 -14.00 -13.40
C VAL B 157 -57.38 -14.49 -14.13
N ILE B 158 -56.32 -14.76 -13.39
CA ILE B 158 -55.06 -15.24 -13.96
C ILE B 158 -55.29 -16.66 -14.48
N MET B 159 -55.22 -16.82 -15.80
CA MET B 159 -55.48 -18.13 -16.41
C MET B 159 -54.50 -19.21 -15.96
N PRO B 160 -53.17 -18.99 -15.96
CA PRO B 160 -52.25 -20.09 -15.59
C PRO B 160 -52.25 -20.42 -14.10
N GLY B 161 -53.17 -19.83 -13.33
CA GLY B 161 -53.25 -20.16 -11.92
C GLY B 161 -54.05 -19.18 -11.09
N MET B 162 -54.85 -19.69 -10.17
CA MET B 162 -55.61 -18.84 -9.24
C MET B 162 -56.05 -19.71 -8.07
N ILE B 163 -55.63 -19.32 -6.86
CA ILE B 163 -55.96 -20.04 -5.64
C ILE B 163 -56.73 -19.10 -4.72
N PHE B 164 -57.89 -19.54 -4.27
CA PHE B 164 -58.75 -18.76 -3.38
C PHE B 164 -59.18 -19.61 -2.20
N GLN B 165 -59.39 -18.95 -1.06
CA GLN B 165 -59.75 -19.65 0.16
C GLN B 165 -61.21 -20.11 0.12
N ASN B 166 -61.60 -20.90 1.11
CA ASN B 166 -62.87 -21.61 1.08
C ASN B 166 -64.05 -20.71 1.38
N LEU B 167 -63.88 -19.72 2.27
CA LEU B 167 -64.98 -18.93 2.83
C LEU B 167 -65.91 -19.92 3.54
N LYS B 168 -67.22 -19.82 3.37
CA LYS B 168 -68.16 -20.77 3.98
C LYS B 168 -68.87 -21.54 2.88
N THR B 169 -68.79 -22.87 2.96
CA THR B 169 -69.42 -23.75 1.97
C THR B 169 -70.14 -24.86 2.71
N LYS B 170 -71.47 -24.88 2.59
CA LYS B 170 -72.39 -25.88 3.15
C LYS B 170 -72.05 -26.15 4.62
N ALA B 171 -72.38 -27.33 5.13
CA ALA B 171 -72.16 -27.68 6.52
C ALA B 171 -70.99 -28.65 6.61
N GLY B 172 -69.95 -28.26 7.35
CA GLY B 172 -68.77 -29.09 7.50
C GLY B 172 -67.49 -28.28 7.52
N ASP B 173 -67.61 -26.98 7.25
CA ASP B 173 -66.47 -26.07 7.28
C ASP B 173 -65.38 -26.51 6.31
N GLU B 174 -64.27 -27.03 6.87
CA GLU B 174 -63.11 -27.54 6.14
C GLU B 174 -62.50 -26.49 5.22
N SER B 175 -61.43 -26.85 4.50
CA SER B 175 -60.75 -25.93 3.61
C SER B 175 -60.40 -26.64 2.31
N ILE B 176 -60.64 -25.98 1.18
CA ILE B 176 -60.32 -26.51 -0.13
C ILE B 176 -59.65 -25.43 -0.96
N ASP B 177 -58.96 -25.86 -2.01
CA ASP B 177 -58.26 -24.97 -2.92
C ASP B 177 -58.64 -25.29 -4.35
N VAL B 178 -58.48 -24.30 -5.22
CA VAL B 178 -58.80 -24.41 -6.64
C VAL B 178 -57.53 -24.19 -7.46
N VAL B 179 -57.33 -25.04 -8.46
CA VAL B 179 -56.17 -24.95 -9.35
C VAL B 179 -56.68 -24.84 -10.78
N ILE B 180 -56.25 -23.80 -11.48
CA ILE B 180 -56.65 -23.55 -12.86
C ILE B 180 -55.44 -23.53 -13.80
N THR B 181 -54.32 -24.08 -13.34
CA THR B 181 -53.08 -23.98 -14.10
C THR B 181 -53.17 -24.69 -15.45
N ASP B 182 -53.76 -25.88 -15.48
CA ASP B 182 -53.79 -26.67 -16.70
C ASP B 182 -54.68 -26.02 -17.76
N ALA B 183 -54.20 -26.03 -19.00
CA ALA B 183 -54.97 -25.50 -20.13
C ALA B 183 -54.40 -26.10 -21.41
N SER B 184 -55.18 -26.01 -22.48
CA SER B 184 -54.80 -26.56 -23.78
C SER B 184 -55.07 -25.56 -24.89
N ASP B 185 -54.67 -24.32 -24.70
CA ASP B 185 -54.85 -23.27 -25.69
C ASP B 185 -53.50 -22.71 -26.10
N ASP B 186 -53.51 -21.88 -27.14
CA ASP B 186 -52.31 -21.25 -27.67
C ASP B 186 -52.54 -19.76 -27.83
N SER B 187 -51.48 -18.98 -27.64
CA SER B 187 -51.53 -17.54 -27.77
C SER B 187 -50.44 -17.06 -28.72
N LEU B 188 -50.78 -16.11 -29.58
CA LEU B 188 -49.80 -15.59 -30.53
C LEU B 188 -48.59 -14.91 -29.89
N PRO B 189 -48.72 -14.04 -28.85
CA PRO B 189 -47.54 -13.33 -28.36
C PRO B 189 -46.74 -14.20 -27.39
N ASP B 190 -45.53 -14.58 -27.79
CA ASP B 190 -44.67 -15.40 -26.95
C ASP B 190 -44.07 -14.61 -25.80
N VAL B 191 -44.02 -13.28 -25.90
CA VAL B 191 -43.47 -12.47 -24.82
C VAL B 191 -44.37 -12.54 -23.59
N SER B 192 -45.68 -12.62 -23.80
CA SER B 192 -46.65 -12.65 -22.69
C SER B 192 -46.73 -14.07 -22.14
N GLN B 193 -45.89 -14.37 -21.16
CA GLN B 193 -45.95 -15.68 -20.49
C GLN B 193 -47.23 -15.81 -19.67
N LEU B 194 -47.79 -14.69 -19.22
CA LEU B 194 -49.04 -14.74 -18.47
C LEU B 194 -50.19 -15.24 -19.34
N ASP B 195 -50.16 -14.89 -20.63
CA ASP B 195 -51.14 -15.30 -21.65
C ASP B 195 -52.56 -15.38 -21.08
N LEU B 196 -52.94 -14.33 -20.36
CA LEU B 196 -54.26 -14.25 -19.75
C LEU B 196 -55.34 -14.20 -20.83
N ASN B 197 -56.57 -14.52 -20.43
CA ASN B 197 -57.68 -14.59 -21.35
C ASN B 197 -58.90 -13.92 -20.73
N MET B 198 -59.78 -13.41 -21.59
CA MET B 198 -61.02 -12.79 -21.14
C MET B 198 -62.02 -13.87 -20.71
N ASP B 199 -62.96 -13.44 -19.86
CA ASP B 199 -63.97 -14.34 -19.31
C ASP B 199 -65.35 -13.85 -19.70
N ASP B 200 -66.17 -14.75 -20.26
CA ASP B 200 -67.55 -14.42 -20.60
C ASP B 200 -68.38 -15.70 -20.42
N MET B 201 -68.95 -15.85 -19.22
CA MET B 201 -69.73 -17.02 -18.86
C MET B 201 -71.22 -16.67 -18.82
N TYR B 202 -72.02 -17.70 -18.57
CA TYR B 202 -73.47 -17.56 -18.41
C TYR B 202 -73.88 -18.20 -17.08
N GLY B 203 -74.58 -17.43 -16.26
CA GLY B 203 -75.01 -17.94 -14.97
C GLY B 203 -75.75 -16.87 -14.20
N GLY B 204 -76.20 -17.25 -13.01
CA GLY B 204 -76.92 -16.34 -12.16
C GLY B 204 -76.64 -16.63 -10.69
N LEU B 205 -76.80 -15.61 -9.86
CA LEU B 205 -76.57 -15.71 -8.43
C LEU B 205 -75.17 -16.20 -8.10
N GLY B 220 -73.27 -21.25 -21.29
CA GLY B 220 -73.09 -22.41 -20.43
C GLY B 220 -71.77 -23.11 -20.61
N SER B 221 -70.69 -22.42 -20.24
CA SER B 221 -69.33 -22.94 -20.32
C SER B 221 -68.95 -23.30 -21.76
N THR B 222 -67.81 -23.96 -21.93
CA THR B 222 -67.32 -24.38 -23.25
C THR B 222 -66.85 -25.83 -23.13
N HIS B 223 -67.78 -26.77 -23.37
CA HIS B 223 -67.50 -28.20 -23.37
C HIS B 223 -66.86 -28.63 -22.04
N ILE B 224 -67.63 -28.42 -20.96
CA ILE B 224 -67.35 -28.79 -19.56
C ILE B 224 -66.05 -28.16 -19.06
N THR B 225 -65.97 -27.91 -17.76
CA THR B 225 -64.79 -27.32 -17.15
C THR B 225 -64.36 -27.98 -15.85
N PHE B 226 -65.05 -29.01 -15.38
CA PHE B 226 -64.74 -29.68 -14.12
C PHE B 226 -64.35 -31.12 -14.42
N SER B 227 -63.05 -31.35 -14.62
CA SER B 227 -62.55 -32.69 -14.89
C SER B 227 -61.07 -32.75 -14.54
N LYS B 228 -60.59 -33.98 -14.33
CA LYS B 228 -59.18 -34.29 -14.10
C LYS B 228 -58.70 -33.75 -12.75
N GLU B 229 -57.74 -34.44 -12.14
CA GLU B 229 -57.15 -34.00 -10.88
C GLU B 229 -55.63 -33.93 -11.06
N THR B 230 -55.20 -33.29 -12.15
CA THR B 230 -53.78 -33.17 -12.43
C THR B 230 -53.15 -32.07 -11.60
N GLN B 231 -51.82 -32.12 -11.52
CA GLN B 231 -51.04 -31.11 -10.79
C GLN B 231 -50.84 -29.89 -11.69
N ALA B 232 -49.93 -29.01 -11.27
CA ALA B 232 -49.63 -27.82 -12.06
C ALA B 232 -49.09 -28.20 -13.42
N ASN B 233 -49.49 -27.45 -14.44
CA ASN B 233 -49.08 -27.76 -15.81
C ASN B 233 -47.58 -27.61 -15.96
N ARG B 234 -46.96 -28.59 -16.63
CA ARG B 234 -45.51 -28.61 -16.83
C ARG B 234 -45.07 -27.84 -18.08
N LYS B 235 -46.02 -27.41 -18.92
CA LYS B 235 -45.67 -26.69 -20.14
C LYS B 235 -45.76 -25.18 -19.97
N TYR B 236 -46.59 -24.70 -19.05
CA TYR B 236 -46.63 -23.26 -18.75
C TYR B 236 -45.44 -22.83 -17.92
N ASN B 237 -44.88 -23.73 -17.11
CA ASN B 237 -43.67 -23.49 -16.34
C ASN B 237 -43.83 -22.29 -15.39
N LEU B 238 -44.76 -22.41 -14.45
CA LEU B 238 -44.90 -21.38 -13.43
C LEU B 238 -44.01 -21.71 -12.23
N PRO B 239 -43.54 -20.68 -11.51
CA PRO B 239 -42.76 -20.95 -10.29
C PRO B 239 -43.62 -21.53 -9.18
N GLU B 240 -43.41 -22.80 -8.84
CA GLU B 240 -44.22 -23.44 -7.83
C GLU B 240 -43.95 -22.82 -6.46
N PRO B 241 -44.99 -22.57 -5.66
CA PRO B 241 -44.78 -21.99 -4.33
C PRO B 241 -44.20 -23.03 -3.38
N LEU B 242 -43.04 -22.71 -2.81
CA LEU B 242 -42.38 -23.61 -1.86
C LEU B 242 -43.19 -23.70 -0.57
N SER B 243 -43.23 -24.90 0.00
CA SER B 243 -44.00 -25.14 1.22
C SER B 243 -43.17 -25.87 2.26
N TYR B 244 -43.83 -26.31 3.34
CA TYR B 244 -43.12 -27.03 4.39
C TYR B 244 -42.58 -28.36 3.89
N ALA B 245 -43.32 -29.04 3.02
CA ALA B 245 -42.89 -30.32 2.50
C ALA B 245 -41.64 -30.21 1.63
N ALA B 246 -41.36 -29.03 1.09
CA ALA B 246 -40.16 -28.85 0.26
C ALA B 246 -38.89 -29.04 1.09
N VAL B 247 -38.87 -28.52 2.30
CA VAL B 247 -37.70 -28.61 3.17
C VAL B 247 -37.86 -29.82 4.10
N GLY B 248 -36.79 -30.56 4.28
CA GLY B 248 -36.82 -31.74 5.13
C GLY B 248 -35.43 -32.12 5.57
N GLY B 249 -35.37 -33.12 6.45
CA GLY B 249 -34.12 -33.53 7.05
C GLY B 249 -33.55 -32.53 8.04
N LEU B 250 -34.29 -31.47 8.35
CA LEU B 250 -33.86 -30.40 9.25
C LEU B 250 -34.90 -30.16 10.33
N ASP B 251 -35.63 -31.20 10.72
CA ASP B 251 -36.94 -31.04 11.36
C ASP B 251 -36.83 -30.27 12.68
N LYS B 252 -35.96 -30.71 13.58
CA LYS B 252 -35.88 -30.08 14.90
C LYS B 252 -35.49 -28.61 14.78
N GLU B 253 -34.48 -28.32 13.96
CA GLU B 253 -34.01 -26.94 13.83
C GLU B 253 -34.95 -26.07 13.01
N ILE B 254 -35.64 -26.61 12.01
CA ILE B 254 -36.63 -25.79 11.31
C ILE B 254 -37.81 -25.49 12.23
N GLU B 255 -38.19 -26.44 13.09
CA GLU B 255 -39.22 -26.17 14.09
C GLU B 255 -38.76 -25.11 15.07
N SER B 256 -37.48 -25.17 15.48
CA SER B 256 -36.94 -24.13 16.36
C SER B 256 -36.98 -22.77 15.69
N LEU B 257 -36.61 -22.70 14.41
CA LEU B 257 -36.71 -21.44 13.66
C LEU B 257 -38.15 -20.94 13.59
N LYS B 258 -39.09 -21.86 13.33
CA LYS B 258 -40.50 -21.46 13.27
C LYS B 258 -40.97 -20.89 14.60
N SER B 259 -40.59 -21.53 15.71
CA SER B 259 -40.96 -21.00 17.02
C SER B 259 -40.30 -19.64 17.27
N ALA B 260 -39.02 -19.52 16.93
CA ALA B 260 -38.29 -18.27 17.19
C ALA B 260 -38.77 -17.13 16.32
N ILE B 261 -39.41 -17.40 15.19
CA ILE B 261 -40.00 -16.35 14.38
C ILE B 261 -41.49 -16.15 14.67
N GLU B 262 -42.14 -17.11 15.34
CA GLU B 262 -43.55 -16.98 15.66
C GLU B 262 -43.79 -16.29 17.00
N ILE B 263 -42.94 -16.55 18.00
CA ILE B 263 -43.12 -15.92 19.31
C ILE B 263 -43.07 -14.41 19.24
N PRO B 264 -42.08 -13.77 18.59
CA PRO B 264 -42.10 -12.30 18.56
C PRO B 264 -43.20 -11.71 17.70
N LEU B 265 -43.50 -12.33 16.57
CA LEU B 265 -44.54 -11.80 15.67
C LEU B 265 -45.93 -12.14 16.18
N HIS B 266 -46.25 -13.43 16.26
CA HIS B 266 -47.57 -13.85 16.71
C HIS B 266 -47.67 -13.74 18.22
N GLN B 267 -48.72 -13.06 18.69
CA GLN B 267 -48.97 -12.82 20.11
C GLN B 267 -47.77 -12.14 20.77
N PRO B 268 -47.47 -10.89 20.42
CA PRO B 268 -46.33 -10.21 21.05
C PRO B 268 -46.68 -9.60 22.40
N THR B 269 -47.95 -9.32 22.67
CA THR B 269 -48.33 -8.71 23.95
C THR B 269 -48.06 -9.65 25.12
N LEU B 270 -48.18 -10.96 24.91
CA LEU B 270 -47.93 -11.92 25.99
C LEU B 270 -46.49 -11.82 26.47
N PHE B 271 -45.53 -11.72 25.56
CA PHE B 271 -44.13 -11.56 25.95
C PHE B 271 -43.84 -10.13 26.40
N SER B 272 -44.54 -9.14 25.83
CA SER B 272 -44.30 -7.75 26.21
C SER B 272 -44.74 -7.49 27.65
N SER B 273 -45.81 -8.14 28.11
CA SER B 273 -46.28 -7.95 29.47
C SER B 273 -45.26 -8.38 30.50
N PHE B 274 -44.36 -9.30 30.15
CA PHE B 274 -43.33 -9.74 31.08
C PHE B 274 -42.29 -8.66 31.35
N GLY B 275 -42.23 -7.63 30.51
CA GLY B 275 -41.28 -6.55 30.68
C GLY B 275 -39.92 -6.80 30.05
N VAL B 276 -39.72 -7.94 29.41
CA VAL B 276 -38.45 -8.26 28.76
C VAL B 276 -38.60 -8.10 27.26
N SER B 277 -37.65 -7.41 26.64
CA SER B 277 -37.70 -7.21 25.20
C SER B 277 -37.55 -8.53 24.46
N PRO B 278 -38.29 -8.73 23.37
CA PRO B 278 -38.17 -9.99 22.62
C PRO B 278 -36.94 -9.98 21.75
N PRO B 279 -36.40 -11.15 21.40
CA PRO B 279 -35.20 -11.19 20.56
C PRO B 279 -35.47 -10.63 19.17
N ARG B 280 -34.44 -10.00 18.61
CA ARG B 280 -34.55 -9.37 17.29
C ARG B 280 -33.68 -10.02 16.23
N GLY B 281 -32.47 -10.45 16.57
CA GLY B 281 -31.59 -11.08 15.60
C GLY B 281 -31.17 -12.48 15.99
N ILE B 282 -31.28 -13.41 15.05
CA ILE B 282 -30.92 -14.81 15.28
C ILE B 282 -29.95 -15.23 14.19
N LEU B 283 -28.92 -16.00 14.58
CA LEU B 283 -27.85 -16.38 13.68
C LEU B 283 -28.15 -17.73 13.03
N LEU B 284 -28.01 -17.78 11.71
CA LEU B 284 -28.16 -19.01 10.94
C LEU B 284 -26.87 -19.23 10.16
N HIS B 285 -25.95 -20.01 10.73
CA HIS B 285 -24.64 -20.22 10.14
C HIS B 285 -24.38 -21.71 9.98
N GLY B 286 -23.60 -22.05 8.97
CA GLY B 286 -23.25 -23.42 8.69
C GLY B 286 -22.48 -23.55 7.38
N PRO B 287 -22.18 -24.80 6.99
CA PRO B 287 -21.49 -25.01 5.73
C PRO B 287 -22.34 -24.56 4.57
N PRO B 288 -21.72 -24.10 3.48
CA PRO B 288 -22.50 -23.68 2.32
C PRO B 288 -23.24 -24.85 1.68
N GLY B 289 -24.39 -24.55 1.09
CA GLY B 289 -25.18 -25.54 0.41
C GLY B 289 -26.20 -26.27 1.27
N THR B 290 -26.28 -25.96 2.57
CA THR B 290 -27.26 -26.62 3.43
C THR B 290 -28.69 -26.22 3.11
N GLY B 291 -28.89 -25.09 2.41
CA GLY B 291 -30.22 -24.67 2.04
C GLY B 291 -30.74 -23.48 2.83
N LYS B 292 -29.87 -22.51 3.12
CA LYS B 292 -30.31 -21.30 3.81
C LYS B 292 -31.28 -20.50 2.93
N THR B 293 -30.99 -20.40 1.64
CA THR B 293 -31.86 -19.65 0.74
C THR B 293 -33.24 -20.31 0.63
N MET B 294 -33.27 -21.64 0.55
CA MET B 294 -34.56 -22.32 0.41
C MET B 294 -35.39 -22.20 1.68
N LEU B 295 -34.76 -22.29 2.85
CA LEU B 295 -35.52 -22.12 4.10
C LEU B 295 -35.99 -20.68 4.25
N LEU B 296 -35.18 -19.71 3.82
CA LEU B 296 -35.64 -18.32 3.82
C LEU B 296 -36.84 -18.16 2.90
N ARG B 297 -36.80 -18.79 1.72
CA ARG B 297 -37.93 -18.70 0.79
C ARG B 297 -39.19 -19.31 1.37
N VAL B 298 -39.07 -20.48 2.01
CA VAL B 298 -40.25 -21.14 2.53
C VAL B 298 -40.84 -20.37 3.72
N VAL B 299 -39.98 -19.82 4.59
CA VAL B 299 -40.51 -19.06 5.72
C VAL B 299 -41.10 -17.73 5.25
N ALA B 300 -40.57 -17.16 4.17
CA ALA B 300 -41.16 -15.94 3.62
C ALA B 300 -42.51 -16.22 2.97
N ASN B 301 -42.61 -17.35 2.26
CA ASN B 301 -43.87 -17.68 1.58
C ASN B 301 -44.95 -18.08 2.57
N THR B 302 -44.59 -18.84 3.62
CA THR B 302 -45.57 -19.32 4.57
C THR B 302 -46.05 -18.24 5.53
N SER B 303 -45.39 -17.09 5.57
CA SER B 303 -45.76 -16.00 6.46
C SER B 303 -46.44 -14.89 5.66
N ASN B 304 -47.64 -14.49 6.10
CA ASN B 304 -48.36 -13.41 5.44
C ASN B 304 -47.78 -12.05 5.76
N ALA B 305 -46.95 -11.95 6.79
CA ALA B 305 -46.36 -10.66 7.15
C ALA B 305 -45.36 -10.21 6.09
N HIS B 306 -45.21 -8.89 5.97
CA HIS B 306 -44.30 -8.33 4.99
C HIS B 306 -42.86 -8.66 5.36
N VAL B 307 -42.06 -8.96 4.34
CA VAL B 307 -40.63 -9.24 4.50
C VAL B 307 -39.85 -8.33 3.58
N LEU B 308 -38.58 -8.11 3.94
CA LEU B 308 -37.69 -7.24 3.18
C LEU B 308 -36.45 -8.03 2.80
N THR B 309 -36.10 -7.99 1.51
CA THR B 309 -34.94 -8.70 0.99
C THR B 309 -34.03 -7.72 0.27
N ILE B 310 -32.72 -7.91 0.44
CA ILE B 310 -31.73 -7.06 -0.19
C ILE B 310 -30.85 -7.92 -1.10
N ASN B 311 -30.14 -7.24 -2.01
CA ASN B 311 -29.24 -7.90 -2.93
C ASN B 311 -27.81 -7.97 -2.43
N GLY B 312 -27.54 -7.45 -1.23
CA GLY B 312 -26.21 -7.48 -0.67
C GLY B 312 -25.49 -6.15 -0.84
N PRO B 313 -24.42 -6.14 -1.62
CA PRO B 313 -23.66 -4.90 -1.83
C PRO B 313 -24.35 -3.89 -2.73
N SER B 314 -25.57 -4.17 -3.18
CA SER B 314 -26.28 -3.22 -4.04
C SER B 314 -26.57 -1.92 -3.30
N ILE B 315 -26.92 -2.01 -2.02
CA ILE B 315 -27.18 -0.81 -1.23
C ILE B 315 -25.91 0.01 -1.07
N VAL B 316 -24.76 -0.64 -0.93
CA VAL B 316 -23.49 0.07 -0.78
C VAL B 316 -23.16 0.80 -2.06
N SER B 317 -22.86 2.10 -1.94
CA SER B 317 -22.54 2.95 -3.07
C SER B 317 -21.30 3.78 -2.76
N LYS B 318 -20.71 4.33 -3.82
CA LYS B 318 -19.51 5.14 -3.65
C LYS B 318 -19.80 6.42 -2.88
N TYR B 319 -21.03 6.92 -2.95
CA TYR B 319 -21.40 8.12 -2.22
C TYR B 319 -21.41 7.83 -0.72
N LEU B 320 -21.02 8.83 0.08
CA LEU B 320 -20.93 8.63 1.53
C LEU B 320 -22.26 8.91 2.22
N GLY B 321 -23.28 9.30 1.46
CA GLY B 321 -24.57 9.59 2.04
C GLY B 321 -25.74 8.87 1.39
N GLU B 322 -25.54 8.39 0.17
CA GLU B 322 -26.63 7.74 -0.57
C GLU B 322 -27.06 6.45 0.11
N THR B 323 -26.09 5.62 0.52
CA THR B 323 -26.44 4.36 1.17
C THR B 323 -27.09 4.60 2.53
N GLU B 324 -26.63 5.62 3.26
CA GLU B 324 -27.28 5.95 4.53
C GLU B 324 -28.72 6.41 4.30
N ALA B 325 -28.94 7.25 3.29
CA ALA B 325 -30.30 7.70 2.99
C ALA B 325 -31.19 6.53 2.62
N ALA B 326 -30.68 5.61 1.80
CA ALA B 326 -31.47 4.43 1.43
C ALA B 326 -31.78 3.57 2.65
N LEU B 327 -30.79 3.38 3.53
CA LEU B 327 -31.01 2.55 4.72
C LEU B 327 -32.06 3.17 5.63
N ARG B 328 -31.96 4.48 5.88
CA ARG B 328 -32.97 5.14 6.71
C ARG B 328 -34.35 5.09 6.06
N ASP B 329 -34.41 5.27 4.74
CA ASP B 329 -35.70 5.22 4.05
C ASP B 329 -36.35 3.84 4.19
N ILE B 330 -35.58 2.78 3.94
CA ILE B 330 -36.14 1.44 4.01
C ILE B 330 -36.50 1.08 5.45
N PHE B 331 -35.70 1.53 6.42
CA PHE B 331 -36.02 1.26 7.81
C PHE B 331 -37.29 1.98 8.24
N ASN B 332 -37.47 3.24 7.80
CA ASN B 332 -38.70 3.95 8.11
C ASN B 332 -39.91 3.29 7.46
N GLU B 333 -39.74 2.83 6.21
CA GLU B 333 -40.83 2.12 5.54
C GLU B 333 -41.20 0.85 6.30
N ALA B 334 -40.20 0.07 6.72
CA ALA B 334 -40.47 -1.15 7.47
C ALA B 334 -41.14 -0.86 8.80
N ARG B 335 -40.68 0.17 9.52
CA ARG B 335 -41.25 0.49 10.82
C ARG B 335 -42.61 1.20 10.72
N LYS B 336 -42.98 1.68 9.53
CA LYS B 336 -44.29 2.29 9.37
C LYS B 336 -45.41 1.27 9.60
N TYR B 337 -45.22 0.04 9.13
CA TYR B 337 -46.21 -1.01 9.30
C TYR B 337 -45.77 -1.96 10.41
N GLN B 338 -46.74 -2.42 11.19
CA GLN B 338 -46.44 -3.34 12.30
C GLN B 338 -45.81 -4.65 11.82
N PRO B 339 -46.35 -5.36 10.81
CA PRO B 339 -45.68 -6.58 10.34
C PRO B 339 -44.56 -6.26 9.36
N SER B 340 -43.32 -6.55 9.75
CA SER B 340 -42.18 -6.29 8.90
C SER B 340 -41.04 -7.21 9.30
N ILE B 341 -40.46 -7.90 8.32
CA ILE B 341 -39.34 -8.80 8.53
C ILE B 341 -38.19 -8.36 7.63
N ILE B 342 -36.98 -8.39 8.17
CA ILE B 342 -35.78 -7.95 7.47
C ILE B 342 -34.87 -9.15 7.26
N PHE B 343 -34.49 -9.39 6.00
CA PHE B 343 -33.58 -10.47 5.64
C PHE B 343 -32.23 -9.87 5.28
N ILE B 344 -31.16 -10.39 5.87
CA ILE B 344 -29.81 -9.93 5.63
C ILE B 344 -28.95 -11.13 5.22
N ASP B 345 -28.14 -10.95 4.20
CA ASP B 345 -27.27 -12.00 3.68
C ASP B 345 -25.87 -11.44 3.43
N GLU B 346 -24.90 -12.34 3.38
CA GLU B 346 -23.48 -12.04 3.19
C GLU B 346 -23.06 -10.79 3.98
N ILE B 347 -23.23 -10.88 5.29
CA ILE B 347 -22.93 -9.75 6.17
C ILE B 347 -21.44 -9.43 6.16
N ASP B 348 -20.60 -10.43 5.87
CA ASP B 348 -19.16 -10.21 5.90
C ASP B 348 -18.73 -9.15 4.89
N SER B 349 -19.27 -9.22 3.67
CA SER B 349 -18.97 -8.18 2.69
C SER B 349 -19.55 -6.84 3.11
N ILE B 350 -20.78 -6.83 3.63
CA ILE B 350 -21.41 -5.59 4.04
C ILE B 350 -20.75 -5.04 5.29
N ALA B 351 -20.45 -5.90 6.26
CA ALA B 351 -19.90 -5.49 7.55
C ALA B 351 -18.64 -6.30 7.83
N PRO B 352 -17.51 -5.87 7.29
CA PRO B 352 -16.24 -6.57 7.56
C PRO B 352 -15.78 -6.34 8.99
N ASN B 353 -14.94 -7.25 9.45
CA ASN B 353 -14.39 -7.16 10.80
C ASN B 353 -13.47 -5.94 10.93
N ARG B 354 -13.44 -5.37 12.13
CA ARG B 354 -12.64 -4.17 12.36
C ARG B 354 -11.16 -4.42 12.18
N ALA B 355 -10.66 -5.56 12.69
CA ALA B 355 -9.24 -5.85 12.68
C ALA B 355 -8.81 -6.73 11.50
N ASN B 356 -9.76 -7.37 10.81
CA ASN B 356 -9.39 -8.26 9.72
C ASN B 356 -8.80 -7.49 8.54
N ASP B 357 -9.47 -6.44 8.10
CA ASP B 357 -9.00 -5.65 6.96
C ASP B 357 -9.69 -4.31 6.96
N ASP B 358 -8.92 -3.23 7.03
CA ASP B 358 -9.46 -1.86 6.94
C ASP B 358 -9.30 -1.35 5.51
N SER B 359 -10.08 -1.97 4.61
CA SER B 359 -9.99 -1.61 3.19
C SER B 359 -10.44 -0.17 2.95
N GLY B 360 -11.50 0.26 3.61
CA GLY B 360 -12.06 1.58 3.41
C GLY B 360 -13.55 1.51 3.13
N GLU B 361 -14.01 2.38 2.22
CA GLU B 361 -15.41 2.52 1.82
C GLU B 361 -16.37 2.28 2.99
N VAL B 362 -17.32 1.35 2.81
CA VAL B 362 -18.23 1.00 3.89
C VAL B 362 -17.43 0.36 5.03
N GLU B 363 -17.71 0.77 6.25
CA GLU B 363 -16.91 0.37 7.39
C GLU B 363 -17.82 0.26 8.61
N SER B 364 -17.23 0.28 9.81
CA SER B 364 -17.96 0.08 11.05
C SER B 364 -19.04 1.13 11.30
N ARG B 365 -19.11 2.18 10.47
CA ARG B 365 -20.17 3.16 10.63
C ARG B 365 -21.54 2.53 10.39
N VAL B 366 -21.65 1.66 9.38
CA VAL B 366 -22.92 0.98 9.13
C VAL B 366 -23.23 0.01 10.27
N VAL B 367 -22.20 -0.62 10.84
CA VAL B 367 -22.42 -1.50 11.99
C VAL B 367 -22.98 -0.71 13.16
N ALA B 368 -22.39 0.45 13.45
CA ALA B 368 -22.87 1.27 14.54
C ALA B 368 -24.29 1.76 14.30
N THR B 369 -24.59 2.20 13.09
CA THR B 369 -25.93 2.74 12.83
C THR B 369 -26.98 1.63 12.86
N LEU B 370 -26.65 0.42 12.41
CA LEU B 370 -27.61 -0.67 12.51
C LEU B 370 -27.79 -1.12 13.95
N LEU B 371 -26.71 -1.08 14.75
CA LEU B 371 -26.84 -1.37 16.17
C LEU B 371 -27.76 -0.37 16.84
N THR B 372 -27.65 0.91 16.49
CA THR B 372 -28.56 1.91 17.03
C THR B 372 -29.99 1.67 16.56
N LEU B 373 -30.18 1.29 15.30
CA LEU B 373 -31.53 1.08 14.77
C LEU B 373 -32.22 -0.09 15.46
N MET B 374 -31.52 -1.21 15.63
CA MET B 374 -32.13 -2.37 16.29
C MET B 374 -31.92 -2.38 17.81
N ASP B 375 -31.35 -1.31 18.37
CA ASP B 375 -31.24 -1.19 19.81
C ASP B 375 -32.30 -0.29 20.43
N GLY B 376 -32.88 0.62 19.65
CA GLY B 376 -33.90 1.52 20.16
C GLY B 376 -35.07 1.71 19.23
N MET B 377 -35.41 0.67 18.47
CA MET B 377 -36.53 0.77 17.53
C MET B 377 -37.86 0.97 18.25
N GLY B 378 -38.04 0.29 19.38
CA GLY B 378 -39.29 0.40 20.12
C GLY B 378 -39.22 -0.43 21.38
N ALA B 379 -40.35 -0.45 22.10
CA ALA B 379 -40.42 -1.18 23.35
C ALA B 379 -40.90 -2.63 23.15
N ALA B 380 -42.11 -2.80 22.63
CA ALA B 380 -42.65 -4.14 22.37
C ALA B 380 -42.16 -4.66 21.01
N GLY B 381 -42.61 -4.00 19.94
CA GLY B 381 -42.20 -4.34 18.59
C GLY B 381 -42.51 -5.76 18.14
N LYS B 382 -42.26 -6.05 16.86
CA LYS B 382 -42.30 -7.42 16.35
C LYS B 382 -41.32 -7.50 15.18
N VAL B 383 -40.09 -7.90 15.48
CA VAL B 383 -39.01 -7.95 14.50
C VAL B 383 -38.21 -9.22 14.71
N VAL B 384 -37.97 -9.95 13.62
CA VAL B 384 -37.04 -11.07 13.60
C VAL B 384 -36.09 -10.87 12.42
N VAL B 385 -34.80 -11.05 12.67
CA VAL B 385 -33.77 -10.88 11.65
C VAL B 385 -33.00 -12.19 11.52
N ILE B 386 -32.92 -12.71 10.30
CA ILE B 386 -32.22 -13.95 10.01
C ILE B 386 -30.89 -13.61 9.35
N ALA B 387 -29.80 -14.07 9.93
CA ALA B 387 -28.46 -13.82 9.43
C ALA B 387 -27.95 -15.08 8.72
N ALA B 388 -27.59 -14.95 7.46
CA ALA B 388 -27.12 -16.07 6.65
C ALA B 388 -25.65 -15.82 6.30
N THR B 389 -24.77 -16.51 7.03
CA THR B 389 -23.33 -16.39 6.81
C THR B 389 -22.71 -17.78 6.84
N ASN B 390 -21.89 -18.09 5.83
CA ASN B 390 -21.25 -19.40 5.77
C ASN B 390 -20.26 -19.58 6.92
N ARG B 391 -19.49 -18.55 7.24
CA ARG B 391 -18.48 -18.63 8.29
C ARG B 391 -18.87 -17.76 9.47
N PRO B 392 -19.35 -18.34 10.57
CA PRO B 392 -19.67 -17.52 11.75
C PRO B 392 -18.46 -16.79 12.33
N ASN B 393 -17.26 -17.36 12.19
CA ASN B 393 -16.06 -16.71 12.70
C ASN B 393 -15.77 -15.42 11.95
N SER B 394 -16.01 -15.40 10.64
CA SER B 394 -15.75 -14.22 9.84
C SER B 394 -16.68 -13.06 10.18
N VAL B 395 -17.80 -13.32 10.87
CA VAL B 395 -18.70 -12.26 11.27
C VAL B 395 -18.02 -11.37 12.31
N ASP B 396 -18.42 -10.10 12.33
CA ASP B 396 -17.85 -9.13 13.25
C ASP B 396 -18.11 -9.56 14.70
N PRO B 397 -17.09 -9.68 15.54
CA PRO B 397 -17.34 -10.04 16.95
C PRO B 397 -18.20 -9.01 17.68
N ALA B 398 -18.09 -7.73 17.32
CA ALA B 398 -18.94 -6.72 17.94
C ALA B 398 -20.41 -6.96 17.62
N LEU B 399 -20.71 -7.34 16.38
CA LEU B 399 -22.08 -7.68 16.01
C LEU B 399 -22.58 -8.88 16.79
N ARG B 400 -21.74 -9.90 16.93
CA ARG B 400 -22.11 -11.12 17.65
C ARG B 400 -22.03 -10.85 19.14
N ARG B 401 -23.13 -10.32 19.68
CA ARG B 401 -23.24 -10.01 21.10
C ARG B 401 -24.52 -10.62 21.66
N PRO B 402 -24.49 -11.04 22.92
CA PRO B 402 -25.71 -11.62 23.52
C PRO B 402 -26.87 -10.64 23.64
N GLY B 403 -26.60 -9.32 23.58
CA GLY B 403 -27.65 -8.35 23.70
C GLY B 403 -28.58 -8.27 22.50
N ARG B 404 -28.11 -8.71 21.34
CA ARG B 404 -28.93 -8.72 20.13
C ARG B 404 -28.93 -10.05 19.39
N PHE B 405 -27.98 -10.95 19.66
CA PHE B 405 -27.95 -12.26 19.01
C PHE B 405 -28.01 -13.36 20.07
N ASP B 406 -28.91 -13.21 21.03
CA ASP B 406 -29.00 -14.16 22.14
C ASP B 406 -29.37 -15.57 21.66
N GLN B 407 -30.09 -15.66 20.54
CA GLN B 407 -30.51 -16.94 19.99
C GLN B 407 -29.65 -17.27 18.77
N GLU B 408 -29.00 -18.42 18.79
CA GLU B 408 -28.17 -18.88 17.70
C GLU B 408 -28.54 -20.32 17.34
N VAL B 409 -28.47 -20.63 16.06
CA VAL B 409 -28.81 -21.95 15.54
C VAL B 409 -27.64 -22.46 14.71
N GLU B 410 -27.18 -23.67 14.99
CA GLU B 410 -26.07 -24.29 14.28
C GLU B 410 -26.63 -25.36 13.34
N ILE B 411 -26.20 -25.32 12.08
CA ILE B 411 -26.63 -26.27 11.06
C ILE B 411 -25.41 -27.07 10.64
N GLY B 412 -25.50 -28.40 10.75
CA GLY B 412 -24.44 -29.30 10.37
C GLY B 412 -24.76 -30.09 9.12
N ILE B 413 -23.82 -30.95 8.76
CA ILE B 413 -24.00 -31.82 7.58
C ILE B 413 -25.12 -32.81 7.87
N PRO B 414 -26.03 -33.06 6.92
CA PRO B 414 -27.08 -34.05 7.15
C PRO B 414 -26.51 -35.44 7.40
N ASP B 415 -27.15 -36.18 8.29
CA ASP B 415 -26.73 -37.53 8.63
C ASP B 415 -27.41 -38.53 7.69
N VAL B 416 -27.31 -39.81 8.02
CA VAL B 416 -27.90 -40.84 7.17
C VAL B 416 -29.41 -40.71 7.11
N ASP B 417 -30.05 -40.47 8.26
CA ASP B 417 -31.50 -40.35 8.30
C ASP B 417 -31.98 -39.14 7.52
N ALA B 418 -31.34 -37.99 7.71
CA ALA B 418 -31.73 -36.78 6.98
C ALA B 418 -31.51 -36.94 5.49
N ARG B 419 -30.39 -37.55 5.10
CA ARG B 419 -30.14 -37.79 3.68
C ARG B 419 -31.19 -38.72 3.08
N PHE B 420 -31.55 -39.79 3.80
CA PHE B 420 -32.58 -40.68 3.31
C PHE B 420 -33.91 -39.96 3.16
N ASP B 421 -34.25 -39.12 4.14
CA ASP B 421 -35.51 -38.38 4.08
C ASP B 421 -35.53 -37.43 2.89
N ILE B 422 -34.44 -36.69 2.66
CA ILE B 422 -34.45 -35.71 1.58
C ILE B 422 -34.44 -36.41 0.22
N LEU B 423 -33.70 -37.51 0.09
CA LEU B 423 -33.73 -38.27 -1.17
C LEU B 423 -35.12 -38.83 -1.44
N THR B 424 -35.79 -39.36 -0.41
CA THR B 424 -37.14 -39.88 -0.61
C THR B 424 -38.10 -38.77 -1.00
N LYS B 425 -37.97 -37.60 -0.38
CA LYS B 425 -38.87 -36.49 -0.72
C LYS B 425 -38.63 -35.98 -2.13
N GLN B 426 -37.36 -35.85 -2.54
CA GLN B 426 -37.10 -35.33 -3.87
C GLN B 426 -37.25 -36.40 -4.95
N PHE B 427 -37.46 -37.66 -4.56
CA PHE B 427 -38.00 -38.64 -5.51
C PHE B 427 -39.53 -38.55 -5.57
N SER B 428 -40.19 -38.40 -4.42
CA SER B 428 -41.64 -38.30 -4.41
C SER B 428 -42.15 -37.03 -5.07
N ARG B 429 -41.30 -36.01 -5.21
CA ARG B 429 -41.77 -34.75 -5.78
C ARG B 429 -42.19 -34.92 -7.24
N MET B 430 -41.50 -35.76 -8.01
CA MET B 430 -42.07 -36.18 -9.30
C MET B 430 -42.64 -37.59 -9.26
N SER B 431 -42.62 -38.25 -8.10
CA SER B 431 -43.38 -39.49 -7.87
C SER B 431 -42.86 -40.63 -8.75
N SER B 432 -43.63 -41.71 -8.83
CA SER B 432 -43.24 -42.90 -9.56
C SER B 432 -43.61 -42.85 -11.04
N ASP B 433 -44.27 -41.77 -11.49
CA ASP B 433 -44.63 -41.68 -12.90
C ASP B 433 -43.40 -41.61 -13.80
N ARG B 434 -42.40 -40.83 -13.41
CA ARG B 434 -41.20 -40.67 -14.23
C ARG B 434 -40.28 -41.89 -14.16
N HIS B 435 -40.17 -42.51 -12.99
CA HIS B 435 -39.27 -43.64 -12.81
C HIS B 435 -39.78 -44.52 -11.68
N VAL B 436 -39.28 -45.75 -11.63
CA VAL B 436 -39.66 -46.72 -10.62
C VAL B 436 -38.40 -47.17 -9.89
N LEU B 437 -38.47 -47.16 -8.56
CA LEU B 437 -37.35 -47.59 -7.72
C LEU B 437 -37.89 -48.05 -6.37
N ASP B 438 -37.08 -48.80 -5.65
CA ASP B 438 -37.47 -49.34 -4.35
C ASP B 438 -36.74 -48.61 -3.23
N SER B 439 -37.17 -48.89 -2.00
CA SER B 439 -36.61 -48.21 -0.83
C SER B 439 -35.19 -48.66 -0.54
N GLU B 440 -34.86 -49.92 -0.85
CA GLU B 440 -33.52 -50.42 -0.58
C GLU B 440 -32.46 -49.69 -1.41
N ALA B 441 -32.79 -49.35 -2.66
CA ALA B 441 -31.86 -48.58 -3.48
C ALA B 441 -31.63 -47.19 -2.89
N ILE B 442 -32.69 -46.55 -2.40
CA ILE B 442 -32.56 -45.23 -1.78
C ILE B 442 -31.70 -45.33 -0.52
N LYS B 443 -31.92 -46.37 0.29
CA LYS B 443 -31.12 -46.55 1.49
C LYS B 443 -29.65 -46.78 1.16
N TYR B 444 -29.38 -47.59 0.12
CA TYR B 444 -28.00 -47.82 -0.28
C TYR B 444 -27.34 -46.54 -0.78
N ILE B 445 -28.08 -45.74 -1.56
CA ILE B 445 -27.54 -44.48 -2.04
C ILE B 445 -27.25 -43.53 -0.88
N ALA B 446 -28.15 -43.46 0.09
CA ALA B 446 -27.93 -42.61 1.26
C ALA B 446 -26.72 -43.07 2.05
N SER B 447 -26.56 -44.38 2.22
CA SER B 447 -25.40 -44.91 2.93
C SER B 447 -24.11 -44.60 2.18
N LYS B 448 -24.12 -44.72 0.86
CA LYS B 448 -22.93 -44.43 0.07
C LYS B 448 -22.54 -42.96 0.17
N THR B 449 -23.52 -42.05 0.12
CA THR B 449 -23.26 -40.62 0.22
C THR B 449 -23.01 -40.27 1.68
N HIS B 450 -21.75 -40.02 2.02
CA HIS B 450 -21.35 -39.73 3.40
C HIS B 450 -21.23 -38.23 3.67
N GLY B 451 -20.38 -37.54 2.91
CA GLY B 451 -20.16 -36.12 3.08
C GLY B 451 -20.85 -35.22 2.08
N TYR B 452 -21.75 -35.76 1.26
CA TYR B 452 -22.42 -34.94 0.25
C TYR B 452 -23.36 -33.94 0.90
N VAL B 453 -23.34 -32.71 0.41
CA VAL B 453 -24.22 -31.66 0.89
C VAL B 453 -25.50 -31.69 0.08
N GLY B 454 -26.61 -31.25 0.70
CA GLY B 454 -27.91 -31.33 0.04
C GLY B 454 -27.98 -30.56 -1.26
N ALA B 455 -27.14 -29.53 -1.42
CA ALA B 455 -27.11 -28.78 -2.67
C ALA B 455 -26.65 -29.66 -3.83
N ASP B 456 -25.66 -30.53 -3.58
CA ASP B 456 -25.13 -31.38 -4.64
C ASP B 456 -26.10 -32.47 -5.08
N LEU B 457 -27.12 -32.77 -4.28
CA LEU B 457 -28.08 -33.81 -4.66
C LEU B 457 -28.85 -33.42 -5.91
N THR B 458 -29.30 -32.16 -5.98
CA THR B 458 -30.00 -31.70 -7.18
C THR B 458 -29.08 -31.76 -8.40
N ALA B 459 -27.82 -31.36 -8.22
CA ALA B 459 -26.87 -31.40 -9.33
C ALA B 459 -26.65 -32.82 -9.82
N LEU B 460 -26.49 -33.78 -8.90
CA LEU B 460 -26.25 -35.16 -9.31
C LEU B 460 -27.50 -35.76 -9.94
N CYS B 461 -28.68 -35.37 -9.46
CA CYS B 461 -29.92 -35.83 -10.10
C CYS B 461 -30.03 -35.30 -11.52
N ARG B 462 -29.69 -34.02 -11.72
CA ARG B 462 -29.70 -33.46 -13.07
C ARG B 462 -28.69 -34.15 -13.96
N GLU B 463 -27.51 -34.45 -13.42
CA GLU B 463 -26.50 -35.15 -14.20
C GLU B 463 -26.97 -36.56 -14.56
N SER B 464 -27.66 -37.22 -13.63
CA SER B 464 -28.25 -38.52 -13.93
C SER B 464 -29.27 -38.42 -15.05
N VAL B 465 -30.12 -37.39 -15.01
CA VAL B 465 -31.15 -37.24 -16.04
C VAL B 465 -30.52 -37.01 -17.40
N MET B 466 -29.51 -36.14 -17.47
CA MET B 466 -28.86 -35.89 -18.75
C MET B 466 -28.07 -37.10 -19.23
N LYS B 467 -27.46 -37.85 -18.30
CA LYS B 467 -26.77 -39.08 -18.67
C LYS B 467 -27.73 -40.08 -19.29
N THR B 468 -28.90 -40.26 -18.66
CA THR B 468 -29.90 -41.17 -19.19
C THR B 468 -30.41 -40.71 -20.56
N ILE B 469 -30.65 -39.41 -20.71
CA ILE B 469 -31.19 -38.92 -21.97
C ILE B 469 -30.15 -39.06 -23.09
N GLN B 470 -28.87 -38.85 -22.79
CA GLN B 470 -27.86 -38.94 -23.83
C GLN B 470 -27.62 -40.40 -24.19
N ARG B 471 -27.64 -41.30 -23.21
CA ARG B 471 -27.49 -42.72 -23.54
C ARG B 471 -28.69 -43.23 -24.33
N GLY B 472 -29.88 -42.74 -24.02
CA GLY B 472 -31.05 -43.12 -24.81
C GLY B 472 -30.96 -42.63 -26.23
N LEU B 473 -30.53 -41.37 -26.42
CA LEU B 473 -30.35 -40.85 -27.77
C LEU B 473 -29.29 -41.64 -28.53
N GLY B 474 -28.19 -41.99 -27.86
CA GLY B 474 -27.12 -42.72 -28.53
C GLY B 474 -27.51 -44.13 -28.91
N THR B 475 -28.21 -44.83 -28.02
CA THR B 475 -28.50 -46.25 -28.25
C THR B 475 -29.84 -46.47 -28.93
N ASP B 476 -30.92 -46.02 -28.30
CA ASP B 476 -32.27 -46.30 -28.79
C ASP B 476 -32.73 -45.33 -29.88
N ALA B 477 -31.89 -44.35 -30.24
CA ALA B 477 -32.20 -43.40 -31.31
C ALA B 477 -33.50 -42.64 -31.03
N ASN B 478 -33.47 -41.85 -29.96
CA ASN B 478 -34.57 -40.95 -29.58
C ASN B 478 -35.85 -41.74 -29.31
N ILE B 479 -35.75 -42.67 -28.37
CA ILE B 479 -36.92 -43.44 -27.92
C ILE B 479 -37.68 -42.62 -26.90
N ASP B 480 -38.90 -43.05 -26.59
CA ASP B 480 -39.72 -42.34 -25.60
C ASP B 480 -39.05 -42.35 -24.24
N LYS B 481 -39.15 -41.22 -23.54
CA LYS B 481 -38.48 -41.07 -22.24
C LYS B 481 -39.09 -42.00 -21.20
N PHE B 482 -40.41 -42.20 -21.25
CA PHE B 482 -41.09 -42.99 -20.22
C PHE B 482 -40.63 -44.44 -20.21
N SER B 483 -40.42 -45.04 -21.40
CA SER B 483 -40.01 -46.43 -21.45
C SER B 483 -38.64 -46.65 -20.81
N LEU B 484 -37.68 -45.77 -21.12
CA LEU B 484 -36.34 -45.91 -20.56
C LEU B 484 -36.27 -45.48 -19.10
N LYS B 485 -37.15 -44.56 -18.69
CA LYS B 485 -37.17 -43.96 -17.36
C LYS B 485 -35.77 -43.74 -16.79
N VAL B 486 -35.56 -44.14 -15.54
CA VAL B 486 -34.27 -43.97 -14.87
C VAL B 486 -33.86 -45.30 -14.27
N THR B 487 -32.64 -45.74 -14.57
CA THR B 487 -32.10 -46.98 -14.04
C THR B 487 -31.05 -46.67 -12.98
N LEU B 488 -30.79 -47.67 -12.13
CA LEU B 488 -29.87 -47.48 -11.01
C LEU B 488 -28.43 -47.28 -11.49
N LYS B 489 -28.02 -48.03 -12.52
CA LYS B 489 -26.63 -47.99 -12.99
C LYS B 489 -26.21 -46.57 -13.34
N ASP B 490 -27.10 -45.81 -13.97
CA ASP B 490 -26.81 -44.40 -14.23
C ASP B 490 -26.64 -43.63 -12.92
N VAL B 491 -27.37 -44.01 -11.87
CA VAL B 491 -27.22 -43.31 -10.60
C VAL B 491 -25.86 -43.60 -9.98
N GLU B 492 -25.43 -44.86 -9.98
CA GLU B 492 -24.09 -45.16 -9.46
C GLU B 492 -23.01 -44.46 -10.28
N SER B 493 -23.16 -44.46 -11.61
CA SER B 493 -22.22 -43.70 -12.44
C SER B 493 -22.25 -42.23 -12.07
N ALA B 494 -23.42 -41.72 -11.69
CA ALA B 494 -23.54 -40.32 -11.29
C ALA B 494 -22.74 -40.03 -10.03
N MET B 495 -22.87 -40.88 -9.00
CA MET B 495 -22.05 -40.64 -7.81
C MET B 495 -20.57 -40.89 -8.09
N VAL B 496 -20.24 -41.71 -9.09
CA VAL B 496 -18.83 -41.90 -9.44
C VAL B 496 -18.26 -40.64 -10.08
N ASP B 497 -18.98 -40.05 -11.04
CA ASP B 497 -18.42 -38.97 -11.84
C ASP B 497 -18.91 -37.57 -11.42
N ILE B 498 -19.62 -37.46 -10.29
CA ILE B 498 -20.15 -36.16 -9.89
C ILE B 498 -19.03 -35.21 -9.49
N ARG B 499 -18.04 -35.70 -8.72
CA ARG B 499 -16.92 -34.91 -8.25
C ARG B 499 -17.36 -33.62 -7.56
N PRO B 500 -17.95 -33.69 -6.36
CA PRO B 500 -18.29 -32.47 -5.63
C PRO B 500 -17.05 -31.80 -5.06
N SER B 501 -17.26 -30.73 -4.27
CA SER B 501 -16.15 -29.98 -3.68
C SER B 501 -16.20 -29.93 -2.16
N ALA B 502 -17.15 -30.61 -1.53
CA ALA B 502 -17.30 -30.58 -0.08
C ALA B 502 -16.60 -31.77 0.57
N MET B 503 -15.28 -31.81 0.42
CA MET B 503 -14.46 -32.87 1.01
C MET B 503 -13.69 -32.44 2.25
N ARG B 504 -13.21 -31.20 2.30
CA ARG B 504 -12.41 -30.78 3.46
C ARG B 504 -13.29 -30.35 4.62
N GLU B 505 -14.06 -29.27 4.44
CA GLU B 505 -14.82 -28.58 5.48
C GLU B 505 -14.10 -28.66 6.83
N ILE B 506 -14.70 -29.28 7.84
CA ILE B 506 -14.03 -29.40 9.14
C ILE B 506 -13.87 -30.86 9.56
N PHE B 507 -14.98 -31.56 9.80
CA PHE B 507 -14.91 -32.89 10.41
C PHE B 507 -15.47 -34.00 9.53
N LEU B 508 -16.75 -33.93 9.14
CA LEU B 508 -17.50 -34.99 8.45
C LEU B 508 -17.20 -36.42 8.92
N GLU B 509 -17.71 -37.41 8.18
CA GLU B 509 -17.52 -38.82 8.53
C GLU B 509 -17.63 -39.64 7.25
N MET B 510 -16.49 -39.99 6.66
CA MET B 510 -16.51 -40.89 5.51
C MET B 510 -16.65 -42.35 5.93
N PRO B 511 -15.76 -42.90 6.79
CA PRO B 511 -15.81 -44.36 7.05
C PRO B 511 -16.80 -44.78 8.13
N LYS B 512 -18.07 -44.88 7.74
CA LYS B 512 -19.10 -45.39 8.65
C LYS B 512 -18.83 -46.87 8.92
N VAL B 513 -18.34 -47.18 10.11
CA VAL B 513 -17.87 -48.51 10.46
C VAL B 513 -18.70 -49.04 11.62
N TYR B 514 -19.26 -50.22 11.46
CA TYR B 514 -20.04 -50.85 12.51
C TYR B 514 -19.13 -51.68 13.42
N TRP B 515 -19.73 -52.30 14.44
CA TRP B 515 -18.96 -53.14 15.35
C TRP B 515 -18.40 -54.39 14.68
N SER B 516 -18.90 -54.74 13.49
CA SER B 516 -18.44 -55.95 12.82
C SER B 516 -17.16 -55.75 12.03
N ASP B 517 -16.64 -54.52 11.95
CA ASP B 517 -15.39 -54.26 11.25
C ASP B 517 -14.25 -53.88 12.17
N ILE B 518 -14.51 -53.64 13.45
CA ILE B 518 -13.47 -53.26 14.40
C ILE B 518 -12.89 -54.53 15.02
N GLY B 519 -11.57 -54.58 15.13
CA GLY B 519 -10.89 -55.73 15.69
C GLY B 519 -10.15 -55.36 16.96
N GLY B 520 -10.21 -56.24 17.95
CA GLY B 520 -9.52 -55.99 19.20
C GLY B 520 -9.93 -57.03 20.24
N GLN B 521 -9.25 -56.98 21.37
CA GLN B 521 -9.53 -57.90 22.46
C GLN B 521 -10.84 -57.52 23.15
N GLU B 522 -11.43 -58.50 23.83
CA GLU B 522 -12.66 -58.26 24.57
C GLU B 522 -12.44 -57.25 25.70
N GLU B 523 -11.24 -57.26 26.30
CA GLU B 523 -10.92 -56.27 27.32
C GLU B 523 -10.96 -54.86 26.74
N LEU B 524 -10.42 -54.69 25.52
CA LEU B 524 -10.47 -53.39 24.88
C LEU B 524 -11.91 -52.95 24.62
N LYS B 525 -12.76 -53.86 24.15
CA LYS B 525 -14.14 -53.52 23.90
C LYS B 525 -14.86 -53.11 25.18
N THR B 526 -14.64 -53.87 26.27
CA THR B 526 -15.26 -53.51 27.54
C THR B 526 -14.76 -52.16 28.03
N LYS B 527 -13.46 -51.90 27.89
CA LYS B 527 -12.90 -50.63 28.34
C LYS B 527 -13.48 -49.45 27.56
N MET B 528 -13.56 -49.56 26.24
CA MET B 528 -14.10 -48.46 25.45
C MET B 528 -15.59 -48.27 25.70
N LYS B 529 -16.32 -49.37 25.87
CA LYS B 529 -17.74 -49.26 26.20
C LYS B 529 -17.94 -48.56 27.53
N GLU B 530 -17.12 -48.89 28.53
CA GLU B 530 -17.20 -48.22 29.82
C GLU B 530 -16.87 -46.73 29.70
N MET B 531 -15.81 -46.42 28.95
CA MET B 531 -15.39 -45.02 28.80
C MET B 531 -16.45 -44.20 28.08
N ILE B 532 -17.18 -44.79 27.13
CA ILE B 532 -18.22 -44.06 26.42
C ILE B 532 -19.58 -44.12 27.12
N GLN B 533 -19.75 -45.01 28.09
CA GLN B 533 -21.01 -45.09 28.82
C GLN B 533 -21.00 -44.32 30.13
N LEU B 534 -19.83 -44.06 30.71
CA LEU B 534 -19.79 -43.25 31.93
C LEU B 534 -20.33 -41.84 31.75
N PRO B 535 -19.92 -41.05 30.73
CA PRO B 535 -20.41 -39.66 30.66
C PRO B 535 -21.91 -39.57 30.44
N LEU B 536 -22.41 -40.21 29.38
CA LEU B 536 -23.81 -40.05 29.00
C LEU B 536 -24.75 -40.57 30.09
N GLU B 537 -24.41 -41.70 30.70
CA GLU B 537 -25.28 -42.33 31.70
C GLU B 537 -24.96 -41.90 33.12
N ALA B 538 -23.93 -41.08 33.34
CA ALA B 538 -23.57 -40.68 34.69
C ALA B 538 -23.16 -39.22 34.80
N SER B 539 -23.63 -38.35 33.90
CA SER B 539 -23.40 -36.92 34.07
C SER B 539 -23.98 -36.42 35.38
N GLU B 540 -25.20 -36.87 35.73
CA GLU B 540 -25.80 -36.46 36.99
C GLU B 540 -24.99 -36.97 38.18
N THR B 541 -24.50 -38.20 38.12
CA THR B 541 -23.68 -38.74 39.20
C THR B 541 -22.37 -37.95 39.34
N PHE B 542 -21.75 -37.60 38.22
CA PHE B 542 -20.53 -36.80 38.26
C PHE B 542 -20.80 -35.43 38.85
N ALA B 543 -21.92 -34.81 38.48
CA ALA B 543 -22.26 -33.50 39.04
C ALA B 543 -22.51 -33.59 40.54
N ARG B 544 -23.19 -34.65 40.99
CA ARG B 544 -23.48 -34.79 42.41
C ARG B 544 -22.22 -35.07 43.22
N LEU B 545 -21.37 -35.96 42.73
CA LEU B 545 -20.17 -36.36 43.46
C LEU B 545 -18.95 -35.50 43.12
N GLY B 546 -19.04 -34.63 42.12
CA GLY B 546 -17.90 -33.81 41.75
C GLY B 546 -16.82 -34.55 40.98
N ILE B 547 -17.09 -35.76 40.51
CA ILE B 547 -16.07 -36.54 39.81
C ILE B 547 -15.74 -35.91 38.46
N SER B 548 -16.75 -35.38 37.77
CA SER B 548 -16.60 -34.76 36.45
C SER B 548 -16.07 -35.83 35.50
N ALA B 549 -15.16 -35.50 34.58
CA ALA B 549 -14.64 -36.46 33.63
C ALA B 549 -13.11 -36.38 33.61
N PRO B 550 -12.41 -37.51 33.65
CA PRO B 550 -10.94 -37.48 33.55
C PRO B 550 -10.44 -36.95 32.22
N LYS B 551 -11.26 -36.97 31.18
CA LYS B 551 -10.96 -36.47 29.83
C LYS B 551 -9.55 -36.81 29.35
N GLY B 552 -9.10 -38.03 29.64
CA GLY B 552 -7.81 -38.48 29.15
C GLY B 552 -7.88 -39.79 28.40
N VAL B 553 -7.62 -39.75 27.09
CA VAL B 553 -7.64 -40.94 26.25
C VAL B 553 -6.48 -40.85 25.26
N LEU B 554 -5.68 -41.91 25.18
CA LEU B 554 -4.61 -41.99 24.21
C LEU B 554 -4.36 -43.44 23.85
N LEU B 555 -4.34 -43.74 22.55
CA LEU B 555 -4.08 -45.08 22.04
C LEU B 555 -2.92 -45.02 21.06
N TYR B 556 -1.98 -45.95 21.19
CA TYR B 556 -0.81 -45.99 20.33
C TYR B 556 -0.62 -47.42 19.81
N GLY B 557 -0.06 -47.51 18.60
CA GLY B 557 0.16 -48.78 17.96
C GLY B 557 0.64 -48.62 16.53
N PRO B 558 0.49 -49.67 15.73
CA PRO B 558 0.91 -49.61 14.32
C PRO B 558 0.13 -48.54 13.57
N PRO B 559 0.79 -47.84 12.64
CA PRO B 559 0.09 -46.80 11.86
C PRO B 559 -0.80 -47.33 10.76
N GLY B 560 -0.86 -48.64 10.57
CA GLY B 560 -1.66 -49.23 9.50
C GLY B 560 -3.15 -49.02 9.65
N CYS B 561 -3.72 -49.56 10.72
CA CYS B 561 -5.16 -49.49 10.95
C CYS B 561 -5.42 -49.76 12.43
N SER B 562 -6.70 -49.98 12.77
CA SER B 562 -7.18 -50.29 14.11
C SER B 562 -6.98 -49.15 15.10
N LYS B 563 -6.72 -47.93 14.62
CA LYS B 563 -6.62 -46.76 15.47
C LYS B 563 -7.72 -45.75 15.20
N THR B 564 -7.87 -45.30 13.95
CA THR B 564 -9.01 -44.48 13.58
C THR B 564 -10.27 -45.30 13.44
N LEU B 565 -10.14 -46.62 13.27
CA LEU B 565 -11.30 -47.49 13.15
C LEU B 565 -12.13 -47.49 14.42
N THR B 566 -11.47 -47.45 15.59
CA THR B 566 -12.19 -47.37 16.85
C THR B 566 -13.03 -46.10 16.94
N ALA B 567 -12.43 -44.96 16.57
CA ALA B 567 -13.16 -43.70 16.59
C ALA B 567 -14.33 -43.72 15.61
N LYS B 568 -14.11 -44.28 14.42
CA LYS B 568 -15.20 -44.35 13.44
C LYS B 568 -16.34 -45.24 13.93
N ALA B 569 -16.01 -46.38 14.55
CA ALA B 569 -17.04 -47.25 15.10
C ALA B 569 -17.81 -46.56 16.22
N LEU B 570 -17.09 -45.83 17.09
CA LEU B 570 -17.76 -45.09 18.15
C LEU B 570 -18.70 -44.03 17.57
N ALA B 571 -18.24 -43.32 16.54
CA ALA B 571 -19.09 -42.31 15.91
C ALA B 571 -20.33 -42.94 15.29
N THR B 572 -20.16 -44.08 14.62
CA THR B 572 -21.30 -44.74 13.98
C THR B 572 -22.30 -45.25 15.01
N GLU B 573 -21.83 -45.85 16.11
CA GLU B 573 -22.73 -46.49 17.05
C GLU B 573 -23.38 -45.47 18.00
N SER B 574 -22.60 -44.54 18.54
CA SER B 574 -23.13 -43.65 19.57
C SER B 574 -24.21 -42.72 19.04
N GLY B 575 -24.16 -42.37 17.75
CA GLY B 575 -25.12 -41.43 17.22
C GLY B 575 -24.94 -40.02 17.72
N ILE B 576 -23.77 -39.70 18.24
CA ILE B 576 -23.47 -38.38 18.79
C ILE B 576 -22.49 -37.69 17.85
N ASN B 577 -22.50 -36.36 17.90
CA ASN B 577 -21.61 -35.57 17.06
C ASN B 577 -20.16 -35.97 17.30
N PHE B 578 -19.42 -36.15 16.21
CA PHE B 578 -18.06 -36.66 16.25
C PHE B 578 -17.13 -35.72 15.49
N LEU B 579 -15.90 -35.63 15.97
CA LEU B 579 -14.91 -34.72 15.42
C LEU B 579 -13.76 -35.51 14.82
N ALA B 580 -13.43 -35.22 13.57
CA ALA B 580 -12.33 -35.89 12.86
C ALA B 580 -11.48 -34.82 12.19
N VAL B 581 -10.37 -34.46 12.81
CA VAL B 581 -9.47 -33.44 12.31
C VAL B 581 -8.11 -34.08 12.04
N LYS B 582 -7.59 -33.89 10.83
CA LYS B 582 -6.30 -34.45 10.47
C LYS B 582 -5.17 -33.64 11.10
N GLY B 583 -3.99 -34.26 11.13
CA GLY B 583 -2.82 -33.64 11.72
C GLY B 583 -2.34 -32.44 10.95
N PRO B 584 -1.83 -32.66 9.73
CA PRO B 584 -1.35 -31.53 8.91
C PRO B 584 -2.45 -30.63 8.38
N GLU B 585 -3.73 -31.00 8.57
CA GLU B 585 -4.81 -30.16 8.07
C GLU B 585 -4.82 -28.79 8.73
N ILE B 586 -4.64 -28.75 10.05
CA ILE B 586 -4.64 -27.46 10.76
C ILE B 586 -3.40 -26.66 10.42
N PHE B 587 -2.25 -27.33 10.29
CA PHE B 587 -1.00 -26.63 9.98
C PHE B 587 -1.01 -26.15 8.54
N ASN B 588 -0.58 -24.90 8.34
CA ASN B 588 -0.51 -24.30 7.01
C ASN B 588 0.75 -23.44 6.94
N LYS B 589 0.92 -22.77 5.80
CA LYS B 589 2.10 -21.91 5.62
C LYS B 589 2.10 -20.75 6.60
N TYR B 590 0.95 -20.12 6.80
CA TYR B 590 0.85 -18.96 7.68
C TYR B 590 0.86 -19.41 9.15
N VAL B 591 0.82 -18.43 10.05
CA VAL B 591 0.86 -18.68 11.49
C VAL B 591 -0.32 -17.98 12.13
N GLY B 592 -1.06 -18.70 12.97
CA GLY B 592 -2.18 -18.17 13.71
C GLY B 592 -3.54 -18.70 13.29
N GLU B 593 -3.66 -19.21 12.06
CA GLU B 593 -4.94 -19.76 11.62
C GLU B 593 -5.23 -21.10 12.26
N SER B 594 -4.19 -21.87 12.59
CA SER B 594 -4.40 -23.15 13.26
C SER B 594 -5.01 -22.95 14.64
N GLU B 595 -4.53 -21.95 15.39
CA GLU B 595 -5.10 -21.67 16.69
C GLU B 595 -6.55 -21.23 16.59
N ARG B 596 -6.86 -20.40 15.59
CA ARG B 596 -8.25 -19.98 15.38
C ARG B 596 -9.13 -21.17 15.02
N ALA B 597 -8.63 -22.08 14.18
CA ALA B 597 -9.40 -23.27 13.84
C ALA B 597 -9.65 -24.15 15.05
N ILE B 598 -8.63 -24.32 15.90
CA ILE B 598 -8.79 -25.11 17.12
C ILE B 598 -9.82 -24.47 18.03
N ARG B 599 -9.74 -23.14 18.20
CA ARG B 599 -10.70 -22.45 19.06
C ARG B 599 -12.12 -22.58 18.52
N GLU B 600 -12.30 -22.43 17.21
CA GLU B 600 -13.65 -22.49 16.66
C GLU B 600 -14.21 -23.90 16.70
N ILE B 601 -13.38 -24.93 16.48
CA ILE B 601 -13.89 -26.28 16.57
C ILE B 601 -14.23 -26.62 18.03
N PHE B 602 -13.42 -26.14 18.98
CA PHE B 602 -13.71 -26.39 20.39
C PHE B 602 -15.00 -25.70 20.81
N ARG B 603 -15.20 -24.44 20.41
CA ARG B 603 -16.44 -23.74 20.77
C ARG B 603 -17.65 -24.41 20.12
N LYS B 604 -17.52 -24.86 18.87
CA LYS B 604 -18.64 -25.54 18.23
C LYS B 604 -18.97 -26.84 18.95
N ALA B 605 -17.94 -27.59 19.36
CA ALA B 605 -18.19 -28.83 20.10
C ALA B 605 -18.86 -28.54 21.45
N ARG B 606 -18.41 -27.49 22.13
CA ARG B 606 -19.03 -27.15 23.42
C ARG B 606 -20.48 -26.71 23.24
N SER B 607 -20.77 -25.91 22.22
CA SER B 607 -22.12 -25.40 22.00
C SER B 607 -23.02 -26.40 21.29
N ALA B 608 -22.48 -27.51 20.81
CA ALA B 608 -23.26 -28.52 20.08
C ALA B 608 -23.56 -29.74 20.93
N ALA B 609 -23.86 -29.53 22.23
CA ALA B 609 -24.21 -30.57 23.19
C ALA B 609 -22.98 -31.43 23.49
N PRO B 610 -23.02 -32.30 24.50
CA PRO B 610 -21.88 -33.20 24.73
C PRO B 610 -21.57 -34.03 23.50
N SER B 611 -20.27 -34.19 23.24
CA SER B 611 -19.80 -34.85 22.03
C SER B 611 -18.49 -35.56 22.34
N ILE B 612 -17.83 -36.05 21.29
CA ILE B 612 -16.55 -36.73 21.40
C ILE B 612 -15.58 -36.09 20.42
N ILE B 613 -14.40 -35.72 20.91
CA ILE B 613 -13.37 -35.08 20.10
C ILE B 613 -12.26 -36.08 19.83
N PHE B 614 -11.93 -36.27 18.56
CA PHE B 614 -10.88 -37.20 18.15
C PHE B 614 -9.98 -36.52 17.13
N PHE B 615 -8.69 -36.86 17.18
CA PHE B 615 -7.69 -36.30 16.27
C PHE B 615 -7.02 -37.46 15.53
N ASP B 616 -6.82 -37.28 14.22
CA ASP B 616 -6.33 -38.36 13.39
C ASP B 616 -4.93 -38.81 13.82
N GLU B 617 -3.95 -37.93 13.71
CA GLU B 617 -2.58 -38.24 14.10
C GLU B 617 -1.97 -37.03 14.81
N ILE B 618 -1.27 -37.31 15.91
CA ILE B 618 -0.65 -36.27 16.72
C ILE B 618 0.87 -36.33 16.67
N ASP B 619 1.45 -37.37 16.06
CA ASP B 619 2.90 -37.55 16.05
C ASP B 619 3.65 -36.39 15.42
N ALA B 620 2.98 -35.59 14.58
CA ALA B 620 3.61 -34.39 14.04
C ALA B 620 3.43 -33.19 14.98
N LEU B 621 2.29 -33.11 15.66
CA LEU B 621 2.05 -32.03 16.61
C LEU B 621 2.71 -32.31 17.96
N SER B 622 3.02 -33.57 18.25
CA SER B 622 3.60 -33.93 19.54
C SER B 622 4.98 -33.31 19.81
N PRO B 623 5.95 -33.36 18.90
CA PRO B 623 7.32 -32.94 19.26
C PRO B 623 7.38 -31.49 19.70
N ASP B 624 8.21 -31.23 20.70
CA ASP B 624 8.48 -29.90 21.22
C ASP B 624 9.96 -29.54 21.20
N ARG B 625 10.84 -30.48 21.54
CA ARG B 625 12.27 -30.23 21.57
C ARG B 625 13.09 -31.22 20.76
N ASP B 626 12.58 -32.42 20.48
CA ASP B 626 13.34 -33.40 19.72
C ASP B 626 13.60 -32.92 18.30
N GLY B 627 12.59 -32.34 17.65
CA GLY B 627 12.74 -31.87 16.30
C GLY B 627 12.96 -30.38 16.19
N SER B 628 12.97 -29.70 17.34
CA SER B 628 13.14 -28.25 17.41
C SER B 628 12.11 -27.53 16.54
N SER B 629 10.84 -27.73 16.90
CA SER B 629 9.74 -27.14 16.15
C SER B 629 9.68 -25.63 16.36
N THR B 630 8.95 -24.96 15.47
CA THR B 630 8.81 -23.51 15.55
C THR B 630 7.93 -23.11 16.73
N SER B 631 7.89 -21.80 16.98
CA SER B 631 7.10 -21.29 18.09
C SER B 631 5.61 -21.53 17.91
N ALA B 632 5.15 -21.71 16.67
CA ALA B 632 3.74 -21.99 16.44
C ALA B 632 3.32 -23.30 17.09
N ALA B 633 4.17 -24.34 17.00
CA ALA B 633 3.86 -25.61 17.63
C ALA B 633 3.80 -25.46 19.15
N ASN B 634 4.73 -24.69 19.72
CA ASN B 634 4.72 -24.46 21.17
C ASN B 634 3.45 -23.73 21.60
N HIS B 635 3.04 -22.72 20.83
CA HIS B 635 1.81 -21.99 21.14
C HIS B 635 0.60 -22.90 21.04
N VAL B 636 0.56 -23.77 20.03
CA VAL B 636 -0.55 -24.71 19.87
C VAL B 636 -0.60 -25.66 21.05
N LEU B 637 0.55 -26.19 21.47
CA LEU B 637 0.58 -27.09 22.62
C LEU B 637 0.12 -26.39 23.89
N THR B 638 0.59 -25.15 24.11
CA THR B 638 0.18 -24.42 25.30
C THR B 638 -1.31 -24.14 25.29
N SER B 639 -1.87 -23.74 24.14
CA SER B 639 -3.30 -23.48 24.04
C SER B 639 -4.10 -24.75 24.29
N LEU B 640 -3.67 -25.87 23.72
CA LEU B 640 -4.35 -27.14 23.94
C LEU B 640 -4.33 -27.51 25.42
N LEU B 641 -3.18 -27.36 26.06
CA LEU B 641 -3.06 -27.72 27.48
C LEU B 641 -3.96 -26.85 28.34
N ASN B 642 -3.88 -25.53 28.18
CA ASN B 642 -4.62 -24.64 29.07
C ASN B 642 -6.08 -24.48 28.68
N GLU B 643 -6.52 -25.04 27.55
CA GLU B 643 -7.93 -25.08 27.22
C GLU B 643 -8.55 -26.45 27.42
N ILE B 644 -7.75 -27.50 27.61
CA ILE B 644 -8.28 -28.82 27.95
C ILE B 644 -8.27 -29.05 29.45
N ASP B 645 -7.14 -28.74 30.11
CA ASP B 645 -7.00 -28.94 31.54
C ASP B 645 -6.35 -27.72 32.18
N GLY B 646 -6.79 -26.53 31.78
CA GLY B 646 -6.31 -25.30 32.38
C GLY B 646 -7.44 -24.39 32.80
N VAL B 647 -7.55 -24.16 34.11
CA VAL B 647 -8.59 -23.36 34.76
C VAL B 647 -9.97 -23.53 34.11
N GLU B 648 -10.21 -24.72 33.56
CA GLU B 648 -11.48 -25.02 32.89
C GLU B 648 -11.78 -26.50 33.07
N GLU B 649 -13.05 -26.85 32.84
CA GLU B 649 -13.51 -28.23 32.92
C GLU B 649 -14.25 -28.59 31.64
N LEU B 650 -14.00 -29.79 31.14
CA LEU B 650 -14.60 -30.30 29.91
C LEU B 650 -15.32 -31.60 30.25
N LYS B 651 -16.59 -31.48 30.64
CA LYS B 651 -17.40 -32.63 31.02
C LYS B 651 -18.13 -33.25 29.84
N GLY B 652 -18.83 -32.43 29.07
CA GLY B 652 -19.62 -32.96 27.96
C GLY B 652 -18.77 -33.56 26.85
N VAL B 653 -17.68 -32.89 26.49
CA VAL B 653 -16.82 -33.34 25.40
C VAL B 653 -15.65 -34.13 25.97
N VAL B 654 -15.27 -35.19 25.28
CA VAL B 654 -14.15 -36.05 25.67
C VAL B 654 -13.15 -36.08 24.53
N ILE B 655 -11.89 -35.83 24.84
CA ILE B 655 -10.83 -35.79 23.84
C ILE B 655 -10.26 -37.20 23.67
N VAL B 656 -10.08 -37.59 22.41
CA VAL B 656 -9.51 -38.90 22.05
C VAL B 656 -8.31 -38.65 21.14
N ALA B 657 -7.18 -39.25 21.49
CA ALA B 657 -5.94 -39.09 20.74
C ALA B 657 -5.43 -40.45 20.28
N ALA B 658 -4.98 -40.51 19.03
CA ALA B 658 -4.41 -41.71 18.44
C ALA B 658 -3.10 -41.36 17.75
N THR B 659 -2.03 -42.07 18.10
CA THR B 659 -0.72 -41.82 17.54
C THR B 659 -0.02 -43.14 17.28
N ASN B 660 1.15 -43.07 16.63
CA ASN B 660 1.94 -44.25 16.33
C ASN B 660 3.27 -44.30 17.07
N ARG B 661 3.79 -43.16 17.52
CA ARG B 661 5.06 -43.12 18.24
C ARG B 661 4.81 -42.65 19.67
N PRO B 662 4.76 -43.55 20.65
CA PRO B 662 4.52 -43.12 22.04
C PRO B 662 5.59 -42.20 22.59
N ASP B 663 6.86 -42.38 22.18
CA ASP B 663 7.93 -41.56 22.71
C ASP B 663 7.93 -40.13 22.17
N GLU B 664 7.29 -39.91 21.02
CA GLU B 664 7.24 -38.56 20.46
C GLU B 664 6.29 -37.65 21.23
N ILE B 665 5.40 -38.22 22.04
CA ILE B 665 4.46 -37.43 22.83
C ILE B 665 5.24 -36.58 23.84
N ASP B 666 4.79 -35.35 24.04
CA ASP B 666 5.46 -34.45 24.97
C ASP B 666 5.36 -34.98 26.40
N ALA B 667 6.42 -34.74 27.17
CA ALA B 667 6.43 -35.17 28.57
C ALA B 667 5.35 -34.43 29.37
N ALA B 668 5.16 -33.14 29.10
CA ALA B 668 4.10 -32.40 29.77
C ALA B 668 2.73 -32.94 29.41
N LEU B 669 2.53 -33.31 28.14
CA LEU B 669 1.26 -33.89 27.73
C LEU B 669 1.04 -35.27 28.37
N LEU B 670 2.12 -36.04 28.52
CA LEU B 670 2.03 -37.38 29.09
C LEU B 670 2.32 -37.29 30.59
N ARG B 671 1.32 -36.84 31.34
CA ARG B 671 1.39 -36.74 32.78
C ARG B 671 0.13 -37.31 33.40
N PRO B 672 0.20 -37.77 34.64
CA PRO B 672 -1.00 -38.32 35.29
C PRO B 672 -2.09 -37.28 35.43
N GLY B 673 -3.34 -37.76 35.41
CA GLY B 673 -4.50 -36.90 35.48
C GLY B 673 -5.06 -36.52 34.14
N ARG B 674 -4.28 -35.77 33.35
CA ARG B 674 -4.72 -35.39 32.01
C ARG B 674 -4.61 -36.52 31.00
N LEU B 675 -3.75 -37.51 31.26
CA LEU B 675 -3.58 -38.64 30.35
C LEU B 675 -3.08 -39.82 31.18
N ASP B 676 -3.97 -40.76 31.48
CA ASP B 676 -3.65 -41.85 32.38
C ASP B 676 -4.13 -43.21 31.93
N ARG B 677 -4.82 -43.31 30.79
CA ARG B 677 -5.28 -44.59 30.26
C ARG B 677 -4.57 -44.87 28.95
N HIS B 678 -3.84 -45.99 28.89
CA HIS B 678 -3.07 -46.34 27.71
C HIS B 678 -3.06 -47.85 27.56
N ILE B 679 -3.13 -48.31 26.31
CA ILE B 679 -3.01 -49.73 25.97
C ILE B 679 -1.95 -49.87 24.90
N TYR B 680 -1.11 -50.90 25.02
CA TYR B 680 0.00 -51.11 24.11
C TYR B 680 -0.39 -52.08 23.00
N VAL B 681 -0.21 -51.63 21.76
CA VAL B 681 -0.31 -52.42 20.52
C VAL B 681 -1.31 -53.57 20.64
N GLY B 682 -2.52 -53.25 21.10
CA GLY B 682 -3.56 -54.24 21.27
C GLY B 682 -3.93 -54.94 19.97
N PRO B 683 -3.64 -56.23 19.89
CA PRO B 683 -3.88 -56.98 18.65
C PRO B 683 -5.25 -57.62 18.65
N PRO B 684 -5.94 -57.63 17.52
CA PRO B 684 -7.22 -58.35 17.43
C PRO B 684 -7.01 -59.86 17.54
N ASP B 685 -8.03 -60.53 18.06
CA ASP B 685 -7.99 -61.98 18.23
C ASP B 685 -8.54 -62.66 16.97
N VAL B 686 -8.70 -63.98 17.03
CA VAL B 686 -9.19 -64.72 15.87
C VAL B 686 -10.65 -64.39 15.59
N ASN B 687 -11.46 -64.24 16.66
CA ASN B 687 -12.86 -63.90 16.47
C ASN B 687 -13.02 -62.52 15.86
N ALA B 688 -12.20 -61.56 16.30
CA ALA B 688 -12.27 -60.21 15.73
C ALA B 688 -11.90 -60.22 14.25
N ARG B 689 -10.86 -60.97 13.88
CA ARG B 689 -10.48 -61.06 12.47
C ARG B 689 -11.56 -61.74 11.64
N LEU B 690 -12.17 -62.79 12.20
CA LEU B 690 -13.27 -63.46 11.49
C LEU B 690 -14.44 -62.51 11.27
N GLU B 691 -14.78 -61.73 12.30
CA GLU B 691 -15.89 -60.77 12.17
C GLU B 691 -15.56 -59.68 11.15
N ILE B 692 -14.32 -59.20 11.16
CA ILE B 692 -13.90 -58.20 10.17
C ILE B 692 -14.02 -58.77 8.77
N LEU B 693 -13.56 -60.02 8.57
CA LEU B 693 -13.66 -60.64 7.26
C LEU B 693 -15.11 -60.82 6.84
N LYS B 694 -15.98 -61.22 7.78
CA LYS B 694 -17.39 -61.44 7.44
C LYS B 694 -18.09 -60.13 7.10
N LYS B 695 -17.70 -59.02 7.73
CA LYS B 695 -18.30 -57.75 7.35
C LYS B 695 -17.75 -57.24 6.02
N CYS B 696 -16.44 -57.37 5.81
CA CYS B 696 -15.86 -56.91 4.55
C CYS B 696 -16.31 -57.74 3.36
N THR B 697 -16.69 -59.00 3.59
CA THR B 697 -17.23 -59.83 2.51
C THR B 697 -18.60 -59.33 2.04
N LYS B 698 -19.29 -58.53 2.86
CA LYS B 698 -20.61 -58.03 2.46
C LYS B 698 -20.51 -57.14 1.22
N LYS B 699 -19.47 -56.31 1.14
CA LYS B 699 -19.28 -55.48 -0.04
C LYS B 699 -19.10 -56.34 -1.30
N PHE B 700 -18.31 -57.41 -1.18
CA PHE B 700 -18.17 -58.36 -2.26
C PHE B 700 -19.32 -59.37 -2.20
N ASN B 701 -19.22 -60.45 -2.96
CA ASN B 701 -20.20 -61.52 -2.95
C ASN B 701 -19.61 -62.74 -2.25
N THR B 702 -20.31 -63.23 -1.22
CA THR B 702 -19.80 -64.36 -0.45
C THR B 702 -19.77 -65.63 -1.28
N GLU B 703 -20.78 -65.82 -2.14
CA GLU B 703 -20.88 -67.07 -2.90
C GLU B 703 -19.69 -67.25 -3.84
N GLU B 704 -19.29 -66.19 -4.53
CA GLU B 704 -18.18 -66.30 -5.47
C GLU B 704 -16.82 -66.34 -4.78
N SER B 705 -16.74 -65.91 -3.52
CA SER B 705 -15.46 -65.92 -2.81
C SER B 705 -14.95 -67.34 -2.62
N GLY B 706 -15.83 -68.25 -2.19
CA GLY B 706 -15.45 -69.63 -2.00
C GLY B 706 -14.65 -69.91 -0.74
N VAL B 707 -14.48 -68.93 0.13
CA VAL B 707 -13.71 -69.11 1.35
C VAL B 707 -14.61 -69.62 2.46
N ASP B 708 -14.02 -70.37 3.39
CA ASP B 708 -14.76 -70.92 4.52
C ASP B 708 -14.87 -69.95 5.68
N LEU B 709 -14.30 -68.75 5.56
CA LEU B 709 -14.37 -67.66 6.53
C LEU B 709 -13.61 -67.96 7.82
N HIS B 710 -12.99 -69.13 7.94
CA HIS B 710 -12.25 -69.50 9.14
C HIS B 710 -10.79 -69.86 8.88
N GLU B 711 -10.49 -70.45 7.72
CA GLU B 711 -9.11 -70.80 7.42
C GLU B 711 -8.25 -69.54 7.26
N LEU B 712 -8.80 -68.49 6.66
CA LEU B 712 -8.04 -67.26 6.49
C LEU B 712 -7.70 -66.64 7.84
N ALA B 713 -8.67 -66.62 8.77
CA ALA B 713 -8.41 -66.09 10.11
C ALA B 713 -7.43 -66.96 10.88
N ASP B 714 -7.55 -68.28 10.74
CA ASP B 714 -6.65 -69.19 11.44
C ASP B 714 -5.22 -69.03 10.95
N ARG B 715 -5.03 -68.87 9.64
CA ARG B 715 -3.69 -68.64 9.10
C ARG B 715 -3.11 -67.33 9.59
N THR B 716 -3.92 -66.28 9.66
CA THR B 716 -3.48 -64.96 10.11
C THR B 716 -3.66 -64.88 11.61
N GLU B 717 -2.70 -65.44 12.36
CA GLU B 717 -2.73 -65.39 13.81
C GLU B 717 -1.33 -65.14 14.34
N GLY B 718 -1.27 -64.42 15.46
CA GLY B 718 -0.01 -64.20 16.14
C GLY B 718 0.90 -63.16 15.50
N TYR B 719 0.43 -62.44 14.49
CA TYR B 719 1.25 -61.44 13.83
C TYR B 719 0.34 -60.33 13.31
N SER B 720 0.93 -59.40 12.55
CA SER B 720 0.21 -58.27 11.96
C SER B 720 -0.47 -57.43 13.03
N GLY B 721 -1.79 -57.56 13.13
CA GLY B 721 -2.58 -56.77 14.06
C GLY B 721 -3.22 -55.54 13.45
N ALA B 722 -2.71 -55.05 12.32
CA ALA B 722 -3.34 -53.95 11.58
C ALA B 722 -3.03 -54.18 10.10
N GLU B 723 -3.95 -54.87 9.42
CA GLU B 723 -3.75 -55.26 8.03
C GLU B 723 -5.05 -55.75 7.42
N VAL B 724 -5.21 -57.07 7.31
CA VAL B 724 -6.45 -57.71 6.88
C VAL B 724 -6.85 -57.28 5.48
N VAL B 725 -7.17 -55.98 5.33
CA VAL B 725 -7.69 -55.49 4.05
C VAL B 725 -6.65 -55.65 2.95
N LEU B 726 -5.39 -55.33 3.25
CA LEU B 726 -4.34 -55.44 2.23
C LEU B 726 -4.11 -56.90 1.84
N LEU B 727 -4.25 -57.83 2.79
CA LEU B 727 -4.09 -59.24 2.47
C LEU B 727 -5.12 -59.70 1.44
N CYS B 728 -6.38 -59.30 1.63
CA CYS B 728 -7.41 -59.66 0.65
C CYS B 728 -7.12 -59.02 -0.70
N GLN B 729 -6.64 -57.77 -0.69
CA GLN B 729 -6.34 -57.09 -1.94
C GLN B 729 -5.23 -57.82 -2.71
N GLU B 730 -4.15 -58.19 -2.03
CA GLU B 730 -3.06 -58.87 -2.72
C GLU B 730 -3.44 -60.28 -3.12
N ALA B 731 -4.27 -60.96 -2.32
CA ALA B 731 -4.76 -62.28 -2.73
C ALA B 731 -5.61 -62.19 -3.98
N GLY B 732 -6.49 -61.19 -4.05
CA GLY B 732 -7.28 -61.00 -5.26
C GLY B 732 -6.42 -60.63 -6.46
N LEU B 733 -5.41 -59.80 -6.25
CA LEU B 733 -4.51 -59.46 -7.35
C LEU B 733 -3.77 -60.69 -7.86
N ALA B 734 -3.29 -61.53 -6.96
CA ALA B 734 -2.60 -62.76 -7.37
C ALA B 734 -3.55 -63.70 -8.08
N ALA B 735 -4.81 -63.77 -7.63
CA ALA B 735 -5.79 -64.61 -8.30
C ALA B 735 -6.08 -64.12 -9.71
N ILE B 736 -6.23 -62.80 -9.88
CA ILE B 736 -6.62 -62.28 -11.19
C ILE B 736 -5.46 -62.15 -12.15
N MET B 737 -4.21 -62.10 -11.67
CA MET B 737 -3.09 -62.00 -12.60
C MET B 737 -2.80 -63.30 -13.34
N GLU B 738 -3.45 -64.40 -12.97
CA GLU B 738 -3.18 -65.68 -13.60
C GLU B 738 -3.87 -65.80 -14.96
N ASP B 739 -5.20 -65.73 -14.97
CA ASP B 739 -6.00 -65.87 -16.19
C ASP B 739 -7.10 -64.82 -16.23
N LEU B 740 -6.75 -63.58 -15.89
CA LEU B 740 -7.66 -62.44 -15.94
C LEU B 740 -8.82 -62.70 -14.99
N ASP B 741 -10.06 -62.76 -15.47
CA ASP B 741 -11.20 -62.98 -14.57
C ASP B 741 -11.17 -64.39 -14.00
N VAL B 742 -11.52 -64.50 -12.72
CA VAL B 742 -11.54 -65.78 -12.01
C VAL B 742 -12.90 -65.95 -11.35
N ALA B 743 -13.43 -67.18 -11.41
CA ALA B 743 -14.70 -67.47 -10.74
C ALA B 743 -14.56 -67.34 -9.23
N LYS B 744 -13.45 -67.80 -8.67
CA LYS B 744 -13.22 -67.73 -7.24
C LYS B 744 -11.73 -67.58 -6.97
N VAL B 745 -11.40 -67.09 -5.77
CA VAL B 745 -10.01 -66.92 -5.37
C VAL B 745 -9.46 -68.28 -4.92
N GLU B 746 -8.23 -68.56 -5.32
CA GLU B 746 -7.59 -69.84 -5.04
C GLU B 746 -6.83 -69.78 -3.72
N LEU B 747 -6.91 -70.86 -2.95
CA LEU B 747 -6.24 -70.92 -1.66
C LEU B 747 -4.72 -70.86 -1.81
N ARG B 748 -4.17 -71.58 -2.79
CA ARG B 748 -2.73 -71.54 -3.00
C ARG B 748 -2.25 -70.12 -3.28
N HIS B 749 -3.05 -69.33 -4.01
CA HIS B 749 -2.74 -67.92 -4.17
C HIS B 749 -2.78 -67.18 -2.84
N PHE B 750 -3.65 -67.62 -1.92
CA PHE B 750 -3.69 -66.99 -0.60
C PHE B 750 -2.39 -67.24 0.15
N GLU B 751 -1.87 -68.47 0.14
CA GLU B 751 -0.57 -68.70 0.77
C GLU B 751 0.55 -67.96 0.05
N LYS B 752 0.46 -67.87 -1.29
CA LYS B 752 1.48 -67.13 -2.02
C LYS B 752 1.51 -65.66 -1.59
N ALA B 753 0.34 -65.05 -1.47
CA ALA B 753 0.26 -63.66 -1.01
C ALA B 753 0.73 -63.53 0.44
N PHE B 754 0.37 -64.50 1.29
CA PHE B 754 0.77 -64.44 2.69
C PHE B 754 2.29 -64.51 2.84
N LYS B 755 2.93 -65.39 2.07
CA LYS B 755 4.39 -65.48 2.14
C LYS B 755 5.07 -64.31 1.43
N GLY B 756 4.42 -63.71 0.44
CA GLY B 756 5.00 -62.56 -0.23
C GLY B 756 5.07 -61.33 0.66
N ILE B 757 4.02 -61.09 1.46
CA ILE B 757 3.97 -59.90 2.29
C ILE B 757 4.92 -60.06 3.49
N ALA B 758 5.42 -58.93 3.98
CA ALA B 758 6.33 -58.90 5.11
C ALA B 758 5.56 -58.63 6.40
N ARG B 759 6.16 -58.99 7.52
CA ARG B 759 5.51 -58.82 8.82
C ARG B 759 5.77 -57.44 9.40
N GLY B 760 7.04 -57.11 9.65
CA GLY B 760 7.37 -55.79 10.17
C GLY B 760 6.91 -55.52 11.58
N ILE B 761 6.50 -56.56 12.32
CA ILE B 761 6.02 -56.41 13.68
C ILE B 761 6.99 -57.17 14.60
N THR B 762 8.27 -57.17 14.21
CA THR B 762 9.37 -57.89 14.87
C THR B 762 9.28 -57.82 16.39
N PRO B 763 9.66 -58.89 17.09
CA PRO B 763 9.43 -58.92 18.56
C PRO B 763 10.15 -57.84 19.33
N GLU B 764 11.20 -57.22 18.78
CA GLU B 764 11.91 -56.18 19.52
C GLU B 764 11.03 -54.98 19.79
N MET B 765 10.26 -54.53 18.79
CA MET B 765 9.38 -53.39 19.02
C MET B 765 8.19 -53.78 19.90
N LEU B 766 7.75 -55.03 19.84
CA LEU B 766 6.72 -55.49 20.76
C LEU B 766 7.21 -55.44 22.20
N SER B 767 8.44 -55.90 22.45
CA SER B 767 9.01 -55.81 23.79
C SER B 767 9.21 -54.37 24.22
N TYR B 768 9.62 -53.50 23.29
CA TYR B 768 9.74 -52.08 23.61
C TYR B 768 8.40 -51.49 24.01
N TYR B 769 7.33 -51.82 23.28
CA TYR B 769 6.00 -51.35 23.63
C TYR B 769 5.57 -51.87 24.99
N GLU B 770 5.85 -53.14 25.27
CA GLU B 770 5.48 -53.73 26.55
C GLU B 770 6.21 -53.04 27.71
N GLU B 771 7.51 -52.79 27.55
CA GLU B 771 8.26 -52.15 28.62
C GLU B 771 7.88 -50.68 28.77
N PHE B 772 7.51 -50.01 27.68
CA PHE B 772 6.99 -48.65 27.79
C PHE B 772 5.67 -48.63 28.54
N ALA B 773 4.78 -49.57 28.24
CA ALA B 773 3.50 -49.63 28.94
C ALA B 773 3.64 -50.14 30.37
N LEU B 774 4.77 -50.76 30.70
CA LEU B 774 4.98 -51.23 32.07
C LEU B 774 4.97 -50.08 33.07
N ARG B 775 5.62 -48.96 32.70
CA ARG B 775 5.66 -47.79 33.58
C ARG B 775 4.34 -47.03 33.60
N SER B 776 3.41 -47.33 32.70
CA SER B 776 2.12 -46.64 32.67
C SER B 776 1.10 -47.35 33.54
N PHE C 28 -36.32 12.66 -30.81
CA PHE C 28 -36.00 12.91 -29.42
C PHE C 28 -35.61 11.62 -28.71
N LYS C 29 -35.97 10.47 -29.31
CA LYS C 29 -35.65 9.19 -28.71
C LYS C 29 -34.16 8.90 -28.75
N LEU C 30 -33.44 9.49 -29.71
CA LEU C 30 -32.00 9.33 -29.88
C LEU C 30 -31.61 7.86 -29.95
N PRO C 31 -31.91 7.17 -31.05
CA PRO C 31 -31.54 5.75 -31.15
C PRO C 31 -30.03 5.57 -31.07
N ALA C 32 -29.61 4.50 -30.40
CA ALA C 32 -28.19 4.26 -30.15
C ALA C 32 -27.65 3.12 -31.00
N GLU C 33 -28.29 1.95 -30.93
CA GLU C 33 -27.77 0.76 -31.58
C GLU C 33 -28.93 -0.10 -32.05
N PHE C 34 -28.63 -1.02 -32.96
CA PHE C 34 -29.62 -1.94 -33.52
C PHE C 34 -29.14 -3.39 -33.36
N ILE C 35 -30.09 -4.30 -33.29
CA ILE C 35 -29.82 -5.72 -33.07
C ILE C 35 -30.48 -6.52 -34.18
N THR C 36 -29.71 -7.38 -34.84
CA THR C 36 -30.25 -8.21 -35.91
C THR C 36 -31.16 -9.29 -35.34
N ARG C 37 -32.28 -9.53 -36.03
CA ARG C 37 -33.22 -10.58 -35.66
C ARG C 37 -33.65 -11.31 -36.92
N PRO C 38 -33.98 -12.60 -36.81
CA PRO C 38 -34.45 -13.35 -37.99
C PRO C 38 -35.79 -12.84 -38.48
N HIS C 39 -35.99 -12.96 -39.80
CA HIS C 39 -37.26 -12.57 -40.40
C HIS C 39 -38.30 -13.66 -40.18
N PRO C 40 -39.42 -13.35 -39.54
CA PRO C 40 -40.41 -14.41 -39.24
C PRO C 40 -41.40 -14.63 -40.39
N SER C 41 -42.28 -15.62 -40.20
CA SER C 41 -43.40 -15.91 -41.10
C SER C 41 -42.95 -16.51 -42.42
N LYS C 42 -41.64 -16.59 -42.64
CA LYS C 42 -41.06 -17.16 -43.86
C LYS C 42 -41.70 -16.57 -45.10
N ASP C 43 -42.40 -17.40 -45.87
CA ASP C 43 -43.12 -17.01 -47.10
C ASP C 43 -42.08 -16.39 -48.06
N HIS C 44 -42.45 -15.38 -48.84
CA HIS C 44 -41.53 -14.71 -49.75
C HIS C 44 -41.22 -13.30 -49.30
N GLY C 45 -42.24 -12.46 -49.13
CA GLY C 45 -42.04 -11.09 -48.71
C GLY C 45 -41.11 -10.30 -49.61
N LYS C 46 -39.93 -9.95 -49.08
CA LYS C 46 -38.93 -9.25 -49.86
C LYS C 46 -37.63 -10.05 -49.85
N GLU C 47 -37.31 -10.64 -48.69
CA GLU C 47 -36.22 -11.60 -48.52
C GLU C 47 -34.84 -10.96 -48.62
N THR C 48 -34.78 -9.68 -48.96
CA THR C 48 -33.48 -9.02 -49.07
C THR C 48 -33.40 -7.71 -48.31
N CYS C 49 -34.47 -6.93 -48.28
CA CYS C 49 -34.43 -5.58 -47.75
C CYS C 49 -35.65 -5.32 -46.85
N THR C 50 -35.90 -6.23 -45.91
CA THR C 50 -37.02 -6.05 -44.99
C THR C 50 -36.88 -4.75 -44.21
N ALA C 51 -35.84 -4.63 -43.40
CA ALA C 51 -35.48 -3.40 -42.70
C ALA C 51 -36.67 -2.79 -41.97
N TYR C 52 -37.33 -3.61 -41.16
CA TYR C 52 -38.51 -3.16 -40.42
C TYR C 52 -38.08 -2.17 -39.34
N ILE C 53 -38.34 -0.89 -39.58
CA ILE C 53 -37.99 0.18 -38.66
C ILE C 53 -39.21 1.05 -38.44
N HIS C 54 -39.38 1.53 -37.21
CA HIS C 54 -40.51 2.39 -36.89
C HIS C 54 -40.43 3.70 -37.67
N PRO C 55 -41.56 4.25 -38.12
CA PRO C 55 -41.52 5.47 -38.94
C PRO C 55 -40.86 6.66 -38.25
N ASN C 56 -41.02 6.78 -36.93
CA ASN C 56 -40.45 7.94 -36.23
C ASN C 56 -38.93 7.92 -36.27
N VAL C 57 -38.32 6.73 -36.21
CA VAL C 57 -36.87 6.62 -36.33
C VAL C 57 -36.41 7.10 -37.69
N LEU C 58 -37.14 6.71 -38.75
CA LEU C 58 -36.80 7.18 -40.09
C LEU C 58 -36.96 8.68 -40.20
N SER C 59 -38.01 9.23 -39.61
CA SER C 59 -38.21 10.68 -39.64
C SER C 59 -37.14 11.41 -38.86
N SER C 60 -36.56 10.77 -37.84
CA SER C 60 -35.46 11.39 -37.10
C SER C 60 -34.26 11.64 -38.01
N LEU C 61 -33.93 10.67 -38.88
CA LEU C 61 -32.84 10.84 -39.82
C LEU C 61 -33.26 11.66 -41.04
N GLU C 62 -34.55 11.91 -41.22
CA GLU C 62 -35.08 12.70 -42.34
C GLU C 62 -34.73 12.04 -43.68
N ILE C 63 -35.21 10.81 -43.84
CA ILE C 63 -35.04 10.04 -45.07
C ILE C 63 -36.39 9.43 -45.44
N ASN C 64 -36.72 9.48 -46.72
CA ASN C 64 -37.99 8.92 -47.18
C ASN C 64 -37.94 7.39 -47.18
N PRO C 65 -39.09 6.74 -47.05
CA PRO C 65 -39.11 5.26 -47.06
C PRO C 65 -38.57 4.66 -48.34
N GLY C 66 -38.79 5.31 -49.48
CA GLY C 66 -38.38 4.76 -50.76
C GLY C 66 -36.92 5.04 -51.09
N SER C 67 -36.01 4.58 -50.24
CA SER C 67 -34.59 4.77 -50.46
C SER C 67 -33.82 3.71 -49.68
N PHE C 68 -32.56 3.54 -50.06
CA PHE C 68 -31.70 2.57 -49.40
C PHE C 68 -31.35 3.02 -47.99
N CYS C 69 -31.24 2.05 -47.08
CA CYS C 69 -30.83 2.30 -45.71
C CYS C 69 -29.46 1.70 -45.45
N THR C 70 -28.60 2.47 -44.79
CA THR C 70 -27.21 2.08 -44.58
C THR C 70 -26.96 1.92 -43.09
N VAL C 71 -26.46 0.76 -42.70
CA VAL C 71 -26.17 0.44 -41.30
C VAL C 71 -24.70 0.07 -41.19
N GLY C 72 -23.98 0.74 -40.28
CA GLY C 72 -22.53 0.64 -40.21
C GLY C 72 -21.96 -0.59 -39.55
N LYS C 73 -22.69 -1.19 -38.61
CA LYS C 73 -22.23 -2.37 -37.87
C LYS C 73 -20.89 -2.10 -37.18
N ILE C 74 -20.80 -0.94 -36.53
CA ILE C 74 -19.69 -0.48 -35.68
C ILE C 74 -18.32 -0.88 -36.26
N GLY C 75 -18.02 -0.38 -37.45
CA GLY C 75 -16.73 -0.57 -38.08
C GLY C 75 -16.87 -1.17 -39.46
N GLU C 76 -15.73 -1.59 -40.01
CA GLU C 76 -15.65 -2.23 -41.33
C GLU C 76 -16.53 -1.51 -42.36
N ASN C 77 -16.14 -0.27 -42.68
CA ASN C 77 -16.93 0.67 -43.46
C ASN C 77 -17.44 0.10 -44.78
N GLY C 78 -18.47 0.71 -45.32
CA GLY C 78 -19.26 0.17 -46.42
C GLY C 78 -20.73 0.32 -46.06
N ILE C 79 -21.01 0.12 -44.78
CA ILE C 79 -22.25 0.52 -44.13
C ILE C 79 -23.44 -0.21 -44.74
N LEU C 80 -23.16 -1.27 -45.51
CA LEU C 80 -24.16 -2.25 -45.94
C LEU C 80 -25.40 -1.57 -46.56
N VAL C 81 -25.17 -0.92 -47.70
CA VAL C 81 -26.25 -0.22 -48.38
C VAL C 81 -27.32 -1.24 -48.78
N ILE C 82 -28.51 -1.11 -48.18
CA ILE C 82 -29.63 -2.02 -48.40
C ILE C 82 -30.91 -1.20 -48.43
N ALA C 83 -31.86 -1.60 -49.28
CA ALA C 83 -33.13 -0.89 -49.35
C ALA C 83 -33.91 -1.06 -48.04
N ARG C 84 -34.95 -0.25 -47.89
CA ARG C 84 -35.73 -0.18 -46.65
C ARG C 84 -37.21 -0.35 -46.94
N ALA C 85 -37.93 -0.79 -45.91
CA ALA C 85 -39.38 -0.95 -45.98
C ALA C 85 -39.97 -0.71 -44.60
N GLY C 86 -41.27 -0.41 -44.58
CA GLY C 86 -41.95 -0.11 -43.34
C GLY C 86 -42.44 -1.34 -42.60
N ASP C 87 -42.65 -1.17 -41.29
CA ASP C 87 -43.16 -2.23 -40.43
C ASP C 87 -44.66 -2.06 -40.22
N GLU C 88 -45.23 -2.87 -39.33
CA GLU C 88 -46.65 -2.83 -39.00
C GLU C 88 -46.90 -2.31 -37.59
N GLU C 89 -46.09 -1.36 -37.14
CA GLU C 89 -46.23 -0.66 -35.86
C GLU C 89 -46.07 -1.56 -34.64
N VAL C 90 -45.59 -2.79 -34.82
CA VAL C 90 -45.37 -3.71 -33.71
C VAL C 90 -43.91 -4.11 -33.56
N HIS C 91 -43.06 -3.82 -34.54
CA HIS C 91 -41.65 -4.19 -34.46
C HIS C 91 -40.94 -3.24 -33.49
N PRO C 92 -40.28 -3.76 -32.46
CA PRO C 92 -39.58 -2.88 -31.52
C PRO C 92 -38.45 -2.11 -32.20
N VAL C 93 -38.20 -0.90 -31.68
CA VAL C 93 -37.22 -0.01 -32.29
C VAL C 93 -35.81 -0.55 -32.09
N ASN C 94 -35.54 -1.14 -30.93
CA ASN C 94 -34.16 -1.51 -30.58
C ASN C 94 -33.59 -2.53 -31.56
N VAL C 95 -34.37 -3.53 -31.95
CA VAL C 95 -33.88 -4.58 -32.82
C VAL C 95 -34.12 -4.19 -34.28
N ILE C 96 -33.42 -4.88 -35.18
CA ILE C 96 -33.54 -4.65 -36.61
C ILE C 96 -33.60 -6.00 -37.32
N THR C 97 -34.26 -6.03 -38.48
CA THR C 97 -34.33 -7.22 -39.31
C THR C 97 -33.62 -6.94 -40.62
N LEU C 98 -32.68 -7.81 -40.99
CA LEU C 98 -31.90 -7.63 -42.21
C LEU C 98 -31.89 -8.88 -43.09
N SER C 99 -32.85 -9.80 -42.87
CA SER C 99 -33.04 -10.99 -43.69
C SER C 99 -31.90 -12.00 -43.56
N THR C 100 -32.23 -13.29 -43.69
CA THR C 100 -31.24 -14.34 -43.54
C THR C 100 -30.17 -14.27 -44.63
N THR C 101 -30.57 -13.97 -45.87
CA THR C 101 -29.61 -13.91 -46.96
C THR C 101 -28.56 -12.84 -46.72
N ILE C 102 -28.99 -11.62 -46.42
CA ILE C 102 -28.04 -10.54 -46.19
C ILE C 102 -27.25 -10.79 -44.90
N ARG C 103 -27.88 -11.37 -43.89
CA ARG C 103 -27.15 -11.69 -42.66
C ARG C 103 -26.02 -12.67 -42.94
N SER C 104 -26.27 -13.68 -43.76
CA SER C 104 -25.21 -14.61 -44.14
C SER C 104 -24.17 -13.94 -45.03
N VAL C 105 -24.59 -13.00 -45.88
CA VAL C 105 -23.65 -12.29 -46.74
C VAL C 105 -22.65 -11.51 -45.90
N GLY C 106 -23.17 -10.73 -44.94
CA GLY C 106 -22.31 -9.95 -44.07
C GLY C 106 -21.80 -10.67 -42.85
N ASN C 107 -22.10 -11.95 -42.70
CA ASN C 107 -21.73 -12.72 -41.52
C ASN C 107 -22.22 -12.04 -40.25
N LEU C 108 -23.46 -11.54 -40.30
CA LEU C 108 -24.03 -10.77 -39.20
C LEU C 108 -24.36 -11.70 -38.04
N ILE C 109 -23.73 -11.45 -36.88
CA ILE C 109 -24.04 -12.21 -35.67
C ILE C 109 -25.43 -11.81 -35.18
N LEU C 110 -26.24 -12.81 -34.85
CA LEU C 110 -27.61 -12.57 -34.41
C LEU C 110 -27.59 -11.99 -32.99
N GLY C 111 -27.31 -10.70 -32.91
CA GLY C 111 -27.26 -10.02 -31.63
C GLY C 111 -26.10 -9.05 -31.48
N ASP C 112 -25.33 -8.87 -32.54
CA ASP C 112 -24.19 -7.97 -32.51
C ASP C 112 -24.63 -6.52 -32.71
N ARG C 113 -23.66 -5.61 -32.65
CA ARG C 113 -23.93 -4.17 -32.65
C ARG C 113 -24.14 -3.66 -34.08
N LEU C 114 -25.18 -2.84 -34.26
CA LEU C 114 -25.48 -2.24 -35.55
C LEU C 114 -25.70 -0.74 -35.35
N GLU C 115 -25.01 0.08 -36.14
CA GLU C 115 -25.13 1.53 -36.08
C GLU C 115 -25.57 2.06 -37.44
N LEU C 116 -26.51 2.99 -37.43
CA LEU C 116 -27.11 3.54 -38.65
C LEU C 116 -26.41 4.82 -39.05
N LYS C 117 -26.15 4.96 -40.36
CA LYS C 117 -25.49 6.15 -40.89
C LYS C 117 -26.25 6.71 -42.09
N LYS C 118 -25.66 7.69 -42.77
CA LYS C 118 -26.30 8.32 -43.91
C LYS C 118 -26.27 7.41 -45.13
N ALA C 119 -27.03 7.79 -46.15
CA ALA C 119 -27.14 7.00 -47.37
C ALA C 119 -25.92 7.19 -48.27
N GLN C 120 -25.95 6.53 -49.43
CA GLN C 120 -24.85 6.57 -50.38
C GLN C 120 -25.41 6.79 -51.77
N VAL C 121 -24.59 7.40 -52.64
CA VAL C 121 -25.06 7.77 -53.97
C VAL C 121 -25.35 6.53 -54.80
N GLN C 122 -26.08 6.74 -55.90
CA GLN C 122 -26.52 5.62 -56.73
C GLN C 122 -25.34 4.99 -57.45
N PRO C 123 -25.24 3.66 -57.45
CA PRO C 123 -24.19 2.97 -58.21
C PRO C 123 -24.45 3.05 -59.70
N PRO C 124 -23.43 2.86 -60.55
CA PRO C 124 -23.63 2.99 -61.99
C PRO C 124 -24.60 1.96 -62.59
N TYR C 125 -24.31 0.67 -62.45
CA TYR C 125 -25.09 -0.38 -63.08
C TYR C 125 -24.51 -1.73 -62.68
N ALA C 126 -25.19 -2.80 -63.10
CA ALA C 126 -24.73 -4.17 -62.95
C ALA C 126 -24.32 -4.70 -64.33
N THR C 127 -23.24 -5.48 -64.36
CA THR C 127 -22.58 -5.81 -65.62
C THR C 127 -22.83 -7.25 -66.07
N LYS C 128 -22.48 -8.24 -65.25
CA LYS C 128 -22.52 -9.63 -65.68
C LYS C 128 -23.57 -10.48 -64.96
N VAL C 129 -23.50 -10.55 -63.63
CA VAL C 129 -24.33 -11.45 -62.83
C VAL C 129 -24.08 -12.89 -63.24
N THR C 130 -23.25 -13.60 -62.48
CA THR C 130 -22.85 -14.95 -62.84
C THR C 130 -23.05 -15.89 -61.65
N VAL C 131 -23.55 -17.08 -61.95
CA VAL C 131 -23.83 -18.09 -60.92
C VAL C 131 -22.53 -18.76 -60.50
N GLY C 132 -22.52 -19.33 -59.29
CA GLY C 132 -21.35 -19.99 -58.78
C GLY C 132 -21.56 -21.46 -58.43
N SER C 133 -22.79 -21.83 -58.08
CA SER C 133 -23.14 -23.20 -57.73
C SER C 133 -22.26 -23.73 -56.60
N LEU C 134 -22.40 -23.10 -55.44
CA LEU C 134 -21.59 -23.45 -54.28
C LEU C 134 -21.95 -24.85 -53.78
N GLN C 135 -20.94 -25.53 -53.21
CA GLN C 135 -21.01 -26.88 -52.65
C GLN C 135 -21.79 -27.85 -53.55
N GLY C 136 -21.67 -27.67 -54.86
CA GLY C 136 -22.34 -28.54 -55.81
C GLY C 136 -21.43 -28.88 -56.97
N TYR C 137 -21.85 -29.90 -57.73
CA TYR C 137 -21.13 -30.35 -58.91
C TYR C 137 -21.57 -29.64 -60.18
N ASN C 138 -22.13 -28.43 -60.06
CA ASN C 138 -22.62 -27.63 -61.19
C ASN C 138 -23.70 -28.45 -61.90
N ILE C 139 -23.72 -28.44 -63.23
CA ILE C 139 -24.74 -29.13 -64.03
C ILE C 139 -26.13 -28.70 -63.56
N LEU C 140 -26.41 -27.40 -63.67
CA LEU C 140 -27.69 -26.84 -63.25
C LEU C 140 -28.63 -26.58 -64.42
N GLU C 141 -28.28 -27.06 -65.62
CA GLU C 141 -29.09 -26.78 -66.81
C GLU C 141 -30.44 -27.49 -66.75
N CYS C 142 -30.44 -28.76 -66.34
CA CYS C 142 -31.67 -29.55 -66.41
C CYS C 142 -32.69 -29.09 -65.36
N MET C 143 -32.24 -28.86 -64.12
CA MET C 143 -33.13 -28.36 -63.07
C MET C 143 -33.12 -26.84 -62.97
N GLU C 144 -32.76 -26.14 -64.03
CA GLU C 144 -32.68 -24.68 -64.02
C GLU C 144 -34.05 -24.08 -63.75
N GLU C 145 -34.99 -24.26 -64.67
CA GLU C 145 -36.36 -23.75 -64.53
C GLU C 145 -36.36 -22.24 -64.26
N LYS C 146 -35.58 -21.51 -65.05
CA LYS C 146 -35.53 -20.04 -65.00
C LYS C 146 -35.13 -19.54 -63.62
N VAL C 147 -33.87 -19.85 -63.26
CA VAL C 147 -33.30 -19.36 -62.01
C VAL C 147 -33.21 -17.84 -62.02
N ILE C 148 -33.17 -17.23 -63.21
CA ILE C 148 -32.98 -15.79 -63.33
C ILE C 148 -34.12 -15.04 -62.63
N GLN C 149 -35.36 -15.49 -62.85
CA GLN C 149 -36.50 -14.82 -62.22
C GLN C 149 -36.43 -14.91 -60.70
N LYS C 150 -36.08 -16.08 -60.18
CA LYS C 150 -35.99 -16.23 -58.73
C LYS C 150 -34.88 -15.35 -58.15
N LEU C 151 -33.74 -15.29 -58.83
CA LEU C 151 -32.62 -14.51 -58.32
C LEU C 151 -32.89 -13.01 -58.38
N LEU C 152 -33.46 -12.54 -59.48
CA LEU C 152 -33.61 -11.10 -59.71
C LEU C 152 -35.05 -10.62 -59.58
N ASP C 153 -35.90 -11.38 -58.88
CA ASP C 153 -37.25 -10.91 -58.62
C ASP C 153 -37.23 -9.66 -57.75
N ASP C 154 -36.37 -9.62 -56.74
CA ASP C 154 -36.23 -8.47 -55.86
C ASP C 154 -34.97 -7.68 -56.22
N SER C 155 -34.97 -6.41 -55.81
CA SER C 155 -33.81 -5.56 -56.03
C SER C 155 -32.62 -6.06 -55.21
N GLY C 156 -31.43 -5.80 -55.72
CA GLY C 156 -30.22 -6.26 -55.07
C GLY C 156 -29.21 -6.86 -56.03
N VAL C 157 -28.89 -8.14 -55.84
CA VAL C 157 -27.88 -8.85 -56.64
C VAL C 157 -26.54 -8.15 -56.49
N ILE C 158 -25.76 -8.57 -55.49
CA ILE C 158 -24.54 -7.91 -55.10
C ILE C 158 -23.38 -8.89 -55.28
N MET C 159 -22.34 -8.47 -56.01
CA MET C 159 -21.29 -9.36 -56.48
C MET C 159 -20.45 -10.08 -55.42
N PRO C 160 -20.35 -9.62 -54.17
CA PRO C 160 -19.65 -10.45 -53.16
C PRO C 160 -20.23 -11.85 -53.03
N GLY C 161 -21.54 -12.03 -53.17
CA GLY C 161 -22.12 -13.36 -53.15
C GLY C 161 -23.21 -13.54 -52.10
N MET C 162 -24.31 -14.17 -52.49
CA MET C 162 -25.44 -14.42 -51.60
C MET C 162 -25.65 -15.93 -51.44
N ILE C 163 -26.62 -16.28 -50.62
CA ILE C 163 -27.07 -17.65 -50.46
C ILE C 163 -28.59 -17.66 -50.61
N PHE C 164 -29.12 -18.79 -51.06
CA PHE C 164 -30.55 -18.91 -51.30
C PHE C 164 -31.01 -20.33 -51.00
N GLN C 165 -32.21 -20.43 -50.43
CA GLN C 165 -32.82 -21.73 -50.19
C GLN C 165 -33.28 -22.35 -51.51
N ASN C 166 -33.25 -23.68 -51.56
CA ASN C 166 -33.62 -24.38 -52.79
C ASN C 166 -35.10 -24.22 -53.13
N LEU C 167 -35.94 -24.03 -52.12
CA LEU C 167 -37.40 -23.95 -52.30
C LEU C 167 -37.87 -25.24 -52.97
N LYS C 168 -38.89 -25.15 -53.82
CA LYS C 168 -39.41 -26.30 -54.55
C LYS C 168 -39.41 -25.99 -56.04
N THR C 169 -38.75 -26.84 -56.82
CA THR C 169 -38.70 -26.68 -58.26
C THR C 169 -38.47 -28.04 -58.91
N LYS C 170 -39.08 -28.23 -60.08
CA LYS C 170 -38.98 -29.47 -60.84
C LYS C 170 -39.33 -30.68 -59.99
N ALA C 171 -38.33 -31.49 -59.64
CA ALA C 171 -38.54 -32.69 -58.83
C ALA C 171 -37.24 -33.05 -58.15
N GLY C 172 -37.34 -33.93 -57.16
CA GLY C 172 -36.19 -34.40 -56.41
C GLY C 172 -35.91 -33.66 -55.13
N ASP C 173 -36.59 -32.54 -54.89
CA ASP C 173 -36.44 -31.75 -53.67
C ASP C 173 -34.98 -31.32 -53.47
N GLU C 174 -34.32 -31.93 -52.48
CA GLU C 174 -32.92 -31.72 -52.14
C GLU C 174 -32.60 -30.24 -51.87
N SER C 175 -31.33 -29.93 -51.67
CA SER C 175 -30.89 -28.57 -51.39
C SER C 175 -29.90 -28.11 -52.45
N ILE C 176 -30.18 -26.98 -53.08
CA ILE C 176 -29.33 -26.39 -54.10
C ILE C 176 -29.12 -24.92 -53.75
N ASP C 177 -27.86 -24.48 -53.76
CA ASP C 177 -27.52 -23.11 -53.44
C ASP C 177 -26.67 -22.52 -54.56
N VAL C 178 -26.79 -21.21 -54.73
CA VAL C 178 -26.10 -20.49 -55.79
C VAL C 178 -25.44 -19.25 -55.20
N VAL C 179 -24.25 -18.94 -55.70
CA VAL C 179 -23.48 -17.78 -55.26
C VAL C 179 -23.03 -16.99 -56.48
N ILE C 180 -22.75 -15.70 -56.27
CA ILE C 180 -22.45 -14.79 -57.37
C ILE C 180 -21.08 -14.15 -57.11
N THR C 181 -20.17 -14.91 -56.50
CA THR C 181 -18.86 -14.36 -56.16
C THR C 181 -18.11 -13.86 -57.38
N ASP C 182 -18.12 -14.63 -58.47
CA ASP C 182 -17.39 -14.24 -59.66
C ASP C 182 -18.09 -13.07 -60.36
N ALA C 183 -17.29 -12.06 -60.73
CA ALA C 183 -17.80 -10.88 -61.41
C ALA C 183 -16.64 -10.18 -62.09
N SER C 184 -16.98 -9.28 -63.02
CA SER C 184 -16.00 -8.50 -63.77
C SER C 184 -16.43 -7.04 -63.84
N ASP C 185 -16.85 -6.50 -62.70
CA ASP C 185 -17.27 -5.10 -62.63
C ASP C 185 -16.73 -4.48 -61.36
N ASP C 186 -16.58 -3.16 -61.39
CA ASP C 186 -16.04 -2.41 -60.26
C ASP C 186 -16.65 -1.01 -60.24
N SER C 187 -16.57 -0.37 -59.09
CA SER C 187 -17.07 0.98 -58.90
C SER C 187 -15.98 1.85 -58.28
N LEU C 188 -16.08 3.15 -58.54
CA LEU C 188 -15.07 4.08 -58.03
C LEU C 188 -14.96 4.11 -56.50
N PRO C 189 -16.03 4.12 -55.70
CA PRO C 189 -15.83 4.22 -54.24
C PRO C 189 -15.38 2.88 -53.67
N ASP C 190 -14.19 2.86 -53.09
CA ASP C 190 -13.64 1.66 -52.47
C ASP C 190 -14.07 1.50 -51.02
N VAL C 191 -14.76 2.49 -50.45
CA VAL C 191 -15.21 2.39 -49.06
C VAL C 191 -16.30 1.33 -48.94
N SER C 192 -17.20 1.26 -49.92
CA SER C 192 -18.30 0.31 -49.86
C SER C 192 -17.78 -1.11 -50.02
N GLN C 193 -18.10 -1.97 -49.03
CA GLN C 193 -17.66 -3.35 -49.09
C GLN C 193 -18.48 -4.17 -50.09
N LEU C 194 -19.77 -3.91 -50.17
CA LEU C 194 -20.65 -4.72 -51.01
C LEU C 194 -20.78 -4.20 -52.44
N ASP C 195 -20.92 -2.88 -52.62
CA ASP C 195 -21.14 -2.28 -53.92
C ASP C 195 -22.39 -2.85 -54.59
N LEU C 196 -23.53 -2.59 -53.95
CA LEU C 196 -24.82 -3.06 -54.46
C LEU C 196 -25.14 -2.41 -55.80
N ASN C 197 -25.91 -3.11 -56.62
CA ASN C 197 -26.30 -2.65 -57.95
C ASN C 197 -27.80 -2.86 -58.14
N MET C 198 -28.31 -2.44 -59.30
CA MET C 198 -29.71 -2.60 -59.63
C MET C 198 -29.90 -3.80 -60.57
N ASP C 199 -31.16 -4.13 -60.83
CA ASP C 199 -31.52 -5.25 -61.69
C ASP C 199 -32.49 -4.77 -62.77
N ASP C 200 -32.16 -5.05 -64.03
CA ASP C 200 -33.05 -4.74 -65.15
C ASP C 200 -33.05 -5.95 -66.09
N MET C 201 -33.98 -6.87 -65.85
CA MET C 201 -34.08 -8.10 -66.61
C MET C 201 -35.38 -8.11 -67.41
N TYR C 202 -35.63 -9.22 -68.10
CA TYR C 202 -36.85 -9.41 -68.88
C TYR C 202 -37.47 -10.75 -68.54
N GLY C 203 -38.78 -10.85 -68.70
CA GLY C 203 -39.49 -12.09 -68.47
C GLY C 203 -40.82 -11.82 -67.81
N GLY C 204 -41.44 -12.90 -67.33
CA GLY C 204 -42.71 -12.82 -66.67
C GLY C 204 -42.93 -14.04 -65.77
N LEU C 205 -44.01 -13.99 -65.01
CA LEU C 205 -44.38 -15.05 -64.09
C LEU C 205 -43.25 -15.37 -63.10
N GLY C 220 -31.97 -7.32 -71.62
CA GLY C 220 -31.41 -8.20 -72.63
C GLY C 220 -30.18 -8.95 -72.17
N SER C 221 -29.83 -8.76 -70.89
CA SER C 221 -28.68 -9.39 -70.26
C SER C 221 -27.38 -9.01 -70.98
N THR C 222 -26.27 -9.64 -70.58
CA THR C 222 -24.96 -9.38 -71.19
C THR C 222 -24.24 -10.72 -71.36
N HIS C 223 -24.46 -11.34 -72.52
CA HIS C 223 -23.78 -12.59 -72.89
C HIS C 223 -24.00 -13.67 -71.84
N ILE C 224 -25.27 -14.06 -71.68
CA ILE C 224 -25.77 -15.11 -70.79
C ILE C 224 -25.38 -14.81 -69.34
N THR C 225 -25.90 -15.60 -68.40
CA THR C 225 -25.68 -15.35 -66.98
C THR C 225 -25.01 -16.52 -66.26
N PHE C 226 -25.26 -17.76 -66.69
CA PHE C 226 -24.71 -18.91 -65.99
C PHE C 226 -23.41 -19.35 -66.64
N SER C 227 -22.36 -19.51 -65.82
CA SER C 227 -21.05 -19.91 -66.31
C SER C 227 -20.15 -20.35 -65.16
N LYS C 228 -19.47 -21.49 -65.34
CA LYS C 228 -18.46 -21.99 -64.42
C LYS C 228 -19.03 -22.34 -63.05
N GLU C 229 -18.18 -22.86 -62.16
CA GLU C 229 -18.59 -23.21 -60.81
C GLU C 229 -17.62 -22.62 -59.79
N THR C 230 -17.30 -21.34 -59.94
CA THR C 230 -16.28 -20.71 -59.11
C THR C 230 -16.69 -20.71 -57.64
N GLN C 231 -15.72 -20.92 -56.76
CA GLN C 231 -15.93 -20.89 -55.32
C GLN C 231 -15.92 -19.43 -54.87
N ALA C 232 -15.84 -19.18 -53.57
CA ALA C 232 -15.82 -17.83 -53.05
C ALA C 232 -14.65 -17.04 -53.64
N ASN C 233 -14.93 -15.81 -54.06
CA ASN C 233 -13.92 -14.99 -54.73
C ASN C 233 -12.79 -14.63 -53.77
N ARG C 234 -11.56 -14.71 -54.26
CA ARG C 234 -10.38 -14.39 -53.48
C ARG C 234 -9.89 -12.96 -53.69
N LYS C 235 -10.56 -12.19 -54.54
CA LYS C 235 -10.12 -10.82 -54.79
C LYS C 235 -10.87 -9.81 -53.90
N TYR C 236 -12.17 -10.02 -53.71
CA TYR C 236 -12.96 -9.10 -52.89
C TYR C 236 -12.68 -9.28 -51.40
N ASN C 237 -12.09 -10.41 -51.00
CA ASN C 237 -11.64 -10.64 -49.63
C ASN C 237 -12.80 -10.55 -48.63
N LEU C 238 -13.91 -11.17 -48.98
CA LEU C 238 -15.02 -11.29 -48.03
C LEU C 238 -14.66 -12.29 -46.93
N PRO C 239 -15.09 -12.04 -45.70
CA PRO C 239 -14.83 -13.00 -44.62
C PRO C 239 -15.65 -14.27 -44.80
N GLU C 240 -14.95 -15.38 -44.97
CA GLU C 240 -15.63 -16.66 -45.17
C GLU C 240 -16.37 -17.06 -43.90
N PRO C 241 -17.64 -17.48 -44.00
CA PRO C 241 -18.37 -17.89 -42.79
C PRO C 241 -17.73 -19.13 -42.18
N LEU C 242 -17.63 -19.13 -40.85
CA LEU C 242 -17.04 -20.25 -40.14
C LEU C 242 -17.98 -21.46 -40.18
N SER C 243 -17.39 -22.64 -40.38
CA SER C 243 -18.15 -23.88 -40.44
C SER C 243 -17.41 -24.94 -39.65
N TYR C 244 -18.11 -26.03 -39.33
CA TYR C 244 -17.50 -27.13 -38.58
C TYR C 244 -16.40 -27.82 -39.37
N ALA C 245 -16.36 -27.66 -40.69
CA ALA C 245 -15.29 -28.25 -41.48
C ALA C 245 -13.98 -27.51 -41.29
N ALA C 246 -14.02 -26.30 -40.72
CA ALA C 246 -12.78 -25.57 -40.48
C ALA C 246 -12.02 -26.12 -39.27
N VAL C 247 -12.73 -26.52 -38.22
CA VAL C 247 -12.12 -26.99 -36.99
C VAL C 247 -12.19 -28.50 -36.94
N GLY C 248 -11.06 -29.13 -36.62
CA GLY C 248 -11.00 -30.57 -36.55
C GLY C 248 -9.85 -31.04 -35.70
N GLY C 249 -9.78 -32.35 -35.49
CA GLY C 249 -8.79 -32.96 -34.64
C GLY C 249 -9.13 -32.96 -33.17
N LEU C 250 -10.25 -32.34 -32.79
CA LEU C 250 -10.71 -32.27 -31.40
C LEU C 250 -12.14 -32.77 -31.30
N ASP C 251 -12.41 -33.92 -31.93
CA ASP C 251 -13.78 -34.40 -32.06
C ASP C 251 -14.44 -34.64 -30.71
N LYS C 252 -13.71 -35.27 -29.79
CA LYS C 252 -14.26 -35.59 -28.47
C LYS C 252 -14.75 -34.34 -27.74
N GLU C 253 -14.16 -33.19 -28.03
CA GLU C 253 -14.57 -31.93 -27.42
C GLU C 253 -15.61 -31.18 -28.24
N ILE C 254 -15.42 -31.09 -29.56
CA ILE C 254 -16.33 -30.29 -30.37
C ILE C 254 -17.71 -30.95 -30.46
N GLU C 255 -17.75 -32.27 -30.65
CA GLU C 255 -19.05 -32.95 -30.67
C GLU C 255 -19.73 -32.90 -29.31
N SER C 256 -18.95 -33.01 -28.23
CA SER C 256 -19.52 -32.90 -26.90
C SER C 256 -20.13 -31.53 -26.67
N LEU C 257 -19.43 -30.47 -27.07
CA LEU C 257 -19.96 -29.12 -26.93
C LEU C 257 -21.19 -28.92 -27.80
N LYS C 258 -21.17 -29.45 -29.02
CA LYS C 258 -22.33 -29.33 -29.90
C LYS C 258 -23.55 -30.01 -29.30
N SER C 259 -23.37 -31.22 -28.76
CA SER C 259 -24.48 -31.90 -28.10
C SER C 259 -24.97 -31.12 -26.88
N ALA C 260 -24.03 -30.62 -26.07
CA ALA C 260 -24.39 -29.89 -24.87
C ALA C 260 -25.11 -28.58 -25.17
N ILE C 261 -24.90 -28.00 -26.35
CA ILE C 261 -25.62 -26.78 -26.71
C ILE C 261 -26.89 -27.05 -27.52
N GLU C 262 -27.01 -28.22 -28.14
CA GLU C 262 -28.21 -28.50 -28.92
C GLU C 262 -29.29 -29.21 -28.12
N ILE C 263 -28.92 -30.05 -27.16
CA ILE C 263 -29.93 -30.79 -26.40
C ILE C 263 -30.86 -29.87 -25.61
N PRO C 264 -30.36 -28.90 -24.82
CA PRO C 264 -31.29 -28.02 -24.11
C PRO C 264 -32.04 -27.06 -25.03
N LEU C 265 -31.46 -26.70 -26.18
CA LEU C 265 -32.10 -25.74 -27.07
C LEU C 265 -33.14 -26.41 -27.96
N HIS C 266 -32.73 -27.42 -28.72
CA HIS C 266 -33.65 -28.06 -29.67
C HIS C 266 -34.69 -28.93 -28.98
N GLN C 267 -34.44 -29.35 -27.74
CA GLN C 267 -35.36 -30.22 -27.00
C GLN C 267 -35.59 -29.64 -25.60
N PRO C 268 -36.38 -28.56 -25.50
CA PRO C 268 -36.73 -28.04 -24.17
C PRO C 268 -37.93 -28.77 -23.57
N THR C 269 -38.78 -29.33 -24.43
CA THR C 269 -39.95 -30.04 -23.97
C THR C 269 -39.58 -31.29 -23.21
N LEU C 270 -38.50 -31.98 -23.60
CA LEU C 270 -38.06 -33.16 -22.89
C LEU C 270 -37.66 -32.81 -21.45
N PHE C 271 -36.90 -31.73 -21.28
CA PHE C 271 -36.53 -31.30 -19.94
C PHE C 271 -37.73 -30.81 -19.15
N SER C 272 -38.68 -30.15 -19.82
CA SER C 272 -39.91 -29.73 -19.12
C SER C 272 -40.68 -30.93 -18.62
N SER C 273 -40.76 -31.99 -19.42
CA SER C 273 -41.42 -33.22 -18.98
C SER C 273 -40.66 -33.87 -17.83
N PHE C 274 -39.32 -33.89 -17.91
CA PHE C 274 -38.52 -34.42 -16.82
C PHE C 274 -38.65 -33.58 -15.56
N GLY C 275 -38.72 -32.26 -15.72
CA GLY C 275 -38.86 -31.37 -14.59
C GLY C 275 -37.65 -31.31 -13.68
N VAL C 276 -36.45 -31.29 -14.26
CA VAL C 276 -35.22 -31.19 -13.48
C VAL C 276 -34.39 -29.96 -13.83
N SER C 277 -34.77 -29.21 -14.87
CA SER C 277 -34.12 -27.99 -15.34
C SER C 277 -32.76 -28.28 -15.96
N PRO C 278 -32.43 -27.64 -17.08
CA PRO C 278 -31.11 -27.83 -17.69
C PRO C 278 -30.08 -26.93 -17.03
N PRO C 279 -28.79 -27.23 -17.20
CA PRO C 279 -27.76 -26.30 -16.71
C PRO C 279 -27.83 -24.98 -17.46
N ARG C 280 -27.50 -23.90 -16.74
CA ARG C 280 -27.53 -22.55 -17.28
C ARG C 280 -26.14 -21.98 -17.51
N GLY C 281 -25.15 -22.84 -17.69
CA GLY C 281 -23.79 -22.38 -17.91
C GLY C 281 -22.83 -23.45 -18.38
N ILE C 282 -22.06 -23.14 -19.42
CA ILE C 282 -21.04 -24.04 -19.95
C ILE C 282 -19.70 -23.33 -19.86
N LEU C 283 -18.74 -23.97 -19.20
CA LEU C 283 -17.43 -23.38 -18.96
C LEU C 283 -16.40 -24.03 -19.87
N LEU C 284 -15.70 -23.20 -20.65
CA LEU C 284 -14.63 -23.64 -21.51
C LEU C 284 -13.32 -23.01 -21.03
N HIS C 285 -12.31 -23.84 -20.81
CA HIS C 285 -11.02 -23.35 -20.32
C HIS C 285 -9.92 -24.28 -20.76
N GLY C 286 -8.69 -23.76 -20.76
CA GLY C 286 -7.54 -24.50 -21.19
C GLY C 286 -6.34 -23.58 -21.38
N PRO C 287 -5.25 -24.11 -21.94
CA PRO C 287 -4.10 -23.27 -22.21
C PRO C 287 -4.42 -22.22 -23.24
N PRO C 288 -3.81 -21.03 -23.13
CA PRO C 288 -4.11 -19.96 -24.09
C PRO C 288 -3.62 -20.32 -25.49
N GLY C 289 -4.31 -19.77 -26.48
CA GLY C 289 -3.95 -20.01 -27.87
C GLY C 289 -4.51 -21.27 -28.49
N THR C 290 -5.35 -22.02 -27.77
CA THR C 290 -5.94 -23.22 -28.34
C THR C 290 -6.85 -22.92 -29.52
N GLY C 291 -7.63 -21.84 -29.45
CA GLY C 291 -8.51 -21.49 -30.55
C GLY C 291 -9.97 -21.56 -30.19
N LYS C 292 -10.30 -21.34 -28.92
CA LYS C 292 -11.69 -21.40 -28.47
C LYS C 292 -12.56 -20.35 -29.16
N THR C 293 -11.97 -19.21 -29.51
CA THR C 293 -12.76 -18.12 -30.11
C THR C 293 -13.42 -18.58 -31.40
N MET C 294 -12.71 -19.32 -32.25
CA MET C 294 -13.33 -19.86 -33.44
C MET C 294 -14.45 -20.84 -33.10
N LEU C 295 -14.32 -21.58 -32.00
CA LEU C 295 -15.41 -22.44 -31.57
C LEU C 295 -16.65 -21.62 -31.22
N LEU C 296 -16.47 -20.51 -30.50
CA LEU C 296 -17.62 -19.65 -30.21
C LEU C 296 -18.24 -19.08 -31.48
N ARG C 297 -17.40 -18.62 -32.41
CA ARG C 297 -17.96 -18.08 -33.66
C ARG C 297 -18.71 -19.15 -34.44
N VAL C 298 -18.17 -20.37 -34.52
CA VAL C 298 -18.82 -21.41 -35.31
C VAL C 298 -20.12 -21.87 -34.66
N VAL C 299 -20.16 -21.95 -33.32
CA VAL C 299 -21.42 -22.36 -32.69
C VAL C 299 -22.45 -21.25 -32.81
N ALA C 300 -22.02 -19.98 -32.78
CA ALA C 300 -22.97 -18.89 -32.99
C ALA C 300 -23.50 -18.90 -34.42
N ASN C 301 -22.64 -19.17 -35.40
CA ASN C 301 -23.06 -19.12 -36.79
C ASN C 301 -23.93 -20.30 -37.17
N THR C 302 -23.59 -21.50 -36.69
CA THR C 302 -24.32 -22.70 -37.07
C THR C 302 -25.72 -22.74 -36.47
N SER C 303 -26.00 -21.90 -35.48
CA SER C 303 -27.31 -21.87 -34.83
C SER C 303 -28.05 -20.61 -35.25
N ASN C 304 -29.25 -20.80 -35.79
CA ASN C 304 -30.09 -19.67 -36.18
C ASN C 304 -30.70 -18.93 -34.99
N ALA C 305 -30.59 -19.50 -33.79
CA ALA C 305 -31.15 -18.86 -32.61
C ALA C 305 -30.37 -17.60 -32.26
N HIS C 306 -31.05 -16.64 -31.64
CA HIS C 306 -30.43 -15.39 -31.25
C HIS C 306 -29.38 -15.63 -30.19
N VAL C 307 -28.30 -14.85 -30.24
CA VAL C 307 -27.21 -14.94 -29.28
C VAL C 307 -26.92 -13.55 -28.73
N LEU C 308 -26.29 -13.52 -27.56
CA LEU C 308 -25.91 -12.28 -26.89
C LEU C 308 -24.43 -12.32 -26.56
N THR C 309 -23.72 -11.25 -26.91
CA THR C 309 -22.29 -11.13 -26.65
C THR C 309 -22.01 -9.79 -25.97
N ILE C 310 -20.91 -9.75 -25.21
CA ILE C 310 -20.51 -8.56 -24.50
C ILE C 310 -19.14 -8.12 -25.00
N ASN C 311 -18.81 -6.86 -24.72
CA ASN C 311 -17.52 -6.30 -25.11
C ASN C 311 -16.43 -6.60 -24.08
N GLY C 312 -16.75 -7.28 -22.98
CA GLY C 312 -15.78 -7.59 -21.97
C GLY C 312 -15.75 -6.56 -20.85
N PRO C 313 -14.55 -6.09 -20.51
CA PRO C 313 -14.42 -5.08 -19.45
C PRO C 313 -14.94 -3.70 -19.85
N SER C 314 -15.24 -3.48 -21.13
CA SER C 314 -15.74 -2.18 -21.58
C SER C 314 -17.11 -1.86 -20.99
N ILE C 315 -17.87 -2.88 -20.57
CA ILE C 315 -19.18 -2.65 -19.96
C ILE C 315 -19.06 -1.91 -18.63
N VAL C 316 -17.94 -2.07 -17.93
CA VAL C 316 -17.76 -1.41 -16.64
C VAL C 316 -17.74 0.09 -16.83
N SER C 317 -18.53 0.80 -16.02
CA SER C 317 -18.63 2.25 -16.06
C SER C 317 -18.21 2.85 -14.72
N LYS C 318 -18.10 4.17 -14.69
CA LYS C 318 -17.68 4.85 -13.47
C LYS C 318 -18.76 4.76 -12.39
N TYR C 319 -20.02 4.61 -12.78
CA TYR C 319 -21.11 4.49 -11.83
C TYR C 319 -21.26 3.04 -11.38
N LEU C 320 -21.39 2.83 -10.07
CA LEU C 320 -21.52 1.47 -9.54
C LEU C 320 -22.79 0.80 -10.04
N GLY C 321 -23.91 1.53 -10.06
CA GLY C 321 -25.17 0.96 -10.49
C GLY C 321 -25.37 0.91 -11.99
N GLU C 322 -24.54 1.60 -12.77
CA GLU C 322 -24.69 1.58 -14.22
C GLU C 322 -24.46 0.19 -14.79
N THR C 323 -23.42 -0.50 -14.32
CA THR C 323 -23.16 -1.85 -14.82
C THR C 323 -24.25 -2.82 -14.38
N GLU C 324 -24.78 -2.65 -13.17
CA GLU C 324 -25.89 -3.49 -12.72
C GLU C 324 -27.13 -3.27 -13.59
N ALA C 325 -27.44 -2.01 -13.89
CA ALA C 325 -28.58 -1.71 -14.76
C ALA C 325 -28.37 -2.28 -16.16
N ALA C 326 -27.15 -2.16 -16.69
CA ALA C 326 -26.86 -2.71 -18.02
C ALA C 326 -27.03 -4.23 -18.03
N LEU C 327 -26.52 -4.91 -17.00
CA LEU C 327 -26.67 -6.36 -16.93
C LEU C 327 -28.13 -6.77 -16.80
N ARG C 328 -28.89 -6.03 -15.99
CA ARG C 328 -30.32 -6.32 -15.85
C ARG C 328 -31.06 -6.14 -17.17
N ASP C 329 -30.75 -5.06 -17.89
CA ASP C 329 -31.38 -4.83 -19.18
C ASP C 329 -31.00 -5.92 -20.19
N ILE C 330 -29.74 -6.34 -20.18
CA ILE C 330 -29.30 -7.40 -21.08
C ILE C 330 -30.03 -8.71 -20.77
N PHE C 331 -30.15 -9.04 -19.49
CA PHE C 331 -30.85 -10.27 -19.10
C PHE C 331 -32.33 -10.19 -19.46
N ASN C 332 -32.95 -9.02 -19.27
CA ASN C 332 -34.36 -8.86 -19.61
C ASN C 332 -34.56 -9.01 -21.12
N GLU C 333 -33.67 -8.42 -21.93
CA GLU C 333 -33.77 -8.57 -23.37
C GLU C 333 -33.57 -10.02 -23.78
N ALA C 334 -32.63 -10.73 -23.15
CA ALA C 334 -32.42 -12.14 -23.46
C ALA C 334 -33.64 -12.97 -23.12
N ARG C 335 -34.27 -12.69 -21.98
CA ARG C 335 -35.46 -13.44 -21.57
C ARG C 335 -36.69 -13.05 -22.37
N LYS C 336 -36.69 -11.87 -22.99
CA LYS C 336 -37.83 -11.45 -23.80
C LYS C 336 -38.03 -12.40 -24.99
N TYR C 337 -36.94 -12.79 -25.64
CA TYR C 337 -37.00 -13.70 -26.77
C TYR C 337 -36.67 -15.11 -26.30
N GLN C 338 -37.51 -16.07 -26.70
CA GLN C 338 -37.31 -17.45 -26.25
C GLN C 338 -35.96 -18.02 -26.67
N PRO C 339 -35.50 -17.89 -27.93
CA PRO C 339 -34.13 -18.32 -28.27
C PRO C 339 -33.12 -17.23 -27.92
N SER C 340 -32.25 -17.53 -26.97
CA SER C 340 -31.24 -16.57 -26.54
C SER C 340 -30.05 -17.31 -25.95
N ILE C 341 -28.85 -16.97 -26.43
CA ILE C 341 -27.60 -17.56 -25.94
C ILE C 341 -26.70 -16.43 -25.46
N ILE C 342 -26.12 -16.61 -24.28
CA ILE C 342 -25.28 -15.60 -23.66
C ILE C 342 -23.82 -16.01 -23.83
N PHE C 343 -23.01 -15.10 -24.39
CA PHE C 343 -21.57 -15.31 -24.54
C PHE C 343 -20.83 -14.35 -23.64
N ILE C 344 -19.93 -14.88 -22.81
CA ILE C 344 -19.13 -14.09 -21.89
C ILE C 344 -17.67 -14.42 -22.15
N ASP C 345 -16.84 -13.40 -22.33
CA ASP C 345 -15.43 -13.55 -22.61
C ASP C 345 -14.60 -12.85 -21.54
N GLU C 346 -13.45 -13.43 -21.21
CA GLU C 346 -12.54 -12.90 -20.20
C GLU C 346 -13.25 -12.75 -18.85
N ILE C 347 -13.69 -13.89 -18.33
CA ILE C 347 -14.42 -13.89 -17.05
C ILE C 347 -13.49 -13.50 -15.92
N ASP C 348 -12.23 -13.94 -15.97
CA ASP C 348 -11.30 -13.68 -14.87
C ASP C 348 -11.05 -12.18 -14.69
N SER C 349 -10.89 -11.45 -15.79
CA SER C 349 -10.72 -10.00 -15.69
C SER C 349 -12.01 -9.33 -15.19
N ILE C 350 -13.16 -9.75 -15.71
CA ILE C 350 -14.42 -9.16 -15.29
C ILE C 350 -14.76 -9.57 -13.86
N ALA C 351 -14.57 -10.84 -13.52
CA ALA C 351 -14.94 -11.39 -12.21
C ALA C 351 -13.74 -12.08 -11.60
N PRO C 352 -12.85 -11.33 -10.95
CA PRO C 352 -11.70 -11.95 -10.27
C PRO C 352 -12.14 -12.65 -8.99
N ASN C 353 -11.19 -13.39 -8.43
CA ASN C 353 -11.45 -14.10 -7.18
C ASN C 353 -11.71 -13.13 -6.05
N ARG C 354 -12.72 -13.44 -5.23
CA ARG C 354 -13.09 -12.56 -4.13
C ARG C 354 -11.96 -12.47 -3.10
N ALA C 355 -11.35 -13.61 -2.77
CA ALA C 355 -10.31 -13.65 -1.75
C ALA C 355 -8.93 -13.28 -2.30
N ASN C 356 -8.79 -13.12 -3.61
CA ASN C 356 -7.49 -12.78 -4.18
C ASN C 356 -7.05 -11.38 -3.78
N ASP C 357 -7.93 -10.39 -3.94
CA ASP C 357 -7.60 -9.02 -3.61
C ASP C 357 -8.88 -8.21 -3.50
N ASP C 358 -8.90 -7.24 -2.59
CA ASP C 358 -10.03 -6.33 -2.44
C ASP C 358 -9.74 -5.04 -3.20
N SER C 359 -9.77 -5.17 -4.54
CA SER C 359 -9.47 -4.02 -5.39
C SER C 359 -10.49 -2.91 -5.23
N GLY C 360 -11.76 -3.26 -5.12
CA GLY C 360 -12.83 -2.27 -5.02
C GLY C 360 -13.55 -2.07 -6.33
N GLU C 361 -14.52 -1.16 -6.29
CA GLU C 361 -15.38 -0.87 -7.44
C GLU C 361 -16.06 -2.13 -7.93
N VAL C 362 -15.52 -2.74 -8.98
CA VAL C 362 -16.04 -4.01 -9.47
C VAL C 362 -15.55 -5.14 -8.56
N GLU C 363 -16.48 -5.94 -8.07
CA GLU C 363 -16.19 -7.00 -7.11
C GLU C 363 -17.15 -8.16 -7.39
N SER C 364 -17.29 -9.05 -6.41
CA SER C 364 -18.19 -10.20 -6.54
C SER C 364 -19.65 -9.77 -6.48
N ARG C 365 -19.90 -8.46 -6.35
CA ARG C 365 -21.27 -7.96 -6.37
C ARG C 365 -21.93 -8.25 -7.71
N VAL C 366 -21.20 -8.03 -8.81
CA VAL C 366 -21.76 -8.34 -10.13
C VAL C 366 -22.01 -9.83 -10.27
N VAL C 367 -21.14 -10.65 -9.68
CA VAL C 367 -21.34 -12.10 -9.70
C VAL C 367 -22.62 -12.47 -8.97
N ALA C 368 -22.83 -11.90 -7.79
CA ALA C 368 -24.04 -12.18 -7.03
C ALA C 368 -25.29 -11.73 -7.78
N THR C 369 -25.23 -10.54 -8.41
CA THR C 369 -26.38 -10.04 -9.15
C THR C 369 -26.71 -10.94 -10.34
N LEU C 370 -25.68 -11.34 -11.11
CA LEU C 370 -25.95 -12.20 -12.26
C LEU C 370 -26.46 -13.57 -11.82
N LEU C 371 -25.94 -14.10 -10.71
CA LEU C 371 -26.44 -15.37 -10.18
C LEU C 371 -27.90 -15.25 -9.77
N THR C 372 -28.25 -14.15 -9.09
CA THR C 372 -29.65 -13.95 -8.68
C THR C 372 -30.56 -13.83 -9.90
N LEU C 373 -30.11 -13.10 -10.93
CA LEU C 373 -30.93 -12.96 -12.14
C LEU C 373 -31.11 -14.29 -12.85
N MET C 374 -30.06 -15.11 -12.93
CA MET C 374 -30.18 -16.39 -13.62
C MET C 374 -30.92 -17.43 -12.77
N ASP C 375 -31.04 -17.22 -11.46
CA ASP C 375 -31.85 -18.12 -10.66
C ASP C 375 -33.33 -18.02 -11.02
N GLY C 376 -33.83 -16.81 -11.26
CA GLY C 376 -35.24 -16.60 -11.50
C GLY C 376 -35.62 -16.40 -12.95
N MET C 377 -34.70 -16.68 -13.87
CA MET C 377 -35.01 -16.52 -15.29
C MET C 377 -36.05 -17.53 -15.74
N GLY C 378 -36.00 -18.74 -15.21
CA GLY C 378 -36.94 -19.79 -15.59
C GLY C 378 -36.44 -21.13 -15.15
N ALA C 379 -37.31 -22.13 -15.31
CA ALA C 379 -36.97 -23.49 -14.90
C ALA C 379 -36.38 -24.29 -16.07
N ALA C 380 -37.17 -24.49 -17.13
CA ALA C 380 -36.70 -25.26 -18.28
C ALA C 380 -36.13 -24.37 -19.37
N GLY C 381 -36.95 -23.53 -19.98
CA GLY C 381 -36.52 -22.59 -21.00
C GLY C 381 -35.66 -23.20 -22.10
N LYS C 382 -34.93 -22.35 -22.80
CA LYS C 382 -33.83 -22.81 -23.66
C LYS C 382 -32.78 -21.70 -23.69
N VAL C 383 -31.82 -21.79 -22.76
CA VAL C 383 -30.77 -20.78 -22.59
C VAL C 383 -29.52 -21.48 -22.08
N VAL C 384 -28.40 -21.24 -22.76
CA VAL C 384 -27.09 -21.73 -22.32
C VAL C 384 -26.11 -20.57 -22.35
N VAL C 385 -25.09 -20.66 -21.50
CA VAL C 385 -24.08 -19.62 -21.38
C VAL C 385 -22.72 -20.25 -21.68
N ILE C 386 -21.99 -19.65 -22.61
CA ILE C 386 -20.66 -20.13 -22.99
C ILE C 386 -19.63 -19.21 -22.35
N ALA C 387 -18.77 -19.77 -21.52
CA ALA C 387 -17.74 -19.01 -20.80
C ALA C 387 -16.37 -19.51 -21.20
N ALA C 388 -15.50 -18.59 -21.61
CA ALA C 388 -14.14 -18.91 -22.01
C ALA C 388 -13.17 -18.11 -21.13
N THR C 389 -12.33 -18.82 -20.39
CA THR C 389 -11.37 -18.18 -19.50
C THR C 389 -10.01 -18.87 -19.64
N ASN C 390 -8.96 -18.12 -19.31
CA ASN C 390 -7.61 -18.65 -19.41
C ASN C 390 -7.35 -19.67 -18.30
N ARG C 391 -7.73 -19.34 -17.07
CA ARG C 391 -7.49 -20.22 -15.93
C ARG C 391 -8.69 -20.20 -14.99
N PRO C 392 -9.25 -21.38 -14.66
CA PRO C 392 -10.38 -21.41 -13.72
C PRO C 392 -10.04 -20.90 -12.32
N ASN C 393 -8.77 -20.95 -11.92
CA ASN C 393 -8.40 -20.48 -10.59
C ASN C 393 -8.68 -19.00 -10.42
N SER C 394 -8.36 -18.20 -11.44
CA SER C 394 -8.65 -16.77 -11.38
C SER C 394 -10.14 -16.48 -11.35
N VAL C 395 -10.97 -17.39 -11.87
CA VAL C 395 -12.41 -17.21 -11.81
C VAL C 395 -12.89 -17.39 -10.38
N ASP C 396 -13.97 -16.68 -10.04
CA ASP C 396 -14.52 -16.76 -8.70
C ASP C 396 -15.03 -18.18 -8.43
N PRO C 397 -14.64 -18.79 -7.31
CA PRO C 397 -15.13 -20.15 -7.02
C PRO C 397 -16.63 -20.23 -6.82
N ALA C 398 -17.30 -19.11 -6.54
CA ALA C 398 -18.75 -19.13 -6.38
C ALA C 398 -19.44 -19.55 -7.67
N LEU C 399 -18.97 -19.03 -8.82
CA LEU C 399 -19.51 -19.46 -10.09
C LEU C 399 -19.24 -20.94 -10.34
N ARG C 400 -18.02 -21.39 -10.06
CA ARG C 400 -17.64 -22.78 -10.27
C ARG C 400 -18.25 -23.65 -9.17
N ARG C 401 -19.54 -23.94 -9.34
CA ARG C 401 -20.29 -24.75 -8.39
C ARG C 401 -21.04 -25.85 -9.14
N PRO C 402 -21.14 -27.04 -8.57
CA PRO C 402 -21.90 -28.11 -9.24
C PRO C 402 -23.36 -27.75 -9.47
N GLY C 403 -23.95 -26.89 -8.64
CA GLY C 403 -25.34 -26.50 -8.82
C GLY C 403 -25.58 -25.52 -9.94
N ARG C 404 -24.53 -24.87 -10.44
CA ARG C 404 -24.66 -23.87 -11.49
C ARG C 404 -23.85 -24.20 -12.74
N PHE C 405 -22.68 -24.81 -12.61
CA PHE C 405 -21.83 -25.15 -13.75
C PHE C 405 -21.53 -26.64 -13.77
N ASP C 406 -22.58 -27.46 -13.64
CA ASP C 406 -22.40 -28.91 -13.56
C ASP C 406 -21.75 -29.47 -14.81
N GLN C 407 -21.96 -28.83 -15.97
CA GLN C 407 -21.39 -29.29 -17.23
C GLN C 407 -20.08 -28.58 -17.50
N GLU C 408 -19.03 -29.36 -17.74
CA GLU C 408 -17.70 -28.84 -17.98
C GLU C 408 -17.20 -29.31 -19.33
N VAL C 409 -16.61 -28.38 -20.08
CA VAL C 409 -16.00 -28.67 -21.39
C VAL C 409 -14.50 -28.42 -21.25
N GLU C 410 -13.70 -29.44 -21.53
CA GLU C 410 -12.25 -29.39 -21.37
C GLU C 410 -11.61 -29.32 -22.75
N ILE C 411 -10.75 -28.32 -22.94
CA ILE C 411 -9.98 -28.16 -24.17
C ILE C 411 -8.51 -28.11 -23.81
N GLY C 412 -7.74 -29.09 -24.28
CA GLY C 412 -6.33 -29.17 -24.01
C GLY C 412 -5.48 -28.89 -25.24
N ILE C 413 -4.17 -29.03 -25.04
CA ILE C 413 -3.22 -28.83 -26.13
C ILE C 413 -3.42 -29.94 -27.17
N PRO C 414 -3.45 -29.61 -28.47
CA PRO C 414 -3.58 -30.65 -29.49
C PRO C 414 -2.36 -31.57 -29.48
N ASP C 415 -2.61 -32.85 -29.76
CA ASP C 415 -1.54 -33.83 -29.85
C ASP C 415 -1.07 -33.94 -31.31
N VAL C 416 -0.27 -34.96 -31.61
CA VAL C 416 0.26 -35.13 -32.96
C VAL C 416 -0.87 -35.37 -33.95
N ASP C 417 -1.84 -36.22 -33.59
CA ASP C 417 -2.94 -36.52 -34.48
C ASP C 417 -3.78 -35.28 -34.77
N ALA C 418 -4.09 -34.50 -33.72
CA ALA C 418 -4.88 -33.29 -33.92
C ALA C 418 -4.14 -32.27 -34.78
N ARG C 419 -2.83 -32.12 -34.54
CA ARG C 419 -2.04 -31.20 -35.35
C ARG C 419 -2.02 -31.63 -36.81
N PHE C 420 -1.82 -32.92 -37.07
CA PHE C 420 -1.84 -33.42 -38.43
C PHE C 420 -3.19 -33.18 -39.09
N ASP C 421 -4.28 -33.45 -38.36
CA ASP C 421 -5.61 -33.24 -38.91
C ASP C 421 -5.85 -31.79 -39.25
N ILE C 422 -5.52 -30.87 -38.34
CA ILE C 422 -5.78 -29.46 -38.59
C ILE C 422 -4.90 -28.93 -39.72
N LEU C 423 -3.66 -29.41 -39.82
CA LEU C 423 -2.82 -29.03 -40.95
C LEU C 423 -3.41 -29.51 -42.27
N THR C 424 -3.94 -30.73 -42.30
CA THR C 424 -4.56 -31.22 -43.52
C THR C 424 -5.79 -30.37 -43.88
N LYS C 425 -6.62 -30.03 -42.90
CA LYS C 425 -7.81 -29.25 -43.19
C LYS C 425 -7.45 -27.85 -43.67
N GLN C 426 -6.42 -27.23 -43.10
CA GLN C 426 -6.06 -25.89 -43.57
C GLN C 426 -5.33 -25.92 -44.91
N PHE C 427 -4.56 -26.98 -45.19
CA PHE C 427 -4.13 -27.24 -46.56
C PHE C 427 -5.32 -27.27 -47.52
N SER C 428 -6.35 -28.04 -47.19
CA SER C 428 -7.54 -28.04 -48.03
C SER C 428 -8.21 -26.67 -48.06
N ARG C 429 -8.03 -25.88 -47.00
CA ARG C 429 -8.62 -24.55 -46.94
C ARG C 429 -8.04 -23.63 -48.01
N MET C 430 -6.70 -23.58 -48.12
CA MET C 430 -6.17 -22.74 -49.21
C MET C 430 -5.98 -23.53 -50.50
N SER C 431 -6.39 -24.80 -50.55
CA SER C 431 -6.46 -25.57 -51.79
C SER C 431 -5.07 -25.92 -52.31
N SER C 432 -5.02 -26.84 -53.27
CA SER C 432 -3.75 -27.32 -53.82
C SER C 432 -3.31 -26.54 -55.06
N ASP C 433 -4.07 -25.54 -55.48
CA ASP C 433 -3.68 -24.75 -56.64
C ASP C 433 -2.39 -23.96 -56.36
N ARG C 434 -2.29 -23.38 -55.17
CA ARG C 434 -1.12 -22.57 -54.84
C ARG C 434 0.11 -23.43 -54.56
N HIS C 435 -0.07 -24.54 -53.84
CA HIS C 435 1.04 -25.40 -53.46
C HIS C 435 0.62 -26.86 -53.61
N VAL C 436 1.61 -27.71 -53.91
CA VAL C 436 1.39 -29.14 -54.06
C VAL C 436 2.31 -29.85 -53.06
N LEU C 437 1.70 -30.47 -52.04
CA LEU C 437 2.44 -31.20 -51.03
C LEU C 437 1.87 -32.60 -50.89
N ASP C 438 2.72 -33.54 -50.48
CA ASP C 438 2.32 -34.92 -50.26
C ASP C 438 2.04 -35.18 -48.79
N SER C 439 1.45 -36.36 -48.53
CA SER C 439 1.10 -36.71 -47.15
C SER C 439 2.34 -36.97 -46.31
N GLU C 440 3.44 -37.39 -46.93
CA GLU C 440 4.67 -37.63 -46.19
C GLU C 440 5.20 -36.36 -45.55
N ALA C 441 5.15 -35.24 -46.27
CA ALA C 441 5.58 -33.96 -45.71
C ALA C 441 4.68 -33.55 -44.55
N ILE C 442 3.37 -33.77 -44.67
CA ILE C 442 2.45 -33.43 -43.59
C ILE C 442 2.75 -34.27 -42.36
N LYS C 443 3.00 -35.57 -42.55
CA LYS C 443 3.34 -36.43 -41.42
C LYS C 443 4.64 -36.01 -40.77
N TYR C 444 5.64 -35.65 -41.58
CA TYR C 444 6.92 -35.20 -41.03
C TYR C 444 6.74 -33.92 -40.22
N ILE C 445 5.96 -32.97 -40.73
CA ILE C 445 5.71 -31.73 -40.01
C ILE C 445 4.98 -32.01 -38.70
N ALA C 446 3.97 -32.89 -38.73
CA ALA C 446 3.23 -33.22 -37.53
C ALA C 446 4.13 -33.89 -36.49
N SER C 447 5.02 -34.78 -36.93
CA SER C 447 5.95 -35.41 -36.01
C SER C 447 6.92 -34.40 -35.42
N LYS C 448 7.42 -33.47 -36.24
CA LYS C 448 8.36 -32.46 -35.75
C LYS C 448 7.68 -31.48 -34.81
N THR C 449 6.46 -31.06 -35.12
CA THR C 449 5.75 -30.07 -34.32
C THR C 449 4.99 -30.79 -33.21
N HIS C 450 5.48 -30.66 -31.98
CA HIS C 450 4.86 -31.30 -30.82
C HIS C 450 4.37 -30.31 -29.76
N GLY C 451 5.16 -29.28 -29.47
CA GLY C 451 4.80 -28.29 -28.48
C GLY C 451 4.04 -27.09 -29.02
N TYR C 452 3.67 -27.10 -30.29
CA TYR C 452 2.97 -25.98 -30.90
C TYR C 452 1.46 -26.12 -30.73
N VAL C 453 0.74 -25.09 -31.17
CA VAL C 453 -0.71 -25.05 -31.08
C VAL C 453 -1.24 -24.55 -32.43
N GLY C 454 -2.56 -24.52 -32.57
CA GLY C 454 -3.17 -24.06 -33.81
C GLY C 454 -2.74 -22.65 -34.18
N ALA C 455 -2.72 -21.75 -33.20
CA ALA C 455 -2.21 -20.40 -33.44
C ALA C 455 -0.74 -20.45 -33.83
N ASP C 456 0.05 -21.29 -33.15
CA ASP C 456 1.47 -21.39 -33.45
C ASP C 456 1.70 -21.90 -34.88
N LEU C 457 0.94 -22.93 -35.29
CA LEU C 457 1.13 -23.45 -36.64
C LEU C 457 0.61 -22.49 -37.70
N THR C 458 -0.47 -21.76 -37.42
CA THR C 458 -0.95 -20.75 -38.35
C THR C 458 0.11 -19.65 -38.53
N ALA C 459 0.69 -19.19 -37.43
CA ALA C 459 1.75 -18.19 -37.52
C ALA C 459 2.97 -18.75 -38.24
N LEU C 460 3.26 -20.03 -38.05
CA LEU C 460 4.37 -20.67 -38.74
C LEU C 460 4.15 -20.69 -40.25
N CYS C 461 2.93 -21.05 -40.67
CA CYS C 461 2.62 -21.04 -42.10
C CYS C 461 2.69 -19.62 -42.66
N ARG C 462 2.19 -18.64 -41.91
CA ARG C 462 2.26 -17.24 -42.35
C ARG C 462 3.70 -16.80 -42.52
N GLU C 463 4.56 -17.13 -41.55
CA GLU C 463 5.97 -16.75 -41.64
C GLU C 463 6.67 -17.46 -42.79
N SER C 464 6.34 -18.74 -43.02
CA SER C 464 6.93 -19.46 -44.14
C SER C 464 6.54 -18.84 -45.47
N VAL C 465 5.27 -18.47 -45.62
CA VAL C 465 4.82 -17.82 -46.86
C VAL C 465 5.52 -16.48 -47.04
N MET C 466 5.62 -15.70 -45.96
CA MET C 466 6.27 -14.40 -46.04
C MET C 466 7.75 -14.55 -46.42
N LYS C 467 8.44 -15.52 -45.82
CA LYS C 467 9.84 -15.74 -46.14
C LYS C 467 10.01 -16.20 -47.58
N THR C 468 9.10 -17.05 -48.06
CA THR C 468 9.16 -17.47 -49.46
C THR C 468 9.00 -16.27 -50.39
N ILE C 469 8.03 -15.40 -50.09
CA ILE C 469 7.79 -14.23 -50.92
C ILE C 469 9.01 -13.32 -50.91
N GLN C 470 9.57 -13.06 -49.73
CA GLN C 470 10.73 -12.17 -49.62
C GLN C 470 11.93 -12.74 -50.37
N ARG C 471 12.19 -14.04 -50.21
CA ARG C 471 13.31 -14.66 -50.91
C ARG C 471 13.12 -14.60 -52.42
N GLY C 472 11.90 -14.90 -52.90
CA GLY C 472 11.66 -14.82 -54.33
C GLY C 472 11.85 -13.42 -54.88
N LEU C 473 11.32 -12.41 -54.18
CA LEU C 473 11.48 -11.04 -54.63
C LEU C 473 12.95 -10.65 -54.65
N GLY C 474 13.68 -10.92 -53.57
CA GLY C 474 15.07 -10.53 -53.49
C GLY C 474 16.00 -11.30 -54.42
N THR C 475 15.57 -12.49 -54.86
CA THR C 475 16.41 -13.29 -55.75
C THR C 475 16.07 -13.15 -57.22
N ASP C 476 14.85 -12.72 -57.56
CA ASP C 476 14.47 -12.63 -58.97
C ASP C 476 13.87 -11.28 -59.35
N ALA C 477 14.04 -10.24 -58.51
CA ALA C 477 13.63 -8.88 -58.84
C ALA C 477 12.13 -8.82 -59.16
N ASN C 478 11.33 -9.13 -58.15
CA ASN C 478 9.86 -9.06 -58.24
C ASN C 478 9.32 -9.96 -59.34
N ILE C 479 9.61 -11.25 -59.20
CA ILE C 479 9.08 -12.26 -60.12
C ILE C 479 7.74 -12.75 -59.61
N ASP C 480 6.98 -13.43 -60.47
CA ASP C 480 5.68 -13.95 -60.07
C ASP C 480 5.84 -15.04 -59.01
N LYS C 481 4.94 -15.04 -58.04
CA LYS C 481 4.96 -16.00 -56.95
C LYS C 481 4.47 -17.39 -57.38
N PHE C 482 3.73 -17.49 -58.49
CA PHE C 482 3.16 -18.76 -58.88
C PHE C 482 4.22 -19.82 -59.13
N SER C 483 5.34 -19.45 -59.75
CA SER C 483 6.41 -20.40 -60.02
C SER C 483 7.04 -20.91 -58.74
N LEU C 484 7.26 -20.01 -57.76
CA LEU C 484 7.98 -20.40 -56.55
C LEU C 484 7.15 -21.27 -55.61
N LYS C 485 5.82 -21.13 -55.64
CA LYS C 485 4.89 -21.83 -54.76
C LYS C 485 5.40 -21.93 -53.33
N VAL C 486 5.17 -23.07 -52.67
CA VAL C 486 5.60 -23.29 -51.29
C VAL C 486 6.58 -24.45 -51.29
N THR C 487 7.74 -24.23 -50.67
CA THR C 487 8.78 -25.25 -50.58
C THR C 487 9.04 -25.58 -49.11
N LEU C 488 9.64 -26.76 -48.89
CA LEU C 488 9.84 -27.26 -47.54
C LEU C 488 10.91 -26.48 -46.77
N LYS C 489 11.93 -25.96 -47.47
CA LYS C 489 13.02 -25.28 -46.79
C LYS C 489 12.54 -24.04 -46.05
N ASP C 490 11.62 -23.28 -46.66
CA ASP C 490 11.05 -22.14 -45.97
C ASP C 490 10.27 -22.56 -44.73
N VAL C 491 9.58 -23.70 -44.79
CA VAL C 491 8.88 -24.21 -43.61
C VAL C 491 9.87 -24.57 -42.51
N GLU C 492 10.99 -25.21 -42.88
CA GLU C 492 12.00 -25.54 -41.88
C GLU C 492 12.57 -24.28 -41.24
N SER C 493 12.85 -23.26 -42.05
CA SER C 493 13.30 -22.00 -41.48
C SER C 493 12.23 -21.38 -40.59
N ALA C 494 10.95 -21.60 -40.92
CA ALA C 494 9.87 -21.11 -40.08
C ALA C 494 9.87 -21.78 -38.72
N MET C 495 10.05 -23.11 -38.68
CA MET C 495 10.23 -23.76 -37.38
C MET C 495 11.48 -23.26 -36.67
N VAL C 496 12.52 -22.91 -37.44
CA VAL C 496 13.76 -22.44 -36.82
C VAL C 496 13.55 -21.11 -36.11
N ASP C 497 12.89 -20.16 -36.76
CA ASP C 497 12.76 -18.81 -36.23
C ASP C 497 11.38 -18.50 -35.69
N ILE C 498 10.55 -19.52 -35.42
CA ILE C 498 9.20 -19.27 -34.95
C ILE C 498 9.17 -18.72 -33.53
N ARG C 499 10.26 -18.87 -32.78
CA ARG C 499 10.35 -18.39 -31.40
C ARG C 499 9.21 -18.95 -30.56
N PRO C 500 9.22 -20.25 -30.24
CA PRO C 500 8.13 -20.80 -29.43
C PRO C 500 8.08 -20.16 -28.06
N SER C 501 6.85 -19.97 -27.56
CA SER C 501 6.64 -19.37 -26.25
C SER C 501 5.59 -20.08 -25.42
N ALA C 502 4.92 -21.09 -25.95
CA ALA C 502 3.89 -21.83 -25.22
C ALA C 502 4.39 -23.16 -24.69
N MET C 503 5.69 -23.43 -24.80
CA MET C 503 6.21 -24.70 -24.32
C MET C 503 6.10 -24.82 -22.81
N ARG C 504 6.40 -23.74 -22.08
CA ARG C 504 6.34 -23.75 -20.63
C ARG C 504 4.89 -23.59 -20.17
N GLU C 505 4.35 -24.66 -19.59
CA GLU C 505 2.96 -24.67 -19.10
C GLU C 505 2.82 -25.87 -18.17
N ILE C 506 1.58 -26.16 -17.75
CA ILE C 506 1.34 -27.30 -16.89
C ILE C 506 1.32 -28.61 -17.66
N PHE C 507 1.12 -28.57 -18.97
CA PHE C 507 1.07 -29.76 -19.82
C PHE C 507 2.37 -29.88 -20.59
N LEU C 508 3.16 -30.89 -20.26
CA LEU C 508 4.38 -31.20 -20.98
C LEU C 508 4.11 -32.42 -21.86
N GLU C 509 3.88 -32.19 -23.15
CA GLU C 509 3.49 -33.23 -24.09
C GLU C 509 4.67 -33.54 -25.00
N MET C 510 5.37 -34.63 -24.73
CA MET C 510 6.47 -35.06 -25.57
C MET C 510 5.93 -35.68 -26.87
N PRO C 511 6.72 -35.65 -27.95
CA PRO C 511 6.23 -36.15 -29.24
C PRO C 511 5.83 -37.62 -29.17
N LYS C 512 4.77 -37.96 -29.90
CA LYS C 512 4.32 -39.35 -29.97
C LYS C 512 5.30 -40.17 -30.79
N VAL C 513 5.69 -41.33 -30.26
CA VAL C 513 6.66 -42.21 -30.91
C VAL C 513 6.12 -43.63 -30.91
N TYR C 514 6.57 -44.42 -31.88
CA TYR C 514 6.18 -45.81 -32.01
C TYR C 514 7.20 -46.71 -31.33
N TRP C 515 7.07 -48.02 -31.54
CA TRP C 515 7.98 -48.99 -30.94
C TRP C 515 9.28 -49.16 -31.73
N SER C 516 9.42 -48.48 -32.88
CA SER C 516 10.65 -48.62 -33.66
C SER C 516 11.81 -47.86 -33.03
N ASP C 517 11.51 -46.88 -32.17
CA ASP C 517 12.57 -46.08 -31.58
C ASP C 517 13.43 -46.91 -30.62
N ILE C 518 12.80 -47.68 -29.73
CA ILE C 518 13.51 -48.47 -28.74
C ILE C 518 12.94 -49.88 -28.73
N GLY C 519 13.79 -50.84 -28.37
CA GLY C 519 13.37 -52.23 -28.34
C GLY C 519 12.91 -52.68 -26.97
N GLY C 520 13.60 -53.65 -26.40
CA GLY C 520 13.23 -54.19 -25.10
C GLY C 520 13.01 -55.69 -25.16
N GLN C 521 13.16 -56.34 -24.02
CA GLN C 521 12.97 -57.79 -23.94
C GLN C 521 11.51 -58.14 -24.15
N GLU C 522 11.28 -59.23 -24.89
CA GLU C 522 9.91 -59.67 -25.16
C GLU C 522 9.20 -60.09 -23.88
N GLU C 523 9.91 -60.83 -23.01
CA GLU C 523 9.31 -61.23 -21.73
C GLU C 523 9.03 -60.01 -20.86
N LEU C 524 9.98 -59.07 -20.80
CA LEU C 524 9.77 -57.85 -20.02
C LEU C 524 8.61 -57.04 -20.58
N LYS C 525 8.52 -56.95 -21.90
CA LYS C 525 7.42 -56.21 -22.53
C LYS C 525 6.08 -56.83 -22.17
N THR C 526 5.98 -58.16 -22.26
CA THR C 526 4.73 -58.84 -21.92
C THR C 526 4.39 -58.64 -20.44
N LYS C 527 5.39 -58.75 -19.56
CA LYS C 527 5.14 -58.57 -18.14
C LYS C 527 4.62 -57.16 -17.85
N MET C 528 5.28 -56.14 -18.39
CA MET C 528 4.87 -54.77 -18.11
C MET C 528 3.52 -54.45 -18.74
N LYS C 529 3.23 -55.02 -19.91
CA LYS C 529 1.90 -54.87 -20.48
C LYS C 529 0.84 -55.52 -19.59
N GLU C 530 1.17 -56.67 -19.00
CA GLU C 530 0.24 -57.32 -18.08
C GLU C 530 -0.01 -56.44 -16.84
N MET C 531 1.05 -55.83 -16.31
CA MET C 531 0.86 -54.95 -15.16
C MET C 531 0.02 -53.72 -15.53
N ILE C 532 0.27 -53.13 -16.70
CA ILE C 532 -0.44 -51.90 -17.06
C ILE C 532 -1.82 -52.16 -17.64
N GLN C 533 -2.18 -53.41 -17.91
CA GLN C 533 -3.47 -53.73 -18.51
C GLN C 533 -4.58 -53.92 -17.48
N LEU C 534 -4.28 -53.78 -16.19
CA LEU C 534 -5.29 -53.98 -15.16
C LEU C 534 -6.46 -53.00 -15.27
N PRO C 535 -6.26 -51.67 -15.39
CA PRO C 535 -7.42 -50.77 -15.41
C PRO C 535 -8.04 -50.61 -16.79
N LEU C 536 -7.67 -51.50 -17.73
CA LEU C 536 -8.15 -51.42 -19.11
C LEU C 536 -9.28 -52.38 -19.40
N GLU C 537 -9.11 -53.67 -19.12
CA GLU C 537 -10.10 -54.68 -19.45
C GLU C 537 -10.69 -55.36 -18.23
N ALA C 538 -10.35 -54.92 -17.02
CA ALA C 538 -10.82 -55.54 -15.79
C ALA C 538 -11.68 -54.58 -14.98
N SER C 539 -12.41 -53.70 -15.65
CA SER C 539 -13.27 -52.75 -14.95
C SER C 539 -14.40 -53.48 -14.21
N GLU C 540 -15.10 -54.38 -14.92
CA GLU C 540 -16.17 -55.13 -14.27
C GLU C 540 -15.61 -56.09 -13.22
N THR C 541 -14.44 -56.67 -13.49
CA THR C 541 -13.81 -57.54 -12.49
C THR C 541 -13.46 -56.77 -11.23
N PHE C 542 -12.90 -55.57 -11.39
CA PHE C 542 -12.58 -54.73 -10.23
C PHE C 542 -13.86 -54.32 -9.48
N ALA C 543 -14.91 -54.00 -10.23
CA ALA C 543 -16.17 -53.61 -9.59
C ALA C 543 -16.77 -54.75 -8.79
N ARG C 544 -16.73 -55.97 -9.34
CA ARG C 544 -17.33 -57.12 -8.68
C ARG C 544 -16.42 -57.74 -7.62
N LEU C 545 -15.13 -57.40 -7.60
CA LEU C 545 -14.22 -57.93 -6.59
C LEU C 545 -13.66 -56.87 -5.66
N GLY C 546 -13.95 -55.59 -5.91
CA GLY C 546 -13.44 -54.53 -5.04
C GLY C 546 -11.93 -54.41 -5.05
N ILE C 547 -11.31 -54.57 -6.21
CA ILE C 547 -9.85 -54.48 -6.33
C ILE C 547 -9.42 -53.07 -6.68
N SER C 548 -10.07 -52.47 -7.67
CA SER C 548 -9.79 -51.10 -8.12
C SER C 548 -8.34 -51.02 -8.60
N ALA C 549 -7.73 -49.84 -8.52
CA ALA C 549 -6.36 -49.64 -8.97
C ALA C 549 -5.43 -49.58 -7.78
N PRO C 550 -4.47 -50.49 -7.65
CA PRO C 550 -3.51 -50.42 -6.53
C PRO C 550 -2.69 -49.13 -6.54
N LYS C 551 -2.50 -48.53 -7.71
CA LYS C 551 -1.77 -47.27 -7.89
C LYS C 551 -0.31 -47.35 -7.48
N GLY C 552 0.24 -48.56 -7.32
CA GLY C 552 1.64 -48.70 -6.98
C GLY C 552 2.46 -49.30 -8.09
N VAL C 553 3.28 -48.48 -8.74
CA VAL C 553 4.14 -48.93 -9.83
C VAL C 553 5.21 -47.87 -10.06
N LEU C 554 6.43 -48.32 -10.31
CA LEU C 554 7.54 -47.42 -10.59
C LEU C 554 8.45 -48.07 -11.63
N LEU C 555 8.98 -47.25 -12.53
CA LEU C 555 9.86 -47.71 -13.60
C LEU C 555 11.24 -47.14 -13.37
N TYR C 556 12.16 -47.99 -12.91
CA TYR C 556 13.55 -47.62 -12.68
C TYR C 556 14.46 -48.46 -13.55
N GLY C 557 15.45 -47.82 -14.15
CA GLY C 557 16.38 -48.50 -15.03
C GLY C 557 17.71 -47.79 -15.12
N PRO C 558 18.72 -48.48 -15.67
CA PRO C 558 20.03 -47.86 -15.82
C PRO C 558 20.01 -46.70 -16.81
N PRO C 559 20.90 -45.74 -16.59
CA PRO C 559 21.11 -44.57 -17.43
C PRO C 559 19.89 -43.64 -17.46
N GLY C 560 18.88 -43.90 -16.64
CA GLY C 560 17.71 -43.04 -16.59
C GLY C 560 16.95 -42.95 -17.90
N CYS C 561 16.73 -44.07 -18.57
CA CYS C 561 16.02 -44.09 -19.84
C CYS C 561 15.24 -45.41 -19.95
N SER C 562 14.77 -45.71 -21.15
CA SER C 562 14.02 -46.91 -21.48
C SER C 562 12.69 -47.00 -20.75
N LYS C 563 12.21 -45.90 -20.16
CA LYS C 563 10.92 -45.88 -19.47
C LYS C 563 9.93 -44.94 -20.14
N THR C 564 10.28 -43.67 -20.29
CA THR C 564 9.36 -42.70 -20.88
C THR C 564 9.11 -43.01 -22.35
N LEU C 565 10.15 -43.44 -23.08
CA LEU C 565 9.96 -43.80 -24.48
C LEU C 565 9.03 -45.01 -24.61
N THR C 566 9.20 -46.00 -23.73
CA THR C 566 8.32 -47.16 -23.75
C THR C 566 6.88 -46.76 -23.42
N ALA C 567 6.71 -45.86 -22.46
CA ALA C 567 5.36 -45.39 -22.12
C ALA C 567 4.73 -44.63 -23.28
N LYS C 568 5.51 -43.82 -23.98
CA LYS C 568 5.00 -43.11 -25.15
C LYS C 568 4.61 -44.10 -26.25
N ALA C 569 5.41 -45.15 -26.44
CA ALA C 569 5.06 -46.19 -27.40
C ALA C 569 3.76 -46.88 -26.99
N LEU C 570 3.57 -47.14 -25.70
CA LEU C 570 2.32 -47.71 -25.22
C LEU C 570 1.14 -46.80 -25.54
N ALA C 571 1.30 -45.50 -25.27
CA ALA C 571 0.21 -44.55 -25.53
C ALA C 571 -0.11 -44.50 -27.02
N THR C 572 0.91 -44.52 -27.87
CA THR C 572 0.68 -44.50 -29.32
C THR C 572 -0.01 -45.78 -29.79
N GLU C 573 0.41 -46.93 -29.26
CA GLU C 573 -0.10 -48.21 -29.73
C GLU C 573 -1.45 -48.57 -29.12
N SER C 574 -1.86 -47.91 -28.05
CA SER C 574 -3.12 -48.21 -27.37
C SER C 574 -4.17 -47.12 -27.53
N GLY C 575 -3.83 -45.88 -27.18
CA GLY C 575 -4.76 -44.78 -27.31
C GLY C 575 -4.99 -44.00 -26.03
N ILE C 576 -4.57 -44.58 -24.89
CA ILE C 576 -4.72 -43.91 -23.62
C ILE C 576 -3.74 -42.75 -23.54
N ASN C 577 -4.24 -41.58 -23.15
CA ASN C 577 -3.42 -40.39 -23.06
C ASN C 577 -2.38 -40.55 -21.96
N PHE C 578 -1.14 -40.14 -22.25
CA PHE C 578 -0.03 -40.23 -21.32
C PHE C 578 0.48 -38.83 -21.01
N LEU C 579 0.67 -38.53 -19.73
CA LEU C 579 1.17 -37.24 -19.28
C LEU C 579 2.60 -37.37 -18.79
N ALA C 580 3.36 -36.30 -18.96
CA ALA C 580 4.76 -36.24 -18.52
C ALA C 580 4.93 -35.00 -17.66
N VAL C 581 5.47 -35.17 -16.46
CA VAL C 581 5.71 -34.08 -15.53
C VAL C 581 7.20 -34.05 -15.20
N LYS C 582 7.83 -32.90 -15.42
CA LYS C 582 9.24 -32.71 -15.11
C LYS C 582 9.39 -32.18 -13.70
N GLY C 583 10.43 -32.63 -12.99
CA GLY C 583 10.70 -32.20 -11.65
C GLY C 583 11.04 -30.73 -11.52
N PRO C 584 11.99 -30.24 -12.30
CA PRO C 584 12.35 -28.80 -12.21
C PRO C 584 11.21 -27.85 -12.53
N GLU C 585 10.31 -28.20 -13.45
CA GLU C 585 9.36 -27.20 -13.94
C GLU C 585 8.24 -26.91 -12.95
N ILE C 586 7.88 -27.87 -12.09
CA ILE C 586 6.83 -27.59 -11.11
C ILE C 586 7.30 -26.55 -10.09
N PHE C 587 8.56 -26.63 -9.68
CA PHE C 587 9.10 -25.64 -8.76
C PHE C 587 9.25 -24.29 -9.46
N ASN C 588 8.89 -23.22 -8.75
CA ASN C 588 8.94 -21.88 -9.28
C ASN C 588 9.41 -20.92 -8.20
N LYS C 589 9.83 -19.73 -8.64
CA LYS C 589 10.28 -18.71 -7.69
C LYS C 589 9.13 -18.28 -6.78
N TYR C 590 7.94 -18.12 -7.33
CA TYR C 590 6.78 -17.76 -6.52
C TYR C 590 6.43 -18.86 -5.54
N VAL C 591 6.02 -18.48 -4.34
CA VAL C 591 5.69 -19.44 -3.29
C VAL C 591 4.29 -19.97 -3.52
N GLY C 592 4.15 -21.30 -3.52
CA GLY C 592 2.87 -21.95 -3.69
C GLY C 592 2.50 -22.28 -5.13
N GLU C 593 3.32 -21.88 -6.10
CA GLU C 593 3.02 -22.20 -7.49
C GLU C 593 3.03 -23.71 -7.74
N SER C 594 4.01 -24.41 -7.16
CA SER C 594 4.10 -25.85 -7.36
C SER C 594 2.88 -26.56 -6.78
N GLU C 595 2.45 -26.16 -5.58
CA GLU C 595 1.28 -26.78 -4.97
C GLU C 595 0.03 -26.53 -5.80
N ARG C 596 -0.15 -25.30 -6.30
CA ARG C 596 -1.30 -24.99 -7.14
C ARG C 596 -1.28 -25.81 -8.42
N ALA C 597 -0.11 -25.94 -9.04
CA ALA C 597 0.00 -26.74 -10.26
C ALA C 597 -0.32 -28.21 -9.99
N ILE C 598 0.16 -28.74 -8.87
CA ILE C 598 -0.11 -30.14 -8.52
C ILE C 598 -1.61 -30.34 -8.31
N ARG C 599 -2.24 -29.43 -7.56
CA ARG C 599 -3.69 -29.53 -7.34
C ARG C 599 -4.45 -29.45 -8.66
N GLU C 600 -4.04 -28.53 -9.54
CA GLU C 600 -4.73 -28.38 -10.81
C GLU C 600 -4.60 -29.62 -11.68
N ILE C 601 -3.39 -30.20 -11.77
CA ILE C 601 -3.21 -31.36 -12.61
C ILE C 601 -3.93 -32.57 -12.04
N PHE C 602 -3.94 -32.71 -10.70
CA PHE C 602 -4.68 -33.82 -10.10
C PHE C 602 -6.17 -33.68 -10.34
N ARG C 603 -6.72 -32.47 -10.17
CA ARG C 603 -8.14 -32.26 -10.42
C ARG C 603 -8.49 -32.51 -11.88
N LYS C 604 -7.62 -32.07 -12.80
CA LYS C 604 -7.90 -32.27 -14.22
C LYS C 604 -7.84 -33.74 -14.59
N ALA C 605 -6.90 -34.49 -14.00
CA ALA C 605 -6.85 -35.93 -14.23
C ALA C 605 -8.08 -36.61 -13.67
N ARG C 606 -8.55 -36.17 -12.50
CA ARG C 606 -9.76 -36.75 -11.92
C ARG C 606 -10.97 -36.48 -12.79
N SER C 607 -11.11 -35.27 -13.31
CA SER C 607 -12.27 -34.87 -14.09
C SER C 607 -12.16 -35.21 -15.57
N ALA C 608 -11.01 -35.72 -16.02
CA ALA C 608 -10.79 -36.04 -17.42
C ALA C 608 -10.85 -37.54 -17.69
N ALA C 609 -11.78 -38.24 -17.03
CA ALA C 609 -12.01 -39.68 -17.16
C ALA C 609 -10.83 -40.47 -16.59
N PRO C 610 -11.02 -41.77 -16.28
CA PRO C 610 -9.91 -42.57 -15.76
C PRO C 610 -8.70 -42.57 -16.68
N SER C 611 -7.58 -42.03 -16.19
CA SER C 611 -6.34 -41.96 -16.96
C SER C 611 -5.20 -42.33 -16.02
N ILE C 612 -3.97 -42.11 -16.47
CA ILE C 612 -2.77 -42.41 -15.69
C ILE C 612 -1.93 -41.14 -15.57
N ILE C 613 -1.37 -40.92 -14.37
CA ILE C 613 -0.54 -39.77 -14.08
C ILE C 613 0.89 -40.25 -13.87
N PHE C 614 1.84 -39.61 -14.53
CA PHE C 614 3.24 -39.99 -14.49
C PHE C 614 4.10 -38.83 -14.01
N PHE C 615 5.04 -39.13 -13.12
CA PHE C 615 6.03 -38.18 -12.64
C PHE C 615 7.41 -38.69 -13.03
N ASP C 616 8.08 -37.98 -13.93
CA ASP C 616 9.38 -38.45 -14.42
C ASP C 616 10.48 -38.19 -13.39
N GLU C 617 10.41 -37.06 -12.69
CA GLU C 617 11.43 -36.66 -11.73
C GLU C 617 10.78 -36.41 -10.38
N ILE C 618 11.05 -37.29 -9.41
CA ILE C 618 10.57 -37.10 -8.05
C ILE C 618 11.71 -36.81 -7.08
N ASP C 619 12.96 -37.00 -7.49
CA ASP C 619 14.11 -36.79 -6.63
C ASP C 619 14.32 -35.34 -6.24
N ALA C 620 13.62 -34.40 -6.86
CA ALA C 620 13.75 -32.99 -6.51
C ALA C 620 13.01 -32.62 -5.23
N LEU C 621 12.13 -33.48 -4.73
CA LEU C 621 11.33 -33.14 -3.56
C LEU C 621 11.37 -34.22 -2.49
N SER C 622 11.55 -35.48 -2.89
CA SER C 622 11.52 -36.58 -1.93
C SER C 622 12.61 -36.51 -0.88
N PRO C 623 13.91 -36.35 -1.22
CA PRO C 623 14.92 -36.29 -0.16
C PRO C 623 14.91 -34.99 0.62
N ASP C 624 14.50 -35.06 1.87
CA ASP C 624 14.45 -33.89 2.75
C ASP C 624 15.37 -34.00 3.96
N ARG C 625 15.35 -35.15 4.65
CA ARG C 625 16.21 -35.31 5.81
C ARG C 625 17.68 -35.29 5.43
N ASP C 626 18.05 -36.01 4.36
CA ASP C 626 19.45 -36.02 3.93
C ASP C 626 19.84 -34.72 3.25
N GLY C 627 18.95 -34.18 2.42
CA GLY C 627 19.24 -32.97 1.67
C GLY C 627 19.01 -31.67 2.40
N SER C 628 18.50 -31.71 3.62
CA SER C 628 18.22 -30.52 4.42
C SER C 628 17.31 -29.56 3.65
N SER C 629 16.25 -30.11 3.05
CA SER C 629 15.34 -29.31 2.25
C SER C 629 14.50 -28.40 3.14
N THR C 630 13.93 -27.36 2.52
CA THR C 630 13.13 -26.39 3.24
C THR C 630 11.75 -26.99 3.57
N SER C 631 10.93 -26.18 4.25
CA SER C 631 9.61 -26.64 4.65
C SER C 631 8.67 -26.85 3.47
N ALA C 632 8.96 -26.22 2.32
CA ALA C 632 8.12 -26.41 1.14
C ALA C 632 8.16 -27.85 0.66
N ALA C 633 9.34 -28.46 0.67
CA ALA C 633 9.46 -29.86 0.26
C ALA C 633 8.68 -30.77 1.20
N ASN C 634 8.77 -30.53 2.50
CA ASN C 634 8.01 -31.32 3.46
C ASN C 634 6.50 -31.14 3.24
N HIS C 635 6.07 -29.90 2.98
CA HIS C 635 4.66 -29.65 2.75
C HIS C 635 4.15 -30.36 1.51
N VAL C 636 4.90 -30.29 0.41
CA VAL C 636 4.45 -30.94 -0.82
C VAL C 636 4.49 -32.46 -0.68
N LEU C 637 5.49 -32.99 0.05
CA LEU C 637 5.51 -34.43 0.31
C LEU C 637 4.30 -34.86 1.12
N THR C 638 3.96 -34.11 2.16
CA THR C 638 2.79 -34.43 2.96
C THR C 638 1.51 -34.37 2.12
N SER C 639 1.40 -33.35 1.27
CA SER C 639 0.22 -33.24 0.41
C SER C 639 0.13 -34.42 -0.55
N LEU C 640 1.24 -34.80 -1.16
CA LEU C 640 1.22 -35.93 -2.09
C LEU C 640 0.85 -37.23 -1.39
N LEU C 641 1.43 -37.48 -0.21
CA LEU C 641 1.10 -38.70 0.52
C LEU C 641 -0.36 -38.70 0.97
N ASN C 642 -0.88 -37.56 1.41
CA ASN C 642 -2.27 -37.49 1.82
C ASN C 642 -3.24 -37.53 0.65
N GLU C 643 -2.77 -37.25 -0.56
CA GLU C 643 -3.64 -37.25 -1.72
C GLU C 643 -3.66 -38.59 -2.45
N ILE C 644 -2.51 -39.25 -2.60
CA ILE C 644 -2.46 -40.46 -3.41
C ILE C 644 -3.20 -41.61 -2.74
N ASP C 645 -3.01 -41.79 -1.43
CA ASP C 645 -3.64 -42.92 -0.73
C ASP C 645 -4.15 -42.53 0.64
N GLY C 646 -4.16 -41.24 0.97
CA GLY C 646 -4.67 -40.75 2.25
C GLY C 646 -6.04 -40.14 2.07
N VAL C 647 -6.77 -40.04 3.18
CA VAL C 647 -8.11 -39.45 3.32
C VAL C 647 -9.09 -39.89 2.22
N GLU C 648 -8.63 -40.01 0.98
CA GLU C 648 -9.48 -40.41 -0.13
C GLU C 648 -8.76 -41.43 -1.00
N GLU C 649 -9.55 -42.24 -1.70
CA GLU C 649 -9.03 -43.25 -2.62
C GLU C 649 -9.49 -42.92 -4.03
N LEU C 650 -8.54 -42.93 -4.97
CA LEU C 650 -8.80 -42.56 -6.36
C LEU C 650 -8.79 -43.83 -7.22
N LYS C 651 -9.98 -44.30 -7.59
CA LYS C 651 -10.09 -45.48 -8.43
C LYS C 651 -9.73 -45.16 -9.88
N GLY C 652 -10.17 -44.01 -10.38
CA GLY C 652 -10.01 -43.71 -11.79
C GLY C 652 -8.57 -43.54 -12.22
N VAL C 653 -7.78 -42.81 -11.44
CA VAL C 653 -6.43 -42.44 -11.85
C VAL C 653 -5.43 -43.46 -11.30
N VAL C 654 -4.34 -43.65 -12.03
CA VAL C 654 -3.24 -44.53 -11.64
C VAL C 654 -1.96 -43.73 -11.69
N ILE C 655 -1.16 -43.80 -10.62
CA ILE C 655 0.07 -43.02 -10.49
C ILE C 655 1.26 -43.93 -10.74
N VAL C 656 2.13 -43.53 -11.66
CA VAL C 656 3.35 -44.25 -11.97
C VAL C 656 4.53 -43.29 -11.84
N ALA C 657 5.61 -43.75 -11.23
CA ALA C 657 6.77 -42.93 -10.94
C ALA C 657 8.01 -43.50 -11.62
N ALA C 658 9.10 -42.76 -11.54
CA ALA C 658 10.37 -43.16 -12.13
C ALA C 658 11.50 -42.45 -11.42
N THR C 659 12.49 -43.21 -10.95
CA THR C 659 13.62 -42.64 -10.24
C THR C 659 14.86 -43.48 -10.50
N ASN C 660 16.02 -42.88 -10.28
CA ASN C 660 17.30 -43.56 -10.52
C ASN C 660 17.85 -44.20 -9.26
N ARG C 661 18.08 -43.40 -8.22
CA ARG C 661 18.65 -43.91 -6.97
C ARG C 661 17.52 -44.21 -6.00
N PRO C 662 17.38 -45.44 -5.52
CA PRO C 662 16.28 -45.76 -4.60
C PRO C 662 16.53 -45.38 -3.15
N ASP C 663 17.78 -45.04 -2.79
CA ASP C 663 18.08 -44.72 -1.39
C ASP C 663 17.47 -43.38 -0.97
N GLU C 664 17.44 -42.41 -1.89
CA GLU C 664 16.94 -41.08 -1.55
C GLU C 664 15.46 -41.07 -1.21
N ILE C 665 14.70 -42.08 -1.66
CA ILE C 665 13.28 -42.18 -1.34
C ILE C 665 13.13 -42.59 0.11
N ASP C 666 12.27 -41.87 0.84
CA ASP C 666 12.04 -42.15 2.25
C ASP C 666 11.21 -43.41 2.41
N ALA C 667 11.17 -43.91 3.65
CA ALA C 667 10.45 -45.14 3.95
C ALA C 667 8.93 -44.97 3.85
N ALA C 668 8.43 -43.75 3.99
CA ALA C 668 6.99 -43.53 3.89
C ALA C 668 6.48 -43.84 2.49
N LEU C 669 7.25 -43.48 1.46
CA LEU C 669 6.87 -43.79 0.09
C LEU C 669 6.93 -45.28 -0.20
N LEU C 670 7.81 -46.03 0.49
CA LEU C 670 7.99 -47.45 0.23
C LEU C 670 7.08 -48.34 1.07
N ARG C 671 6.39 -47.73 2.03
CA ARG C 671 5.53 -48.44 2.94
C ARG C 671 4.37 -49.12 2.24
N PRO C 672 3.85 -50.19 2.84
CA PRO C 672 2.74 -50.99 2.31
C PRO C 672 1.51 -50.13 2.13
N GLY C 673 0.74 -50.45 1.10
CA GLY C 673 -0.42 -49.68 0.74
C GLY C 673 -0.08 -48.79 -0.44
N ARG C 674 1.18 -48.78 -0.86
CA ARG C 674 1.55 -48.02 -2.04
C ARG C 674 2.93 -48.45 -2.50
N LEU C 675 3.20 -48.28 -3.79
CA LEU C 675 4.43 -48.76 -4.41
C LEU C 675 4.59 -50.27 -4.17
N ASP C 676 3.63 -51.02 -4.67
CA ASP C 676 3.57 -52.47 -4.46
C ASP C 676 4.24 -53.26 -5.59
N ARG C 677 4.70 -52.59 -6.65
CA ARG C 677 5.31 -53.27 -7.78
C ARG C 677 6.62 -52.57 -8.15
N HIS C 678 7.64 -53.36 -8.45
CA HIS C 678 8.94 -52.86 -8.87
C HIS C 678 9.35 -53.56 -10.15
N ILE C 679 9.79 -52.79 -11.14
CA ILE C 679 10.23 -53.32 -12.42
C ILE C 679 11.71 -52.98 -12.58
N TYR C 680 12.54 -54.01 -12.74
CA TYR C 680 13.98 -53.80 -12.82
C TYR C 680 14.37 -53.11 -14.13
N VAL C 681 13.69 -53.44 -15.22
CA VAL C 681 14.01 -52.92 -16.56
C VAL C 681 15.44 -53.29 -16.92
N GLY C 682 15.62 -54.44 -17.56
CA GLY C 682 16.92 -54.95 -17.89
C GLY C 682 17.59 -54.18 -19.01
N PRO C 683 18.89 -54.44 -19.21
CA PRO C 683 19.61 -53.77 -20.28
C PRO C 683 19.09 -54.23 -21.63
N PRO C 684 19.23 -53.40 -22.68
CA PRO C 684 18.75 -53.81 -24.00
C PRO C 684 19.45 -55.07 -24.50
N ASP C 685 18.69 -55.92 -25.18
CA ASP C 685 19.18 -57.19 -25.68
C ASP C 685 19.60 -57.03 -27.15
N VAL C 686 19.87 -58.16 -27.80
CA VAL C 686 20.29 -58.14 -29.21
C VAL C 686 19.18 -57.56 -30.08
N ASN C 687 17.93 -57.98 -29.84
CA ASN C 687 16.82 -57.47 -30.64
C ASN C 687 16.63 -55.97 -30.45
N ALA C 688 16.80 -55.49 -29.21
CA ALA C 688 16.68 -54.05 -28.96
C ALA C 688 17.75 -53.27 -29.70
N ARG C 689 18.99 -53.77 -29.71
CA ARG C 689 20.04 -53.09 -30.45
C ARG C 689 19.82 -53.16 -31.95
N LEU C 690 19.28 -54.26 -32.45
CA LEU C 690 18.94 -54.34 -33.86
C LEU C 690 17.87 -53.33 -34.22
N GLU C 691 16.86 -53.18 -33.36
CA GLU C 691 15.83 -52.17 -33.60
C GLU C 691 16.41 -50.76 -33.57
N ILE C 692 17.34 -50.51 -32.63
CA ILE C 692 18.00 -49.21 -32.58
C ILE C 692 18.77 -48.95 -33.86
N LEU C 693 19.51 -49.95 -34.34
CA LEU C 693 20.30 -49.79 -35.55
C LEU C 693 19.41 -49.54 -36.77
N LYS C 694 18.30 -50.29 -36.89
CA LYS C 694 17.43 -50.10 -38.03
C LYS C 694 16.67 -48.78 -37.95
N LYS C 695 16.44 -48.26 -36.74
CA LYS C 695 15.82 -46.95 -36.61
C LYS C 695 16.79 -45.84 -36.99
N CYS C 696 18.04 -45.94 -36.53
CA CYS C 696 19.03 -44.91 -36.82
C CYS C 696 19.55 -44.99 -38.26
N THR C 697 19.40 -46.13 -38.91
CA THR C 697 19.86 -46.32 -40.29
C THR C 697 18.80 -45.92 -41.31
N LYS C 698 17.60 -45.56 -40.87
CA LYS C 698 16.55 -45.18 -41.80
C LYS C 698 16.95 -43.97 -42.65
N LYS C 699 17.57 -42.96 -42.02
CA LYS C 699 18.06 -41.82 -42.77
C LYS C 699 19.18 -42.23 -43.72
N PHE C 700 20.06 -43.12 -43.28
CA PHE C 700 21.16 -43.59 -44.11
C PHE C 700 20.67 -44.72 -45.02
N ASN C 701 21.62 -45.41 -45.66
CA ASN C 701 21.31 -46.50 -46.58
C ASN C 701 22.07 -47.74 -46.16
N THR C 702 21.50 -48.91 -46.48
CA THR C 702 22.06 -50.20 -46.11
C THR C 702 22.73 -50.93 -47.27
N GLU C 703 22.15 -50.86 -48.47
CA GLU C 703 22.72 -51.57 -49.61
C GLU C 703 24.10 -51.03 -49.97
N GLU C 704 24.27 -49.71 -49.96
CA GLU C 704 25.56 -49.13 -50.31
C GLU C 704 26.61 -49.38 -49.24
N SER C 705 26.19 -49.41 -47.96
CA SER C 705 27.14 -49.67 -46.89
C SER C 705 27.74 -51.07 -46.99
N GLY C 706 26.92 -52.06 -47.33
CA GLY C 706 27.37 -53.43 -47.48
C GLY C 706 27.52 -54.20 -46.19
N VAL C 707 27.20 -53.61 -45.04
CA VAL C 707 27.31 -54.32 -43.78
C VAL C 707 26.14 -55.28 -43.60
N ASP C 708 26.36 -56.32 -42.80
CA ASP C 708 25.33 -57.31 -42.55
C ASP C 708 24.37 -56.89 -41.44
N LEU C 709 24.63 -55.76 -40.77
CA LEU C 709 23.79 -55.24 -39.70
C LEU C 709 23.68 -56.20 -38.53
N HIS C 710 24.64 -57.13 -38.39
CA HIS C 710 24.61 -58.07 -37.28
C HIS C 710 25.96 -58.09 -36.55
N GLU C 711 27.04 -57.80 -37.28
CA GLU C 711 28.35 -57.74 -36.66
C GLU C 711 28.43 -56.61 -35.64
N LEU C 712 27.87 -55.45 -35.98
CA LEU C 712 27.84 -54.33 -35.03
C LEU C 712 27.03 -54.69 -33.79
N ALA C 713 25.90 -55.35 -33.97
CA ALA C 713 25.09 -55.79 -32.83
C ALA C 713 25.80 -56.86 -32.01
N ASP C 714 26.68 -57.64 -32.62
CA ASP C 714 27.46 -58.62 -31.87
C ASP C 714 28.59 -57.97 -31.09
N ARG C 715 29.22 -56.93 -31.66
CA ARG C 715 30.33 -56.28 -30.99
C ARG C 715 29.89 -55.60 -29.70
N THR C 716 28.76 -54.91 -29.71
CA THR C 716 28.21 -54.25 -28.53
C THR C 716 27.00 -55.04 -28.04
N GLU C 717 27.04 -55.46 -26.79
CA GLU C 717 26.01 -56.33 -26.23
C GLU C 717 25.19 -55.69 -25.11
N GLY C 718 25.83 -54.94 -24.21
CA GLY C 718 25.12 -54.41 -23.06
C GLY C 718 25.53 -53.01 -22.66
N TYR C 719 26.00 -52.21 -23.61
CA TYR C 719 26.49 -50.87 -23.29
C TYR C 719 25.40 -49.99 -22.69
N SER C 720 24.38 -49.66 -23.46
CA SER C 720 23.28 -48.80 -23.01
C SER C 720 22.20 -48.79 -24.09
N GLY C 721 21.22 -47.92 -23.91
CA GLY C 721 20.24 -47.65 -24.95
C GLY C 721 20.33 -46.22 -25.44
N ALA C 722 21.21 -45.42 -24.84
CA ALA C 722 21.35 -44.01 -25.19
C ALA C 722 22.74 -43.68 -25.73
N GLU C 723 23.80 -44.01 -24.99
CA GLU C 723 25.11 -43.68 -25.53
C GLU C 723 25.52 -44.59 -26.68
N VAL C 724 24.79 -45.69 -26.92
CA VAL C 724 24.98 -46.43 -28.16
C VAL C 724 24.52 -45.62 -29.36
N VAL C 725 23.35 -44.98 -29.25
CA VAL C 725 22.89 -44.07 -30.29
C VAL C 725 23.86 -42.89 -30.41
N LEU C 726 24.37 -42.42 -29.27
CA LEU C 726 25.37 -41.36 -29.31
C LEU C 726 26.61 -41.82 -30.10
N LEU C 727 27.10 -43.03 -29.82
CA LEU C 727 28.26 -43.57 -30.52
C LEU C 727 27.99 -43.69 -32.02
N CYS C 728 26.79 -44.13 -32.39
CA CYS C 728 26.42 -44.09 -33.80
C CYS C 728 26.49 -42.67 -34.35
N GLN C 729 26.13 -41.67 -33.53
CA GLN C 729 26.20 -40.29 -33.98
C GLN C 729 27.64 -39.86 -34.26
N GLU C 730 28.56 -40.11 -33.33
CA GLU C 730 29.96 -39.76 -33.65
C GLU C 730 30.50 -40.60 -34.80
N ALA C 731 30.00 -41.82 -34.97
CA ALA C 731 30.40 -42.61 -36.14
C ALA C 731 29.96 -41.92 -37.43
N GLY C 732 28.73 -41.39 -37.45
CA GLY C 732 28.26 -40.67 -38.61
C GLY C 732 29.06 -39.40 -38.88
N LEU C 733 29.37 -38.64 -37.82
CA LEU C 733 30.20 -37.45 -37.99
C LEU C 733 31.59 -37.80 -38.49
N ALA C 734 32.19 -38.87 -37.97
CA ALA C 734 33.50 -39.30 -38.45
C ALA C 734 33.44 -39.76 -39.90
N ALA C 735 32.33 -40.36 -40.31
CA ALA C 735 32.19 -40.76 -41.71
C ALA C 735 32.03 -39.55 -42.63
N ILE C 736 31.29 -38.54 -42.17
CA ILE C 736 31.01 -37.39 -43.04
C ILE C 736 32.11 -36.32 -43.02
N MET C 737 33.00 -36.34 -42.03
CA MET C 737 34.02 -35.30 -41.95
C MET C 737 35.09 -35.41 -43.03
N GLU C 738 35.12 -36.51 -43.79
CA GLU C 738 36.18 -36.68 -44.78
C GLU C 738 35.89 -35.91 -46.06
N ASP C 739 34.69 -36.08 -46.63
CA ASP C 739 34.33 -35.38 -47.87
C ASP C 739 32.89 -34.89 -47.80
N LEU C 740 32.49 -34.32 -46.66
CA LEU C 740 31.16 -33.76 -46.45
C LEU C 740 30.13 -34.87 -46.64
N ASP C 741 29.27 -34.81 -47.64
CA ASP C 741 28.24 -35.83 -47.82
C ASP C 741 28.85 -37.16 -48.22
N VAL C 742 28.31 -38.24 -47.66
CA VAL C 742 28.76 -39.60 -47.96
C VAL C 742 27.55 -40.44 -48.33
N ALA C 743 27.71 -41.29 -49.35
CA ALA C 743 26.65 -42.20 -49.76
C ALA C 743 26.67 -43.52 -49.01
N LYS C 744 27.69 -43.76 -48.18
CA LYS C 744 27.78 -45.01 -47.42
C LYS C 744 28.68 -44.77 -46.22
N VAL C 745 28.62 -45.71 -45.28
CA VAL C 745 29.41 -45.66 -44.06
C VAL C 745 30.36 -46.86 -44.05
N GLU C 746 31.61 -46.62 -43.67
CA GLU C 746 32.65 -47.63 -43.66
C GLU C 746 32.83 -48.22 -42.27
N LEU C 747 33.49 -49.38 -42.21
CA LEU C 747 33.68 -50.07 -40.94
C LEU C 747 34.74 -49.39 -40.08
N ARG C 748 35.66 -48.64 -40.70
CA ARG C 748 36.71 -47.98 -39.93
C ARG C 748 36.11 -46.91 -39.01
N HIS C 749 35.08 -46.20 -39.48
CA HIS C 749 34.41 -45.22 -38.62
C HIS C 749 33.75 -45.91 -37.44
N PHE C 750 33.12 -47.06 -37.67
CA PHE C 750 32.52 -47.81 -36.57
C PHE C 750 33.57 -48.26 -35.56
N GLU C 751 34.72 -48.73 -36.05
CA GLU C 751 35.79 -49.15 -35.15
C GLU C 751 36.32 -47.97 -34.36
N LYS C 752 36.48 -46.81 -34.99
CA LYS C 752 36.94 -45.62 -34.28
C LYS C 752 35.94 -45.21 -33.21
N ALA C 753 34.64 -45.26 -33.53
CA ALA C 753 33.62 -44.94 -32.53
C ALA C 753 33.66 -45.94 -31.38
N PHE C 754 33.84 -47.22 -31.68
CA PHE C 754 33.89 -48.24 -30.64
C PHE C 754 35.08 -48.03 -29.71
N LYS C 755 36.24 -47.71 -30.28
CA LYS C 755 37.42 -47.48 -29.46
C LYS C 755 37.43 -46.09 -28.81
N GLY C 756 36.52 -45.20 -29.22
CA GLY C 756 36.48 -43.88 -28.61
C GLY C 756 36.06 -43.91 -27.15
N ILE C 757 35.17 -44.83 -26.79
CA ILE C 757 34.64 -44.92 -25.43
C ILE C 757 34.87 -46.33 -24.90
N ALA C 758 34.90 -46.43 -23.57
CA ALA C 758 35.12 -47.70 -22.89
C ALA C 758 33.78 -48.36 -22.57
N ARG C 759 33.82 -49.42 -21.75
CA ARG C 759 32.60 -50.12 -21.38
C ARG C 759 31.67 -49.22 -20.57
N GLY C 760 32.20 -48.59 -19.52
CA GLY C 760 31.40 -47.70 -18.69
C GLY C 760 30.56 -48.42 -17.65
N ILE C 761 29.95 -49.54 -18.05
CA ILE C 761 29.08 -50.29 -17.16
C ILE C 761 29.93 -51.15 -16.22
N THR C 762 29.56 -51.18 -14.95
CA THR C 762 30.27 -51.96 -13.95
C THR C 762 29.31 -52.93 -13.27
N PRO C 763 29.79 -54.13 -12.91
CA PRO C 763 28.91 -55.09 -12.23
C PRO C 763 28.43 -54.65 -10.86
N GLU C 764 29.07 -53.64 -10.26
CA GLU C 764 28.66 -53.18 -8.94
C GLU C 764 27.23 -52.66 -8.95
N MET C 765 26.89 -51.85 -9.95
CA MET C 765 25.53 -51.33 -10.01
C MET C 765 24.54 -52.40 -10.45
N LEU C 766 24.99 -53.39 -11.23
CA LEU C 766 24.16 -54.56 -11.51
C LEU C 766 23.77 -55.25 -10.22
N SER C 767 24.75 -55.53 -9.35
CA SER C 767 24.47 -56.18 -8.09
C SER C 767 23.60 -55.31 -7.19
N TYR C 768 23.84 -54.00 -7.19
CA TYR C 768 23.02 -53.09 -6.40
C TYR C 768 21.56 -53.15 -6.82
N TYR C 769 21.31 -53.06 -8.13
CA TYR C 769 19.95 -53.12 -8.65
C TYR C 769 19.31 -54.48 -8.37
N GLU C 770 20.07 -55.56 -8.55
CA GLU C 770 19.52 -56.88 -8.28
C GLU C 770 19.13 -57.04 -6.82
N GLU C 771 19.99 -56.56 -5.91
CA GLU C 771 19.69 -56.67 -4.49
C GLU C 771 18.48 -55.83 -4.11
N PHE C 772 18.38 -54.61 -4.66
CA PHE C 772 17.23 -53.77 -4.34
C PHE C 772 15.96 -54.18 -5.08
N ALA C 773 16.06 -55.05 -6.08
CA ALA C 773 14.88 -55.53 -6.79
C ALA C 773 14.36 -56.86 -6.27
N LEU C 774 15.25 -57.73 -5.76
CA LEU C 774 14.80 -59.03 -5.29
C LEU C 774 13.98 -58.91 -4.01
N ARG C 775 14.22 -57.87 -3.21
CA ARG C 775 13.49 -57.69 -1.96
C ARG C 775 12.05 -57.26 -2.17
N SER C 776 11.67 -56.86 -3.37
CA SER C 776 10.30 -56.44 -3.65
C SER C 776 9.41 -57.65 -3.98
N LYS D 29 -21.79 23.87 -34.04
CA LYS D 29 -20.91 22.71 -34.18
C LYS D 29 -19.75 22.78 -33.19
N LEU D 30 -19.23 24.00 -32.99
CA LEU D 30 -18.10 24.26 -32.09
C LEU D 30 -16.90 23.39 -32.45
N PRO D 31 -16.25 23.63 -33.58
CA PRO D 31 -15.10 22.82 -33.95
C PRO D 31 -13.94 23.00 -32.98
N ALA D 32 -13.20 21.91 -32.78
CA ALA D 32 -12.06 21.90 -31.87
C ALA D 32 -10.75 21.53 -32.55
N GLU D 33 -10.74 20.47 -33.36
CA GLU D 33 -9.51 19.97 -33.95
C GLU D 33 -9.72 19.71 -35.44
N PHE D 34 -8.61 19.74 -36.18
CA PHE D 34 -8.59 19.46 -37.61
C PHE D 34 -7.34 18.64 -37.93
N ILE D 35 -7.37 18.00 -39.09
CA ILE D 35 -6.28 17.13 -39.53
C ILE D 35 -6.09 17.31 -41.04
N THR D 36 -4.83 17.23 -41.48
CA THR D 36 -4.51 17.39 -42.89
C THR D 36 -4.96 16.15 -43.68
N ARG D 37 -5.16 16.36 -44.98
CA ARG D 37 -5.72 15.33 -45.84
C ARG D 37 -5.41 15.72 -47.28
N PRO D 38 -4.79 14.85 -48.09
CA PRO D 38 -4.50 15.23 -49.48
C PRO D 38 -5.76 15.56 -50.27
N HIS D 39 -5.62 16.54 -51.16
CA HIS D 39 -6.73 16.93 -52.04
C HIS D 39 -6.83 15.96 -53.21
N PRO D 40 -7.99 15.39 -53.48
CA PRO D 40 -8.11 14.38 -54.54
C PRO D 40 -8.19 15.04 -55.91
N SER D 41 -8.37 14.20 -56.93
CA SER D 41 -8.54 14.55 -58.34
C SER D 41 -7.27 15.10 -58.98
N LYS D 42 -6.19 15.29 -58.22
CA LYS D 42 -4.92 15.79 -58.73
C LYS D 42 -5.15 17.11 -59.47
N ASP D 43 -4.96 17.10 -60.79
CA ASP D 43 -5.11 18.29 -61.64
C ASP D 43 -4.21 19.39 -61.09
N HIS D 44 -4.63 20.65 -61.21
CA HIS D 44 -3.91 21.77 -60.62
C HIS D 44 -4.73 22.44 -59.53
N GLY D 45 -5.93 22.91 -59.85
CA GLY D 45 -6.78 23.56 -58.85
C GLY D 45 -6.06 24.74 -58.23
N LYS D 46 -6.08 24.79 -56.89
CA LYS D 46 -5.30 25.77 -56.15
C LYS D 46 -3.90 25.23 -55.84
N GLU D 47 -3.84 24.05 -55.23
CA GLU D 47 -2.60 23.32 -54.97
C GLU D 47 -1.76 23.98 -53.88
N THR D 48 -2.17 25.16 -53.44
CA THR D 48 -1.51 25.83 -52.32
C THR D 48 -2.47 26.41 -51.29
N CYS D 49 -3.69 26.80 -51.67
CA CYS D 49 -4.64 27.44 -50.78
C CYS D 49 -6.02 26.81 -50.93
N THR D 50 -6.06 25.48 -50.94
CA THR D 50 -7.33 24.76 -51.03
C THR D 50 -8.20 25.06 -49.82
N ALA D 51 -7.74 24.66 -48.63
CA ALA D 51 -8.39 24.95 -47.36
C ALA D 51 -9.88 24.61 -47.40
N TYR D 52 -10.17 23.33 -47.59
CA TYR D 52 -11.54 22.85 -47.66
C TYR D 52 -12.14 22.90 -46.26
N ILE D 53 -12.93 23.94 -45.99
CA ILE D 53 -13.51 24.19 -44.68
C ILE D 53 -15.03 24.28 -44.82
N HIS D 54 -15.73 23.60 -43.92
CA HIS D 54 -17.18 23.60 -43.94
C HIS D 54 -17.71 25.01 -43.67
N PRO D 55 -18.82 25.40 -44.32
CA PRO D 55 -19.38 26.74 -44.04
C PRO D 55 -19.76 26.96 -42.59
N ASN D 56 -20.15 25.90 -41.87
CA ASN D 56 -20.48 26.05 -40.46
C ASN D 56 -19.26 26.49 -39.66
N VAL D 57 -18.08 25.94 -39.98
CA VAL D 57 -16.85 26.36 -39.31
C VAL D 57 -16.55 27.81 -39.64
N LEU D 58 -16.77 28.23 -40.89
CA LEU D 58 -16.55 29.61 -41.26
C LEU D 58 -17.46 30.55 -40.49
N SER D 59 -18.73 30.18 -40.33
CA SER D 59 -19.66 30.99 -39.55
C SER D 59 -19.26 31.03 -38.08
N SER D 60 -18.80 29.90 -37.55
CA SER D 60 -18.39 29.85 -36.15
C SER D 60 -17.19 30.76 -35.88
N LEU D 61 -16.23 30.79 -36.81
CA LEU D 61 -15.04 31.61 -36.64
C LEU D 61 -15.26 33.07 -37.00
N GLU D 62 -16.43 33.41 -37.54
CA GLU D 62 -16.77 34.79 -37.93
C GLU D 62 -15.73 35.38 -38.88
N ILE D 63 -15.33 34.58 -39.86
CA ILE D 63 -14.34 34.99 -40.85
C ILE D 63 -15.01 34.95 -42.23
N ASN D 64 -14.86 36.02 -42.99
CA ASN D 64 -15.44 36.09 -44.32
C ASN D 64 -14.74 35.12 -45.25
N PRO D 65 -15.45 34.59 -46.26
CA PRO D 65 -14.81 33.66 -47.21
C PRO D 65 -13.63 34.28 -47.95
N GLY D 66 -13.68 35.58 -48.23
CA GLY D 66 -12.57 36.23 -48.92
C GLY D 66 -11.47 36.66 -47.98
N SER D 67 -10.95 35.73 -47.19
CA SER D 67 -9.88 36.01 -46.25
C SER D 67 -8.99 34.79 -46.12
N PHE D 68 -7.76 35.03 -45.67
CA PHE D 68 -6.78 33.96 -45.53
C PHE D 68 -7.13 33.05 -44.35
N CYS D 69 -6.86 31.76 -44.51
CA CYS D 69 -7.12 30.76 -43.49
C CYS D 69 -5.81 30.40 -42.78
N THR D 70 -5.81 30.51 -41.46
CA THR D 70 -4.61 30.35 -40.66
C THR D 70 -4.80 29.25 -39.62
N VAL D 71 -3.77 28.43 -39.44
CA VAL D 71 -3.79 27.32 -38.49
C VAL D 71 -2.53 27.39 -37.63
N GLY D 72 -2.71 27.26 -36.31
CA GLY D 72 -1.62 27.42 -35.36
C GLY D 72 -0.91 26.17 -34.90
N LYS D 73 -1.50 25.00 -35.15
CA LYS D 73 -0.95 23.69 -34.82
C LYS D 73 -0.30 23.62 -33.44
N ILE D 74 -0.92 24.29 -32.46
CA ILE D 74 -0.52 24.34 -31.05
C ILE D 74 1.00 24.32 -30.87
N GLY D 75 1.68 25.34 -31.39
CA GLY D 75 3.11 25.48 -31.26
C GLY D 75 3.74 25.86 -32.58
N GLU D 76 5.07 25.94 -32.57
CA GLU D 76 5.89 26.31 -33.72
C GLU D 76 5.24 27.44 -34.52
N ASN D 77 5.15 28.62 -33.90
CA ASN D 77 4.40 29.74 -34.45
C ASN D 77 4.85 30.07 -35.87
N GLY D 78 3.99 30.78 -36.59
CA GLY D 78 4.12 30.99 -38.02
C GLY D 78 2.75 30.96 -38.66
N ILE D 79 1.83 30.29 -37.96
CA ILE D 79 0.37 30.33 -38.12
C ILE D 79 -0.07 29.99 -39.55
N LEU D 80 0.87 29.89 -40.49
CA LEU D 80 0.61 29.45 -41.85
C LEU D 80 -0.53 30.25 -42.50
N VAL D 81 -0.25 31.54 -42.68
CA VAL D 81 -1.22 32.42 -43.33
C VAL D 81 -1.37 31.98 -44.79
N ILE D 82 -2.52 31.41 -45.11
CA ILE D 82 -2.79 30.82 -46.41
C ILE D 82 -4.22 31.19 -46.82
N ALA D 83 -4.41 31.50 -48.10
CA ALA D 83 -5.73 31.84 -48.60
C ALA D 83 -6.67 30.65 -48.48
N ARG D 84 -7.96 30.91 -48.63
CA ARG D 84 -8.99 29.91 -48.45
C ARG D 84 -9.86 29.80 -49.70
N ALA D 85 -10.32 28.59 -49.97
CA ALA D 85 -11.22 28.31 -51.09
C ALA D 85 -12.38 27.44 -50.61
N GLY D 86 -13.50 27.54 -51.30
CA GLY D 86 -14.69 26.83 -50.90
C GLY D 86 -14.63 25.33 -51.16
N ASP D 87 -15.62 24.63 -50.63
CA ASP D 87 -15.74 23.19 -50.76
C ASP D 87 -17.04 22.85 -51.48
N GLU D 88 -17.35 21.55 -51.56
CA GLU D 88 -18.55 21.07 -52.22
C GLU D 88 -19.49 20.36 -51.25
N GLU D 89 -19.37 20.64 -49.94
CA GLU D 89 -20.22 20.05 -48.91
C GLU D 89 -20.16 18.52 -48.91
N VAL D 90 -18.98 17.97 -49.19
CA VAL D 90 -18.76 16.53 -49.17
C VAL D 90 -17.71 16.11 -48.16
N HIS D 91 -16.59 16.83 -48.11
CA HIS D 91 -15.53 16.49 -47.18
C HIS D 91 -15.98 16.73 -45.75
N PRO D 92 -15.71 15.80 -44.83
CA PRO D 92 -16.15 15.99 -43.44
C PRO D 92 -15.38 17.12 -42.75
N VAL D 93 -15.97 17.62 -41.68
CA VAL D 93 -15.39 18.73 -40.92
C VAL D 93 -14.06 18.33 -40.30
N ASN D 94 -13.93 17.07 -39.86
CA ASN D 94 -12.75 16.65 -39.14
C ASN D 94 -11.48 16.80 -39.97
N VAL D 95 -11.54 16.43 -41.25
CA VAL D 95 -10.37 16.47 -42.12
C VAL D 95 -10.37 17.78 -42.91
N ILE D 96 -9.18 18.34 -43.12
CA ILE D 96 -8.98 19.54 -43.91
C ILE D 96 -7.82 19.32 -44.86
N THR D 97 -7.72 20.19 -45.86
CA THR D 97 -6.64 20.15 -46.84
C THR D 97 -5.71 21.33 -46.62
N LEU D 98 -4.40 21.05 -46.58
CA LEU D 98 -3.39 22.08 -46.32
C LEU D 98 -2.27 22.04 -47.36
N SER D 99 -2.51 21.44 -48.52
CA SER D 99 -1.59 21.40 -49.65
C SER D 99 -0.37 20.51 -49.38
N THR D 100 -0.09 19.61 -50.32
CA THR D 100 0.96 18.62 -50.14
C THR D 100 2.32 19.29 -49.95
N THR D 101 2.67 20.22 -50.84
CA THR D 101 3.96 20.88 -50.75
C THR D 101 4.06 21.71 -49.48
N ILE D 102 2.98 22.38 -49.09
CA ILE D 102 3.01 23.23 -47.90
C ILE D 102 3.25 22.39 -46.65
N ARG D 103 2.53 21.27 -46.51
CA ARG D 103 2.76 20.44 -45.34
C ARG D 103 4.13 19.76 -45.38
N SER D 104 4.61 19.39 -46.56
CA SER D 104 5.93 18.75 -46.65
C SER D 104 7.04 19.71 -46.25
N VAL D 105 6.94 20.98 -46.68
CA VAL D 105 7.99 21.94 -46.34
C VAL D 105 7.82 22.50 -44.93
N GLY D 106 6.61 22.48 -44.38
CA GLY D 106 6.39 22.91 -43.02
C GLY D 106 6.57 21.83 -41.97
N ASN D 107 7.00 20.64 -42.38
CA ASN D 107 7.14 19.49 -41.49
C ASN D 107 5.81 19.09 -40.85
N LEU D 108 4.71 19.28 -41.59
CA LEU D 108 3.39 18.85 -41.14
C LEU D 108 3.19 17.41 -41.60
N ILE D 109 3.34 16.47 -40.68
CA ILE D 109 3.17 15.06 -41.01
C ILE D 109 1.71 14.80 -41.35
N LEU D 110 1.48 13.96 -42.36
CA LEU D 110 0.12 13.65 -42.79
C LEU D 110 -0.55 12.80 -41.72
N GLY D 111 -1.35 13.43 -40.86
CA GLY D 111 -2.02 12.73 -39.78
C GLY D 111 -1.73 13.30 -38.41
N ASP D 112 -1.26 14.54 -38.35
CA ASP D 112 -0.97 15.20 -37.09
C ASP D 112 -2.09 16.18 -36.71
N ARG D 113 -1.85 16.91 -35.61
CA ARG D 113 -2.87 17.79 -35.05
C ARG D 113 -2.81 19.17 -35.69
N LEU D 114 -3.98 19.71 -36.01
CA LEU D 114 -4.12 21.05 -36.55
C LEU D 114 -5.19 21.80 -35.76
N GLU D 115 -4.87 23.03 -35.35
CA GLU D 115 -5.80 23.86 -34.60
C GLU D 115 -5.93 25.22 -35.30
N LEU D 116 -7.14 25.53 -35.75
CA LEU D 116 -7.38 26.75 -36.50
C LEU D 116 -7.21 27.98 -35.62
N LYS D 117 -6.85 29.11 -36.25
CA LYS D 117 -6.66 30.36 -35.52
C LYS D 117 -7.06 31.52 -36.41
N LYS D 118 -7.24 32.69 -35.79
CA LYS D 118 -7.65 33.88 -36.51
C LYS D 118 -6.57 34.32 -37.50
N ALA D 119 -6.99 35.01 -38.55
CA ALA D 119 -6.10 35.38 -39.64
C ALA D 119 -5.10 36.45 -39.17
N GLN D 120 -4.23 36.84 -40.10
CA GLN D 120 -3.16 37.80 -39.82
C GLN D 120 -3.21 38.92 -40.86
N VAL D 121 -2.64 40.07 -40.49
CA VAL D 121 -2.70 41.27 -41.31
C VAL D 121 -1.88 41.08 -42.58
N GLN D 122 -2.06 41.97 -43.55
CA GLN D 122 -1.41 41.83 -44.85
C GLN D 122 0.09 42.04 -44.72
N PRO D 123 0.91 41.21 -45.34
CA PRO D 123 2.37 41.40 -45.31
C PRO D 123 2.78 42.59 -46.15
N PRO D 124 3.92 43.22 -45.84
CA PRO D 124 4.34 44.42 -46.59
C PRO D 124 4.65 44.16 -48.06
N TYR D 125 5.63 43.30 -48.34
CA TYR D 125 6.14 43.14 -49.70
C TYR D 125 7.20 42.03 -49.71
N ALA D 126 7.46 41.50 -50.90
CA ALA D 126 8.51 40.50 -51.12
C ALA D 126 9.63 41.16 -51.92
N THR D 127 10.86 41.06 -51.41
CA THR D 127 11.96 41.86 -51.95
C THR D 127 12.58 41.21 -53.20
N LYS D 128 13.21 40.05 -53.03
CA LYS D 128 14.06 39.48 -54.08
C LYS D 128 13.53 38.16 -54.62
N VAL D 129 13.25 37.19 -53.75
CA VAL D 129 12.88 35.80 -54.05
C VAL D 129 13.69 35.20 -55.21
N THR D 130 14.64 34.34 -54.87
CA THR D 130 15.49 33.68 -55.86
C THR D 130 15.49 32.18 -55.60
N VAL D 131 15.43 31.40 -56.68
CA VAL D 131 15.37 29.95 -56.58
C VAL D 131 16.70 29.40 -56.10
N GLY D 132 16.72 28.13 -55.70
CA GLY D 132 17.95 27.49 -55.25
C GLY D 132 18.25 26.19 -55.95
N SER D 133 17.24 25.60 -56.59
CA SER D 133 17.37 24.35 -57.33
C SER D 133 17.91 23.23 -56.44
N LEU D 134 17.16 22.94 -55.38
CA LEU D 134 17.53 21.89 -54.45
C LEU D 134 17.30 20.52 -55.08
N GLN D 135 17.99 19.52 -54.51
CA GLN D 135 17.93 18.13 -54.98
C GLN D 135 18.25 18.04 -56.47
N GLY D 136 19.32 18.73 -56.85
CA GLY D 136 19.74 18.73 -58.23
C GLY D 136 21.07 19.45 -58.37
N TYR D 137 21.67 19.30 -59.55
CA TYR D 137 22.95 19.92 -59.87
C TYR D 137 22.79 21.26 -60.59
N ASN D 138 21.56 21.73 -60.77
CA ASN D 138 21.24 23.00 -61.45
C ASN D 138 21.68 22.88 -62.90
N ILE D 139 22.22 23.95 -63.49
CA ILE D 139 22.46 24.04 -64.93
C ILE D 139 21.14 23.72 -65.64
N LEU D 140 20.21 24.68 -65.60
CA LEU D 140 18.85 24.47 -66.12
C LEU D 140 18.74 24.95 -67.56
N GLU D 141 18.98 26.24 -67.80
CA GLU D 141 19.03 26.83 -69.14
C GLU D 141 17.82 26.48 -70.00
N CYS D 142 18.00 25.52 -70.91
CA CYS D 142 16.94 25.20 -71.86
C CYS D 142 15.74 24.54 -71.19
N MET D 143 15.94 23.95 -70.02
CA MET D 143 14.88 23.27 -69.29
C MET D 143 14.06 24.25 -68.44
N GLU D 144 14.42 25.53 -68.45
CA GLU D 144 13.72 26.55 -67.68
C GLU D 144 12.33 26.86 -68.25
N GLU D 145 12.28 27.27 -69.51
CA GLU D 145 11.05 27.70 -70.19
C GLU D 145 10.16 28.54 -69.27
N LYS D 146 10.77 29.58 -68.68
CA LYS D 146 10.08 30.58 -67.87
C LYS D 146 9.39 29.92 -66.67
N VAL D 147 10.23 29.40 -65.77
CA VAL D 147 9.73 28.87 -64.50
C VAL D 147 9.02 29.96 -63.70
N ILE D 148 9.43 31.22 -63.88
CA ILE D 148 8.96 32.30 -63.03
C ILE D 148 7.43 32.40 -63.08
N GLN D 149 6.86 32.33 -64.28
CA GLN D 149 5.40 32.40 -64.41
C GLN D 149 4.73 31.26 -63.65
N LYS D 150 5.18 30.02 -63.88
CA LYS D 150 4.62 28.88 -63.16
C LYS D 150 5.02 28.86 -61.69
N LEU D 151 6.14 29.50 -61.34
CA LEU D 151 6.57 29.50 -59.94
C LEU D 151 5.73 30.45 -59.10
N LEU D 152 5.40 31.62 -59.64
CA LEU D 152 4.73 32.67 -58.86
C LEU D 152 3.30 32.93 -59.32
N ASP D 153 2.76 32.12 -60.23
CA ASP D 153 1.37 32.31 -60.64
C ASP D 153 0.41 31.83 -59.56
N ASP D 154 0.75 30.75 -58.87
CA ASP D 154 -0.11 30.21 -57.83
C ASP D 154 -0.14 31.13 -56.63
N SER D 155 -1.29 31.17 -55.96
CA SER D 155 -1.42 31.97 -54.75
C SER D 155 -0.52 31.43 -53.64
N GLY D 156 0.08 32.33 -52.88
CA GLY D 156 0.98 31.92 -51.81
C GLY D 156 2.45 32.01 -52.20
N VAL D 157 3.04 30.87 -52.54
CA VAL D 157 4.46 30.75 -52.86
C VAL D 157 5.28 31.20 -51.65
N ILE D 158 5.51 30.29 -50.72
CA ILE D 158 6.19 30.59 -49.47
C ILE D 158 7.68 30.37 -49.66
N MET D 159 8.49 31.30 -49.12
CA MET D 159 9.93 31.35 -49.38
C MET D 159 10.74 30.34 -48.57
N PRO D 160 10.48 30.11 -47.28
CA PRO D 160 11.29 29.13 -46.54
C PRO D 160 11.32 27.75 -47.18
N GLY D 161 10.24 27.31 -47.82
CA GLY D 161 10.24 26.00 -48.46
C GLY D 161 9.11 25.79 -49.44
N MET D 162 9.42 25.19 -50.58
CA MET D 162 8.40 24.83 -51.56
C MET D 162 8.96 23.75 -52.48
N ILE D 163 8.06 23.03 -53.13
CA ILE D 163 8.44 22.01 -54.10
C ILE D 163 7.27 21.74 -55.02
N PHE D 164 7.54 21.66 -56.32
CA PHE D 164 6.54 21.34 -57.33
C PHE D 164 6.92 20.06 -58.04
N GLN D 165 5.90 19.31 -58.47
CA GLN D 165 6.12 18.09 -59.22
C GLN D 165 6.73 18.40 -60.58
N ASN D 166 7.49 17.44 -61.10
CA ASN D 166 8.13 17.62 -62.40
C ASN D 166 7.10 17.80 -63.51
N LEU D 167 6.03 17.02 -63.48
CA LEU D 167 4.94 17.06 -64.47
C LEU D 167 5.56 16.80 -65.85
N LYS D 168 5.20 17.57 -66.87
CA LYS D 168 5.73 17.40 -68.22
C LYS D 168 6.49 18.66 -68.62
N THR D 169 7.75 18.49 -69.04
CA THR D 169 8.60 19.56 -69.53
C THR D 169 9.17 19.12 -70.86
N LYS D 170 8.45 19.44 -71.95
CA LYS D 170 8.76 19.01 -73.31
C LYS D 170 9.29 17.57 -73.36
N ALA D 171 10.39 17.34 -74.05
CA ALA D 171 10.98 16.01 -74.19
C ALA D 171 12.02 15.79 -73.10
N GLY D 172 12.43 14.52 -72.96
CA GLY D 172 13.41 14.12 -71.99
C GLY D 172 12.85 13.54 -70.71
N ASP D 173 11.56 13.77 -70.41
CA ASP D 173 10.89 13.23 -69.23
C ASP D 173 11.66 13.67 -67.99
N GLU D 174 12.28 12.75 -67.23
CA GLU D 174 13.12 13.03 -66.06
C GLU D 174 12.37 13.82 -64.98
N SER D 175 13.06 14.15 -63.89
CA SER D 175 12.48 14.89 -62.79
C SER D 175 13.39 16.06 -62.43
N ILE D 176 12.78 17.22 -62.20
CA ILE D 176 13.52 18.42 -61.83
C ILE D 176 12.87 19.01 -60.57
N ASP D 177 13.70 19.51 -59.66
CA ASP D 177 13.24 20.10 -58.41
C ASP D 177 13.81 21.50 -58.26
N VAL D 178 12.95 22.47 -57.97
CA VAL D 178 13.35 23.85 -57.76
C VAL D 178 12.78 24.31 -56.42
N VAL D 179 13.62 24.95 -55.61
CA VAL D 179 13.25 25.38 -54.27
C VAL D 179 13.80 26.78 -54.05
N ILE D 180 13.12 27.54 -53.19
CA ILE D 180 13.36 28.99 -53.04
C ILE D 180 13.85 29.32 -51.62
N THR D 181 14.67 28.43 -51.05
CA THR D 181 15.06 28.51 -49.64
C THR D 181 15.58 29.88 -49.19
N ASP D 182 15.94 30.76 -50.12
CA ASP D 182 16.59 32.01 -49.72
C ASP D 182 15.66 32.88 -48.87
N ALA D 183 16.26 33.77 -48.09
CA ALA D 183 15.53 34.76 -47.31
C ALA D 183 16.12 36.14 -47.62
N SER D 184 15.24 37.07 -48.00
CA SER D 184 15.69 38.41 -48.37
C SER D 184 14.79 39.51 -47.82
N ASP D 185 13.80 39.18 -46.98
CA ASP D 185 12.90 40.16 -46.41
C ASP D 185 12.76 39.94 -44.92
N ASP D 186 12.51 41.02 -44.19
CA ASP D 186 12.34 40.98 -42.75
C ASP D 186 10.97 41.55 -42.38
N SER D 187 10.29 40.88 -41.45
CA SER D 187 8.97 41.29 -41.01
C SER D 187 9.02 41.68 -39.54
N LEU D 188 8.29 42.75 -39.19
CA LEU D 188 8.25 43.20 -37.80
C LEU D 188 7.70 42.14 -36.85
N PRO D 189 6.58 41.46 -37.13
CA PRO D 189 6.12 40.41 -36.20
C PRO D 189 7.02 39.18 -36.29
N ASP D 190 7.64 38.84 -35.17
CA ASP D 190 8.52 37.67 -35.11
C ASP D 190 7.76 36.37 -34.90
N VAL D 191 6.46 36.42 -34.67
CA VAL D 191 5.68 35.20 -34.47
C VAL D 191 5.63 34.38 -35.75
N SER D 192 5.57 35.05 -36.90
CA SER D 192 5.51 34.37 -38.19
C SER D 192 6.92 34.06 -38.67
N GLN D 193 7.31 32.79 -38.60
CA GLN D 193 8.62 32.37 -39.06
C GLN D 193 8.71 32.19 -40.58
N LEU D 194 7.56 32.16 -41.27
CA LEU D 194 7.52 31.96 -42.70
C LEU D 194 7.40 33.26 -43.50
N ASP D 195 6.62 34.22 -43.01
CA ASP D 195 6.50 35.55 -43.60
C ASP D 195 6.13 35.48 -45.08
N LEU D 196 4.94 34.94 -45.33
CA LEU D 196 4.43 34.86 -46.69
C LEU D 196 4.16 36.26 -47.24
N ASN D 197 4.30 36.40 -48.55
CA ASN D 197 4.10 37.67 -49.24
C ASN D 197 3.27 37.42 -50.49
N MET D 198 3.12 38.46 -51.30
CA MET D 198 2.36 38.40 -52.55
C MET D 198 3.31 38.45 -53.74
N ASP D 199 2.75 38.19 -54.93
CA ASP D 199 3.52 38.17 -56.16
C ASP D 199 2.83 39.01 -57.22
N ASP D 200 3.63 39.63 -58.08
CA ASP D 200 3.13 40.46 -59.17
C ASP D 200 3.88 40.12 -60.45
N MET D 201 3.18 40.20 -61.57
CA MET D 201 3.76 39.87 -62.86
C MET D 201 2.97 40.57 -63.96
N TYR D 202 3.67 40.96 -65.03
CA TYR D 202 3.05 41.57 -66.21
C TYR D 202 3.34 40.66 -67.40
N GLY D 203 2.32 39.94 -67.85
CA GLY D 203 2.49 39.02 -68.96
C GLY D 203 1.37 37.99 -68.97
N GLY D 204 1.63 36.89 -69.67
CA GLY D 204 0.66 35.82 -69.77
C GLY D 204 1.30 34.57 -70.32
N LEU D 205 0.48 33.53 -70.43
CA LEU D 205 0.90 32.22 -70.94
C LEU D 205 2.08 31.66 -70.14
N GLY D 220 8.81 40.76 -64.74
CA GLY D 220 9.92 39.84 -64.87
C GLY D 220 10.68 39.63 -63.57
N SER D 221 9.96 39.13 -62.57
CA SER D 221 10.52 38.85 -61.24
C SER D 221 11.06 40.16 -60.66
N THR D 222 12.07 40.07 -59.79
CA THR D 222 12.69 41.25 -59.16
C THR D 222 14.20 41.08 -59.26
N HIS D 223 14.78 41.61 -60.34
CA HIS D 223 16.22 41.58 -60.59
C HIS D 223 16.75 40.14 -60.55
N ILE D 224 16.27 39.35 -61.51
CA ILE D 224 16.59 37.94 -61.78
C ILE D 224 16.30 37.05 -60.57
N THR D 225 15.96 35.79 -60.82
CA THR D 225 15.62 34.87 -59.75
C THR D 225 16.21 33.47 -59.98
N PHE D 226 17.32 33.36 -60.68
CA PHE D 226 17.96 32.08 -60.98
C PHE D 226 19.44 32.17 -60.62
N SER D 227 19.77 31.72 -59.41
CA SER D 227 21.15 31.74 -58.92
C SER D 227 21.24 30.85 -57.68
N LYS D 228 22.47 30.65 -57.22
CA LYS D 228 22.79 29.94 -55.98
C LYS D 228 22.53 28.44 -56.10
N GLU D 229 23.41 27.63 -55.51
CA GLU D 229 23.29 26.17 -55.62
C GLU D 229 23.53 25.46 -54.29
N THR D 230 23.63 26.17 -53.18
CA THR D 230 23.93 25.55 -51.90
C THR D 230 22.64 24.95 -51.31
N GLN D 231 22.72 24.47 -50.06
CA GLN D 231 21.59 23.84 -49.41
C GLN D 231 20.63 24.91 -48.87
N ALA D 232 19.68 24.49 -48.04
CA ALA D 232 18.71 25.42 -47.47
C ALA D 232 19.40 26.43 -46.56
N ASN D 233 18.97 27.68 -46.65
CA ASN D 233 19.53 28.73 -45.81
C ASN D 233 19.16 28.50 -44.35
N ARG D 234 20.14 28.69 -43.47
CA ARG D 234 19.99 28.41 -42.05
C ARG D 234 19.70 29.65 -41.22
N LYS D 235 19.46 30.80 -41.86
CA LYS D 235 19.15 32.01 -41.10
C LYS D 235 17.84 31.85 -40.35
N TYR D 236 16.77 31.46 -41.04
CA TYR D 236 15.51 31.17 -40.38
C TYR D 236 15.53 29.81 -39.69
N ASN D 237 16.38 28.90 -40.15
CA ASN D 237 16.55 27.57 -39.56
C ASN D 237 15.23 26.78 -39.59
N LEU D 238 14.72 26.58 -40.80
CA LEU D 238 13.55 25.75 -40.98
C LEU D 238 13.93 24.28 -40.78
N PRO D 239 13.20 23.54 -39.94
CA PRO D 239 13.55 22.12 -39.72
C PRO D 239 13.48 21.32 -41.01
N GLU D 240 14.44 20.41 -41.16
CA GLU D 240 14.52 19.55 -42.34
C GLU D 240 13.92 18.20 -42.03
N PRO D 241 12.91 17.74 -42.77
CA PRO D 241 12.34 16.42 -42.51
C PRO D 241 13.38 15.32 -42.69
N LEU D 242 13.30 14.31 -41.83
CA LEU D 242 14.24 13.20 -41.88
C LEU D 242 14.04 12.39 -43.15
N SER D 243 15.15 11.95 -43.75
CA SER D 243 15.13 11.19 -44.99
C SER D 243 15.99 9.94 -44.80
N TYR D 244 16.01 9.11 -45.84
CA TYR D 244 16.79 7.86 -45.79
C TYR D 244 18.30 8.12 -45.73
N ALA D 245 18.74 9.32 -46.12
CA ALA D 245 20.16 9.62 -46.09
C ALA D 245 20.66 9.98 -44.70
N ALA D 246 19.75 10.24 -43.76
CA ALA D 246 20.11 10.60 -42.40
C ALA D 246 20.18 9.39 -41.46
N VAL D 247 19.97 8.18 -41.97
CA VAL D 247 19.98 6.96 -41.18
C VAL D 247 20.99 6.00 -41.79
N GLY D 248 21.73 5.31 -40.94
CA GLY D 248 22.75 4.37 -41.41
C GLY D 248 23.15 3.41 -40.32
N GLY D 249 23.97 2.43 -40.71
CA GLY D 249 24.47 1.43 -39.80
C GLY D 249 23.52 0.30 -39.50
N LEU D 250 22.30 0.33 -40.04
CA LEU D 250 21.30 -0.70 -39.83
C LEU D 250 20.73 -1.16 -41.16
N ASP D 251 21.61 -1.43 -42.13
CA ASP D 251 21.17 -1.70 -43.50
C ASP D 251 20.27 -2.92 -43.57
N LYS D 252 20.66 -4.02 -42.93
CA LYS D 252 19.83 -5.21 -42.94
C LYS D 252 18.52 -4.98 -42.20
N GLU D 253 18.59 -4.36 -41.02
CA GLU D 253 17.37 -4.09 -40.26
C GLU D 253 16.46 -3.10 -40.98
N ILE D 254 17.05 -2.05 -41.56
CA ILE D 254 16.21 -1.08 -42.26
C ILE D 254 15.58 -1.70 -43.51
N GLU D 255 16.30 -2.60 -44.18
CA GLU D 255 15.72 -3.31 -45.32
C GLU D 255 14.57 -4.19 -44.88
N SER D 256 14.75 -4.92 -43.77
CA SER D 256 13.68 -5.77 -43.27
C SER D 256 12.44 -4.96 -42.90
N LEU D 257 12.63 -3.85 -42.17
CA LEU D 257 11.50 -3.02 -41.77
C LEU D 257 10.83 -2.37 -42.98
N LYS D 258 11.61 -1.89 -43.95
CA LYS D 258 11.00 -1.26 -45.12
C LYS D 258 10.22 -2.28 -45.94
N SER D 259 10.73 -3.51 -46.05
CA SER D 259 9.97 -4.54 -46.75
C SER D 259 8.68 -4.88 -46.00
N ALA D 260 8.77 -5.03 -44.67
CA ALA D 260 7.61 -5.39 -43.87
C ALA D 260 6.60 -4.26 -43.76
N ILE D 261 7.00 -3.02 -44.07
CA ILE D 261 6.07 -1.91 -44.11
C ILE D 261 5.58 -1.59 -45.51
N GLU D 262 6.27 -2.07 -46.55
CA GLU D 262 5.86 -1.81 -47.92
C GLU D 262 4.97 -2.92 -48.49
N ILE D 263 5.22 -4.18 -48.12
CA ILE D 263 4.41 -5.27 -48.67
C ILE D 263 2.97 -5.23 -48.16
N PRO D 264 2.64 -4.67 -46.98
CA PRO D 264 1.21 -4.54 -46.64
C PRO D 264 0.50 -3.43 -47.39
N LEU D 265 1.21 -2.38 -47.82
CA LEU D 265 0.56 -1.17 -48.32
C LEU D 265 0.46 -1.15 -49.84
N HIS D 266 1.59 -1.27 -50.54
CA HIS D 266 1.56 -1.16 -51.99
C HIS D 266 0.84 -2.34 -52.64
N GLN D 267 1.01 -3.54 -52.09
CA GLN D 267 0.37 -4.74 -52.63
C GLN D 267 -0.36 -5.48 -51.52
N PRO D 268 -1.48 -4.93 -51.05
CA PRO D 268 -2.24 -5.65 -50.01
C PRO D 268 -2.99 -6.85 -50.54
N THR D 269 -3.64 -6.73 -51.70
CA THR D 269 -4.42 -7.84 -52.23
C THR D 269 -3.52 -8.96 -52.73
N LEU D 270 -2.30 -8.63 -53.19
CA LEU D 270 -1.39 -9.66 -53.66
C LEU D 270 -1.04 -10.64 -52.56
N PHE D 271 -0.79 -10.14 -51.35
CA PHE D 271 -0.51 -11.03 -50.22
C PHE D 271 -1.79 -11.54 -49.58
N SER D 272 -2.90 -10.82 -49.71
CA SER D 272 -4.17 -11.26 -49.12
C SER D 272 -4.80 -12.39 -49.93
N SER D 273 -4.43 -12.55 -51.20
CA SER D 273 -4.99 -13.63 -52.00
C SER D 273 -4.64 -15.00 -51.46
N PHE D 274 -3.59 -15.11 -50.64
CA PHE D 274 -3.25 -16.39 -50.03
C PHE D 274 -4.27 -16.80 -48.99
N GLY D 275 -5.08 -15.87 -48.50
CA GLY D 275 -6.04 -16.16 -47.46
C GLY D 275 -5.50 -16.08 -46.05
N VAL D 276 -4.34 -15.46 -45.85
CA VAL D 276 -3.72 -15.36 -44.54
C VAL D 276 -3.75 -13.94 -43.99
N SER D 277 -4.21 -12.96 -44.77
CA SER D 277 -4.38 -11.55 -44.41
C SER D 277 -3.03 -10.85 -44.29
N PRO D 278 -2.95 -9.58 -44.68
CA PRO D 278 -1.67 -8.84 -44.62
C PRO D 278 -1.25 -8.59 -43.18
N PRO D 279 0.01 -8.22 -42.96
CA PRO D 279 0.49 -8.01 -41.58
C PRO D 279 -0.31 -6.93 -40.87
N ARG D 280 -0.47 -7.12 -39.56
CA ARG D 280 -1.27 -6.23 -38.74
C ARG D 280 -0.46 -5.42 -37.73
N GLY D 281 0.59 -5.98 -37.16
CA GLY D 281 1.38 -5.27 -36.18
C GLY D 281 2.87 -5.59 -36.22
N ILE D 282 3.70 -4.56 -36.03
CA ILE D 282 5.15 -4.71 -36.01
C ILE D 282 5.67 -4.20 -34.68
N LEU D 283 6.50 -5.00 -34.02
CA LEU D 283 7.06 -4.65 -32.72
C LEU D 283 8.55 -4.37 -32.85
N LEU D 284 8.99 -3.24 -32.30
CA LEU D 284 10.39 -2.85 -32.30
C LEU D 284 10.85 -2.65 -30.87
N HIS D 285 11.98 -3.27 -30.52
CA HIS D 285 12.51 -3.19 -29.17
C HIS D 285 14.03 -3.07 -29.23
N GLY D 286 14.60 -2.49 -28.18
CA GLY D 286 16.03 -2.31 -28.09
C GLY D 286 16.42 -1.46 -26.90
N PRO D 287 17.73 -1.31 -26.66
CA PRO D 287 18.19 -0.49 -25.55
C PRO D 287 17.83 0.98 -25.77
N PRO D 288 17.66 1.75 -24.70
CA PRO D 288 17.31 3.16 -24.86
C PRO D 288 18.39 3.93 -25.61
N GLY D 289 17.95 4.90 -26.41
CA GLY D 289 18.86 5.68 -27.22
C GLY D 289 19.30 5.05 -28.51
N THR D 290 18.75 3.87 -28.85
CA THR D 290 19.16 3.19 -30.08
C THR D 290 18.77 4.00 -31.31
N GLY D 291 17.62 4.65 -31.28
CA GLY D 291 17.14 5.40 -32.42
C GLY D 291 15.82 4.92 -32.97
N LYS D 292 14.98 4.35 -32.10
CA LYS D 292 13.65 3.93 -32.53
C LYS D 292 12.78 5.12 -32.92
N THR D 293 12.89 6.23 -32.18
CA THR D 293 12.07 7.41 -32.48
C THR D 293 12.44 8.01 -33.83
N MET D 294 13.72 8.08 -34.17
CA MET D 294 14.11 8.65 -35.45
C MET D 294 13.72 7.73 -36.61
N LEU D 295 13.79 6.41 -36.42
CA LEU D 295 13.26 5.49 -37.43
C LEU D 295 11.76 5.68 -37.60
N LEU D 296 11.05 5.87 -36.50
CA LEU D 296 9.62 6.17 -36.55
C LEU D 296 9.38 7.43 -37.38
N ARG D 297 10.15 8.49 -37.11
CA ARG D 297 9.98 9.73 -37.83
C ARG D 297 10.27 9.57 -39.32
N VAL D 298 11.32 8.83 -39.66
CA VAL D 298 11.69 8.69 -41.08
C VAL D 298 10.68 7.83 -41.82
N VAL D 299 10.15 6.78 -41.17
CA VAL D 299 9.14 5.97 -41.86
C VAL D 299 7.83 6.74 -41.98
N ALA D 300 7.53 7.61 -41.02
CA ALA D 300 6.39 8.51 -41.19
C ALA D 300 6.62 9.47 -42.36
N ASN D 301 7.85 9.98 -42.50
CA ASN D 301 8.17 10.89 -43.58
C ASN D 301 8.04 10.22 -44.94
N THR D 302 8.54 8.99 -45.07
CA THR D 302 8.49 8.30 -46.35
C THR D 302 7.10 7.78 -46.69
N SER D 303 6.16 7.82 -45.77
CA SER D 303 4.80 7.36 -46.00
C SER D 303 3.89 8.56 -46.24
N ASN D 304 3.13 8.53 -47.33
CA ASN D 304 2.23 9.60 -47.71
C ASN D 304 0.78 9.30 -47.32
N ALA D 305 0.58 8.58 -46.21
CA ALA D 305 -0.74 8.19 -45.76
C ALA D 305 -1.01 8.75 -44.36
N HIS D 306 -2.20 8.48 -43.86
CA HIS D 306 -2.60 8.94 -42.54
C HIS D 306 -1.78 8.23 -41.47
N VAL D 307 -1.29 9.00 -40.49
CA VAL D 307 -0.53 8.45 -39.38
C VAL D 307 -1.24 8.82 -38.07
N LEU D 308 -1.05 7.97 -37.06
CA LEU D 308 -1.65 8.17 -35.75
C LEU D 308 -0.54 8.31 -34.72
N THR D 309 -0.59 9.37 -33.93
CA THR D 309 0.42 9.64 -32.91
C THR D 309 -0.27 9.81 -31.56
N ILE D 310 0.26 9.11 -30.56
CA ILE D 310 -0.26 9.17 -29.20
C ILE D 310 0.85 9.67 -28.28
N ASN D 311 0.56 10.70 -27.48
CA ASN D 311 1.55 11.27 -26.59
C ASN D 311 2.01 10.29 -25.51
N GLY D 312 1.22 9.26 -25.25
CA GLY D 312 1.57 8.27 -24.25
C GLY D 312 0.67 8.33 -23.04
N PRO D 313 1.25 8.57 -21.86
CA PRO D 313 0.44 8.65 -20.63
C PRO D 313 -0.46 9.87 -20.57
N SER D 314 -0.28 10.85 -21.46
CA SER D 314 -1.12 12.04 -21.44
C SER D 314 -2.58 11.75 -21.76
N ILE D 315 -2.86 10.63 -22.44
CA ILE D 315 -4.24 10.27 -22.77
C ILE D 315 -5.00 9.71 -21.59
N VAL D 316 -4.33 9.47 -20.46
CA VAL D 316 -5.02 8.94 -19.28
C VAL D 316 -5.95 9.98 -18.71
N SER D 317 -7.20 9.60 -18.47
CA SER D 317 -8.22 10.49 -17.95
C SER D 317 -8.84 9.90 -16.69
N LYS D 318 -9.33 10.78 -15.81
CA LYS D 318 -9.95 10.32 -14.58
C LYS D 318 -11.21 9.52 -14.86
N TYR D 319 -12.02 9.96 -15.82
CA TYR D 319 -13.23 9.23 -16.17
C TYR D 319 -12.86 7.90 -16.84
N LEU D 320 -13.53 6.83 -16.41
CA LEU D 320 -13.23 5.51 -16.97
C LEU D 320 -13.60 5.43 -18.44
N GLY D 321 -14.75 5.99 -18.81
CA GLY D 321 -15.23 5.91 -20.18
C GLY D 321 -14.68 6.94 -21.13
N GLU D 322 -14.02 8.00 -20.62
CA GLU D 322 -13.50 9.03 -21.51
C GLU D 322 -12.39 8.49 -22.41
N THR D 323 -11.45 7.73 -21.84
CA THR D 323 -10.40 7.14 -22.66
C THR D 323 -10.95 6.12 -23.64
N GLU D 324 -11.96 5.35 -23.23
CA GLU D 324 -12.58 4.40 -24.14
C GLU D 324 -13.26 5.12 -25.31
N ALA D 325 -13.97 6.21 -25.02
CA ALA D 325 -14.62 6.97 -26.09
C ALA D 325 -13.59 7.59 -27.03
N ALA D 326 -12.48 8.10 -26.48
CA ALA D 326 -11.42 8.64 -27.33
C ALA D 326 -10.83 7.56 -28.21
N LEU D 327 -10.64 6.35 -27.67
CA LEU D 327 -10.13 5.25 -28.47
C LEU D 327 -11.10 4.87 -29.59
N ARG D 328 -12.40 4.78 -29.28
CA ARG D 328 -13.38 4.53 -30.32
C ARG D 328 -13.30 5.60 -31.40
N ASP D 329 -13.19 6.87 -31.01
CA ASP D 329 -13.14 7.94 -32.00
C ASP D 329 -11.91 7.83 -32.88
N ILE D 330 -10.74 7.54 -32.29
CA ILE D 330 -9.52 7.52 -33.09
C ILE D 330 -9.51 6.31 -34.02
N PHE D 331 -9.97 5.14 -33.55
CA PHE D 331 -10.03 4.00 -34.45
C PHE D 331 -11.10 4.19 -35.53
N ASN D 332 -12.19 4.87 -35.21
CA ASN D 332 -13.21 5.15 -36.22
C ASN D 332 -12.67 6.08 -37.31
N GLU D 333 -11.96 7.14 -36.92
CA GLU D 333 -11.40 8.04 -37.92
C GLU D 333 -10.23 7.41 -38.67
N ALA D 334 -9.56 6.41 -38.07
CA ALA D 334 -8.54 5.68 -38.81
C ALA D 334 -9.14 4.73 -39.83
N ARG D 335 -10.23 4.04 -39.45
CA ARG D 335 -10.85 3.06 -40.33
C ARG D 335 -11.68 3.72 -41.43
N LYS D 336 -12.25 4.90 -41.17
CA LYS D 336 -13.13 5.52 -42.15
C LYS D 336 -12.40 5.83 -43.46
N TYR D 337 -11.09 6.04 -43.40
CA TYR D 337 -10.27 6.29 -44.58
C TYR D 337 -9.29 5.13 -44.74
N GLN D 338 -9.26 4.56 -45.95
CA GLN D 338 -8.48 3.34 -46.17
C GLN D 338 -6.98 3.54 -45.93
N PRO D 339 -6.31 4.57 -46.48
CA PRO D 339 -4.87 4.72 -46.22
C PRO D 339 -4.62 5.32 -44.84
N SER D 340 -4.15 4.49 -43.91
CA SER D 340 -3.87 4.93 -42.56
C SER D 340 -2.99 3.88 -41.88
N ILE D 341 -1.95 4.36 -41.19
CA ILE D 341 -1.04 3.51 -40.44
C ILE D 341 -0.91 4.08 -39.03
N ILE D 342 -1.07 3.22 -38.03
CA ILE D 342 -1.13 3.65 -36.63
C ILE D 342 0.24 3.46 -35.99
N PHE D 343 0.71 4.48 -35.29
CA PHE D 343 1.99 4.46 -34.59
C PHE D 343 1.73 4.56 -33.08
N ILE D 344 2.30 3.62 -32.32
CA ILE D 344 2.14 3.57 -30.87
C ILE D 344 3.52 3.53 -30.24
N ASP D 345 3.73 4.34 -29.21
CA ASP D 345 4.98 4.41 -28.48
C ASP D 345 4.75 4.20 -26.99
N GLU D 346 5.75 3.63 -26.32
CA GLU D 346 5.71 3.36 -24.89
C GLU D 346 4.52 2.47 -24.52
N ILE D 347 4.50 1.30 -25.15
CA ILE D 347 3.41 0.35 -24.91
C ILE D 347 3.51 -0.24 -23.51
N ASP D 348 4.73 -0.54 -23.06
CA ASP D 348 4.91 -1.16 -21.75
C ASP D 348 4.40 -0.27 -20.62
N SER D 349 4.69 1.02 -20.69
CA SER D 349 4.16 1.96 -19.69
C SER D 349 2.64 2.06 -19.79
N ILE D 350 2.10 2.11 -21.02
CA ILE D 350 0.66 2.21 -21.19
C ILE D 350 -0.02 0.90 -20.79
N ALA D 351 0.53 -0.23 -21.21
CA ALA D 351 -0.07 -1.55 -20.97
C ALA D 351 0.95 -2.44 -20.27
N PRO D 352 1.02 -2.40 -18.95
CA PRO D 352 1.94 -3.27 -18.22
C PRO D 352 1.43 -4.71 -18.16
N ASN D 353 2.26 -5.57 -17.59
CA ASN D 353 1.91 -6.97 -17.44
C ASN D 353 0.81 -7.15 -16.39
N ARG D 354 0.09 -8.27 -16.50
CA ARG D 354 -1.02 -8.53 -15.59
C ARG D 354 -0.54 -8.70 -14.16
N ALA D 355 0.52 -9.50 -13.96
CA ALA D 355 1.01 -9.80 -12.62
C ALA D 355 2.11 -8.85 -12.15
N ASN D 356 2.58 -7.94 -13.01
CA ASN D 356 3.67 -7.06 -12.62
C ASN D 356 3.20 -6.03 -11.59
N ASP D 357 2.06 -5.39 -11.85
CA ASP D 357 1.55 -4.36 -10.94
C ASP D 357 0.05 -4.19 -11.18
N ASP D 358 -0.76 -4.55 -10.20
CA ASP D 358 -2.21 -4.37 -10.28
C ASP D 358 -2.61 -3.07 -9.57
N SER D 359 -2.12 -1.96 -10.14
CA SER D 359 -2.37 -0.66 -9.53
C SER D 359 -3.83 -0.26 -9.64
N GLY D 360 -4.42 -0.41 -10.81
CA GLY D 360 -5.80 -0.03 -11.06
C GLY D 360 -5.88 1.02 -12.16
N GLU D 361 -7.10 1.57 -12.31
CA GLU D 361 -7.38 2.57 -13.33
C GLU D 361 -6.99 2.06 -14.72
N VAL D 362 -5.81 2.43 -15.19
CA VAL D 362 -5.27 1.91 -16.45
C VAL D 362 -4.76 0.51 -16.16
N GLU D 363 -5.45 -0.49 -16.68
CA GLU D 363 -5.14 -1.89 -16.36
C GLU D 363 -5.46 -2.74 -17.58
N SER D 364 -5.60 -4.04 -17.39
CA SER D 364 -5.76 -4.98 -18.49
C SER D 364 -7.08 -4.80 -19.24
N ARG D 365 -7.97 -3.93 -18.77
CA ARG D 365 -9.21 -3.69 -19.50
C ARG D 365 -8.95 -3.10 -20.88
N VAL D 366 -8.02 -2.16 -20.98
CA VAL D 366 -7.68 -1.58 -22.27
C VAL D 366 -7.01 -2.62 -23.16
N VAL D 367 -6.20 -3.51 -22.55
CA VAL D 367 -5.59 -4.59 -23.32
C VAL D 367 -6.65 -5.51 -23.90
N ALA D 368 -7.63 -5.89 -23.08
CA ALA D 368 -8.69 -6.79 -23.54
C ALA D 368 -9.52 -6.15 -24.64
N THR D 369 -9.91 -4.88 -24.46
CA THR D 369 -10.72 -4.24 -25.49
C THR D 369 -9.92 -4.00 -26.77
N LEU D 370 -8.62 -3.73 -26.65
CA LEU D 370 -7.79 -3.57 -27.84
C LEU D 370 -7.69 -4.89 -28.62
N LEU D 371 -7.42 -5.99 -27.90
CA LEU D 371 -7.38 -7.29 -28.56
C LEU D 371 -8.71 -7.61 -29.23
N THR D 372 -9.82 -7.33 -28.54
CA THR D 372 -11.13 -7.60 -29.10
C THR D 372 -11.37 -6.77 -30.36
N LEU D 373 -10.95 -5.50 -30.35
CA LEU D 373 -11.25 -4.63 -31.49
C LEU D 373 -10.41 -5.00 -32.70
N MET D 374 -9.11 -5.26 -32.52
CA MET D 374 -8.30 -5.56 -33.70
C MET D 374 -8.33 -7.04 -34.08
N ASP D 375 -9.00 -7.89 -33.29
CA ASP D 375 -9.14 -9.28 -33.68
C ASP D 375 -9.97 -9.43 -34.95
N GLY D 376 -11.07 -8.68 -35.05
CA GLY D 376 -11.96 -8.80 -36.18
C GLY D 376 -12.47 -7.50 -36.76
N MET D 377 -11.66 -6.44 -36.70
CA MET D 377 -12.10 -5.14 -37.22
C MET D 377 -12.26 -5.18 -38.74
N GLY D 378 -11.49 -6.03 -39.42
CA GLY D 378 -11.60 -6.15 -40.87
C GLY D 378 -11.12 -7.51 -41.32
N ALA D 379 -11.56 -7.88 -42.52
CA ALA D 379 -11.19 -9.19 -43.06
C ALA D 379 -9.76 -9.18 -43.58
N ALA D 380 -9.47 -8.38 -44.61
CA ALA D 380 -8.13 -8.24 -45.14
C ALA D 380 -7.46 -6.94 -44.66
N GLY D 381 -8.06 -5.80 -44.98
CA GLY D 381 -7.50 -4.51 -44.61
C GLY D 381 -6.17 -4.22 -45.27
N LYS D 382 -5.68 -2.98 -45.09
CA LYS D 382 -4.34 -2.62 -45.55
C LYS D 382 -3.64 -1.71 -44.54
N VAL D 383 -4.01 -1.82 -43.27
CA VAL D 383 -3.42 -0.99 -42.22
C VAL D 383 -2.53 -1.85 -41.35
N VAL D 384 -1.65 -1.18 -40.60
CA VAL D 384 -0.69 -1.85 -39.72
C VAL D 384 -0.35 -0.91 -38.58
N VAL D 385 -0.14 -1.47 -37.39
CA VAL D 385 0.21 -0.72 -36.20
C VAL D 385 1.68 -0.97 -35.90
N ILE D 386 2.42 0.10 -35.61
CA ILE D 386 3.84 0.02 -35.29
C ILE D 386 4.01 0.25 -33.79
N ALA D 387 4.65 -0.69 -33.12
CA ALA D 387 4.84 -0.64 -31.68
C ALA D 387 6.33 -0.54 -31.37
N ALA D 388 6.71 0.46 -30.58
CA ALA D 388 8.09 0.67 -30.15
C ALA D 388 8.15 0.67 -28.63
N THR D 389 9.01 -0.17 -28.07
CA THR D 389 9.14 -0.30 -26.63
C THR D 389 10.61 -0.40 -26.25
N ASN D 390 10.90 -0.13 -24.98
CA ASN D 390 12.26 -0.19 -24.47
C ASN D 390 12.64 -1.61 -24.06
N ARG D 391 11.89 -2.20 -23.14
CA ARG D 391 12.16 -3.54 -22.67
C ARG D 391 11.03 -4.48 -23.08
N PRO D 392 11.34 -5.66 -23.61
CA PRO D 392 10.29 -6.58 -24.05
C PRO D 392 9.71 -7.42 -22.92
N ASN D 393 10.49 -7.63 -21.86
CA ASN D 393 10.04 -8.49 -20.78
C ASN D 393 8.82 -7.91 -20.06
N SER D 394 8.81 -6.59 -19.86
CA SER D 394 7.68 -5.96 -19.17
C SER D 394 6.43 -5.87 -20.03
N VAL D 395 6.55 -6.12 -21.34
CA VAL D 395 5.38 -6.10 -22.21
C VAL D 395 4.46 -7.27 -21.88
N ASP D 396 3.15 -7.04 -21.97
CA ASP D 396 2.18 -8.08 -21.69
C ASP D 396 2.36 -9.22 -22.70
N PRO D 397 2.45 -10.48 -22.25
CA PRO D 397 2.59 -11.58 -23.20
C PRO D 397 1.42 -11.72 -24.17
N ALA D 398 0.25 -11.20 -23.82
CA ALA D 398 -0.88 -11.25 -24.75
C ALA D 398 -0.57 -10.45 -26.01
N LEU D 399 0.03 -9.27 -25.87
CA LEU D 399 0.42 -8.49 -27.03
C LEU D 399 1.49 -9.21 -27.85
N ARG D 400 2.47 -9.79 -27.18
CA ARG D 400 3.61 -10.42 -27.86
C ARG D 400 3.27 -11.88 -28.13
N ARG D 401 2.41 -12.10 -29.12
CA ARG D 401 2.10 -13.43 -29.63
C ARG D 401 2.05 -13.34 -31.15
N PRO D 402 2.36 -14.44 -31.85
CA PRO D 402 2.62 -14.34 -33.29
C PRO D 402 1.39 -14.46 -34.17
N GLY D 403 0.18 -14.32 -33.63
CA GLY D 403 -1.01 -14.29 -34.47
C GLY D 403 -0.96 -13.14 -35.46
N ARG D 404 -0.55 -11.96 -35.00
CA ARG D 404 -0.36 -10.80 -35.86
C ARG D 404 0.98 -10.12 -35.66
N PHE D 405 1.63 -10.29 -34.51
CA PHE D 405 2.91 -9.66 -34.22
C PHE D 405 4.08 -10.61 -34.42
N ASP D 406 3.98 -11.50 -35.41
CA ASP D 406 5.02 -12.50 -35.64
C ASP D 406 6.32 -11.89 -36.15
N GLN D 407 6.32 -10.62 -36.53
CA GLN D 407 7.53 -9.96 -37.02
C GLN D 407 8.23 -9.31 -35.82
N GLU D 408 9.21 -10.01 -35.26
CA GLU D 408 10.01 -9.49 -34.16
C GLU D 408 11.39 -9.13 -34.70
N VAL D 409 11.80 -7.88 -34.45
CA VAL D 409 13.09 -7.38 -34.89
C VAL D 409 13.85 -6.88 -33.68
N GLU D 410 15.07 -7.37 -33.49
CA GLU D 410 15.90 -7.02 -32.36
C GLU D 410 17.09 -6.18 -32.81
N ILE D 411 17.34 -5.09 -32.10
CA ILE D 411 18.45 -4.18 -32.39
C ILE D 411 19.21 -3.92 -31.11
N GLY D 412 20.54 -3.85 -31.22
CA GLY D 412 21.38 -3.59 -30.07
C GLY D 412 22.36 -2.45 -30.32
N ILE D 413 23.41 -2.38 -29.50
CA ILE D 413 24.42 -1.34 -29.70
C ILE D 413 25.17 -1.61 -31.00
N PRO D 414 25.41 -0.60 -31.83
CA PRO D 414 26.14 -0.83 -33.08
C PRO D 414 27.57 -1.27 -32.83
N ASP D 415 28.10 -2.09 -33.73
CA ASP D 415 29.45 -2.59 -33.65
C ASP D 415 30.40 -1.65 -34.40
N VAL D 416 31.63 -2.11 -34.65
CA VAL D 416 32.66 -1.25 -35.23
C VAL D 416 32.26 -0.79 -36.63
N ASP D 417 31.75 -1.72 -37.44
CA ASP D 417 31.42 -1.42 -38.83
C ASP D 417 30.00 -0.87 -39.00
N ALA D 418 29.43 -0.28 -37.94
CA ALA D 418 28.10 0.32 -38.01
C ALA D 418 28.10 1.72 -37.42
N ARG D 419 29.22 2.44 -37.54
CA ARG D 419 29.28 3.83 -37.12
C ARG D 419 30.00 4.75 -38.11
N PHE D 420 30.84 4.23 -39.00
CA PHE D 420 31.57 5.09 -39.93
C PHE D 420 30.62 5.79 -40.89
N ASP D 421 29.59 5.07 -41.38
CA ASP D 421 28.62 5.69 -42.27
C ASP D 421 27.84 6.78 -41.56
N ILE D 422 27.48 6.55 -40.29
CA ILE D 422 26.79 7.58 -39.51
C ILE D 422 27.68 8.80 -39.34
N LEU D 423 28.96 8.60 -39.06
CA LEU D 423 29.87 9.72 -38.93
C LEU D 423 29.97 10.50 -40.25
N THR D 424 30.10 9.79 -41.36
CA THR D 424 30.20 10.46 -42.65
C THR D 424 28.94 11.24 -42.98
N LYS D 425 27.77 10.66 -42.72
CA LYS D 425 26.53 11.37 -43.05
C LYS D 425 26.29 12.55 -42.11
N GLN D 426 26.64 12.42 -40.83
CA GLN D 426 26.48 13.54 -39.92
C GLN D 426 27.46 14.66 -40.22
N PHE D 427 28.63 14.32 -40.79
CA PHE D 427 29.54 15.37 -41.24
C PHE D 427 29.03 16.02 -42.52
N SER D 428 28.54 15.21 -43.47
CA SER D 428 27.99 15.75 -44.70
C SER D 428 26.70 16.54 -44.47
N ARG D 429 26.09 16.41 -43.30
CA ARG D 429 24.90 17.19 -42.99
C ARG D 429 25.16 18.69 -43.15
N MET D 430 26.27 19.19 -42.62
CA MET D 430 26.67 20.57 -42.83
C MET D 430 27.92 20.70 -43.69
N SER D 431 28.41 19.59 -44.26
CA SER D 431 29.44 19.62 -45.31
C SER D 431 30.77 20.17 -44.80
N SER D 432 31.71 20.37 -45.71
CA SER D 432 33.05 20.81 -45.38
C SER D 432 33.26 22.31 -45.52
N ASP D 433 32.21 23.06 -45.86
CA ASP D 433 32.35 24.50 -46.00
C ASP D 433 32.57 25.21 -44.68
N ARG D 434 32.26 24.56 -43.56
CA ARG D 434 32.47 25.12 -42.23
C ARG D 434 33.66 24.54 -41.50
N HIS D 435 33.83 23.22 -41.53
CA HIS D 435 34.97 22.57 -40.90
C HIS D 435 35.52 21.52 -41.85
N VAL D 436 36.82 21.26 -41.75
CA VAL D 436 37.51 20.30 -42.60
C VAL D 436 38.03 19.17 -41.72
N LEU D 437 37.65 17.93 -42.07
CA LEU D 437 38.10 16.75 -41.35
C LEU D 437 38.28 15.62 -42.36
N ASP D 438 39.48 15.04 -42.40
CA ASP D 438 39.75 13.96 -43.32
C ASP D 438 39.11 12.66 -42.85
N SER D 439 39.00 11.70 -43.78
CA SER D 439 38.43 10.41 -43.43
C SER D 439 39.29 9.65 -42.44
N GLU D 440 40.60 9.94 -42.40
CA GLU D 440 41.47 9.30 -41.42
C GLU D 440 41.05 9.66 -40.00
N ALA D 441 40.74 10.94 -39.76
CA ALA D 441 40.25 11.34 -38.44
C ALA D 441 38.91 10.67 -38.13
N ILE D 442 38.05 10.55 -39.13
CA ILE D 442 36.74 9.93 -38.93
C ILE D 442 36.90 8.48 -38.49
N LYS D 443 37.75 7.72 -39.20
CA LYS D 443 37.95 6.32 -38.84
C LYS D 443 38.69 6.17 -37.53
N TYR D 444 39.61 7.10 -37.22
CA TYR D 444 40.27 7.06 -35.91
C TYR D 444 39.26 7.27 -34.78
N ILE D 445 38.34 8.23 -34.96
CA ILE D 445 37.30 8.46 -33.95
C ILE D 445 36.40 7.24 -33.84
N ALA D 446 36.02 6.65 -34.97
CA ALA D 446 35.16 5.46 -34.94
C ALA D 446 35.83 4.30 -34.22
N SER D 447 37.13 4.08 -34.47
CA SER D 447 37.85 3.04 -33.77
C SER D 447 37.96 3.33 -32.28
N LYS D 448 38.23 4.59 -31.92
CA LYS D 448 38.36 4.96 -30.51
C LYS D 448 37.04 4.79 -29.78
N THR D 449 35.93 5.19 -30.40
CA THR D 449 34.60 5.14 -29.79
C THR D 449 33.91 3.87 -30.26
N HIS D 450 33.96 2.82 -29.43
CA HIS D 450 33.38 1.53 -29.77
C HIS D 450 32.05 1.27 -29.06
N GLY D 451 31.96 1.56 -27.77
CA GLY D 451 30.75 1.33 -27.02
C GLY D 451 29.86 2.55 -26.94
N TYR D 452 29.39 3.03 -28.09
CA TYR D 452 28.56 4.23 -28.13
C TYR D 452 27.48 4.06 -29.19
N VAL D 453 26.41 4.83 -29.04
CA VAL D 453 25.26 4.76 -29.92
C VAL D 453 25.17 6.09 -30.68
N GLY D 454 24.31 6.13 -31.70
CA GLY D 454 24.17 7.33 -32.51
C GLY D 454 23.74 8.54 -31.70
N ALA D 455 22.87 8.33 -30.70
CA ALA D 455 22.49 9.42 -29.82
C ALA D 455 23.71 9.93 -29.04
N ASP D 456 24.55 9.01 -28.58
CA ASP D 456 25.79 9.41 -27.92
C ASP D 456 26.70 10.17 -28.88
N LEU D 457 26.72 9.76 -30.16
CA LEU D 457 27.51 10.47 -31.15
C LEU D 457 27.01 11.89 -31.35
N THR D 458 25.69 12.06 -31.43
CA THR D 458 25.12 13.39 -31.59
C THR D 458 25.41 14.26 -30.38
N ALA D 459 25.30 13.69 -29.17
CA ALA D 459 25.63 14.43 -27.97
C ALA D 459 27.11 14.83 -27.96
N LEU D 460 27.97 13.92 -28.39
CA LEU D 460 29.40 14.22 -28.47
C LEU D 460 29.66 15.36 -29.44
N CYS D 461 28.99 15.34 -30.60
CA CYS D 461 29.16 16.43 -31.57
C CYS D 461 28.69 17.76 -30.99
N ARG D 462 27.53 17.77 -30.32
CA ARG D 462 27.02 19.00 -29.74
C ARG D 462 27.97 19.54 -28.67
N GLU D 463 28.50 18.65 -27.82
CA GLU D 463 29.40 19.09 -26.77
C GLU D 463 30.75 19.50 -27.35
N SER D 464 31.14 18.90 -28.48
CA SER D 464 32.32 19.38 -29.22
C SER D 464 32.12 20.80 -29.70
N VAL D 465 30.94 21.09 -30.26
CA VAL D 465 30.64 22.44 -30.72
C VAL D 465 30.69 23.42 -29.56
N MET D 466 30.10 23.04 -28.42
CA MET D 466 30.13 23.91 -27.26
C MET D 466 31.55 24.15 -26.77
N LYS D 467 32.38 23.10 -26.72
CA LYS D 467 33.76 23.26 -26.28
C LYS D 467 34.54 24.17 -27.20
N THR D 468 34.42 23.97 -28.51
CA THR D 468 35.19 24.82 -29.43
C THR D 468 34.70 26.26 -29.39
N ILE D 469 33.38 26.47 -29.25
CA ILE D 469 32.85 27.82 -29.17
C ILE D 469 33.37 28.52 -27.92
N GLN D 470 33.29 27.85 -26.76
CA GLN D 470 33.71 28.48 -25.53
C GLN D 470 35.22 28.72 -25.50
N ARG D 471 36.01 27.79 -26.03
CA ARG D 471 37.45 27.99 -26.05
C ARG D 471 37.84 29.12 -26.98
N GLY D 472 37.19 29.21 -28.15
CA GLY D 472 37.47 30.33 -29.05
C GLY D 472 37.09 31.66 -28.43
N LEU D 473 35.93 31.73 -27.78
CA LEU D 473 35.51 32.96 -27.13
C LEU D 473 36.51 33.37 -26.04
N GLY D 474 36.82 32.44 -25.12
CA GLY D 474 37.72 32.75 -24.04
C GLY D 474 39.15 32.99 -24.47
N THR D 475 39.53 32.55 -25.67
CA THR D 475 40.90 32.75 -26.15
C THR D 475 41.04 34.05 -26.92
N ASP D 476 40.12 34.36 -27.83
CA ASP D 476 40.28 35.49 -28.73
C ASP D 476 39.21 36.55 -28.59
N ALA D 477 38.45 36.56 -27.48
CA ALA D 477 37.48 37.61 -27.19
C ALA D 477 36.46 37.77 -28.32
N ASN D 478 35.70 36.69 -28.55
CA ASN D 478 34.63 36.66 -29.55
C ASN D 478 35.15 36.95 -30.95
N ILE D 479 36.06 36.08 -31.40
CA ILE D 479 36.59 36.14 -32.76
C ILE D 479 35.63 35.38 -33.68
N ASP D 480 35.80 35.53 -34.99
CA ASP D 480 35.00 34.77 -35.93
C ASP D 480 35.29 33.27 -35.77
N LYS D 481 34.22 32.48 -35.80
CA LYS D 481 34.32 31.04 -35.53
C LYS D 481 34.57 30.20 -36.77
N PHE D 482 34.55 30.80 -37.97
CA PHE D 482 34.81 30.03 -39.18
C PHE D 482 36.23 29.47 -39.20
N SER D 483 37.21 30.29 -38.78
CA SER D 483 38.60 29.85 -38.82
C SER D 483 38.85 28.72 -37.82
N LEU D 484 38.28 28.81 -36.62
CA LEU D 484 38.56 27.83 -35.58
C LEU D 484 38.06 26.44 -35.96
N LYS D 485 36.87 26.37 -36.55
CA LYS D 485 36.20 25.14 -36.97
C LYS D 485 36.35 24.01 -35.95
N VAL D 486 36.51 22.78 -36.42
CA VAL D 486 36.62 21.60 -35.56
C VAL D 486 38.00 21.00 -35.73
N THR D 487 38.66 20.72 -34.61
CA THR D 487 40.01 20.16 -34.61
C THR D 487 40.01 18.82 -33.88
N LEU D 488 41.10 18.07 -34.07
CA LEU D 488 41.23 16.76 -33.45
C LEU D 488 41.31 16.87 -31.93
N LYS D 489 42.01 17.87 -31.42
CA LYS D 489 42.11 18.05 -29.98
C LYS D 489 40.74 18.30 -29.36
N ASP D 490 39.90 19.09 -30.05
CA ASP D 490 38.56 19.37 -29.54
C ASP D 490 37.73 18.10 -29.43
N VAL D 491 37.76 17.25 -30.46
CA VAL D 491 36.93 16.04 -30.43
C VAL D 491 37.50 15.04 -29.43
N GLU D 492 38.83 15.00 -29.25
CA GLU D 492 39.40 14.13 -28.22
C GLU D 492 38.97 14.58 -26.82
N SER D 493 39.05 15.88 -26.54
CA SER D 493 38.58 16.38 -25.26
C SER D 493 37.09 16.12 -25.08
N ALA D 494 36.32 16.23 -26.17
CA ALA D 494 34.88 15.96 -26.09
C ALA D 494 34.61 14.52 -25.73
N MET D 495 35.23 13.57 -26.44
CA MET D 495 35.01 12.17 -26.12
C MET D 495 35.56 11.80 -24.76
N VAL D 496 36.53 12.56 -24.24
CA VAL D 496 36.97 12.37 -22.86
C VAL D 496 35.88 12.84 -21.89
N ASP D 497 35.27 13.98 -22.16
CA ASP D 497 34.39 14.65 -21.18
C ASP D 497 32.91 14.44 -21.45
N ILE D 498 32.54 13.51 -22.34
CA ILE D 498 31.12 13.25 -22.58
C ILE D 498 30.44 12.72 -21.32
N ARG D 499 31.10 11.79 -20.63
CA ARG D 499 30.61 11.16 -19.41
C ARG D 499 29.23 10.53 -19.63
N PRO D 500 29.12 9.45 -20.40
CA PRO D 500 27.83 8.83 -20.62
C PRO D 500 27.36 8.06 -19.39
N SER D 501 26.23 7.38 -19.54
CA SER D 501 25.64 6.56 -18.48
C SER D 501 25.20 5.22 -19.06
N ALA D 502 26.00 4.67 -19.98
CA ALA D 502 25.70 3.40 -20.61
C ALA D 502 26.88 2.42 -20.54
N MET D 503 27.75 2.58 -19.54
CA MET D 503 28.90 1.68 -19.41
C MET D 503 28.44 0.25 -19.13
N ARG D 504 27.44 0.09 -18.27
CA ARG D 504 26.93 -1.23 -17.91
C ARG D 504 25.75 -1.56 -18.81
N GLU D 505 25.85 -2.66 -19.55
CA GLU D 505 24.79 -3.09 -20.44
C GLU D 505 24.85 -4.60 -20.59
N ILE D 506 23.72 -5.19 -20.99
CA ILE D 506 23.66 -6.63 -21.16
C ILE D 506 23.96 -7.05 -22.59
N PHE D 507 23.78 -6.14 -23.57
CA PHE D 507 24.07 -6.44 -24.97
C PHE D 507 25.50 -6.02 -25.27
N LEU D 508 26.42 -6.98 -25.11
CA LEU D 508 27.84 -6.70 -25.29
C LEU D 508 28.23 -6.96 -26.74
N GLU D 509 28.72 -5.93 -27.41
CA GLU D 509 29.23 -6.03 -28.78
C GLU D 509 30.74 -5.80 -28.74
N MET D 510 31.49 -6.88 -28.67
CA MET D 510 32.93 -6.78 -28.55
C MET D 510 33.53 -6.31 -29.88
N PRO D 511 34.46 -5.35 -29.87
CA PRO D 511 35.07 -4.89 -31.14
C PRO D 511 35.74 -5.97 -31.99
N LYS D 512 35.90 -7.19 -31.47
CA LYS D 512 36.35 -8.34 -32.26
C LYS D 512 37.74 -8.09 -32.86
N VAL D 513 38.73 -8.01 -31.97
CA VAL D 513 40.12 -7.81 -32.38
C VAL D 513 40.54 -8.91 -33.36
N TYR D 514 41.44 -8.56 -34.27
CA TYR D 514 41.85 -9.43 -35.37
C TYR D 514 42.79 -10.54 -34.87
N TRP D 515 43.16 -11.41 -35.80
CA TRP D 515 44.08 -12.51 -35.51
C TRP D 515 45.46 -12.04 -35.07
N SER D 516 45.90 -10.86 -35.54
CA SER D 516 47.27 -10.42 -35.29
C SER D 516 47.59 -10.26 -33.81
N ASP D 517 46.58 -9.99 -32.97
CA ASP D 517 46.86 -9.75 -31.56
C ASP D 517 47.32 -11.01 -30.85
N ILE D 518 46.64 -12.14 -31.10
CA ILE D 518 47.02 -13.43 -30.51
C ILE D 518 47.01 -14.47 -31.62
N GLY D 519 48.14 -15.15 -31.80
CA GLY D 519 48.27 -16.17 -32.81
C GLY D 519 47.80 -17.53 -32.34
N GLY D 520 47.98 -18.52 -33.21
CA GLY D 520 47.58 -19.88 -32.91
C GLY D 520 48.37 -20.87 -33.75
N GLN D 521 48.33 -22.13 -33.33
CA GLN D 521 49.07 -23.17 -34.01
C GLN D 521 48.25 -23.67 -35.20
N GLU D 522 48.96 -24.08 -36.26
CA GLU D 522 48.32 -24.30 -37.55
C GLU D 522 47.23 -25.38 -37.48
N GLU D 523 47.57 -26.54 -36.91
CA GLU D 523 46.61 -27.63 -36.85
C GLU D 523 45.39 -27.26 -36.00
N LEU D 524 45.63 -26.60 -34.86
CA LEU D 524 44.51 -26.14 -34.04
C LEU D 524 43.68 -25.10 -34.78
N LYS D 525 44.34 -24.20 -35.50
CA LYS D 525 43.61 -23.20 -36.28
C LYS D 525 42.69 -23.86 -37.30
N THR D 526 43.21 -24.87 -38.01
CA THR D 526 42.37 -25.61 -38.94
C THR D 526 41.26 -26.36 -38.23
N LYS D 527 41.53 -26.86 -37.02
CA LYS D 527 40.50 -27.56 -36.26
C LYS D 527 39.33 -26.64 -35.93
N MET D 528 39.63 -25.46 -35.36
CA MET D 528 38.54 -24.52 -35.09
C MET D 528 37.89 -24.01 -36.37
N LYS D 529 38.65 -23.85 -37.45
CA LYS D 529 38.05 -23.40 -38.71
C LYS D 529 37.04 -24.42 -39.23
N GLU D 530 37.40 -25.70 -39.23
CA GLU D 530 36.47 -26.72 -39.70
C GLU D 530 35.30 -26.87 -38.74
N MET D 531 35.56 -26.73 -37.44
CA MET D 531 34.47 -26.83 -36.47
C MET D 531 33.45 -25.71 -36.66
N ILE D 532 33.92 -24.50 -36.95
CA ILE D 532 32.99 -23.39 -37.13
C ILE D 532 32.33 -23.42 -38.51
N GLN D 533 33.00 -23.99 -39.51
CA GLN D 533 32.41 -24.07 -40.84
C GLN D 533 31.50 -25.27 -41.04
N LEU D 534 31.56 -26.26 -40.15
CA LEU D 534 30.70 -27.43 -40.30
C LEU D 534 29.21 -27.08 -40.22
N PRO D 535 28.71 -26.35 -39.22
CA PRO D 535 27.26 -26.12 -39.16
C PRO D 535 26.76 -25.14 -40.20
N LEU D 536 27.46 -24.03 -40.39
CA LEU D 536 26.95 -22.97 -41.27
C LEU D 536 27.05 -23.35 -42.73
N GLU D 537 28.19 -23.92 -43.14
CA GLU D 537 28.42 -24.24 -44.55
C GLU D 537 27.88 -25.60 -44.95
N ALA D 538 27.34 -26.38 -44.01
CA ALA D 538 26.76 -27.68 -44.33
C ALA D 538 25.42 -27.88 -43.63
N SER D 539 24.64 -26.80 -43.50
CA SER D 539 23.32 -26.91 -42.89
C SER D 539 22.39 -27.78 -43.73
N GLU D 540 22.46 -27.66 -45.05
CA GLU D 540 21.65 -28.49 -45.93
C GLU D 540 22.02 -29.96 -45.79
N THR D 541 23.32 -30.25 -45.70
CA THR D 541 23.74 -31.64 -45.53
C THR D 541 23.22 -32.24 -44.24
N PHE D 542 23.29 -31.47 -43.14
CA PHE D 542 22.74 -31.94 -41.87
C PHE D 542 21.23 -32.11 -41.95
N ALA D 543 20.53 -31.20 -42.62
CA ALA D 543 19.08 -31.32 -42.75
C ALA D 543 18.69 -32.57 -43.52
N ARG D 544 19.40 -32.85 -44.63
CA ARG D 544 19.09 -34.06 -45.39
C ARG D 544 19.45 -35.32 -44.60
N LEU D 545 20.62 -35.32 -43.95
CA LEU D 545 21.04 -36.50 -43.19
C LEU D 545 20.31 -36.62 -41.86
N GLY D 546 19.85 -35.52 -41.30
CA GLY D 546 19.19 -35.56 -40.00
C GLY D 546 20.09 -35.96 -38.86
N ILE D 547 21.31 -35.43 -38.83
CA ILE D 547 22.29 -35.79 -37.81
C ILE D 547 22.63 -34.64 -36.87
N SER D 548 22.40 -33.40 -37.27
CA SER D 548 22.69 -32.21 -36.46
C SER D 548 24.19 -32.18 -36.16
N ALA D 549 24.59 -31.49 -35.09
CA ALA D 549 25.98 -31.36 -34.70
C ALA D 549 26.08 -31.45 -33.18
N PRO D 550 27.22 -31.92 -32.66
CA PRO D 550 27.41 -31.92 -31.20
C PRO D 550 27.34 -30.55 -30.57
N LYS D 551 27.72 -29.50 -31.31
CA LYS D 551 27.63 -28.09 -30.91
C LYS D 551 28.13 -27.84 -29.49
N GLY D 552 29.12 -28.62 -29.05
CA GLY D 552 29.69 -28.41 -27.73
C GLY D 552 31.19 -28.58 -27.68
N VAL D 553 31.91 -27.54 -27.26
CA VAL D 553 33.36 -27.55 -27.14
C VAL D 553 33.74 -26.94 -25.80
N LEU D 554 34.60 -27.64 -25.05
CA LEU D 554 35.11 -27.16 -23.78
C LEU D 554 36.53 -26.65 -23.93
N LEU D 555 36.80 -25.50 -23.33
CA LEU D 555 38.12 -24.87 -23.38
C LEU D 555 38.70 -24.82 -21.98
N TYR D 556 39.93 -25.30 -21.82
CA TYR D 556 40.61 -25.27 -20.54
C TYR D 556 42.11 -25.08 -20.77
N GLY D 557 42.69 -24.11 -20.07
CA GLY D 557 44.10 -23.82 -20.24
C GLY D 557 44.62 -22.87 -19.17
N PRO D 558 45.84 -22.35 -19.39
CA PRO D 558 46.42 -21.43 -18.41
C PRO D 558 45.60 -20.15 -18.32
N PRO D 559 45.55 -19.52 -17.14
CA PRO D 559 44.77 -18.29 -17.00
C PRO D 559 45.39 -17.07 -17.66
N GLY D 560 46.51 -17.23 -18.38
CA GLY D 560 47.21 -16.09 -18.94
C GLY D 560 46.49 -15.40 -20.09
N CYS D 561 46.37 -16.08 -21.22
CA CYS D 561 45.82 -15.49 -22.43
C CYS D 561 45.38 -16.60 -23.38
N SER D 562 45.12 -16.23 -24.64
CA SER D 562 44.74 -17.14 -25.71
C SER D 562 43.35 -17.74 -25.52
N LYS D 563 42.55 -17.18 -24.63
CA LYS D 563 41.16 -17.60 -24.46
C LYS D 563 40.18 -16.44 -24.57
N THR D 564 40.55 -15.25 -24.08
CA THR D 564 39.68 -14.10 -24.15
C THR D 564 39.71 -13.40 -25.50
N LEU D 565 40.65 -13.75 -26.38
CA LEU D 565 40.77 -13.10 -27.67
C LEU D 565 40.67 -14.08 -28.84
N THR D 566 40.79 -15.39 -28.59
CA THR D 566 40.55 -16.37 -29.64
C THR D 566 39.12 -16.26 -30.17
N ALA D 567 38.16 -16.03 -29.27
CA ALA D 567 36.78 -15.81 -29.70
C ALA D 567 36.66 -14.55 -30.55
N LYS D 568 37.37 -13.48 -30.17
CA LYS D 568 37.36 -12.26 -30.96
C LYS D 568 37.90 -12.51 -32.37
N ALA D 569 39.01 -13.24 -32.45
CA ALA D 569 39.63 -13.52 -33.75
C ALA D 569 38.72 -14.40 -34.60
N LEU D 570 38.08 -15.41 -33.99
CA LEU D 570 37.16 -16.26 -34.73
C LEU D 570 35.96 -15.47 -35.23
N ALA D 571 35.43 -14.56 -34.40
CA ALA D 571 34.31 -13.73 -34.83
C ALA D 571 34.71 -12.83 -35.98
N THR D 572 35.91 -12.23 -35.92
CA THR D 572 36.36 -11.36 -36.99
C THR D 572 36.56 -12.14 -38.29
N GLU D 573 37.14 -13.33 -38.21
CA GLU D 573 37.44 -14.10 -39.41
C GLU D 573 36.17 -14.67 -40.04
N SER D 574 35.28 -15.24 -39.23
CA SER D 574 34.10 -15.89 -39.78
C SER D 574 33.15 -14.87 -40.40
N GLY D 575 33.01 -13.70 -39.80
CA GLY D 575 32.05 -12.72 -40.26
C GLY D 575 30.65 -12.93 -39.73
N ILE D 576 30.41 -13.99 -38.97
CA ILE D 576 29.10 -14.24 -38.37
C ILE D 576 28.94 -13.38 -37.12
N ASN D 577 27.69 -13.16 -36.72
CA ASN D 577 27.41 -12.34 -35.55
C ASN D 577 27.73 -13.10 -34.27
N PHE D 578 29.00 -13.49 -34.13
CA PHE D 578 29.45 -14.18 -32.92
C PHE D 578 29.45 -13.22 -31.74
N LEU D 579 28.98 -13.70 -30.59
CA LEU D 579 28.92 -12.89 -29.38
C LEU D 579 29.50 -13.67 -28.20
N ALA D 580 30.08 -12.94 -27.26
CA ALA D 580 30.65 -13.52 -26.06
C ALA D 580 30.20 -12.71 -24.84
N VAL D 581 30.07 -13.41 -23.71
CA VAL D 581 29.65 -12.80 -22.46
C VAL D 581 30.70 -13.09 -21.40
N LYS D 582 30.98 -12.09 -20.57
CA LYS D 582 31.98 -12.25 -19.52
C LYS D 582 31.42 -13.11 -18.39
N GLY D 583 32.33 -13.54 -17.51
CA GLY D 583 31.98 -14.40 -16.40
C GLY D 583 31.17 -13.70 -15.33
N PRO D 584 31.79 -12.75 -14.62
CA PRO D 584 31.08 -12.10 -13.50
C PRO D 584 29.99 -11.14 -13.93
N GLU D 585 29.88 -10.80 -15.21
CA GLU D 585 28.87 -9.83 -15.63
C GLU D 585 27.46 -10.40 -15.54
N ILE D 586 27.30 -11.72 -15.65
CA ILE D 586 25.98 -12.31 -15.55
C ILE D 586 25.45 -12.22 -14.13
N PHE D 587 26.34 -12.26 -13.13
CA PHE D 587 25.91 -12.19 -11.75
C PHE D 587 25.42 -10.77 -11.41
N ASN D 588 24.28 -10.68 -10.74
CA ASN D 588 23.69 -9.40 -10.37
C ASN D 588 23.30 -9.45 -8.90
N LYS D 589 23.24 -8.27 -8.28
CA LYS D 589 22.89 -8.17 -6.87
C LYS D 589 21.47 -8.67 -6.62
N TYR D 590 20.54 -8.32 -7.50
CA TYR D 590 19.17 -8.79 -7.37
C TYR D 590 19.08 -10.25 -7.80
N VAL D 591 18.01 -10.91 -7.36
CA VAL D 591 17.72 -12.30 -7.69
C VAL D 591 16.55 -12.32 -8.65
N GLY D 592 16.77 -12.88 -9.84
CA GLY D 592 15.74 -12.92 -10.86
C GLY D 592 16.08 -12.08 -12.08
N GLU D 593 16.69 -10.91 -11.85
CA GLU D 593 17.09 -10.06 -12.96
C GLU D 593 18.18 -10.70 -13.80
N SER D 594 19.12 -11.42 -13.16
CA SER D 594 20.16 -12.11 -13.91
C SER D 594 19.56 -13.21 -14.79
N GLU D 595 18.55 -13.92 -14.28
CA GLU D 595 17.86 -14.91 -15.09
C GLU D 595 17.18 -14.26 -16.30
N ARG D 596 16.55 -13.11 -16.08
CA ARG D 596 15.93 -12.40 -17.20
C ARG D 596 16.98 -11.98 -18.23
N ALA D 597 18.14 -11.52 -17.76
CA ALA D 597 19.19 -11.10 -18.68
C ALA D 597 19.74 -12.27 -19.49
N ILE D 598 19.98 -13.41 -18.83
CA ILE D 598 20.51 -14.57 -19.55
C ILE D 598 19.48 -15.10 -20.55
N ARG D 599 18.20 -15.11 -20.15
CA ARG D 599 17.15 -15.51 -21.08
C ARG D 599 17.08 -14.57 -22.27
N GLU D 600 17.20 -13.26 -22.01
CA GLU D 600 17.13 -12.27 -23.09
C GLU D 600 18.29 -12.43 -24.06
N ILE D 601 19.50 -12.68 -23.55
CA ILE D 601 20.63 -12.80 -24.47
C ILE D 601 20.55 -14.09 -25.26
N PHE D 602 20.03 -15.17 -24.64
CA PHE D 602 19.79 -16.38 -25.42
C PHE D 602 18.73 -16.16 -26.51
N ARG D 603 17.67 -15.42 -26.19
CA ARG D 603 16.66 -15.09 -27.19
C ARG D 603 17.26 -14.27 -28.33
N LYS D 604 18.11 -13.28 -28.00
CA LYS D 604 18.71 -12.46 -29.03
C LYS D 604 19.70 -13.25 -29.88
N ALA D 605 20.41 -14.20 -29.27
CA ALA D 605 21.30 -15.07 -30.04
C ALA D 605 20.49 -15.96 -30.98
N ARG D 606 19.36 -16.48 -30.51
CA ARG D 606 18.51 -17.33 -31.36
C ARG D 606 17.91 -16.53 -32.51
N SER D 607 17.49 -15.29 -32.24
CA SER D 607 16.84 -14.46 -33.25
C SER D 607 17.83 -13.66 -34.09
N ALA D 608 19.13 -13.76 -33.80
CA ALA D 608 20.16 -13.03 -34.53
C ALA D 608 20.91 -13.94 -35.51
N ALA D 609 20.19 -14.85 -36.16
CA ALA D 609 20.70 -15.82 -37.13
C ALA D 609 21.58 -16.86 -36.44
N PRO D 610 21.80 -18.02 -37.04
CA PRO D 610 22.66 -19.03 -36.41
C PRO D 610 24.05 -18.48 -36.12
N SER D 611 24.57 -18.82 -34.95
CA SER D 611 25.88 -18.34 -34.51
C SER D 611 26.35 -19.26 -33.38
N ILE D 612 27.42 -18.84 -32.70
CA ILE D 612 28.01 -19.61 -31.61
C ILE D 612 28.05 -18.73 -30.36
N ILE D 613 27.57 -19.28 -29.24
CA ILE D 613 27.58 -18.58 -27.96
C ILE D 613 28.80 -19.00 -27.18
N PHE D 614 29.42 -18.05 -26.50
CA PHE D 614 30.63 -18.29 -25.70
C PHE D 614 30.45 -17.72 -24.31
N PHE D 615 30.89 -18.47 -23.30
CA PHE D 615 30.81 -18.05 -21.91
C PHE D 615 32.22 -18.02 -21.34
N ASP D 616 32.58 -16.93 -20.67
CA ASP D 616 33.98 -16.65 -20.37
C ASP D 616 34.56 -17.69 -19.42
N GLU D 617 33.91 -17.93 -18.29
CA GLU D 617 34.49 -18.77 -17.23
C GLU D 617 33.37 -19.56 -16.56
N ILE D 618 33.20 -20.82 -17.00
CA ILE D 618 32.16 -21.68 -16.42
C ILE D 618 32.57 -22.26 -15.08
N ASP D 619 33.81 -22.03 -14.64
CA ASP D 619 34.31 -22.55 -13.38
C ASP D 619 33.66 -21.91 -12.16
N ALA D 620 32.69 -21.02 -12.34
CA ALA D 620 31.97 -20.41 -11.24
C ALA D 620 30.49 -20.75 -11.23
N LEU D 621 29.85 -20.81 -12.41
CA LEU D 621 28.44 -21.15 -12.47
C LEU D 621 28.22 -22.63 -12.15
N SER D 622 29.04 -23.51 -12.73
CA SER D 622 28.86 -24.95 -12.53
C SER D 622 29.03 -25.38 -11.08
N PRO D 623 30.10 -24.99 -10.35
CA PRO D 623 30.26 -25.50 -8.98
C PRO D 623 29.16 -25.07 -8.03
N ASP D 624 28.36 -26.03 -7.55
CA ASP D 624 27.31 -25.76 -6.59
C ASP D 624 27.30 -26.71 -5.41
N ARG D 625 28.06 -27.81 -5.46
CA ARG D 625 28.13 -28.78 -4.38
C ARG D 625 29.44 -28.72 -3.60
N ASP D 626 30.57 -28.51 -4.29
CA ASP D 626 31.85 -28.43 -3.60
C ASP D 626 31.91 -27.24 -2.66
N GLY D 627 31.37 -26.10 -3.11
CA GLY D 627 31.36 -24.90 -2.29
C GLY D 627 29.97 -24.40 -1.99
N SER D 628 29.82 -23.62 -0.92
CA SER D 628 28.53 -23.09 -0.54
C SER D 628 28.04 -22.07 -1.57
N SER D 629 26.75 -22.13 -1.87
CA SER D 629 26.14 -21.21 -2.83
C SER D 629 24.69 -20.98 -2.44
N THR D 630 23.91 -20.41 -3.35
CA THR D 630 22.51 -20.12 -3.13
C THR D 630 21.66 -20.86 -4.16
N SER D 631 20.35 -20.88 -3.91
CA SER D 631 19.42 -21.53 -4.82
C SER D 631 19.35 -20.84 -6.18
N ALA D 632 19.73 -19.56 -6.24
CA ALA D 632 19.74 -18.85 -7.52
C ALA D 632 20.74 -19.48 -8.49
N ALA D 633 21.91 -19.88 -7.98
CA ALA D 633 22.89 -20.53 -8.84
C ALA D 633 22.38 -21.86 -9.36
N ASN D 634 21.70 -22.64 -8.51
CA ASN D 634 21.13 -23.90 -8.96
C ASN D 634 20.05 -23.68 -10.01
N HIS D 635 19.20 -22.67 -9.80
CA HIS D 635 18.17 -22.35 -10.79
C HIS D 635 18.78 -21.95 -12.12
N VAL D 636 19.84 -21.12 -12.07
CA VAL D 636 20.50 -20.70 -13.31
C VAL D 636 21.13 -21.89 -14.01
N LEU D 637 21.75 -22.79 -13.26
CA LEU D 637 22.36 -23.98 -13.86
C LEU D 637 21.31 -24.87 -14.51
N THR D 638 20.18 -25.08 -13.83
CA THR D 638 19.11 -25.89 -14.41
C THR D 638 18.55 -25.25 -15.67
N SER D 639 18.34 -23.93 -15.64
CA SER D 639 17.84 -23.24 -16.82
C SER D 639 18.83 -23.34 -17.97
N LEU D 640 20.13 -23.21 -17.68
CA LEU D 640 21.14 -23.35 -18.73
C LEU D 640 21.13 -24.75 -19.32
N LEU D 641 21.02 -25.78 -18.47
CA LEU D 641 20.97 -27.14 -18.97
C LEU D 641 19.74 -27.36 -19.87
N ASN D 642 18.57 -26.87 -19.42
CA ASN D 642 17.37 -27.04 -20.22
C ASN D 642 17.44 -26.29 -21.54
N GLU D 643 18.03 -25.09 -21.54
CA GLU D 643 18.13 -24.31 -22.77
C GLU D 643 19.24 -24.79 -23.68
N ILE D 644 20.19 -25.58 -23.17
CA ILE D 644 21.25 -26.13 -24.00
C ILE D 644 20.79 -27.45 -24.61
N ASP D 645 20.47 -28.43 -23.77
CA ASP D 645 20.11 -29.76 -24.24
C ASP D 645 18.94 -30.31 -23.44
N GLY D 646 17.93 -29.49 -23.21
CA GLY D 646 16.72 -29.94 -22.55
C GLY D 646 15.48 -29.77 -23.39
N VAL D 647 14.91 -30.89 -23.83
CA VAL D 647 13.70 -30.91 -24.65
C VAL D 647 13.92 -30.18 -25.96
N GLU D 648 14.07 -28.86 -25.88
CA GLU D 648 14.29 -28.04 -27.07
C GLU D 648 15.72 -28.20 -27.56
N GLU D 649 15.88 -28.36 -28.88
CA GLU D 649 17.17 -28.51 -29.51
C GLU D 649 17.43 -27.30 -30.41
N LEU D 650 18.56 -26.63 -30.20
CA LEU D 650 18.96 -25.48 -30.99
C LEU D 650 19.98 -25.95 -32.03
N LYS D 651 19.58 -25.92 -33.30
CA LYS D 651 20.44 -26.43 -34.37
C LYS D 651 21.55 -25.44 -34.70
N GLY D 652 21.17 -24.22 -35.10
CA GLY D 652 22.16 -23.24 -35.50
C GLY D 652 23.04 -22.77 -34.37
N VAL D 653 22.46 -22.64 -33.17
CA VAL D 653 23.21 -22.14 -32.02
C VAL D 653 24.18 -23.21 -31.54
N VAL D 654 25.44 -22.83 -31.37
CA VAL D 654 26.49 -23.72 -30.88
C VAL D 654 26.97 -23.20 -29.54
N ILE D 655 27.04 -24.07 -28.54
CA ILE D 655 27.40 -23.69 -27.19
C ILE D 655 28.84 -24.09 -26.93
N VAL D 656 29.70 -23.10 -26.68
CA VAL D 656 31.08 -23.32 -26.28
C VAL D 656 31.37 -22.46 -25.06
N ALA D 657 32.39 -22.86 -24.31
CA ALA D 657 32.73 -22.16 -23.08
C ALA D 657 34.20 -22.43 -22.74
N ALA D 658 34.73 -21.60 -21.84
CA ALA D 658 36.09 -21.74 -21.36
C ALA D 658 36.07 -21.83 -19.84
N THR D 659 37.12 -22.44 -19.28
CA THR D 659 37.21 -22.64 -17.85
C THR D 659 38.65 -22.55 -17.40
N ASN D 660 38.82 -22.32 -16.10
CA ASN D 660 40.13 -22.27 -15.47
C ASN D 660 40.42 -23.52 -14.64
N ARG D 661 39.52 -23.87 -13.72
CA ARG D 661 39.65 -25.10 -12.96
C ARG D 661 38.80 -26.18 -13.60
N PRO D 662 39.39 -27.22 -14.19
CA PRO D 662 38.57 -28.21 -14.90
C PRO D 662 37.72 -29.07 -13.99
N ASP D 663 38.13 -29.28 -12.73
CA ASP D 663 37.37 -30.11 -11.81
C ASP D 663 36.21 -29.37 -11.17
N GLU D 664 36.19 -28.04 -11.25
CA GLU D 664 35.11 -27.27 -10.64
C GLU D 664 33.79 -27.38 -11.39
N ILE D 665 33.82 -27.88 -12.63
CA ILE D 665 32.58 -28.05 -13.39
C ILE D 665 31.80 -29.23 -12.82
N ASP D 666 30.50 -29.01 -12.56
CA ASP D 666 29.67 -30.06 -11.99
C ASP D 666 29.48 -31.22 -12.96
N ALA D 667 29.20 -32.40 -12.41
CA ALA D 667 29.02 -33.59 -13.22
C ALA D 667 27.82 -33.48 -14.16
N ALA D 668 26.84 -32.64 -13.82
CA ALA D 668 25.69 -32.47 -14.71
C ALA D 668 26.12 -31.89 -16.06
N LEU D 669 27.00 -30.89 -16.04
CA LEU D 669 27.52 -30.35 -17.30
C LEU D 669 28.45 -31.34 -17.98
N LEU D 670 29.25 -32.08 -17.20
CA LEU D 670 30.17 -33.07 -17.75
C LEU D 670 29.44 -34.39 -17.95
N ARG D 671 28.59 -34.41 -18.97
CA ARG D 671 27.82 -35.59 -19.34
C ARG D 671 28.00 -35.87 -20.83
N PRO D 672 28.13 -37.13 -21.22
CA PRO D 672 28.24 -37.45 -22.66
C PRO D 672 27.02 -36.96 -23.42
N GLY D 673 27.27 -36.43 -24.62
CA GLY D 673 26.24 -35.85 -25.44
C GLY D 673 26.20 -34.34 -25.41
N ARG D 674 26.82 -33.71 -24.41
CA ARG D 674 26.92 -32.26 -24.33
C ARG D 674 28.37 -31.87 -24.09
N LEU D 675 28.83 -30.86 -24.83
CA LEU D 675 30.16 -30.28 -24.62
C LEU D 675 31.26 -31.35 -24.65
N ASP D 676 31.13 -32.28 -25.61
CA ASP D 676 32.05 -33.42 -25.64
C ASP D 676 33.45 -33.01 -26.08
N ARG D 677 33.55 -32.06 -27.02
CA ARG D 677 34.86 -31.68 -27.56
C ARG D 677 35.70 -30.98 -26.51
N HIS D 678 36.99 -31.30 -26.50
CA HIS D 678 37.96 -30.70 -25.58
C HIS D 678 39.16 -30.19 -26.36
N ILE D 679 39.56 -28.95 -26.09
CA ILE D 679 40.72 -28.33 -26.72
C ILE D 679 41.65 -27.83 -25.63
N TYR D 680 42.90 -28.31 -25.64
CA TYR D 680 43.84 -27.90 -24.61
C TYR D 680 44.27 -26.46 -24.78
N VAL D 681 44.64 -26.07 -26.01
CA VAL D 681 45.13 -24.74 -26.37
C VAL D 681 45.97 -24.14 -25.24
N GLY D 682 47.09 -24.79 -24.92
CA GLY D 682 47.92 -24.38 -23.82
C GLY D 682 48.76 -23.16 -24.13
N PRO D 683 49.98 -23.13 -23.60
CA PRO D 683 50.87 -21.99 -23.83
C PRO D 683 51.18 -21.82 -25.31
N PRO D 684 51.31 -20.59 -25.78
CA PRO D 684 51.61 -20.38 -27.20
C PRO D 684 52.97 -20.91 -27.58
N ASP D 685 53.08 -21.36 -28.83
CA ASP D 685 54.33 -21.88 -29.36
C ASP D 685 55.18 -20.74 -29.92
N VAL D 686 56.25 -21.08 -30.64
CA VAL D 686 57.24 -20.08 -31.03
C VAL D 686 56.65 -19.09 -32.03
N ASN D 687 55.91 -19.57 -33.03
CA ASN D 687 55.40 -18.68 -34.05
C ASN D 687 54.32 -17.76 -33.50
N ALA D 688 53.44 -18.28 -32.64
CA ALA D 688 52.42 -17.45 -32.02
C ALA D 688 53.05 -16.38 -31.13
N ARG D 689 54.08 -16.75 -30.37
CA ARG D 689 54.76 -15.78 -29.53
C ARG D 689 55.45 -14.70 -30.37
N LEU D 690 56.07 -15.10 -31.49
CA LEU D 690 56.66 -14.12 -32.39
C LEU D 690 55.60 -13.18 -32.95
N GLU D 691 54.44 -13.73 -33.32
CA GLU D 691 53.37 -12.91 -33.87
C GLU D 691 52.84 -11.91 -32.84
N ILE D 692 52.64 -12.36 -31.59
CA ILE D 692 52.12 -11.45 -30.58
C ILE D 692 53.16 -10.39 -30.22
N LEU D 693 54.44 -10.77 -30.21
CA LEU D 693 55.49 -9.79 -29.96
C LEU D 693 55.54 -8.75 -31.07
N LYS D 694 55.40 -9.19 -32.33
CA LYS D 694 55.36 -8.25 -33.45
C LYS D 694 54.16 -7.33 -33.35
N LYS D 695 53.00 -7.87 -32.97
CA LYS D 695 51.80 -7.04 -32.83
C LYS D 695 51.96 -6.01 -31.73
N CYS D 696 52.49 -6.41 -30.58
CA CYS D 696 52.72 -5.46 -29.49
C CYS D 696 53.84 -4.49 -29.79
N THR D 697 54.72 -4.83 -30.73
CA THR D 697 55.80 -3.94 -31.17
C THR D 697 55.37 -3.03 -32.31
N LYS D 698 54.15 -3.23 -32.84
CA LYS D 698 53.70 -2.42 -33.97
C LYS D 698 53.62 -0.94 -33.59
N LYS D 699 53.26 -0.64 -32.35
CA LYS D 699 53.24 0.76 -31.90
C LYS D 699 54.64 1.36 -31.94
N PHE D 700 55.64 0.59 -31.53
CA PHE D 700 57.03 1.04 -31.60
C PHE D 700 57.56 0.85 -33.03
N ASN D 701 58.82 1.25 -33.24
CA ASN D 701 59.49 1.09 -34.51
C ASN D 701 60.63 0.10 -34.37
N THR D 702 60.75 -0.82 -35.34
CA THR D 702 61.78 -1.85 -35.28
C THR D 702 63.18 -1.25 -35.46
N GLU D 703 63.30 -0.21 -36.28
CA GLU D 703 64.61 0.36 -36.56
C GLU D 703 65.25 0.97 -35.31
N GLU D 704 64.47 1.67 -34.50
CA GLU D 704 65.01 2.27 -33.28
C GLU D 704 65.20 1.24 -32.18
N SER D 705 64.32 0.24 -32.10
CA SER D 705 64.46 -0.78 -31.07
C SER D 705 65.74 -1.61 -31.26
N GLY D 706 66.07 -1.93 -32.52
CA GLY D 706 67.23 -2.72 -32.82
C GLY D 706 67.06 -4.21 -32.65
N VAL D 707 65.85 -4.68 -32.37
CA VAL D 707 65.59 -6.10 -32.17
C VAL D 707 65.19 -6.73 -33.49
N ASP D 708 65.46 -8.03 -33.62
CA ASP D 708 65.08 -8.80 -34.80
C ASP D 708 63.78 -9.56 -34.61
N LEU D 709 63.10 -9.36 -33.48
CA LEU D 709 61.83 -10.02 -33.16
C LEU D 709 61.98 -11.54 -33.06
N HIS D 710 63.21 -12.04 -32.95
CA HIS D 710 63.47 -13.47 -32.86
C HIS D 710 64.09 -13.85 -31.52
N GLU D 711 65.20 -13.22 -31.14
CA GLU D 711 65.85 -13.53 -29.86
C GLU D 711 64.94 -13.18 -28.69
N LEU D 712 64.28 -12.03 -28.75
CA LEU D 712 63.36 -11.64 -27.67
C LEU D 712 62.20 -12.62 -27.56
N ALA D 713 61.64 -13.04 -28.69
CA ALA D 713 60.55 -14.01 -28.66
C ALA D 713 61.01 -15.35 -28.11
N ASP D 714 62.21 -15.78 -28.49
CA ASP D 714 62.74 -17.04 -27.96
C ASP D 714 62.95 -16.95 -26.45
N ARG D 715 63.49 -15.82 -25.98
CA ARG D 715 63.69 -15.64 -24.53
C ARG D 715 62.36 -15.63 -23.79
N THR D 716 61.35 -14.95 -24.35
CA THR D 716 60.02 -14.91 -23.75
C THR D 716 59.19 -16.07 -24.30
N GLU D 717 59.53 -17.27 -23.83
CA GLU D 717 58.88 -18.49 -24.29
C GLU D 717 57.80 -19.00 -23.35
N GLY D 718 57.92 -18.75 -22.05
CA GLY D 718 56.96 -19.21 -21.07
C GLY D 718 55.96 -18.19 -20.59
N TYR D 719 55.77 -17.09 -21.32
CA TYR D 719 54.88 -16.02 -20.90
C TYR D 719 53.70 -15.90 -21.86
N SER D 720 52.54 -15.59 -21.29
CA SER D 720 51.32 -15.36 -22.03
C SER D 720 51.26 -13.92 -22.52
N GLY D 721 50.19 -13.60 -23.26
CA GLY D 721 50.09 -12.28 -23.86
C GLY D 721 50.01 -11.16 -22.85
N ALA D 722 49.23 -11.35 -21.78
CA ALA D 722 49.06 -10.30 -20.78
C ALA D 722 50.38 -9.96 -20.11
N GLU D 723 51.15 -10.97 -19.72
CA GLU D 723 52.45 -10.70 -19.10
C GLU D 723 53.47 -10.19 -20.10
N VAL D 724 53.38 -10.55 -21.37
CA VAL D 724 54.24 -9.93 -22.38
C VAL D 724 53.94 -8.44 -22.47
N VAL D 725 52.65 -8.07 -22.46
CA VAL D 725 52.28 -6.65 -22.46
C VAL D 725 52.80 -5.96 -21.21
N LEU D 726 52.71 -6.64 -20.06
CA LEU D 726 53.20 -6.06 -18.82
C LEU D 726 54.70 -5.82 -18.88
N LEU D 727 55.46 -6.79 -19.41
CA LEU D 727 56.89 -6.62 -19.59
C LEU D 727 57.21 -5.47 -20.53
N CYS D 728 56.46 -5.35 -21.63
CA CYS D 728 56.68 -4.25 -22.56
C CYS D 728 56.43 -2.90 -21.88
N GLN D 729 55.35 -2.81 -21.11
CA GLN D 729 55.04 -1.56 -20.42
C GLN D 729 56.11 -1.22 -19.38
N GLU D 730 56.57 -2.21 -18.63
CA GLU D 730 57.59 -1.94 -17.63
C GLU D 730 58.92 -1.57 -18.27
N ALA D 731 59.25 -2.19 -19.41
CA ALA D 731 60.46 -1.80 -20.14
C ALA D 731 60.34 -0.36 -20.64
N GLY D 732 59.17 0.02 -21.15
CA GLY D 732 58.99 1.38 -21.60
C GLY D 732 59.13 2.39 -20.48
N LEU D 733 58.51 2.11 -19.32
CA LEU D 733 58.59 3.04 -18.20
C LEU D 733 60.02 3.11 -17.66
N ALA D 734 60.72 1.98 -17.60
CA ALA D 734 62.10 1.98 -17.12
C ALA D 734 63.03 2.67 -18.11
N ALA D 735 62.68 2.66 -19.40
CA ALA D 735 63.47 3.39 -20.39
C ALA D 735 63.22 4.88 -20.31
N ILE D 736 61.97 5.29 -20.06
CA ILE D 736 61.66 6.71 -20.02
C ILE D 736 61.94 7.36 -18.67
N MET D 737 62.12 6.58 -17.61
CA MET D 737 62.46 7.19 -16.33
C MET D 737 63.89 7.71 -16.27
N GLU D 738 64.72 7.41 -17.28
CA GLU D 738 66.10 7.85 -17.26
C GLU D 738 66.22 9.34 -17.56
N ASP D 739 65.75 9.76 -18.73
CA ASP D 739 65.84 11.15 -19.15
C ASP D 739 64.53 11.62 -19.77
N LEU D 740 63.41 11.28 -19.12
CA LEU D 740 62.06 11.68 -19.54
C LEU D 740 61.81 11.11 -20.93
N ASP D 741 61.49 11.91 -21.93
CA ASP D 741 61.21 11.39 -23.26
C ASP D 741 62.46 10.80 -23.90
N VAL D 742 62.28 9.71 -24.62
CA VAL D 742 63.37 9.01 -25.31
C VAL D 742 63.04 8.94 -26.79
N ALA D 743 64.00 9.30 -27.63
CA ALA D 743 63.81 9.19 -29.07
C ALA D 743 63.89 7.73 -29.53
N LYS D 744 64.60 6.89 -28.79
CA LYS D 744 64.73 5.49 -29.13
C LYS D 744 64.93 4.68 -27.85
N VAL D 745 64.69 3.38 -27.94
CA VAL D 745 64.83 2.46 -26.82
C VAL D 745 65.91 1.45 -27.15
N GLU D 746 66.80 1.20 -26.19
CA GLU D 746 67.88 0.25 -26.38
C GLU D 746 67.46 -1.14 -25.91
N LEU D 747 68.21 -2.15 -26.37
CA LEU D 747 67.88 -3.52 -26.00
C LEU D 747 68.34 -3.84 -24.58
N ARG D 748 69.30 -3.06 -24.05
CA ARG D 748 69.69 -3.18 -22.66
C ARG D 748 68.48 -3.01 -21.75
N HIS D 749 67.53 -2.16 -22.15
CA HIS D 749 66.25 -2.10 -21.47
C HIS D 749 65.54 -3.44 -21.52
N PHE D 750 65.69 -4.18 -22.63
CA PHE D 750 65.04 -5.48 -22.71
C PHE D 750 65.67 -6.49 -21.75
N GLU D 751 67.01 -6.51 -21.63
CA GLU D 751 67.57 -7.37 -20.58
C GLU D 751 67.14 -6.92 -19.18
N LYS D 752 67.12 -5.61 -18.91
CA LYS D 752 66.76 -5.21 -17.55
C LYS D 752 65.28 -5.47 -17.25
N ALA D 753 64.45 -5.50 -18.29
CA ALA D 753 63.05 -5.87 -18.09
C ALA D 753 62.90 -7.38 -17.89
N PHE D 754 63.66 -8.17 -18.66
CA PHE D 754 63.60 -9.63 -18.49
C PHE D 754 64.09 -10.02 -17.10
N LYS D 755 65.16 -9.40 -16.63
CA LYS D 755 65.67 -9.70 -15.30
C LYS D 755 64.83 -9.06 -14.20
N GLY D 756 63.97 -8.10 -14.54
CA GLY D 756 63.14 -7.45 -13.55
C GLY D 756 61.99 -8.30 -13.05
N ILE D 757 61.64 -9.36 -13.78
CA ILE D 757 60.55 -10.25 -13.41
C ILE D 757 61.15 -11.59 -13.02
N ALA D 758 60.68 -12.14 -11.91
CA ALA D 758 61.15 -13.43 -11.42
C ALA D 758 60.41 -14.56 -12.13
N ARG D 759 60.64 -15.79 -11.69
CA ARG D 759 59.98 -16.95 -12.26
C ARG D 759 58.58 -17.09 -11.67
N GLY D 760 57.96 -18.24 -11.87
CA GLY D 760 56.59 -18.46 -11.41
C GLY D 760 55.80 -19.38 -12.30
N ILE D 761 56.36 -19.74 -13.45
CA ILE D 761 55.75 -20.77 -14.29
C ILE D 761 56.07 -22.14 -13.70
N THR D 762 55.06 -22.98 -13.59
CA THR D 762 55.20 -24.28 -12.93
C THR D 762 54.61 -25.37 -13.81
N PRO D 763 55.18 -26.57 -13.77
CA PRO D 763 54.62 -27.70 -14.53
C PRO D 763 53.56 -28.51 -13.81
N GLU D 764 53.22 -28.16 -12.57
CA GLU D 764 52.18 -28.89 -11.86
C GLU D 764 50.82 -28.69 -12.50
N MET D 765 50.57 -27.50 -13.05
CA MET D 765 49.30 -27.26 -13.75
C MET D 765 49.21 -28.12 -15.01
N LEU D 766 50.32 -28.33 -15.71
CA LEU D 766 50.32 -29.19 -16.88
C LEU D 766 49.97 -30.64 -16.49
N SER D 767 50.56 -31.13 -15.40
CA SER D 767 50.24 -32.48 -14.93
C SER D 767 48.79 -32.58 -14.49
N TYR D 768 48.28 -31.54 -13.83
CA TYR D 768 46.88 -31.54 -13.40
C TYR D 768 45.94 -31.58 -14.60
N TYR D 769 46.23 -30.80 -15.63
CA TYR D 769 45.42 -30.84 -16.85
C TYR D 769 45.52 -32.20 -17.54
N GLU D 770 46.72 -32.78 -17.56
CA GLU D 770 46.89 -34.09 -18.18
C GLU D 770 46.10 -35.17 -17.45
N GLU D 771 46.12 -35.15 -16.11
CA GLU D 771 45.38 -36.16 -15.36
C GLU D 771 43.88 -35.93 -15.46
N PHE D 772 43.45 -34.65 -15.56
CA PHE D 772 42.04 -34.39 -15.81
C PHE D 772 41.61 -34.93 -17.16
N ALA D 773 42.44 -34.73 -18.20
CA ALA D 773 42.12 -35.27 -19.52
C ALA D 773 42.08 -36.80 -19.50
N LEU D 774 43.02 -37.42 -18.80
CA LEU D 774 43.02 -38.87 -18.68
C LEU D 774 41.83 -39.39 -17.89
N ARG D 775 41.29 -38.58 -16.97
CA ARG D 775 40.11 -39.00 -16.22
C ARG D 775 38.91 -39.21 -17.13
N SER D 776 38.72 -38.33 -18.10
CA SER D 776 37.61 -38.44 -19.04
C SER D 776 37.94 -39.40 -20.17
N PHE E 28 -14.62 44.61 -18.52
CA PHE E 28 -15.02 43.21 -18.49
C PHE E 28 -13.80 42.29 -18.65
N LYS E 29 -12.68 42.87 -19.09
CA LYS E 29 -11.46 42.09 -19.25
C LYS E 29 -10.97 41.54 -17.92
N LEU E 30 -11.02 42.36 -16.87
CA LEU E 30 -10.60 41.98 -15.52
C LEU E 30 -9.16 41.49 -15.51
N PRO E 31 -8.19 42.37 -15.72
CA PRO E 31 -6.78 41.94 -15.71
C PRO E 31 -6.38 41.41 -14.34
N ALA E 32 -5.52 40.39 -14.35
CA ALA E 32 -5.06 39.75 -13.13
C ALA E 32 -3.56 39.85 -12.93
N GLU E 33 -2.75 39.63 -13.96
CA GLU E 33 -1.30 39.64 -13.86
C GLU E 33 -0.70 40.52 -14.95
N PHE E 34 0.38 41.20 -14.59
CA PHE E 34 1.09 42.07 -15.51
C PHE E 34 2.55 41.67 -15.58
N ILE E 35 3.17 41.91 -16.73
CA ILE E 35 4.57 41.53 -16.98
C ILE E 35 5.33 42.77 -17.40
N THR E 36 6.45 43.04 -16.74
CA THR E 36 7.27 44.19 -17.10
C THR E 36 7.96 43.96 -18.45
N ARG E 37 8.11 45.03 -19.21
CA ARG E 37 8.72 44.95 -20.53
C ARG E 37 9.76 46.05 -20.71
N PRO E 38 10.80 45.80 -21.49
CA PRO E 38 11.81 46.83 -21.75
C PRO E 38 11.22 48.00 -22.53
N HIS E 39 11.79 49.19 -22.29
CA HIS E 39 11.37 50.39 -22.98
C HIS E 39 12.12 50.51 -24.29
N PRO E 40 11.44 50.48 -25.45
CA PRO E 40 12.17 50.54 -26.72
C PRO E 40 12.42 51.96 -27.19
N SER E 41 13.13 52.09 -28.32
CA SER E 41 13.43 53.34 -29.03
C SER E 41 14.39 54.24 -28.27
N LYS E 42 14.81 53.87 -27.05
CA LYS E 42 15.71 54.67 -26.25
C LYS E 42 15.24 56.11 -26.13
N ASP E 43 16.04 57.04 -26.64
CA ASP E 43 15.75 58.48 -26.61
C ASP E 43 15.56 58.89 -25.14
N HIS E 44 14.69 59.87 -24.90
CA HIS E 44 14.35 60.29 -23.54
C HIS E 44 12.91 59.98 -23.18
N GLY E 45 11.95 60.52 -23.96
CA GLY E 45 10.55 60.26 -23.67
C GLY E 45 10.20 60.68 -22.26
N LYS E 46 9.55 59.78 -21.53
CA LYS E 46 9.31 59.97 -20.11
C LYS E 46 10.42 59.36 -19.27
N GLU E 47 10.70 58.08 -19.49
CA GLU E 47 11.85 57.37 -18.93
C GLU E 47 11.73 57.14 -17.43
N THR E 48 10.69 57.70 -16.80
CA THR E 48 10.46 57.48 -15.38
C THR E 48 9.01 57.14 -15.12
N CYS E 49 8.11 57.61 -15.97
CA CYS E 49 6.67 57.42 -15.82
C CYS E 49 6.04 57.02 -17.14
N THR E 50 6.64 56.04 -17.82
CA THR E 50 6.11 55.56 -19.09
C THR E 50 4.71 54.98 -18.89
N ALA E 51 4.62 53.88 -18.13
CA ALA E 51 3.35 53.29 -17.71
C ALA E 51 2.41 53.07 -18.90
N TYR E 52 2.83 52.19 -19.80
CA TYR E 52 2.05 51.87 -20.99
C TYR E 52 1.01 50.82 -20.63
N ILE E 53 -0.18 51.28 -20.23
CA ILE E 53 -1.31 50.41 -19.91
C ILE E 53 -2.45 50.78 -20.84
N HIS E 54 -3.15 49.76 -21.34
CA HIS E 54 -4.26 49.99 -22.25
C HIS E 54 -5.37 50.76 -21.53
N PRO E 55 -6.04 51.70 -22.21
CA PRO E 55 -7.04 52.54 -21.52
C PRO E 55 -8.20 51.77 -20.92
N ASN E 56 -8.51 50.57 -21.41
CA ASN E 56 -9.61 49.79 -20.84
C ASN E 56 -9.34 49.44 -19.39
N VAL E 57 -8.10 49.08 -19.06
CA VAL E 57 -7.75 48.78 -17.67
C VAL E 57 -7.89 50.02 -16.81
N LEU E 58 -7.46 51.18 -17.32
CA LEU E 58 -7.59 52.43 -16.57
C LEU E 58 -9.05 52.76 -16.31
N SER E 59 -9.91 52.56 -17.32
CA SER E 59 -11.34 52.81 -17.14
C SER E 59 -11.94 51.83 -16.14
N SER E 60 -11.52 50.57 -16.17
CA SER E 60 -12.07 49.57 -15.26
C SER E 60 -11.67 49.82 -13.81
N LEU E 61 -10.57 50.53 -13.57
CA LEU E 61 -10.11 50.83 -12.22
C LEU E 61 -10.55 52.21 -11.74
N GLU E 62 -11.47 52.87 -12.48
CA GLU E 62 -12.02 54.18 -12.16
C GLU E 62 -10.98 55.16 -11.62
N ILE E 63 -9.81 55.18 -12.25
CA ILE E 63 -8.70 56.04 -11.83
C ILE E 63 -8.31 56.92 -13.02
N ASN E 64 -8.04 58.19 -12.74
CA ASN E 64 -7.69 59.14 -13.79
C ASN E 64 -6.39 58.70 -14.47
N PRO E 65 -6.38 58.53 -15.79
CA PRO E 65 -5.12 58.18 -16.48
C PRO E 65 -4.01 59.19 -16.26
N GLY E 66 -4.34 60.48 -16.14
CA GLY E 66 -3.34 61.49 -15.89
C GLY E 66 -3.02 61.65 -14.41
N SER E 67 -2.81 60.53 -13.73
CA SER E 67 -2.52 60.53 -12.30
C SER E 67 -1.44 59.48 -12.03
N PHE E 68 -1.24 59.16 -10.76
CA PHE E 68 -0.21 58.21 -10.36
C PHE E 68 -0.67 56.78 -10.59
N CYS E 69 0.29 55.87 -10.69
CA CYS E 69 0.05 54.45 -10.88
C CYS E 69 0.61 53.68 -9.69
N THR E 70 0.50 52.36 -9.74
CA THR E 70 0.96 51.48 -8.67
C THR E 70 1.71 50.30 -9.24
N VAL E 71 2.63 49.76 -8.44
CA VAL E 71 3.38 48.56 -8.79
C VAL E 71 3.30 47.64 -7.57
N GLY E 72 2.32 46.75 -7.57
CA GLY E 72 2.11 45.90 -6.41
C GLY E 72 3.22 44.89 -6.20
N LYS E 73 3.62 44.20 -7.26
CA LYS E 73 4.69 43.18 -7.26
C LYS E 73 4.58 42.21 -6.09
N ILE E 74 3.35 42.00 -5.60
CA ILE E 74 3.04 41.06 -4.52
C ILE E 74 3.79 41.47 -3.24
N GLY E 75 3.09 42.15 -2.34
CA GLY E 75 3.72 42.58 -1.10
C GLY E 75 4.64 43.76 -1.30
N GLU E 76 5.54 43.95 -0.34
CA GLU E 76 6.54 45.02 -0.35
C GLU E 76 5.85 46.39 -0.45
N ASN E 77 5.14 46.72 0.63
CA ASN E 77 4.34 47.94 0.68
C ASN E 77 5.17 49.16 0.31
N GLY E 78 4.51 50.15 -0.28
CA GLY E 78 5.17 51.27 -0.91
C GLY E 78 4.73 51.35 -2.36
N ILE E 79 4.56 50.16 -2.96
CA ILE E 79 3.85 49.92 -4.21
C ILE E 79 4.38 50.78 -5.36
N LEU E 80 5.53 51.43 -5.15
CA LEU E 80 6.22 52.18 -6.20
C LEU E 80 5.28 53.19 -6.87
N VAL E 81 4.85 54.16 -6.07
CA VAL E 81 3.91 55.17 -6.55
C VAL E 81 4.60 56.02 -7.62
N ILE E 82 4.20 55.83 -8.87
CA ILE E 82 4.76 56.52 -10.02
C ILE E 82 3.62 57.04 -10.87
N ALA E 83 3.88 58.11 -11.62
CA ALA E 83 2.88 58.67 -12.52
C ALA E 83 2.56 57.69 -13.64
N ARG E 84 1.40 57.91 -14.26
CA ARG E 84 0.88 57.00 -15.28
C ARG E 84 0.60 57.76 -16.57
N ALA E 85 0.55 57.02 -17.66
CA ALA E 85 0.26 57.55 -18.99
C ALA E 85 -0.51 56.50 -19.78
N GLY E 86 -0.61 56.70 -21.09
CA GLY E 86 -1.34 55.79 -21.94
C GLY E 86 -0.50 55.30 -23.10
N ASP E 87 -0.92 54.17 -23.66
CA ASP E 87 -0.24 53.56 -24.79
C ASP E 87 -0.92 53.98 -26.10
N GLU E 88 -0.52 53.35 -27.19
CA GLU E 88 -1.03 53.67 -28.52
C GLU E 88 -1.64 52.43 -29.18
N GLU E 89 -2.36 51.63 -28.39
CA GLU E 89 -3.06 50.44 -28.88
C GLU E 89 -2.10 49.45 -29.51
N VAL E 90 -0.84 49.47 -29.08
CA VAL E 90 0.16 48.53 -29.58
C VAL E 90 0.72 47.63 -28.49
N HIS E 91 0.48 47.94 -27.22
CA HIS E 91 0.95 47.12 -26.12
C HIS E 91 -0.20 46.28 -25.57
N PRO E 92 -0.10 44.95 -25.62
CA PRO E 92 -1.19 44.13 -25.07
C PRO E 92 -1.31 44.30 -23.56
N VAL E 93 -2.52 44.05 -23.05
CA VAL E 93 -2.81 44.25 -21.63
C VAL E 93 -1.98 43.33 -20.75
N ASN E 94 -1.52 42.19 -21.28
CA ASN E 94 -0.79 41.24 -20.45
C ASN E 94 0.58 41.77 -20.02
N VAL E 95 1.21 42.61 -20.84
CA VAL E 95 2.55 43.12 -20.55
C VAL E 95 2.51 44.64 -20.52
N ILE E 96 3.22 45.23 -19.56
CA ILE E 96 3.36 46.68 -19.42
C ILE E 96 4.82 47.00 -19.14
N THR E 97 5.10 48.27 -18.90
CA THR E 97 6.44 48.73 -18.60
C THR E 97 6.40 49.71 -17.42
N LEU E 98 7.51 49.76 -16.67
CA LEU E 98 7.60 50.64 -15.51
C LEU E 98 8.98 51.31 -15.43
N SER E 99 9.59 51.58 -16.59
CA SER E 99 10.80 52.38 -16.73
C SER E 99 12.07 51.64 -16.30
N THR E 100 13.12 51.77 -17.11
CA THR E 100 14.36 51.04 -16.88
C THR E 100 15.01 51.43 -15.55
N THR E 101 15.14 52.73 -15.30
CA THR E 101 15.78 53.19 -14.08
C THR E 101 14.97 52.78 -12.85
N ILE E 102 13.65 52.85 -12.95
CA ILE E 102 12.80 52.48 -11.82
C ILE E 102 12.94 50.99 -11.51
N ARG E 103 12.92 50.14 -12.55
CA ARG E 103 13.03 48.72 -12.30
C ARG E 103 14.44 48.34 -11.84
N SER E 104 15.45 49.09 -12.27
CA SER E 104 16.82 48.82 -11.80
C SER E 104 16.99 49.21 -10.34
N VAL E 105 16.43 50.35 -9.94
CA VAL E 105 16.54 50.78 -8.55
C VAL E 105 15.72 49.89 -7.64
N GLY E 106 14.52 49.51 -8.07
CA GLY E 106 13.67 48.63 -7.28
C GLY E 106 13.99 47.17 -7.38
N ASN E 107 15.02 46.79 -8.16
CA ASN E 107 15.41 45.40 -8.37
C ASN E 107 14.25 44.58 -8.92
N LEU E 108 13.49 45.17 -9.84
CA LEU E 108 12.39 44.47 -10.49
C LEU E 108 12.94 43.65 -11.66
N ILE E 109 12.83 42.33 -11.55
CA ILE E 109 13.26 41.46 -12.65
C ILE E 109 12.29 41.60 -13.81
N LEU E 110 12.79 41.45 -15.03
CA LEU E 110 11.97 41.65 -16.22
C LEU E 110 11.03 40.47 -16.44
N GLY E 111 9.80 40.60 -15.93
CA GLY E 111 8.81 39.55 -16.11
C GLY E 111 8.23 39.00 -14.83
N ASP E 112 8.38 39.75 -13.73
CA ASP E 112 7.82 39.34 -12.45
C ASP E 112 6.31 39.53 -12.43
N ARG E 113 5.64 38.78 -11.57
CA ARG E 113 4.20 38.91 -11.40
C ARG E 113 3.87 40.29 -10.84
N LEU E 114 2.87 40.94 -11.42
CA LEU E 114 2.52 42.30 -11.06
C LEU E 114 1.01 42.44 -10.94
N GLU E 115 0.60 43.31 -10.01
CA GLU E 115 -0.79 43.64 -9.78
C GLU E 115 -0.99 45.15 -9.99
N LEU E 116 -2.19 45.63 -9.69
CA LEU E 116 -2.50 47.05 -9.84
C LEU E 116 -3.54 47.45 -8.80
N LYS E 117 -3.24 48.49 -8.04
CA LYS E 117 -4.16 48.98 -7.02
C LYS E 117 -4.36 50.48 -7.11
N LYS E 118 -5.05 51.07 -6.13
CA LYS E 118 -5.32 52.49 -6.15
C LYS E 118 -4.06 53.28 -5.82
N ALA E 119 -3.90 54.44 -6.47
CA ALA E 119 -2.72 55.26 -6.29
C ALA E 119 -2.72 55.93 -4.92
N GLN E 120 -1.57 56.48 -4.55
CA GLN E 120 -1.36 57.13 -3.27
C GLN E 120 -1.46 58.65 -3.43
N VAL E 121 -1.71 59.33 -2.31
CA VAL E 121 -1.89 60.78 -2.32
C VAL E 121 -0.58 61.48 -2.62
N GLN E 122 -0.66 62.77 -2.94
CA GLN E 122 0.54 63.52 -3.31
C GLN E 122 1.47 63.68 -2.12
N PRO E 123 2.79 63.63 -2.34
CA PRO E 123 3.74 63.80 -1.23
C PRO E 123 3.79 65.25 -0.78
N PRO E 124 4.25 65.51 0.45
CA PRO E 124 4.35 66.89 0.93
C PRO E 124 5.35 67.74 0.14
N TYR E 125 6.60 67.30 0.09
CA TYR E 125 7.66 68.07 -0.55
C TYR E 125 8.94 67.23 -0.57
N ALA E 126 9.96 67.77 -1.24
CA ALA E 126 11.29 67.18 -1.27
C ALA E 126 12.27 68.12 -0.59
N THR E 127 13.21 67.55 0.17
CA THR E 127 14.07 68.35 1.04
C THR E 127 15.45 68.63 0.44
N LYS E 128 16.22 67.59 0.16
CA LYS E 128 17.63 67.76 -0.22
C LYS E 128 17.92 67.34 -1.64
N VAL E 129 17.66 66.08 -2.00
CA VAL E 129 18.03 65.51 -3.29
C VAL E 129 19.53 65.71 -3.52
N THR E 130 20.34 64.82 -2.94
CA THR E 130 21.79 64.94 -2.97
C THR E 130 22.38 63.85 -3.85
N VAL E 131 23.30 64.24 -4.74
CA VAL E 131 23.93 63.29 -5.65
C VAL E 131 24.87 62.37 -4.88
N GLY E 132 25.03 61.14 -5.37
CA GLY E 132 25.85 60.16 -4.71
C GLY E 132 27.08 59.73 -5.48
N SER E 133 27.00 59.74 -6.81
CA SER E 133 28.11 59.39 -7.70
C SER E 133 28.62 57.97 -7.41
N LEU E 134 27.74 57.02 -7.68
CA LEU E 134 28.05 55.61 -7.47
C LEU E 134 29.16 55.16 -8.40
N GLN E 135 29.91 54.14 -7.96
CA GLN E 135 31.07 53.56 -8.65
C GLN E 135 32.00 54.63 -9.24
N GLY E 136 32.19 55.72 -8.50
CA GLY E 136 33.07 56.78 -8.96
C GLY E 136 33.77 57.44 -7.78
N TYR E 137 34.87 58.12 -8.10
CA TYR E 137 35.65 58.85 -7.12
C TYR E 137 35.19 60.29 -6.95
N ASN E 138 34.13 60.69 -7.61
CA ASN E 138 33.57 62.05 -7.56
C ASN E 138 34.63 63.02 -8.08
N ILE E 139 34.61 64.26 -7.58
CA ILE E 139 35.50 65.32 -8.03
C ILE E 139 35.41 65.44 -9.55
N LEU E 140 34.24 65.80 -10.06
CA LEU E 140 34.00 65.89 -11.49
C LEU E 140 34.06 67.32 -12.02
N GLU E 141 33.96 68.32 -11.13
CA GLU E 141 34.06 69.74 -11.45
C GLU E 141 33.36 70.13 -12.76
N CYS E 142 34.12 70.39 -13.82
CA CYS E 142 33.53 70.90 -15.06
C CYS E 142 32.61 69.88 -15.72
N MET E 143 32.78 68.59 -15.40
CA MET E 143 31.92 67.56 -16.00
C MET E 143 30.50 67.60 -15.46
N GLU E 144 30.22 68.39 -14.42
CA GLU E 144 28.87 68.47 -13.88
C GLU E 144 27.90 69.03 -14.91
N GLU E 145 28.22 70.19 -15.48
CA GLU E 145 27.40 70.88 -16.48
C GLU E 145 25.91 70.85 -16.11
N LYS E 146 25.63 71.16 -14.84
CA LYS E 146 24.28 71.27 -14.31
C LYS E 146 23.51 69.96 -14.44
N VAL E 147 23.99 68.97 -13.68
CA VAL E 147 23.30 67.67 -13.62
C VAL E 147 21.88 67.83 -13.10
N ILE E 148 21.68 68.74 -12.13
CA ILE E 148 20.40 68.86 -11.45
C ILE E 148 19.28 69.22 -12.43
N GLN E 149 19.60 69.96 -13.48
CA GLN E 149 18.57 70.29 -14.48
C GLN E 149 18.03 69.02 -15.13
N LYS E 150 18.92 68.10 -15.52
CA LYS E 150 18.46 66.83 -16.07
C LYS E 150 17.87 65.93 -14.99
N LEU E 151 18.31 66.09 -13.74
CA LEU E 151 17.78 65.27 -12.66
C LEU E 151 16.30 65.57 -12.41
N LEU E 152 15.96 66.85 -12.25
CA LEU E 152 14.59 67.25 -11.90
C LEU E 152 13.85 67.88 -13.07
N ASP E 153 14.33 67.70 -14.29
CA ASP E 153 13.56 68.04 -15.49
C ASP E 153 12.62 66.92 -15.91
N ASP E 154 12.66 65.78 -15.22
CA ASP E 154 11.83 64.63 -15.53
C ASP E 154 10.86 64.38 -14.39
N SER E 155 9.63 63.99 -14.73
CA SER E 155 8.62 63.71 -13.72
C SER E 155 8.99 62.45 -12.95
N GLY E 156 8.66 62.44 -11.66
CA GLY E 156 8.94 61.30 -10.82
C GLY E 156 10.20 61.45 -9.98
N VAL E 157 11.28 60.80 -10.40
CA VAL E 157 12.56 60.84 -9.69
C VAL E 157 12.37 60.36 -8.26
N ILE E 158 12.20 59.05 -8.10
CA ILE E 158 12.00 58.48 -6.77
C ILE E 158 13.31 58.48 -5.99
N MET E 159 13.22 58.69 -4.68
CA MET E 159 14.40 58.93 -3.86
C MET E 159 15.33 57.74 -3.63
N PRO E 160 14.88 56.47 -3.69
CA PRO E 160 15.84 55.37 -3.47
C PRO E 160 16.96 55.31 -4.51
N GLY E 161 16.90 56.11 -5.56
CA GLY E 161 17.95 56.15 -6.56
C GLY E 161 17.37 56.32 -7.95
N MET E 162 18.25 56.62 -8.89
CA MET E 162 17.86 56.76 -10.29
C MET E 162 19.11 56.59 -11.14
N ILE E 163 19.11 55.57 -11.99
CA ILE E 163 20.27 55.26 -12.83
C ILE E 163 20.03 55.91 -14.19
N PHE E 164 20.91 56.84 -14.56
CA PHE E 164 20.84 57.54 -15.83
C PHE E 164 22.16 57.39 -16.57
N GLN E 165 22.07 57.02 -17.84
CA GLN E 165 23.27 56.90 -18.66
C GLN E 165 23.87 58.28 -18.91
N ASN E 166 25.19 58.31 -19.11
CA ASN E 166 25.89 59.59 -19.29
C ASN E 166 25.49 60.28 -20.59
N LEU E 167 25.11 59.51 -21.61
CA LEU E 167 24.80 60.03 -22.95
C LEU E 167 26.03 60.78 -23.44
N LYS E 168 25.94 62.07 -23.76
CA LYS E 168 27.08 62.86 -24.20
C LYS E 168 27.29 64.02 -23.23
N THR E 169 28.50 64.11 -22.68
CA THR E 169 28.87 65.19 -21.75
C THR E 169 30.26 65.66 -22.13
N LYS E 170 30.33 66.66 -23.01
CA LYS E 170 31.56 67.26 -23.52
C LYS E 170 32.55 66.17 -23.92
N ALA E 171 33.85 66.46 -23.84
CA ALA E 171 34.88 65.49 -24.19
C ALA E 171 35.13 64.54 -23.03
N GLY E 172 35.22 63.25 -23.34
CA GLY E 172 35.48 62.24 -22.33
C GLY E 172 34.64 60.99 -22.49
N ASP E 173 33.42 61.15 -23.02
CA ASP E 173 32.48 60.05 -23.27
C ASP E 173 32.23 59.33 -21.95
N GLU E 174 32.60 58.05 -21.82
CA GLU E 174 32.49 57.25 -20.59
C GLU E 174 31.07 57.24 -20.03
N SER E 175 30.90 56.66 -18.84
CA SER E 175 29.60 56.56 -18.20
C SER E 175 29.74 56.86 -16.71
N ILE E 176 28.64 57.29 -16.10
CA ILE E 176 28.61 57.63 -14.68
C ILE E 176 27.19 57.41 -14.16
N ASP E 177 27.09 57.08 -12.89
CA ASP E 177 25.81 56.86 -12.23
C ASP E 177 25.69 57.79 -11.03
N VAL E 178 24.44 58.05 -10.63
CA VAL E 178 24.14 58.96 -9.54
C VAL E 178 23.26 58.26 -8.52
N VAL E 179 23.35 58.70 -7.27
CA VAL E 179 22.59 58.15 -6.17
C VAL E 179 21.97 59.31 -5.38
N ILE E 180 20.66 59.22 -5.11
CA ILE E 180 19.96 60.27 -4.39
C ILE E 180 19.28 59.69 -3.16
N THR E 181 19.86 58.62 -2.60
CA THR E 181 19.27 58.00 -1.42
C THR E 181 19.25 58.95 -0.22
N ASP E 182 20.33 59.69 -0.02
CA ASP E 182 20.44 60.55 1.15
C ASP E 182 19.46 61.72 1.05
N ALA E 183 18.70 61.93 2.13
CA ALA E 183 17.72 63.00 2.20
C ALA E 183 17.29 63.15 3.65
N SER E 184 16.51 64.19 3.91
CA SER E 184 15.99 64.48 5.24
C SER E 184 14.50 64.80 5.18
N ASP E 185 13.76 63.96 4.45
CA ASP E 185 12.32 64.11 4.28
C ASP E 185 11.60 63.07 5.12
N ASP E 186 10.58 63.50 5.85
CA ASP E 186 9.79 62.63 6.71
C ASP E 186 8.35 62.60 6.20
N SER E 187 7.79 61.40 6.08
CA SER E 187 6.44 61.19 5.61
C SER E 187 5.59 60.59 6.73
N LEU E 188 4.34 61.05 6.83
CA LEU E 188 3.45 60.53 7.86
C LEU E 188 3.19 59.02 7.77
N PRO E 189 2.94 58.40 6.59
CA PRO E 189 2.63 56.96 6.60
C PRO E 189 3.91 56.13 6.64
N ASP E 190 4.11 55.41 7.75
CA ASP E 190 5.30 54.59 7.90
C ASP E 190 5.28 53.37 6.98
N VAL E 191 4.10 52.94 6.53
CA VAL E 191 4.03 51.79 5.63
C VAL E 191 4.62 52.13 4.27
N SER E 192 4.40 53.35 3.79
CA SER E 192 4.90 53.78 2.49
C SER E 192 6.39 54.08 2.62
N GLN E 193 7.20 53.02 2.50
CA GLN E 193 8.64 53.17 2.61
C GLN E 193 9.28 53.82 1.39
N LEU E 194 8.57 53.86 0.26
CA LEU E 194 9.11 54.48 -0.95
C LEU E 194 9.01 56.01 -0.91
N ASP E 195 7.92 56.55 -0.35
CA ASP E 195 7.69 57.98 -0.12
C ASP E 195 8.26 58.86 -1.22
N LEU E 196 7.74 58.68 -2.44
CA LEU E 196 8.17 59.46 -3.60
C LEU E 196 8.23 60.94 -3.28
N ASN E 197 9.24 61.62 -3.85
CA ASN E 197 9.44 63.04 -3.66
C ASN E 197 9.24 63.78 -4.97
N MET E 198 8.61 64.96 -4.88
CA MET E 198 8.33 65.76 -6.06
C MET E 198 9.59 66.53 -6.49
N ASP E 199 9.49 67.23 -7.61
CA ASP E 199 10.59 67.99 -8.17
C ASP E 199 10.17 69.44 -8.37
N ASP E 200 11.08 70.36 -8.02
CA ASP E 200 10.81 71.79 -8.16
C ASP E 200 12.14 72.51 -8.31
N MET E 201 12.47 72.88 -9.55
CA MET E 201 13.67 73.65 -9.84
C MET E 201 13.35 74.72 -10.87
N TYR E 202 14.13 75.79 -10.83
CA TYR E 202 14.00 76.91 -11.77
C TYR E 202 15.23 77.00 -12.64
N GLY E 203 15.03 76.97 -13.95
CA GLY E 203 16.14 77.04 -14.88
C GLY E 203 15.66 76.88 -16.31
N GLY E 204 16.63 76.86 -17.22
CA GLY E 204 16.34 76.71 -18.62
C GLY E 204 17.29 75.75 -19.28
N LEU E 205 16.83 75.16 -20.39
CA LEU E 205 17.60 74.19 -21.16
C LEU E 205 18.06 73.01 -20.30
N GLY E 220 16.64 77.60 -7.38
CA GLY E 220 17.78 77.78 -6.50
C GLY E 220 18.00 76.61 -5.57
N SER E 221 17.20 75.56 -5.74
CA SER E 221 17.28 74.34 -4.94
C SER E 221 17.14 74.64 -3.46
N THR E 222 17.58 73.69 -2.61
CA THR E 222 17.51 73.84 -1.16
C THR E 222 18.87 73.46 -0.59
N HIS E 223 19.70 74.47 -0.33
CA HIS E 223 21.05 74.28 0.23
C HIS E 223 21.88 73.35 -0.66
N ILE E 224 22.03 73.76 -1.92
CA ILE E 224 22.77 73.07 -2.99
C ILE E 224 22.40 71.60 -3.07
N THR E 225 23.15 70.85 -3.90
CA THR E 225 22.84 69.43 -4.11
C THR E 225 24.10 68.58 -3.99
N PHE E 226 25.26 69.17 -4.24
CA PHE E 226 26.52 68.43 -4.21
C PHE E 226 27.04 68.37 -2.78
N SER E 227 26.91 67.20 -2.15
CA SER E 227 27.38 67.03 -0.77
C SER E 227 27.85 65.58 -0.61
N LYS E 228 29.16 65.38 -0.82
CA LYS E 228 29.86 64.12 -0.54
C LYS E 228 29.37 63.03 -1.49
N GLU E 229 30.10 61.92 -1.58
CA GLU E 229 29.89 60.90 -2.60
C GLU E 229 29.39 59.59 -1.99
N THR E 230 28.42 59.68 -1.08
CA THR E 230 27.91 58.50 -0.40
C THR E 230 27.15 57.59 -1.37
N GLN E 231 27.15 56.30 -1.03
CA GLN E 231 26.38 55.30 -1.77
C GLN E 231 24.99 55.18 -1.14
N ALA E 232 24.26 54.13 -1.50
CA ALA E 232 22.93 53.91 -0.94
C ALA E 232 23.01 53.80 0.58
N ASN E 233 22.18 54.57 1.26
CA ASN E 233 22.21 54.65 2.72
C ASN E 233 21.56 53.42 3.34
N ARG E 234 22.01 53.09 4.55
CA ARG E 234 21.47 51.96 5.29
C ARG E 234 20.31 52.33 6.19
N LYS E 235 19.96 53.62 6.29
CA LYS E 235 18.83 54.02 7.13
C LYS E 235 17.52 53.46 6.59
N TYR E 236 17.33 53.48 5.28
CA TYR E 236 16.15 52.87 4.67
C TYR E 236 16.37 51.40 4.31
N ASN E 237 17.63 51.00 4.11
CA ASN E 237 18.00 49.62 3.82
C ASN E 237 17.29 49.10 2.57
N LEU E 238 17.60 49.73 1.45
CA LEU E 238 17.07 49.28 0.17
C LEU E 238 17.64 47.92 -0.20
N PRO E 239 16.88 47.10 -0.95
CA PRO E 239 17.41 45.80 -1.38
C PRO E 239 18.61 45.95 -2.30
N GLU E 240 19.76 45.49 -1.84
CA GLU E 240 20.99 45.63 -2.62
C GLU E 240 20.96 44.71 -3.83
N PRO E 241 21.13 45.22 -5.05
CA PRO E 241 21.16 44.35 -6.24
C PRO E 241 22.47 43.59 -6.31
N LEU E 242 22.37 42.27 -6.36
CA LEU E 242 23.56 41.42 -6.43
C LEU E 242 24.26 41.61 -7.77
N SER E 243 25.58 41.71 -7.73
CA SER E 243 26.40 41.97 -8.90
C SER E 243 27.37 40.80 -9.12
N TYR E 244 28.20 40.92 -10.18
CA TYR E 244 29.16 39.89 -10.48
C TYR E 244 30.20 39.74 -9.38
N ALA E 245 30.68 40.87 -8.84
CA ALA E 245 31.70 40.80 -7.80
C ALA E 245 31.17 40.24 -6.49
N ALA E 246 29.85 40.26 -6.28
CA ALA E 246 29.29 39.72 -5.05
C ALA E 246 29.38 38.20 -5.01
N VAL E 247 29.37 37.55 -6.16
CA VAL E 247 29.42 36.09 -6.24
C VAL E 247 30.80 35.68 -6.74
N GLY E 248 31.23 34.49 -6.35
CA GLY E 248 32.54 34.01 -6.72
C GLY E 248 32.90 32.77 -5.92
N GLY E 249 34.19 32.44 -5.96
CA GLY E 249 34.71 31.27 -5.29
C GLY E 249 34.66 29.99 -6.10
N LEU E 250 33.88 29.97 -7.18
CA LEU E 250 33.76 28.83 -8.09
C LEU E 250 33.95 29.30 -9.52
N ASP E 251 35.02 30.07 -9.75
CA ASP E 251 35.22 30.73 -11.03
C ASP E 251 35.29 29.72 -12.19
N LYS E 252 35.83 28.53 -11.92
CA LYS E 252 35.92 27.51 -12.97
C LYS E 252 34.54 27.13 -13.48
N GLU E 253 33.58 26.96 -12.58
CA GLU E 253 32.22 26.65 -12.99
C GLU E 253 31.43 27.91 -13.33
N ILE E 254 31.72 29.01 -12.64
CA ILE E 254 30.97 30.25 -12.86
C ILE E 254 31.19 30.77 -14.27
N GLU E 255 32.44 30.79 -14.73
CA GLU E 255 32.74 31.26 -16.08
C GLU E 255 32.11 30.35 -17.13
N SER E 256 32.16 29.05 -16.91
CA SER E 256 31.54 28.11 -17.85
C SER E 256 30.03 28.33 -17.94
N LEU E 257 29.37 28.49 -16.79
CA LEU E 257 27.94 28.75 -16.79
C LEU E 257 27.61 30.08 -17.47
N LYS E 258 28.41 31.11 -17.20
CA LYS E 258 28.18 32.41 -17.81
C LYS E 258 28.31 32.33 -19.33
N SER E 259 29.33 31.63 -19.82
CA SER E 259 29.49 31.47 -21.26
C SER E 259 28.33 30.67 -21.85
N ALA E 260 27.93 29.58 -21.17
CA ALA E 260 26.88 28.72 -21.68
C ALA E 260 25.51 29.41 -21.70
N ILE E 261 25.31 30.43 -20.84
CA ILE E 261 24.06 31.18 -20.88
C ILE E 261 24.18 32.47 -21.69
N GLU E 262 25.40 32.90 -22.03
CA GLU E 262 25.59 34.13 -22.79
C GLU E 262 25.67 33.89 -24.28
N ILE E 263 26.36 32.84 -24.72
CA ILE E 263 26.58 32.62 -26.15
C ILE E 263 25.28 32.26 -26.89
N PRO E 264 24.26 31.60 -26.28
CA PRO E 264 23.03 31.37 -27.05
C PRO E 264 22.11 32.58 -27.05
N LEU E 265 22.18 33.38 -26.00
CA LEU E 265 21.28 34.51 -25.82
C LEU E 265 21.66 35.73 -26.64
N HIS E 266 22.83 35.73 -27.29
CA HIS E 266 23.26 36.89 -28.05
C HIS E 266 23.68 36.53 -29.46
N GLN E 267 24.19 35.31 -29.65
CA GLN E 267 24.69 34.86 -30.94
C GLN E 267 24.07 33.50 -31.28
N PRO E 268 22.82 33.48 -31.74
CA PRO E 268 22.21 32.22 -32.18
C PRO E 268 22.43 31.90 -33.65
N THR E 269 22.89 32.86 -34.45
CA THR E 269 23.08 32.62 -35.88
C THR E 269 24.16 31.57 -36.12
N LEU E 270 25.25 31.61 -35.36
CA LEU E 270 26.32 30.62 -35.52
C LEU E 270 25.82 29.23 -35.18
N PHE E 271 25.06 29.10 -34.09
CA PHE E 271 24.51 27.79 -33.73
C PHE E 271 23.52 27.29 -34.78
N SER E 272 22.70 28.19 -35.32
CA SER E 272 21.79 27.80 -36.39
C SER E 272 22.54 27.34 -37.62
N SER E 273 23.63 28.03 -37.97
CA SER E 273 24.45 27.61 -39.11
C SER E 273 25.12 26.27 -38.86
N PHE E 274 25.47 25.99 -37.59
CA PHE E 274 26.06 24.70 -37.27
C PHE E 274 25.10 23.56 -37.56
N GLY E 275 23.82 23.73 -37.22
CA GLY E 275 22.81 22.74 -37.47
C GLY E 275 22.62 21.72 -36.37
N VAL E 276 23.48 21.73 -35.35
CA VAL E 276 23.35 20.78 -34.24
C VAL E 276 22.36 21.27 -33.19
N SER E 277 21.97 22.55 -33.24
CA SER E 277 21.04 23.22 -32.33
C SER E 277 21.66 23.35 -30.93
N PRO E 278 21.40 24.46 -30.24
CA PRO E 278 21.97 24.65 -28.90
C PRO E 278 21.27 23.74 -27.89
N PRO E 279 21.96 23.42 -26.79
CA PRO E 279 21.30 22.71 -25.68
C PRO E 279 20.44 23.69 -24.88
N ARG E 280 19.17 23.33 -24.70
CA ARG E 280 18.20 24.23 -24.08
C ARG E 280 18.09 24.04 -22.58
N GLY E 281 18.89 23.16 -21.99
CA GLY E 281 18.80 22.91 -20.56
C GLY E 281 20.13 22.78 -19.86
N ILE E 282 20.26 23.46 -18.72
CA ILE E 282 21.44 23.38 -17.87
C ILE E 282 21.02 22.86 -16.50
N LEU E 283 21.69 21.82 -16.04
CA LEU E 283 21.36 21.15 -14.78
C LEU E 283 22.36 21.54 -13.71
N LEU E 284 21.87 21.96 -12.55
CA LEU E 284 22.69 22.31 -11.40
C LEU E 284 22.27 21.47 -10.22
N HIS E 285 23.25 20.92 -9.49
CA HIS E 285 22.98 20.12 -8.31
C HIS E 285 24.20 20.12 -7.41
N GLY E 286 23.98 19.79 -6.14
CA GLY E 286 25.03 19.74 -5.16
C GLY E 286 24.49 19.71 -3.75
N PRO E 287 25.39 19.80 -2.76
CA PRO E 287 24.94 19.84 -1.38
C PRO E 287 24.09 21.08 -1.13
N PRO E 288 23.09 20.98 -0.25
CA PRO E 288 22.26 22.14 0.05
C PRO E 288 23.05 23.23 0.77
N GLY E 289 22.62 24.47 0.55
CA GLY E 289 23.23 25.62 1.20
C GLY E 289 24.37 26.26 0.44
N THR E 290 24.77 25.71 -0.70
CA THR E 290 25.86 26.31 -1.47
C THR E 290 25.45 27.61 -2.16
N GLY E 291 24.15 27.86 -2.29
CA GLY E 291 23.68 29.09 -2.89
C GLY E 291 23.61 29.03 -4.40
N LYS E 292 22.93 28.02 -4.93
CA LYS E 292 22.79 27.90 -6.39
C LYS E 292 21.83 28.94 -6.96
N THR E 293 20.92 29.46 -6.15
CA THR E 293 19.97 30.46 -6.64
C THR E 293 20.61 31.82 -6.84
N MET E 294 21.74 32.09 -6.17
CA MET E 294 22.40 33.39 -6.32
C MET E 294 22.90 33.58 -7.75
N LEU E 295 23.43 32.53 -8.37
CA LEU E 295 23.92 32.64 -9.74
C LEU E 295 22.79 33.04 -10.69
N LEU E 296 21.65 32.36 -10.58
CA LEU E 296 20.53 32.69 -11.47
C LEU E 296 19.96 34.07 -11.16
N ARG E 297 19.92 34.44 -9.87
CA ARG E 297 19.45 35.79 -9.53
C ARG E 297 20.37 36.86 -10.10
N VAL E 298 21.68 36.64 -10.05
CA VAL E 298 22.63 37.62 -10.58
C VAL E 298 22.49 37.72 -12.09
N VAL E 299 22.48 36.58 -12.78
CA VAL E 299 22.36 36.61 -14.23
C VAL E 299 20.98 37.05 -14.70
N ALA E 300 20.00 37.07 -13.81
CA ALA E 300 18.68 37.60 -14.14
C ALA E 300 18.61 39.11 -13.94
N ASN E 301 19.12 39.62 -12.82
CA ASN E 301 19.07 41.05 -12.56
C ASN E 301 20.06 41.83 -13.41
N THR E 302 21.20 41.23 -13.77
CA THR E 302 22.15 41.93 -14.63
C THR E 302 21.65 41.98 -16.07
N SER E 303 21.07 40.89 -16.56
CA SER E 303 20.54 40.85 -17.92
C SER E 303 19.22 41.58 -18.00
N ASN E 304 18.96 42.19 -19.15
CA ASN E 304 17.74 42.93 -19.40
C ASN E 304 16.68 42.11 -20.13
N ALA E 305 16.93 40.83 -20.37
CA ALA E 305 15.97 39.98 -21.05
C ALA E 305 14.86 39.54 -20.10
N HIS E 306 13.87 38.85 -20.66
CA HIS E 306 12.73 38.40 -19.87
C HIS E 306 13.16 37.39 -18.82
N VAL E 307 12.70 37.60 -17.58
CA VAL E 307 13.00 36.72 -16.46
C VAL E 307 11.70 36.36 -15.76
N LEU E 308 11.46 35.06 -15.60
CA LEU E 308 10.30 34.58 -14.85
C LEU E 308 10.73 33.42 -13.98
N THR E 309 10.07 33.29 -12.84
CA THR E 309 10.36 32.25 -11.87
C THR E 309 9.09 31.57 -11.43
N ILE E 310 9.23 30.35 -10.91
CA ILE E 310 8.11 29.55 -10.44
C ILE E 310 8.36 29.14 -9.00
N ASN E 311 7.27 28.85 -8.29
CA ASN E 311 7.33 28.41 -6.91
C ASN E 311 7.36 26.89 -6.76
N GLY E 312 7.38 26.16 -7.88
CA GLY E 312 7.38 24.72 -7.84
C GLY E 312 5.98 24.14 -7.98
N PRO E 313 5.53 23.45 -6.94
CA PRO E 313 4.19 22.85 -6.96
C PRO E 313 3.06 23.81 -6.65
N SER E 314 3.33 25.11 -6.52
CA SER E 314 2.28 26.07 -6.23
C SER E 314 1.27 26.15 -7.38
N ILE E 315 1.76 26.13 -8.63
CA ILE E 315 0.86 26.16 -9.77
C ILE E 315 0.02 24.89 -9.83
N VAL E 316 0.60 23.75 -9.44
CA VAL E 316 -0.12 22.48 -9.49
C VAL E 316 -1.21 22.48 -8.42
N SER E 317 -2.42 22.11 -8.83
CA SER E 317 -3.58 22.02 -7.96
C SER E 317 -4.21 20.63 -8.08
N LYS E 318 -5.38 20.47 -7.47
CA LYS E 318 -6.07 19.19 -7.51
C LYS E 318 -6.48 18.83 -8.93
N TYR E 319 -7.00 19.79 -9.69
CA TYR E 319 -7.43 19.53 -11.05
C TYR E 319 -6.22 19.31 -11.96
N LEU E 320 -6.48 18.68 -13.11
CA LEU E 320 -5.43 18.40 -14.08
C LEU E 320 -5.55 19.29 -15.31
N GLY E 321 -6.76 19.46 -15.83
CA GLY E 321 -6.94 20.30 -17.00
C GLY E 321 -6.58 21.75 -16.75
N GLU E 322 -6.97 22.27 -15.58
CA GLU E 322 -6.64 23.65 -15.24
C GLU E 322 -5.12 23.85 -15.13
N THR E 323 -4.43 22.90 -14.50
CA THR E 323 -2.98 23.00 -14.38
C THR E 323 -2.31 22.92 -15.76
N GLU E 324 -2.81 22.02 -16.63
CA GLU E 324 -2.25 21.93 -17.97
C GLU E 324 -2.47 23.22 -18.75
N ALA E 325 -3.67 23.80 -18.64
CA ALA E 325 -3.95 25.06 -19.32
C ALA E 325 -3.05 26.18 -18.80
N ALA E 326 -2.85 26.23 -17.48
CA ALA E 326 -1.96 27.24 -16.91
C ALA E 326 -0.54 27.06 -17.40
N LEU E 327 -0.08 25.81 -17.52
CA LEU E 327 1.26 25.55 -18.05
C LEU E 327 1.37 26.03 -19.49
N ARG E 328 0.36 25.71 -20.31
CA ARG E 328 0.40 26.18 -21.70
C ARG E 328 0.42 27.70 -21.76
N ASP E 329 -0.36 28.37 -20.92
CA ASP E 329 -0.39 29.83 -20.91
C ASP E 329 0.97 30.40 -20.50
N ILE E 330 1.61 29.82 -19.49
CA ILE E 330 2.87 30.39 -19.03
C ILE E 330 3.97 30.15 -20.06
N PHE E 331 4.00 28.98 -20.70
CA PHE E 331 4.96 28.81 -21.79
C PHE E 331 4.65 29.70 -22.99
N ASN E 332 3.37 29.97 -23.26
CA ASN E 332 3.01 30.86 -24.36
C ASN E 332 3.53 32.27 -24.09
N GLU E 333 3.28 32.80 -22.89
CA GLU E 333 3.84 34.09 -22.54
C GLU E 333 5.36 34.06 -22.46
N ALA E 334 5.95 32.87 -22.24
CA ALA E 334 7.40 32.77 -22.22
C ALA E 334 7.99 32.93 -23.62
N ARG E 335 7.47 32.20 -24.60
CA ARG E 335 8.11 32.24 -25.91
C ARG E 335 7.51 33.29 -26.85
N LYS E 336 6.44 33.97 -26.45
CA LYS E 336 5.90 35.03 -27.30
C LYS E 336 6.89 36.18 -27.44
N TYR E 337 7.73 36.40 -26.42
CA TYR E 337 8.80 37.39 -26.49
C TYR E 337 10.08 36.68 -26.91
N GLN E 338 10.75 37.24 -27.93
CA GLN E 338 11.91 36.57 -28.52
C GLN E 338 13.03 36.36 -27.51
N PRO E 339 13.51 37.37 -26.75
CA PRO E 339 14.48 37.08 -25.69
C PRO E 339 13.81 36.72 -24.37
N SER E 340 14.04 35.51 -23.87
CA SER E 340 13.45 35.08 -22.62
C SER E 340 14.30 33.97 -22.00
N ILE E 341 14.31 33.93 -20.67
CA ILE E 341 14.97 32.88 -19.91
C ILE E 341 14.01 32.37 -18.85
N ILE E 342 13.84 31.05 -18.79
CA ILE E 342 12.91 30.41 -17.86
C ILE E 342 13.70 29.77 -16.74
N PHE E 343 13.28 30.01 -15.51
CA PHE E 343 13.90 29.44 -14.32
C PHE E 343 12.90 28.52 -13.63
N ILE E 344 13.35 27.31 -13.30
CA ILE E 344 12.53 26.31 -12.63
C ILE E 344 13.22 25.92 -11.34
N ASP E 345 12.47 25.92 -10.24
CA ASP E 345 12.98 25.57 -8.92
C ASP E 345 12.35 24.28 -8.44
N GLU E 346 13.16 23.43 -7.80
CA GLU E 346 12.73 22.15 -7.25
C GLU E 346 12.12 21.27 -8.34
N ILE E 347 12.97 20.93 -9.32
CA ILE E 347 12.53 20.07 -10.42
C ILE E 347 12.23 18.67 -9.92
N ASP E 348 13.03 18.18 -8.97
CA ASP E 348 12.80 16.83 -8.44
C ASP E 348 11.43 16.70 -7.80
N SER E 349 11.01 17.71 -7.04
CA SER E 349 9.67 17.69 -6.45
C SER E 349 8.59 17.73 -7.52
N ILE E 350 8.78 18.56 -8.55
CA ILE E 350 7.77 18.68 -9.60
C ILE E 350 7.85 17.56 -10.62
N ALA E 351 8.96 16.82 -10.67
CA ALA E 351 9.14 15.71 -11.60
C ALA E 351 9.63 14.48 -10.84
N PRO E 352 8.74 13.83 -10.10
CA PRO E 352 9.15 12.63 -9.36
C PRO E 352 9.51 11.49 -10.30
N ASN E 353 10.43 10.64 -9.86
CA ASN E 353 10.84 9.49 -10.64
C ASN E 353 9.71 8.47 -10.72
N ARG E 354 9.50 7.92 -11.92
CA ARG E 354 8.44 6.95 -12.11
C ARG E 354 8.70 5.66 -11.34
N ALA E 355 9.93 5.16 -11.41
CA ALA E 355 10.25 3.89 -10.75
C ALA E 355 10.43 4.04 -9.25
N ASN E 356 10.84 5.21 -8.78
CA ASN E 356 11.15 5.38 -7.36
C ASN E 356 9.89 5.27 -6.51
N ASP E 357 8.82 5.99 -6.87
CA ASP E 357 7.61 5.99 -6.07
C ASP E 357 6.44 6.41 -6.94
N ASP E 358 5.43 5.54 -7.05
CA ASP E 358 4.20 5.86 -7.77
C ASP E 358 3.13 6.29 -6.75
N SER E 359 3.39 7.44 -6.13
CA SER E 359 2.56 7.89 -5.02
C SER E 359 1.12 8.18 -5.45
N GLY E 360 0.95 8.85 -6.59
CA GLY E 360 -0.37 9.23 -7.04
C GLY E 360 -0.48 10.71 -7.34
N GLU E 361 -1.73 11.21 -7.44
CA GLU E 361 -1.98 12.62 -7.73
C GLU E 361 -1.29 13.03 -9.03
N VAL E 362 -0.11 13.62 -8.91
CA VAL E 362 0.69 14.06 -10.06
C VAL E 362 1.83 13.06 -10.24
N GLU E 363 2.02 12.63 -11.48
CA GLU E 363 2.98 11.58 -11.80
C GLU E 363 3.59 11.89 -13.17
N SER E 364 4.18 10.86 -13.79
CA SER E 364 5.07 11.03 -14.92
C SER E 364 4.39 11.45 -16.22
N ARG E 365 3.06 11.54 -16.26
CA ARG E 365 2.44 12.00 -17.50
C ARG E 365 2.66 13.50 -17.70
N VAL E 366 2.64 14.29 -16.64
CA VAL E 366 3.01 15.70 -16.78
C VAL E 366 4.48 15.80 -17.15
N VAL E 367 5.32 14.90 -16.64
CA VAL E 367 6.73 14.88 -17.04
C VAL E 367 6.84 14.61 -18.55
N ALA E 368 6.07 13.65 -19.05
CA ALA E 368 6.13 13.32 -20.47
C ALA E 368 5.64 14.48 -21.33
N THR E 369 4.55 15.14 -20.93
CA THR E 369 4.07 16.27 -21.73
C THR E 369 5.04 17.44 -21.68
N LEU E 370 5.68 17.67 -20.52
CA LEU E 370 6.71 18.70 -20.44
C LEU E 370 7.89 18.38 -21.34
N LEU E 371 8.30 17.11 -21.39
CA LEU E 371 9.39 16.73 -22.28
C LEU E 371 9.01 16.92 -23.74
N THR E 372 7.78 16.55 -24.11
CA THR E 372 7.33 16.71 -25.49
C THR E 372 7.30 18.19 -25.89
N LEU E 373 6.80 19.06 -25.01
CA LEU E 373 6.81 20.48 -25.33
C LEU E 373 8.20 21.10 -25.23
N MET E 374 9.11 20.46 -24.49
CA MET E 374 10.47 20.94 -24.34
C MET E 374 11.40 20.42 -25.43
N ASP E 375 10.94 19.48 -26.26
CA ASP E 375 11.75 19.01 -27.38
C ASP E 375 11.47 19.75 -28.69
N GLY E 376 10.53 20.69 -28.70
CA GLY E 376 10.11 21.28 -29.96
C GLY E 376 9.88 22.78 -30.01
N MET E 377 10.65 23.57 -29.27
CA MET E 377 10.48 25.02 -29.35
C MET E 377 10.82 25.53 -30.74
N GLY E 378 11.91 25.06 -31.32
CA GLY E 378 12.36 25.50 -32.62
C GLY E 378 13.78 25.06 -32.90
N ALA E 379 14.18 25.11 -34.17
CA ALA E 379 15.53 24.68 -34.53
C ALA E 379 16.59 25.60 -33.93
N ALA E 380 16.44 26.90 -34.15
CA ALA E 380 17.41 27.85 -33.59
C ALA E 380 17.05 28.20 -32.15
N GLY E 381 15.89 28.83 -31.94
CA GLY E 381 15.42 29.16 -30.61
C GLY E 381 16.24 30.21 -29.88
N LYS E 382 15.63 30.83 -28.87
CA LYS E 382 16.33 31.77 -27.99
C LYS E 382 16.07 31.54 -26.51
N VAL E 383 14.96 30.90 -26.13
CA VAL E 383 14.65 30.69 -24.73
C VAL E 383 15.51 29.54 -24.19
N VAL E 384 16.21 29.79 -23.09
CA VAL E 384 17.06 28.81 -22.44
C VAL E 384 16.57 28.61 -21.02
N VAL E 385 16.38 27.36 -20.62
CA VAL E 385 15.86 27.02 -19.30
C VAL E 385 16.97 26.33 -18.52
N ILE E 386 17.18 26.77 -17.28
CA ILE E 386 18.17 26.17 -16.39
C ILE E 386 17.44 25.43 -15.28
N ALA E 387 18.08 24.37 -14.77
CA ALA E 387 17.49 23.52 -13.76
C ALA E 387 18.43 23.43 -12.56
N ALA E 388 17.87 23.62 -11.36
CA ALA E 388 18.62 23.50 -10.11
C ALA E 388 17.85 22.55 -9.19
N THR E 389 18.53 21.52 -8.72
CA THR E 389 17.91 20.52 -7.85
C THR E 389 18.85 20.20 -6.69
N ASN E 390 18.26 19.75 -5.58
CA ASN E 390 19.05 19.41 -4.41
C ASN E 390 19.83 18.13 -4.61
N ARG E 391 19.20 17.10 -5.17
CA ARG E 391 19.85 15.82 -5.42
C ARG E 391 19.53 15.32 -6.82
N PRO E 392 20.50 14.73 -7.51
CA PRO E 392 20.26 14.31 -8.90
C PRO E 392 19.60 12.95 -9.00
N ASN E 393 19.82 12.08 -8.01
CA ASN E 393 19.30 10.72 -8.08
C ASN E 393 17.79 10.71 -8.07
N SER E 394 17.17 11.55 -7.24
CA SER E 394 15.70 11.60 -7.17
C SER E 394 15.09 12.13 -8.46
N VAL E 395 15.83 12.93 -9.23
CA VAL E 395 15.31 13.44 -10.49
C VAL E 395 15.15 12.31 -11.49
N ASP E 396 14.11 12.40 -12.32
CA ASP E 396 13.88 11.39 -13.34
C ASP E 396 15.06 11.35 -14.31
N PRO E 397 15.65 10.18 -14.56
CA PRO E 397 16.77 10.12 -15.51
C PRO E 397 16.40 10.51 -16.93
N ALA E 398 15.12 10.45 -17.29
CA ALA E 398 14.70 10.90 -18.60
C ALA E 398 14.91 12.40 -18.78
N LEU E 399 14.81 13.16 -17.70
CA LEU E 399 15.04 14.61 -17.79
C LEU E 399 16.47 14.91 -18.20
N ARG E 400 17.44 14.23 -17.60
CA ARG E 400 18.85 14.49 -17.87
C ARG E 400 19.39 13.58 -18.97
N ARG E 401 18.73 13.55 -20.11
CA ARG E 401 19.22 12.77 -21.24
C ARG E 401 20.27 13.57 -22.01
N PRO E 402 21.14 12.89 -22.74
CA PRO E 402 22.19 13.61 -23.49
C PRO E 402 21.64 14.58 -24.53
N GLY E 403 20.41 14.39 -24.99
CA GLY E 403 19.84 15.30 -25.98
C GLY E 403 19.32 16.61 -25.42
N ARG E 404 19.24 16.74 -24.10
CA ARG E 404 18.72 17.95 -23.47
C ARG E 404 19.65 18.54 -22.41
N PHE E 405 20.36 17.70 -21.66
CA PHE E 405 21.16 18.14 -20.52
C PHE E 405 22.54 17.50 -20.56
N ASP E 406 23.19 17.53 -21.73
CA ASP E 406 24.51 16.90 -21.84
C ASP E 406 25.58 17.75 -21.17
N GLN E 407 25.28 19.00 -20.85
CA GLN E 407 26.18 19.80 -20.03
C GLN E 407 25.75 19.71 -18.57
N GLU E 408 26.72 19.51 -17.67
CA GLU E 408 26.44 19.32 -16.26
C GLU E 408 27.27 20.32 -15.45
N VAL E 409 26.61 21.02 -14.54
CA VAL E 409 27.26 21.99 -13.66
C VAL E 409 27.28 21.40 -12.26
N GLU E 410 28.48 21.24 -11.70
CA GLU E 410 28.66 20.68 -10.37
C GLU E 410 28.99 21.79 -9.39
N ILE E 411 28.20 21.90 -8.33
CA ILE E 411 28.40 22.90 -7.28
C ILE E 411 28.61 22.13 -5.97
N GLY E 412 29.87 21.84 -5.66
CA GLY E 412 30.18 21.11 -4.45
C GLY E 412 30.35 22.02 -3.25
N ILE E 413 30.79 21.41 -2.15
CA ILE E 413 31.06 22.19 -0.93
C ILE E 413 32.24 23.12 -1.17
N PRO E 414 32.22 24.34 -0.64
CA PRO E 414 33.33 25.27 -0.88
C PRO E 414 34.64 24.71 -0.33
N ASP E 415 35.72 24.98 -1.05
CA ASP E 415 37.05 24.55 -0.65
C ASP E 415 37.72 25.65 0.16
N VAL E 416 39.01 25.50 0.44
CA VAL E 416 39.73 26.48 1.25
C VAL E 416 39.84 27.81 0.50
N ASP E 417 40.14 27.75 -0.81
CA ASP E 417 40.19 28.96 -1.60
C ASP E 417 38.82 29.62 -1.73
N ALA E 418 37.78 28.81 -1.90
CA ALA E 418 36.42 29.35 -1.93
C ALA E 418 36.06 30.00 -0.61
N ARG E 419 36.48 29.42 0.51
CA ARG E 419 36.23 30.04 1.81
C ARG E 419 37.00 31.35 1.94
N PHE E 420 38.25 31.39 1.49
CA PHE E 420 38.97 32.66 1.45
C PHE E 420 38.20 33.71 0.67
N ASP E 421 37.71 33.34 -0.52
CA ASP E 421 37.00 34.30 -1.36
C ASP E 421 35.72 34.78 -0.68
N ILE E 422 34.97 33.87 -0.06
CA ILE E 422 33.73 34.25 0.59
C ILE E 422 33.98 35.18 1.77
N LEU E 423 34.95 34.84 2.62
CA LEU E 423 35.28 35.72 3.74
C LEU E 423 35.71 37.10 3.24
N THR E 424 36.59 37.15 2.24
CA THR E 424 37.06 38.44 1.75
C THR E 424 35.92 39.25 1.16
N LYS E 425 35.04 38.61 0.38
CA LYS E 425 33.97 39.36 -0.26
C LYS E 425 32.98 39.90 0.77
N GLN E 426 32.68 39.14 1.82
CA GLN E 426 31.72 39.65 2.79
C GLN E 426 32.35 40.73 3.68
N PHE E 427 33.64 40.57 4.03
CA PHE E 427 34.34 41.67 4.71
C PHE E 427 34.30 42.95 3.87
N SER E 428 34.60 42.85 2.58
CA SER E 428 34.50 44.02 1.73
C SER E 428 33.06 44.50 1.60
N ARG E 429 32.10 43.60 1.80
CA ARG E 429 30.69 43.97 1.70
C ARG E 429 30.28 44.90 2.84
N MET E 430 30.62 44.55 4.08
CA MET E 430 30.25 45.49 5.16
C MET E 430 31.37 46.47 5.51
N SER E 431 32.48 46.46 4.76
CA SER E 431 33.53 47.48 4.88
C SER E 431 34.25 47.39 6.22
N SER E 432 35.32 48.17 6.38
CA SER E 432 36.09 48.18 7.59
C SER E 432 35.59 49.19 8.62
N ASP E 433 34.56 49.97 8.28
CA ASP E 433 34.04 50.96 9.23
C ASP E 433 33.45 50.29 10.47
N ARG E 434 32.71 49.20 10.28
CA ARG E 434 32.12 48.51 11.42
C ARG E 434 33.20 47.88 12.30
N HIS E 435 34.16 47.18 11.69
CA HIS E 435 35.24 46.55 12.43
C HIS E 435 36.40 46.30 11.48
N VAL E 436 37.57 46.11 12.05
CA VAL E 436 38.79 45.82 11.30
C VAL E 436 39.41 44.54 11.84
N LEU E 437 39.83 43.68 10.92
CA LEU E 437 40.45 42.40 11.28
C LEU E 437 41.60 42.11 10.31
N ASP E 438 42.69 41.61 10.86
CA ASP E 438 43.84 41.27 10.03
C ASP E 438 43.60 39.98 9.26
N SER E 439 44.40 39.78 8.22
CA SER E 439 44.26 38.58 7.39
C SER E 439 44.66 37.32 8.13
N GLU E 440 45.48 37.43 9.18
CA GLU E 440 45.88 36.25 9.93
C GLU E 440 44.69 35.59 10.60
N ALA E 441 43.82 36.37 11.22
CA ALA E 441 42.63 35.81 11.86
C ALA E 441 41.70 35.18 10.83
N ILE E 442 41.55 35.83 9.68
CA ILE E 442 40.70 35.28 8.62
C ILE E 442 41.24 33.94 8.14
N LYS E 443 42.54 33.88 7.88
CA LYS E 443 43.13 32.62 7.42
C LYS E 443 43.06 31.54 8.49
N TYR E 444 43.19 31.91 9.77
CA TYR E 444 43.09 30.92 10.84
C TYR E 444 41.67 30.36 10.94
N ILE E 445 40.66 31.24 10.93
CA ILE E 445 39.29 30.77 11.04
C ILE E 445 38.87 30.00 9.79
N ALA E 446 39.47 30.32 8.64
CA ALA E 446 39.18 29.56 7.43
C ALA E 446 39.85 28.20 7.47
N SER E 447 41.06 28.13 8.03
CA SER E 447 41.73 26.83 8.18
C SER E 447 40.99 25.95 9.17
N LYS E 448 40.36 26.56 10.18
CA LYS E 448 39.52 25.79 11.09
C LYS E 448 38.35 25.16 10.35
N THR E 449 37.74 25.90 9.43
CA THR E 449 36.61 25.39 8.66
C THR E 449 37.11 24.41 7.60
N HIS E 450 36.52 23.22 7.57
CA HIS E 450 36.87 22.21 6.58
C HIS E 450 35.69 21.82 5.71
N GLY E 451 34.54 21.53 6.30
CA GLY E 451 33.36 21.15 5.55
C GLY E 451 32.28 22.22 5.56
N TYR E 452 32.66 23.43 5.97
CA TYR E 452 31.71 24.52 6.09
C TYR E 452 31.28 25.03 4.72
N VAL E 453 30.12 25.67 4.68
CA VAL E 453 29.52 26.17 3.45
C VAL E 453 29.22 27.66 3.65
N GLY E 454 28.88 28.34 2.55
CA GLY E 454 28.55 29.75 2.63
C GLY E 454 27.41 30.04 3.58
N ALA E 455 26.40 29.16 3.59
CA ALA E 455 25.32 29.30 4.57
C ALA E 455 25.86 29.17 5.99
N ASP E 456 26.77 28.21 6.21
CA ASP E 456 27.39 28.08 7.52
C ASP E 456 28.20 29.33 7.87
N LEU E 457 28.94 29.89 6.91
CA LEU E 457 29.72 31.09 7.18
C LEU E 457 28.82 32.26 7.55
N THR E 458 27.69 32.41 6.86
CA THR E 458 26.74 33.45 7.23
C THR E 458 26.16 33.20 8.61
N ALA E 459 25.91 31.93 8.96
CA ALA E 459 25.45 31.61 10.30
C ALA E 459 26.48 32.02 11.34
N LEU E 460 27.76 31.73 11.10
CA LEU E 460 28.82 32.14 12.01
C LEU E 460 28.86 33.66 12.17
N CYS E 461 28.81 34.40 11.06
CA CYS E 461 28.92 35.86 11.17
C CYS E 461 27.70 36.43 11.90
N ARG E 462 26.50 35.94 11.60
CA ARG E 462 25.30 36.42 12.26
C ARG E 462 25.34 36.13 13.76
N GLU E 463 25.73 34.91 14.14
CA GLU E 463 25.79 34.57 15.56
C GLU E 463 26.88 35.35 16.28
N SER E 464 28.00 35.61 15.60
CA SER E 464 29.04 36.44 16.21
C SER E 464 28.54 37.86 16.45
N VAL E 465 27.82 38.42 15.48
CA VAL E 465 27.27 39.77 15.65
C VAL E 465 26.27 39.79 16.80
N MET E 466 25.39 38.79 16.85
CA MET E 466 24.38 38.74 17.91
C MET E 466 25.02 38.58 19.28
N LYS E 467 26.03 37.72 19.39
CA LYS E 467 26.71 37.53 20.66
C LYS E 467 27.45 38.79 21.09
N THR E 468 28.08 39.48 20.14
CA THR E 468 28.73 40.75 20.45
C THR E 468 27.72 41.76 20.98
N ILE E 469 26.57 41.87 20.32
CA ILE E 469 25.55 42.83 20.74
C ILE E 469 25.05 42.49 22.14
N GLN E 470 24.75 41.21 22.39
CA GLN E 470 24.21 40.83 23.69
C GLN E 470 25.24 40.98 24.79
N ARG E 471 26.51 40.66 24.51
CA ARG E 471 27.56 40.86 25.50
C ARG E 471 27.76 42.33 25.82
N GLY E 472 27.72 43.19 24.79
CA GLY E 472 27.83 44.62 25.05
C GLY E 472 26.67 45.14 25.87
N LEU E 473 25.45 44.71 25.56
CA LEU E 473 24.29 45.12 26.35
C LEU E 473 24.40 44.64 27.79
N GLY E 474 24.85 43.40 27.99
CA GLY E 474 24.95 42.88 29.34
C GLY E 474 26.03 43.54 30.18
N THR E 475 27.18 43.83 29.59
CA THR E 475 28.34 44.30 30.34
C THR E 475 28.50 45.80 30.27
N ASP E 476 28.61 46.37 29.07
CA ASP E 476 28.92 47.78 28.91
C ASP E 476 27.72 48.69 29.16
N ALA E 477 26.53 48.13 29.36
CA ALA E 477 25.32 48.89 29.67
C ALA E 477 25.01 49.90 28.56
N ASN E 478 24.73 49.36 27.37
CA ASN E 478 24.30 50.14 26.21
C ASN E 478 25.36 51.16 25.80
N ILE E 479 26.57 50.67 25.55
CA ILE E 479 27.65 51.51 25.04
C ILE E 479 27.52 51.63 23.53
N ASP E 480 28.26 52.55 22.92
CA ASP E 480 28.23 52.71 21.48
C ASP E 480 28.65 51.41 20.79
N LYS E 481 27.89 51.00 19.78
CA LYS E 481 28.14 49.73 19.12
C LYS E 481 29.39 49.79 18.24
N PHE E 482 29.73 50.96 17.73
CA PHE E 482 30.89 51.08 16.85
C PHE E 482 32.18 50.77 17.59
N SER E 483 32.30 51.23 18.84
CA SER E 483 33.52 50.99 19.61
C SER E 483 33.71 49.50 19.90
N LEU E 484 32.63 48.79 20.20
CA LEU E 484 32.74 47.37 20.54
C LEU E 484 33.26 46.55 19.38
N LYS E 485 32.80 46.86 18.15
CA LYS E 485 33.20 46.20 16.91
C LYS E 485 33.17 44.68 17.01
N VAL E 486 33.96 43.99 16.18
CA VAL E 486 33.99 42.54 16.14
C VAL E 486 35.41 42.08 16.46
N THR E 487 35.53 41.15 17.40
CA THR E 487 36.82 40.63 17.85
C THR E 487 36.90 39.13 17.56
N LEU E 488 38.07 38.55 17.86
CA LEU E 488 38.32 37.16 17.52
C LEU E 488 37.63 36.20 18.48
N LYS E 489 37.54 36.55 19.76
CA LYS E 489 36.93 35.65 20.73
C LYS E 489 35.43 35.46 20.45
N ASP E 490 34.76 36.50 19.94
CA ASP E 490 33.37 36.33 19.53
C ASP E 490 33.24 35.33 18.40
N VAL E 491 34.16 35.38 17.43
CA VAL E 491 34.14 34.42 16.32
C VAL E 491 34.41 33.01 16.85
N GLU E 492 35.35 32.88 17.79
CA GLU E 492 35.62 31.56 18.37
C GLU E 492 34.41 31.02 19.12
N SER E 493 33.72 31.87 19.87
CA SER E 493 32.52 31.44 20.57
C SER E 493 31.42 31.04 19.59
N ALA E 494 31.28 31.78 18.49
CA ALA E 494 30.32 31.43 17.46
C ALA E 494 30.65 30.07 16.85
N MET E 495 31.94 29.81 16.61
CA MET E 495 32.35 28.50 16.14
C MET E 495 32.01 27.42 17.15
N VAL E 496 32.16 27.72 18.44
CA VAL E 496 31.88 26.74 19.48
C VAL E 496 30.41 26.38 19.50
N ASP E 497 29.53 27.39 19.48
CA ASP E 497 28.11 27.14 19.73
C ASP E 497 27.27 27.11 18.45
N ILE E 498 27.89 27.16 17.27
CA ILE E 498 27.11 27.22 16.04
C ILE E 498 26.40 25.90 15.76
N ARG E 499 27.10 24.77 15.94
CA ARG E 499 26.57 23.44 15.69
C ARG E 499 25.89 23.35 14.32
N PRO E 500 26.65 23.37 13.23
CA PRO E 500 26.02 23.30 11.90
C PRO E 500 25.37 21.95 11.67
N SER E 501 24.32 21.96 10.85
CA SER E 501 23.56 20.75 10.52
C SER E 501 24.08 20.05 9.27
N ALA E 502 25.35 20.25 8.94
CA ALA E 502 25.97 19.63 7.77
C ALA E 502 27.21 18.85 8.16
N MET E 503 27.12 18.11 9.27
CA MET E 503 28.27 17.32 9.73
C MET E 503 28.48 16.09 8.86
N ARG E 504 27.41 15.54 8.28
CA ARG E 504 27.49 14.35 7.44
C ARG E 504 27.47 14.80 5.98
N GLU E 505 28.60 14.63 5.30
CA GLU E 505 28.74 14.99 3.90
C GLU E 505 29.16 13.77 3.09
N ILE E 506 28.54 13.59 1.93
CA ILE E 506 28.92 12.47 1.06
C ILE E 506 30.32 12.68 0.49
N PHE E 507 30.74 13.93 0.33
CA PHE E 507 32.07 14.27 -0.14
C PHE E 507 32.82 15.01 0.97
N LEU E 508 34.01 14.52 1.30
CA LEU E 508 34.83 15.09 2.35
C LEU E 508 36.02 15.82 1.74
N GLU E 509 36.21 17.07 2.16
CA GLU E 509 37.34 17.88 1.71
C GLU E 509 38.30 18.02 2.88
N MET E 510 39.26 17.10 2.95
CA MET E 510 40.22 17.10 4.04
C MET E 510 41.12 18.34 3.93
N PRO E 511 41.40 19.01 5.04
CA PRO E 511 42.27 20.19 4.99
C PRO E 511 43.66 19.85 4.48
N LYS E 512 44.26 20.80 3.75
CA LYS E 512 45.57 20.62 3.15
C LYS E 512 46.67 21.09 4.10
N VAL E 513 47.76 20.35 4.13
CA VAL E 513 48.91 20.66 4.98
C VAL E 513 50.16 20.72 4.11
N TYR E 514 51.06 21.64 4.44
CA TYR E 514 52.28 21.81 3.67
C TYR E 514 53.28 20.69 3.97
N TRP E 515 54.36 20.67 3.21
CA TRP E 515 55.39 19.64 3.38
C TRP E 515 56.15 19.79 4.68
N SER E 516 56.12 20.97 5.31
CA SER E 516 56.83 21.17 6.56
C SER E 516 56.24 20.30 7.68
N ASP E 517 54.91 20.20 7.74
CA ASP E 517 54.27 19.43 8.80
C ASP E 517 54.59 17.94 8.68
N ILE E 518 54.61 17.41 7.46
CA ILE E 518 54.81 15.98 7.25
C ILE E 518 56.30 15.68 7.17
N GLY E 519 56.72 14.61 7.83
CA GLY E 519 58.08 14.12 7.74
C GLY E 519 58.17 12.81 6.99
N GLY E 520 58.83 12.82 5.83
CA GLY E 520 58.91 11.62 5.01
C GLY E 520 60.33 11.21 4.66
N GLN E 521 60.46 10.36 3.65
CA GLN E 521 61.75 9.84 3.21
C GLN E 521 62.02 10.31 1.79
N GLU E 522 63.30 10.54 1.48
CA GLU E 522 63.66 11.12 0.18
C GLU E 522 63.24 10.20 -0.96
N GLU E 523 63.49 8.90 -0.84
CA GLU E 523 63.05 7.98 -1.88
C GLU E 523 61.52 7.94 -1.96
N LEU E 524 60.84 7.96 -0.82
CA LEU E 524 59.39 8.00 -0.81
C LEU E 524 58.86 9.26 -1.50
N LYS E 525 59.47 10.40 -1.18
CA LYS E 525 59.04 11.66 -1.81
C LYS E 525 59.27 11.64 -3.31
N THR E 526 60.43 11.13 -3.74
CA THR E 526 60.71 11.06 -5.17
C THR E 526 59.73 10.13 -5.87
N LYS E 527 59.40 8.99 -5.26
CA LYS E 527 58.45 8.08 -5.86
C LYS E 527 57.07 8.72 -5.98
N MET E 528 56.61 9.37 -4.90
CA MET E 528 55.29 9.99 -4.92
C MET E 528 55.23 11.09 -5.98
N LYS E 529 56.27 11.94 -6.05
CA LYS E 529 56.28 12.99 -7.06
C LYS E 529 56.35 12.40 -8.47
N GLU E 530 57.05 11.28 -8.65
CA GLU E 530 57.11 10.65 -9.97
C GLU E 530 55.75 10.12 -10.40
N MET E 531 55.08 9.37 -9.52
CA MET E 531 53.77 8.83 -9.91
C MET E 531 52.66 9.87 -9.90
N ILE E 532 52.89 11.08 -9.38
CA ILE E 532 51.92 12.15 -9.58
C ILE E 532 52.26 13.04 -10.77
N GLN E 533 53.50 13.03 -11.25
CA GLN E 533 53.86 13.81 -12.43
C GLN E 533 53.78 13.01 -13.73
N LEU E 534 53.79 11.68 -13.68
CA LEU E 534 53.66 10.91 -14.92
C LEU E 534 52.30 11.12 -15.58
N PRO E 535 51.16 10.84 -14.94
CA PRO E 535 49.88 10.94 -15.67
C PRO E 535 49.49 12.35 -16.05
N LEU E 536 50.07 13.37 -15.40
CA LEU E 536 49.69 14.75 -15.68
C LEU E 536 50.62 15.46 -16.66
N GLU E 537 51.76 14.87 -16.99
CA GLU E 537 52.70 15.53 -17.89
C GLU E 537 53.10 14.64 -19.06
N ALA E 538 53.24 13.34 -18.83
CA ALA E 538 53.64 12.41 -19.86
C ALA E 538 52.47 11.82 -20.63
N SER E 539 51.24 12.26 -20.33
CA SER E 539 50.07 11.74 -21.04
C SER E 539 50.11 12.12 -22.52
N GLU E 540 50.70 13.27 -22.85
CA GLU E 540 50.78 13.67 -24.26
C GLU E 540 51.66 12.71 -25.06
N THR E 541 52.78 12.27 -24.48
CA THR E 541 53.67 11.33 -25.16
C THR E 541 53.26 9.88 -24.97
N PHE E 542 52.36 9.59 -24.03
CA PHE E 542 51.90 8.22 -23.85
C PHE E 542 51.15 7.70 -25.07
N ALA E 543 50.60 8.58 -25.90
CA ALA E 543 49.92 8.14 -27.12
C ALA E 543 50.90 7.49 -28.09
N ARG E 544 52.04 8.14 -28.32
CA ARG E 544 53.06 7.55 -29.19
C ARG E 544 53.83 6.44 -28.49
N LEU E 545 53.97 6.52 -27.17
CA LEU E 545 54.68 5.47 -26.44
C LEU E 545 53.87 4.17 -26.41
N GLY E 546 52.57 4.28 -26.10
CA GLY E 546 51.73 3.11 -25.99
C GLY E 546 51.77 2.41 -24.65
N ILE E 547 52.61 2.87 -23.73
CA ILE E 547 52.69 2.27 -22.40
C ILE E 547 51.61 2.82 -21.47
N SER E 548 51.30 4.11 -21.61
CA SER E 548 50.33 4.81 -20.75
C SER E 548 50.87 4.73 -19.32
N ALA E 549 50.05 4.42 -18.32
CA ALA E 549 50.50 4.36 -16.95
C ALA E 549 50.07 3.05 -16.30
N PRO E 550 50.86 2.54 -15.35
CA PRO E 550 50.43 1.32 -14.64
C PRO E 550 49.13 1.49 -13.90
N LYS E 551 48.79 2.72 -13.47
CA LYS E 551 47.54 3.09 -12.82
C LYS E 551 47.20 2.20 -11.63
N GLY E 552 48.19 1.51 -11.09
CA GLY E 552 47.97 0.66 -9.93
C GLY E 552 48.91 0.96 -8.78
N VAL E 553 48.37 1.44 -7.67
CA VAL E 553 49.14 1.79 -6.48
C VAL E 553 48.51 1.10 -5.28
N LEU E 554 49.31 0.38 -4.50
CA LEU E 554 48.87 -0.28 -3.30
C LEU E 554 49.71 0.20 -2.12
N LEU E 555 49.05 0.54 -1.03
CA LEU E 555 49.72 1.04 0.18
C LEU E 555 49.40 0.12 1.34
N TYR E 556 50.43 -0.25 2.09
CA TYR E 556 50.27 -1.11 3.26
C TYR E 556 51.32 -0.74 4.29
N GLY E 557 50.93 -0.74 5.56
CA GLY E 557 51.84 -0.40 6.64
C GLY E 557 51.16 -0.40 7.99
N PRO E 558 51.92 -0.02 9.03
CA PRO E 558 51.34 0.04 10.36
C PRO E 558 50.30 1.13 10.45
N PRO E 559 49.30 0.99 11.33
CA PRO E 559 48.26 2.03 11.46
C PRO E 559 48.73 3.30 12.15
N GLY E 560 49.99 3.37 12.57
CA GLY E 560 50.45 4.56 13.27
C GLY E 560 50.44 5.80 12.41
N CYS E 561 50.92 5.68 11.17
CA CYS E 561 51.04 6.82 10.27
C CYS E 561 51.13 6.30 8.83
N SER E 562 51.50 7.20 7.92
CA SER E 562 51.66 6.89 6.50
C SER E 562 50.35 6.38 5.89
N LYS E 563 49.24 6.95 6.32
CA LYS E 563 47.93 6.59 5.78
C LYS E 563 47.13 7.79 5.29
N THR E 564 47.22 8.92 5.98
CA THR E 564 46.46 10.11 5.62
C THR E 564 47.33 11.34 5.39
N LEU E 565 48.39 11.52 6.19
CA LEU E 565 49.25 12.69 6.03
C LEU E 565 50.00 12.66 4.70
N THR E 566 50.40 11.47 4.23
CA THR E 566 51.05 11.39 2.93
C THR E 566 50.11 11.82 1.82
N ALA E 567 48.85 11.36 1.87
CA ALA E 567 47.87 11.77 0.88
C ALA E 567 47.62 13.27 0.95
N LYS E 568 47.54 13.81 2.17
CA LYS E 568 47.34 15.25 2.34
C LYS E 568 48.49 16.04 1.71
N ALA E 569 49.73 15.61 1.97
CA ALA E 569 50.89 16.31 1.42
C ALA E 569 50.91 16.21 -0.10
N LEU E 570 50.61 15.03 -0.66
CA LEU E 570 50.60 14.89 -2.10
C LEU E 570 49.51 15.74 -2.75
N ALA E 571 48.33 15.79 -2.13
CA ALA E 571 47.26 16.64 -2.65
C ALA E 571 47.64 18.11 -2.58
N THR E 572 48.28 18.53 -1.49
CA THR E 572 48.71 19.92 -1.36
C THR E 572 49.74 20.29 -2.41
N GLU E 573 50.71 19.40 -2.64
CA GLU E 573 51.80 19.72 -3.57
C GLU E 573 51.32 19.65 -5.01
N SER E 574 50.47 18.68 -5.35
CA SER E 574 50.01 18.55 -6.73
C SER E 574 49.14 19.73 -7.14
N GLY E 575 48.30 20.22 -6.23
CA GLY E 575 47.40 21.31 -6.56
C GLY E 575 46.18 20.90 -7.34
N ILE E 576 45.92 19.60 -7.46
CA ILE E 576 44.77 19.09 -8.18
C ILE E 576 43.68 18.79 -7.16
N ASN E 577 42.42 18.81 -7.61
CA ASN E 577 41.30 18.52 -6.74
C ASN E 577 41.39 17.11 -6.18
N PHE E 578 41.20 16.99 -4.86
CA PHE E 578 41.29 15.72 -4.17
C PHE E 578 40.10 15.55 -3.25
N LEU E 579 39.54 14.34 -3.25
CA LEU E 579 38.40 13.99 -2.40
C LEU E 579 38.77 12.82 -1.51
N ALA E 580 38.28 12.87 -0.27
CA ALA E 580 38.54 11.83 0.73
C ALA E 580 37.25 11.09 1.04
N VAL E 581 37.33 9.76 1.02
CA VAL E 581 36.19 8.90 1.31
C VAL E 581 36.65 7.79 2.25
N LYS E 582 35.80 7.44 3.21
CA LYS E 582 36.14 6.45 4.21
C LYS E 582 35.62 5.08 3.81
N GLY E 583 36.13 4.05 4.51
CA GLY E 583 35.74 2.69 4.25
C GLY E 583 34.32 2.38 4.67
N PRO E 584 34.04 2.45 5.97
CA PRO E 584 32.67 2.20 6.45
C PRO E 584 31.66 3.21 5.95
N GLU E 585 32.10 4.37 5.47
CA GLU E 585 31.16 5.41 5.03
C GLU E 585 30.30 4.94 3.87
N ILE E 586 30.90 4.25 2.89
CA ILE E 586 30.13 3.80 1.74
C ILE E 586 29.15 2.69 2.14
N PHE E 587 29.50 1.90 3.14
CA PHE E 587 28.62 0.82 3.58
C PHE E 587 27.35 1.39 4.20
N ASN E 588 26.21 0.77 3.86
CA ASN E 588 24.91 1.21 4.34
C ASN E 588 24.02 0.00 4.55
N LYS E 589 22.98 0.19 5.37
CA LYS E 589 22.06 -0.90 5.67
C LYS E 589 21.32 -1.36 4.42
N TYR E 590 20.87 -0.41 3.59
CA TYR E 590 20.13 -0.75 2.38
C TYR E 590 21.03 -1.48 1.39
N VAL E 591 20.49 -2.53 0.79
CA VAL E 591 21.23 -3.31 -0.20
C VAL E 591 21.18 -2.60 -1.53
N GLY E 592 22.36 -2.34 -2.11
CA GLY E 592 22.48 -1.59 -3.34
C GLY E 592 22.79 -0.12 -3.15
N GLU E 593 22.61 0.39 -1.93
CA GLU E 593 22.97 1.78 -1.65
C GLU E 593 24.48 2.00 -1.80
N SER E 594 25.28 1.05 -1.31
CA SER E 594 26.73 1.16 -1.45
C SER E 594 27.14 1.14 -2.92
N GLU E 595 26.46 0.33 -3.74
CA GLU E 595 26.76 0.31 -5.17
C GLU E 595 26.48 1.66 -5.81
N ARG E 596 25.35 2.28 -5.48
CA ARG E 596 25.05 3.60 -6.02
C ARG E 596 26.08 4.62 -5.56
N ALA E 597 26.47 4.55 -4.28
CA ALA E 597 27.45 5.49 -3.76
C ALA E 597 28.80 5.35 -4.46
N ILE E 598 29.28 4.12 -4.65
CA ILE E 598 30.57 3.92 -5.28
C ILE E 598 30.51 4.34 -6.75
N ARG E 599 29.40 4.03 -7.43
CA ARG E 599 29.26 4.43 -8.82
C ARG E 599 29.24 5.96 -8.96
N GLU E 600 28.53 6.64 -8.06
CA GLU E 600 28.44 8.09 -8.17
C GLU E 600 29.74 8.78 -7.79
N ILE E 601 30.48 8.25 -6.82
CA ILE E 601 31.77 8.86 -6.49
C ILE E 601 32.76 8.62 -7.63
N PHE E 602 32.70 7.46 -8.28
CA PHE E 602 33.55 7.23 -9.45
C PHE E 602 33.18 8.16 -10.59
N ARG E 603 31.88 8.38 -10.80
CA ARG E 603 31.43 9.33 -11.83
C ARG E 603 31.93 10.74 -11.52
N LYS E 604 31.87 11.14 -10.24
CA LYS E 604 32.42 12.44 -9.85
C LYS E 604 33.93 12.49 -10.06
N ALA E 605 34.61 11.36 -9.84
CA ALA E 605 36.06 11.31 -10.06
C ALA E 605 36.39 11.56 -11.52
N ARG E 606 35.65 10.93 -12.44
CA ARG E 606 35.83 11.27 -13.85
C ARG E 606 35.44 12.71 -14.16
N SER E 607 34.33 13.19 -13.58
CA SER E 607 33.83 14.52 -13.91
C SER E 607 34.68 15.64 -13.32
N ALA E 608 35.58 15.33 -12.39
CA ALA E 608 36.41 16.35 -11.74
C ALA E 608 37.80 16.42 -12.36
N ALA E 609 37.90 16.24 -13.69
CA ALA E 609 39.13 16.33 -14.46
C ALA E 609 40.09 15.20 -14.09
N PRO E 610 41.13 14.93 -14.90
CA PRO E 610 42.11 13.92 -14.49
C PRO E 610 42.79 14.26 -13.18
N SER E 611 42.56 13.45 -12.15
CA SER E 611 43.10 13.68 -10.82
C SER E 611 43.48 12.34 -10.21
N ILE E 612 43.71 12.34 -8.90
CA ILE E 612 44.11 11.14 -8.16
C ILE E 612 43.00 10.80 -7.18
N ILE E 613 42.53 9.56 -7.23
CA ILE E 613 41.50 9.06 -6.32
C ILE E 613 42.17 8.16 -5.30
N PHE E 614 41.66 8.19 -4.07
CA PHE E 614 42.27 7.48 -2.95
C PHE E 614 41.19 6.96 -2.00
N PHE E 615 41.45 5.78 -1.43
CA PHE E 615 40.58 5.17 -0.45
C PHE E 615 41.29 5.14 0.89
N ASP E 616 40.59 5.57 1.94
CA ASP E 616 41.19 5.61 3.27
C ASP E 616 41.54 4.21 3.77
N GLU E 617 40.54 3.33 3.86
CA GLU E 617 40.73 1.96 4.31
C GLU E 617 39.98 1.04 3.37
N ILE E 618 40.71 0.13 2.70
CA ILE E 618 40.11 -0.83 1.79
C ILE E 618 39.91 -2.19 2.46
N ASP E 619 40.36 -2.34 3.70
CA ASP E 619 40.32 -3.61 4.43
C ASP E 619 38.91 -4.01 4.88
N ALA E 620 37.86 -3.33 4.44
CA ALA E 620 36.49 -3.70 4.81
C ALA E 620 35.82 -4.53 3.71
N LEU E 621 35.75 -3.99 2.49
CA LEU E 621 35.13 -4.71 1.39
C LEU E 621 36.04 -5.79 0.83
N SER E 622 37.36 -5.63 0.96
CA SER E 622 38.29 -6.61 0.41
C SER E 622 38.12 -8.01 0.99
N PRO E 623 38.03 -8.21 2.33
CA PRO E 623 37.84 -9.56 2.84
C PRO E 623 36.48 -10.13 2.47
N ASP E 624 36.47 -11.18 1.66
CA ASP E 624 35.24 -11.82 1.20
C ASP E 624 35.14 -13.29 1.56
N ARG E 625 36.25 -14.01 1.63
CA ARG E 625 36.26 -15.42 1.98
C ARG E 625 36.60 -15.65 3.45
N ASP E 626 37.75 -15.14 3.91
CA ASP E 626 38.10 -15.26 5.31
C ASP E 626 37.14 -14.48 6.19
N GLY E 627 36.76 -13.28 5.77
CA GLY E 627 35.86 -12.43 6.53
C GLY E 627 34.39 -12.64 6.26
N SER E 628 34.03 -13.61 5.41
CA SER E 628 32.64 -13.91 5.10
C SER E 628 31.91 -12.69 4.55
N SER E 629 31.21 -11.97 5.43
CA SER E 629 30.47 -10.76 5.08
C SER E 629 29.32 -11.04 4.12
N THR E 630 28.51 -10.02 3.83
CA THR E 630 27.36 -10.18 2.97
C THR E 630 27.77 -10.12 1.50
N SER E 631 26.81 -10.44 0.62
CA SER E 631 27.05 -10.40 -0.81
C SER E 631 27.21 -8.97 -1.35
N ALA E 632 26.85 -7.95 -0.56
CA ALA E 632 27.03 -6.58 -1.00
C ALA E 632 28.51 -6.27 -1.20
N ALA E 633 29.37 -6.77 -0.31
CA ALA E 633 30.81 -6.57 -0.48
C ALA E 633 31.30 -7.24 -1.76
N ASN E 634 30.80 -8.44 -2.06
CA ASN E 634 31.18 -9.11 -3.30
C ASN E 634 30.74 -8.31 -4.52
N HIS E 635 29.51 -7.79 -4.49
CA HIS E 635 29.02 -6.99 -5.61
C HIS E 635 29.85 -5.72 -5.78
N VAL E 636 30.21 -5.06 -4.67
CA VAL E 636 31.03 -3.86 -4.75
C VAL E 636 32.41 -4.19 -5.32
N LEU E 637 32.99 -5.31 -4.88
CA LEU E 637 34.30 -5.71 -5.40
C LEU E 637 34.24 -5.98 -6.89
N THR E 638 33.21 -6.69 -7.35
CA THR E 638 33.08 -6.96 -8.78
C THR E 638 32.87 -5.66 -9.56
N SER E 639 32.06 -4.74 -9.01
CA SER E 639 31.82 -3.48 -9.70
C SER E 639 33.10 -2.66 -9.82
N LEU E 640 33.89 -2.60 -8.76
CA LEU E 640 35.13 -1.82 -8.82
C LEU E 640 36.15 -2.50 -9.73
N LEU E 641 36.19 -3.83 -9.74
CA LEU E 641 37.08 -4.54 -10.65
C LEU E 641 36.71 -4.25 -12.10
N ASN E 642 35.40 -4.26 -12.41
CA ASN E 642 34.95 -3.92 -13.75
C ASN E 642 35.30 -2.47 -14.09
N GLU E 643 35.16 -1.57 -13.12
CA GLU E 643 35.43 -0.16 -13.37
C GLU E 643 36.91 0.10 -13.61
N ILE E 644 37.79 -0.66 -12.95
CA ILE E 644 39.23 -0.40 -13.09
C ILE E 644 39.84 -1.16 -14.27
N ASP E 645 39.42 -2.41 -14.51
CA ASP E 645 40.04 -3.20 -15.56
C ASP E 645 39.05 -4.04 -16.35
N GLY E 646 37.78 -3.65 -16.39
CA GLY E 646 36.79 -4.41 -17.13
C GLY E 646 36.52 -3.88 -18.52
N VAL E 647 37.13 -4.51 -19.53
CA VAL E 647 36.99 -4.20 -20.96
C VAL E 647 36.99 -2.70 -21.19
N GLU E 648 37.78 -1.96 -20.41
CA GLU E 648 37.87 -0.52 -20.51
C GLU E 648 39.30 -0.08 -20.23
N GLU E 649 39.54 1.21 -20.32
CA GLU E 649 40.86 1.78 -20.04
C GLU E 649 40.69 3.24 -19.65
N LEU E 650 41.44 3.66 -18.62
CA LEU E 650 41.40 5.03 -18.13
C LEU E 650 42.81 5.60 -18.11
N LYS E 651 42.97 6.81 -18.63
CA LYS E 651 44.27 7.48 -18.67
C LYS E 651 44.34 8.68 -17.74
N GLY E 652 43.22 9.14 -17.19
CA GLY E 652 43.21 10.33 -16.36
C GLY E 652 43.37 10.06 -14.88
N VAL E 653 42.57 9.14 -14.34
CA VAL E 653 42.56 8.85 -12.91
C VAL E 653 43.41 7.63 -12.62
N VAL E 654 44.12 7.66 -11.50
CA VAL E 654 44.93 6.56 -11.03
C VAL E 654 44.42 6.15 -9.65
N ILE E 655 44.08 4.88 -9.49
CA ILE E 655 43.51 4.38 -8.24
C ILE E 655 44.63 4.16 -7.24
N VAL E 656 44.43 4.66 -6.02
CA VAL E 656 45.36 4.46 -4.90
C VAL E 656 44.59 3.81 -3.77
N ALA E 657 45.11 2.68 -3.27
CA ALA E 657 44.47 1.92 -2.22
C ALA E 657 45.40 1.77 -1.03
N ALA E 658 44.86 1.96 0.17
CA ALA E 658 45.60 1.80 1.41
C ALA E 658 44.90 0.77 2.29
N THR E 659 45.68 -0.15 2.86
CA THR E 659 45.15 -1.22 3.67
C THR E 659 45.96 -1.34 4.96
N ASN E 660 45.30 -1.86 6.00
CA ASN E 660 45.94 -2.06 7.29
C ASN E 660 46.67 -3.40 7.38
N ARG E 661 46.08 -4.46 6.79
CA ARG E 661 46.69 -5.77 6.79
C ARG E 661 47.07 -6.17 5.38
N PRO E 662 48.18 -6.90 5.20
CA PRO E 662 48.59 -7.29 3.85
C PRO E 662 47.84 -8.50 3.32
N ASP E 663 47.47 -9.43 4.22
CA ASP E 663 46.87 -10.69 3.80
C ASP E 663 45.35 -10.63 3.69
N GLU E 664 44.72 -9.53 4.09
CA GLU E 664 43.26 -9.46 4.03
C GLU E 664 42.73 -9.28 2.61
N ILE E 665 43.57 -8.83 1.67
CA ILE E 665 43.12 -8.63 0.30
C ILE E 665 42.97 -9.98 -0.40
N ASP E 666 41.94 -10.11 -1.22
CA ASP E 666 41.71 -11.33 -1.96
C ASP E 666 42.70 -11.47 -3.11
N ALA E 667 42.79 -12.69 -3.64
CA ALA E 667 43.71 -12.95 -4.75
C ALA E 667 43.28 -12.26 -6.03
N ALA E 668 41.99 -11.91 -6.16
CA ALA E 668 41.53 -11.21 -7.36
C ALA E 668 42.19 -9.85 -7.50
N LEU E 669 42.29 -9.10 -6.39
CA LEU E 669 42.95 -7.79 -6.44
C LEU E 669 44.45 -7.95 -6.64
N LEU E 670 45.05 -8.98 -6.04
CA LEU E 670 46.49 -9.23 -6.18
C LEU E 670 46.75 -10.02 -7.46
N ARG E 671 46.57 -9.33 -8.59
CA ARG E 671 46.78 -9.91 -9.90
C ARG E 671 47.67 -9.00 -10.73
N PRO E 672 48.55 -9.56 -11.55
CA PRO E 672 49.39 -8.71 -12.42
C PRO E 672 48.55 -7.85 -13.34
N GLY E 673 49.00 -6.62 -13.54
CA GLY E 673 48.29 -5.64 -14.33
C GLY E 673 47.49 -4.64 -13.53
N ARG E 674 47.21 -4.94 -12.26
CA ARG E 674 46.47 -4.03 -11.38
C ARG E 674 47.15 -3.99 -10.03
N LEU E 675 47.42 -2.78 -9.54
CA LEU E 675 48.06 -2.58 -8.23
C LEU E 675 49.38 -3.32 -8.13
N ASP E 676 50.14 -3.35 -9.23
CA ASP E 676 51.43 -4.04 -9.23
C ASP E 676 52.43 -3.35 -8.32
N ARG E 677 52.49 -2.03 -8.34
CA ARG E 677 53.45 -1.30 -7.52
C ARG E 677 53.07 -1.38 -6.05
N HIS E 678 54.08 -1.56 -5.21
CA HIS E 678 53.90 -1.65 -3.77
C HIS E 678 54.90 -0.73 -3.07
N ILE E 679 54.44 -0.10 -1.99
CA ILE E 679 55.26 0.82 -1.21
C ILE E 679 55.29 0.32 0.23
N TYR E 680 56.51 0.28 0.81
CA TYR E 680 56.66 -0.23 2.17
C TYR E 680 56.00 0.70 3.18
N VAL E 681 56.27 2.00 3.07
CA VAL E 681 55.73 3.08 3.92
C VAL E 681 55.52 2.64 5.37
N GLY E 682 56.50 1.90 5.91
CA GLY E 682 56.38 1.37 7.25
C GLY E 682 57.17 2.17 8.28
N PRO E 683 58.18 1.54 8.86
CA PRO E 683 59.00 2.21 9.89
C PRO E 683 59.99 3.18 9.28
N PRO E 684 59.60 4.45 9.12
CA PRO E 684 60.43 5.38 8.34
C PRO E 684 61.77 5.64 9.01
N ASP E 685 62.69 6.20 8.23
CA ASP E 685 64.07 6.39 8.66
C ASP E 685 64.20 7.62 9.56
N VAL E 686 65.44 8.04 9.79
CA VAL E 686 65.74 9.01 10.85
C VAL E 686 65.21 10.39 10.51
N ASN E 687 65.38 10.83 9.27
CA ASN E 687 65.06 12.22 8.94
C ASN E 687 63.57 12.52 9.05
N ALA E 688 62.71 11.55 8.71
CA ALA E 688 61.28 11.73 8.89
C ALA E 688 60.93 11.91 10.36
N ARG E 689 61.55 11.10 11.23
CA ARG E 689 61.32 11.25 12.66
C ARG E 689 61.80 12.61 13.15
N LEU E 690 62.96 13.07 12.67
CA LEU E 690 63.43 14.39 13.04
C LEU E 690 62.45 15.48 12.61
N GLU E 691 61.93 15.37 11.38
CA GLU E 691 60.99 16.37 10.88
C GLU E 691 59.72 16.39 11.70
N ILE E 692 59.14 15.23 11.99
CA ILE E 692 57.89 15.20 12.74
C ILE E 692 58.11 15.66 14.17
N LEU E 693 59.25 15.30 14.77
CA LEU E 693 59.54 15.71 16.14
C LEU E 693 59.75 17.22 16.23
N LYS E 694 60.46 17.81 15.26
CA LYS E 694 60.66 19.25 15.28
C LYS E 694 59.38 20.00 14.94
N LYS E 695 58.48 19.38 14.17
CA LYS E 695 57.19 20.00 13.92
C LYS E 695 56.31 19.99 15.17
N CYS E 696 56.31 18.87 15.90
CA CYS E 696 55.53 18.79 17.13
C CYS E 696 56.15 19.58 18.27
N THR E 697 57.45 19.86 18.19
CA THR E 697 58.16 20.60 19.24
C THR E 697 58.25 22.09 18.93
N LYS E 698 57.62 22.55 17.84
CA LYS E 698 57.70 23.97 17.47
C LYS E 698 57.08 24.84 18.55
N LYS E 699 55.95 24.41 19.12
CA LYS E 699 55.34 25.18 20.20
C LYS E 699 56.25 25.26 21.42
N PHE E 700 56.91 24.16 21.75
CA PHE E 700 57.83 24.14 22.89
C PHE E 700 59.15 24.82 22.51
N ASN E 701 60.00 25.01 23.51
CA ASN E 701 61.31 25.62 23.33
C ASN E 701 62.37 24.53 23.31
N THR E 702 63.14 24.48 22.23
CA THR E 702 64.19 23.47 22.09
C THR E 702 65.52 23.92 22.66
N GLU E 703 65.88 25.19 22.48
CA GLU E 703 67.15 25.69 23.01
C GLU E 703 67.17 25.66 24.53
N GLU E 704 66.05 26.03 25.17
CA GLU E 704 65.99 26.02 26.62
C GLU E 704 66.03 24.60 27.18
N SER E 705 65.45 23.64 26.46
CA SER E 705 65.45 22.25 26.93
C SER E 705 66.87 21.71 27.00
N GLY E 706 67.71 22.04 26.02
CA GLY E 706 69.08 21.57 25.99
C GLY E 706 69.30 20.26 25.27
N VAL E 707 68.23 19.60 24.83
CA VAL E 707 68.37 18.33 24.11
C VAL E 707 68.78 18.60 22.68
N ASP E 708 69.56 17.68 22.11
CA ASP E 708 70.04 17.80 20.74
C ASP E 708 69.04 17.28 19.71
N LEU E 709 67.88 16.79 20.17
CA LEU E 709 66.81 16.27 19.31
C LEU E 709 67.22 15.03 18.53
N HIS E 710 68.36 14.42 18.88
CA HIS E 710 68.85 13.23 18.19
C HIS E 710 68.70 11.97 19.01
N GLU E 711 69.03 12.02 20.30
CA GLU E 711 68.87 10.85 21.15
C GLU E 711 67.40 10.47 21.32
N LEU E 712 66.51 11.46 21.34
CA LEU E 712 65.07 11.16 21.39
C LEU E 712 64.64 10.37 20.17
N ALA E 713 65.09 10.79 18.98
CA ALA E 713 64.77 10.04 17.77
C ALA E 713 65.42 8.66 17.78
N ASP E 714 66.65 8.56 18.30
CA ASP E 714 67.32 7.27 18.37
C ASP E 714 66.57 6.29 19.24
N ARG E 715 66.06 6.75 20.39
CA ARG E 715 65.28 5.87 21.26
C ARG E 715 63.84 5.70 20.78
N THR E 716 63.37 6.58 19.90
CA THR E 716 62.00 6.52 19.39
C THR E 716 61.91 5.86 18.01
N GLU E 717 63.04 5.40 17.46
CA GLU E 717 63.03 4.82 16.12
C GLU E 717 62.08 3.64 16.01
N GLY E 718 61.81 2.96 17.12
CA GLY E 718 60.89 1.83 17.12
C GLY E 718 59.44 2.19 17.28
N TYR E 719 59.10 3.48 17.29
CA TYR E 719 57.73 3.92 17.50
C TYR E 719 57.05 4.27 16.17
N SER E 720 55.79 4.67 16.26
CA SER E 720 54.98 5.05 15.11
C SER E 720 54.45 6.46 15.31
N GLY E 721 53.88 7.02 14.24
CA GLY E 721 53.50 8.43 14.28
C GLY E 721 52.43 8.74 15.31
N ALA E 722 51.38 7.91 15.35
CA ALA E 722 50.28 8.16 16.29
C ALA E 722 50.77 8.07 17.74
N GLU E 723 51.58 7.06 18.05
CA GLU E 723 52.06 6.93 19.42
C GLU E 723 53.12 7.98 19.76
N VAL E 724 53.89 8.44 18.78
CA VAL E 724 54.78 9.59 19.02
C VAL E 724 53.96 10.83 19.36
N VAL E 725 52.86 11.06 18.64
CA VAL E 725 51.99 12.21 18.92
C VAL E 725 51.40 12.09 20.32
N LEU E 726 50.86 10.92 20.65
CA LEU E 726 50.30 10.79 21.99
C LEU E 726 51.37 10.94 23.06
N LEU E 727 52.59 10.44 22.81
CA LEU E 727 53.69 10.53 23.76
C LEU E 727 54.06 11.97 24.05
N CYS E 728 54.19 12.78 23.00
CA CYS E 728 54.46 14.20 23.24
C CYS E 728 53.28 14.85 23.94
N GLN E 729 52.07 14.35 23.69
CA GLN E 729 50.92 14.89 24.41
C GLN E 729 51.00 14.65 25.91
N GLU E 730 51.30 13.42 26.36
CA GLU E 730 51.38 13.27 27.82
C GLU E 730 52.65 13.90 28.36
N ALA E 731 53.68 14.07 27.53
CA ALA E 731 54.84 14.81 27.99
C ALA E 731 54.48 16.26 28.31
N GLY E 732 53.71 16.90 27.42
CA GLY E 732 53.22 18.23 27.71
C GLY E 732 52.29 18.26 28.91
N LEU E 733 51.43 17.23 29.03
CA LEU E 733 50.54 17.16 30.19
C LEU E 733 51.32 17.07 31.49
N ALA E 734 52.36 16.22 31.53
CA ALA E 734 53.19 16.09 32.71
C ALA E 734 53.92 17.39 33.00
N ALA E 735 54.30 18.12 31.95
CA ALA E 735 54.88 19.44 32.16
C ALA E 735 53.87 20.41 32.77
N ILE E 736 52.60 20.32 32.37
CA ILE E 736 51.67 21.37 32.74
C ILE E 736 51.03 21.15 34.11
N MET E 737 50.68 19.91 34.49
CA MET E 737 49.91 19.86 35.73
C MET E 737 50.78 20.11 36.96
N GLU E 738 52.10 20.18 36.80
CA GLU E 738 52.98 20.39 37.95
C GLU E 738 52.68 21.71 38.65
N ASP E 739 52.87 22.82 37.93
CA ASP E 739 52.61 24.15 38.46
C ASP E 739 51.84 24.99 37.44
N LEU E 740 50.79 24.39 36.88
CA LEU E 740 49.87 25.07 35.95
C LEU E 740 50.57 25.51 34.67
N ASP E 741 50.46 26.80 34.34
CA ASP E 741 50.97 27.30 33.07
C ASP E 741 52.49 27.20 33.03
N VAL E 742 53.01 26.63 31.95
CA VAL E 742 54.44 26.46 31.75
C VAL E 742 54.80 26.82 30.32
N ALA E 743 55.95 27.47 30.14
CA ALA E 743 56.52 27.71 28.82
C ALA E 743 57.79 26.91 28.59
N LYS E 744 58.11 25.98 29.49
CA LYS E 744 59.34 25.20 29.42
C LYS E 744 59.04 23.76 29.78
N VAL E 745 59.65 22.83 29.04
CA VAL E 745 59.52 21.40 29.30
C VAL E 745 60.89 20.86 29.68
N GLU E 746 60.92 20.03 30.72
CA GLU E 746 62.16 19.51 31.28
C GLU E 746 62.45 18.12 30.75
N LEU E 747 63.72 17.70 30.89
CA LEU E 747 64.13 16.39 30.41
C LEU E 747 63.57 15.28 31.28
N ARG E 748 63.36 15.54 32.58
CA ARG E 748 62.80 14.52 33.46
C ARG E 748 61.39 14.13 33.04
N HIS E 749 60.60 15.11 32.58
CA HIS E 749 59.26 14.80 32.08
C HIS E 749 59.33 13.90 30.85
N PHE E 750 60.27 14.19 29.93
CA PHE E 750 60.42 13.34 28.75
C PHE E 750 60.85 11.93 29.15
N GLU E 751 61.77 11.81 30.10
CA GLU E 751 62.21 10.49 30.54
C GLU E 751 61.07 9.71 31.19
N LYS E 752 60.26 10.38 32.00
CA LYS E 752 59.11 9.73 32.63
C LYS E 752 58.09 9.30 31.59
N ALA E 753 57.84 10.15 30.59
CA ALA E 753 56.84 9.83 29.58
C ALA E 753 57.30 8.72 28.63
N PHE E 754 58.63 8.61 28.42
CA PHE E 754 59.13 7.59 27.52
C PHE E 754 58.81 6.19 28.01
N LYS E 755 58.97 5.94 29.32
CA LYS E 755 58.68 4.64 29.88
C LYS E 755 57.21 4.47 30.25
N GLY E 756 56.41 5.54 30.18
CA GLY E 756 55.00 5.43 30.53
C GLY E 756 54.22 4.56 29.57
N ILE E 757 54.52 4.66 28.28
CA ILE E 757 53.81 3.92 27.24
C ILE E 757 54.77 2.91 26.62
N ALA E 758 54.34 1.66 26.54
CA ALA E 758 55.15 0.63 25.91
C ALA E 758 55.17 0.82 24.40
N ARG E 759 56.14 0.16 23.75
CA ARG E 759 56.27 0.28 22.31
C ARG E 759 55.08 -0.33 21.57
N GLY E 760 54.48 -1.39 22.12
CA GLY E 760 53.33 -2.00 21.49
C GLY E 760 53.58 -2.62 20.14
N ILE E 761 54.84 -2.85 19.77
CA ILE E 761 55.20 -3.40 18.48
C ILE E 761 56.12 -4.59 18.70
N THR E 762 55.75 -5.74 18.13
CA THR E 762 56.55 -6.95 18.13
C THR E 762 57.00 -7.27 16.70
N PRO E 763 58.15 -7.92 16.50
CA PRO E 763 58.65 -8.13 15.13
C PRO E 763 57.84 -9.15 14.33
N GLU E 764 56.73 -9.63 14.88
CA GLU E 764 55.86 -10.53 14.12
C GLU E 764 55.28 -9.82 12.90
N MET E 765 54.77 -8.60 13.09
CA MET E 765 54.25 -7.84 11.95
C MET E 765 55.38 -7.46 10.99
N LEU E 766 56.58 -7.19 11.51
CA LEU E 766 57.71 -6.90 10.63
C LEU E 766 58.03 -8.10 9.74
N SER E 767 58.06 -9.30 10.33
CA SER E 767 58.31 -10.51 9.54
C SER E 767 57.19 -10.76 8.54
N TYR E 768 55.95 -10.53 8.95
CA TYR E 768 54.82 -10.72 8.03
C TYR E 768 54.91 -9.75 6.85
N TYR E 769 55.24 -8.48 7.13
CA TYR E 769 55.40 -7.50 6.06
C TYR E 769 56.55 -7.89 5.13
N GLU E 770 57.66 -8.36 5.70
CA GLU E 770 58.79 -8.76 4.87
C GLU E 770 58.43 -9.94 3.96
N GLU E 771 57.73 -10.94 4.51
CA GLU E 771 57.39 -12.11 3.70
C GLU E 771 56.32 -11.77 2.67
N PHE E 772 55.46 -10.80 2.96
CA PHE E 772 54.51 -10.33 1.95
C PHE E 772 55.21 -9.53 0.87
N ALA E 773 56.29 -8.81 1.24
CA ALA E 773 57.01 -8.01 0.25
C ALA E 773 57.84 -8.88 -0.67
N LEU E 774 58.50 -9.92 -0.13
CA LEU E 774 59.37 -10.73 -0.97
C LEU E 774 58.59 -11.57 -1.97
N ARG E 775 57.38 -12.00 -1.61
CA ARG E 775 56.59 -12.81 -2.53
C ARG E 775 56.07 -12.00 -3.70
N SER E 776 56.00 -10.68 -3.58
CA SER E 776 55.51 -9.82 -4.66
C SER E 776 56.57 -9.64 -5.74
N PHE F 28 -22.47 44.26 -0.68
CA PHE F 28 -22.17 43.31 -1.74
C PHE F 28 -20.89 42.52 -1.42
N LYS F 29 -19.97 43.17 -0.72
CA LYS F 29 -18.71 42.52 -0.35
C LYS F 29 -18.93 41.42 0.68
N LEU F 30 -19.94 41.56 1.54
CA LEU F 30 -20.28 40.60 2.58
C LEU F 30 -19.07 40.29 3.46
N PRO F 31 -18.64 41.23 4.31
CA PRO F 31 -17.49 40.97 5.18
C PRO F 31 -17.79 39.87 6.18
N ALA F 32 -16.75 39.12 6.54
CA ALA F 32 -16.88 37.99 7.46
C ALA F 32 -16.15 38.22 8.77
N GLU F 33 -14.85 38.51 8.72
CA GLU F 33 -14.04 38.67 9.92
C GLU F 33 -13.28 40.00 9.86
N PHE F 34 -13.11 40.60 11.03
CA PHE F 34 -12.41 41.87 11.18
C PHE F 34 -11.15 41.68 12.02
N ILE F 35 -10.33 42.73 12.06
CA ILE F 35 -9.05 42.72 12.75
C ILE F 35 -8.99 43.95 13.65
N THR F 36 -8.27 43.84 14.77
CA THR F 36 -8.13 44.93 15.73
C THR F 36 -6.77 45.61 15.56
N ARG F 37 -6.77 46.93 15.65
CA ARG F 37 -5.56 47.74 15.56
C ARG F 37 -5.57 48.80 16.65
N PRO F 38 -4.40 49.22 17.11
CA PRO F 38 -4.34 50.30 18.11
C PRO F 38 -4.75 51.63 17.50
N HIS F 39 -5.29 52.50 18.36
CA HIS F 39 -5.63 53.84 17.93
C HIS F 39 -4.38 54.71 17.88
N PRO F 40 -4.04 55.30 16.74
CA PRO F 40 -2.81 56.09 16.65
C PRO F 40 -2.97 57.53 17.09
N SER F 41 -1.89 58.31 17.00
CA SER F 41 -1.87 59.74 17.26
C SER F 41 -2.09 60.07 18.73
N LYS F 42 -2.35 59.06 19.56
CA LYS F 42 -2.57 59.23 20.99
C LYS F 42 -3.60 60.31 21.28
N ASP F 43 -3.18 61.40 21.89
CA ASP F 43 -4.03 62.56 22.22
C ASP F 43 -5.17 62.05 23.11
N HIS F 44 -6.37 62.61 23.00
CA HIS F 44 -7.51 62.16 23.78
C HIS F 44 -8.59 61.53 22.90
N GLY F 45 -9.09 62.26 21.91
CA GLY F 45 -10.12 61.75 21.02
C GLY F 45 -11.33 61.22 21.75
N LYS F 46 -11.54 59.91 21.67
CA LYS F 46 -12.61 59.24 22.39
C LYS F 46 -12.08 58.22 23.40
N GLU F 47 -11.13 57.38 22.99
CA GLU F 47 -10.44 56.39 23.83
C GLU F 47 -11.36 55.29 24.36
N THR F 48 -12.64 55.32 24.03
CA THR F 48 -13.53 54.24 24.48
C THR F 48 -14.36 53.66 23.36
N CYS F 49 -14.83 54.46 22.42
CA CYS F 49 -15.78 54.03 21.40
C CYS F 49 -15.37 54.56 20.02
N THR F 50 -14.09 54.39 19.67
CA THR F 50 -13.61 54.82 18.37
C THR F 50 -14.33 54.08 17.25
N ALA F 51 -14.11 52.77 17.16
CA ALA F 51 -14.80 51.88 16.23
C ALA F 51 -14.84 52.46 14.81
N TYR F 52 -13.65 52.61 14.22
CA TYR F 52 -13.52 53.15 12.87
C TYR F 52 -14.13 52.16 11.89
N ILE F 53 -15.31 52.51 11.34
CA ILE F 53 -16.04 51.63 10.43
C ILE F 53 -16.40 52.43 9.18
N HIS F 54 -16.15 51.83 8.02
CA HIS F 54 -16.46 52.48 6.75
C HIS F 54 -17.98 52.62 6.59
N PRO F 55 -18.43 53.63 5.82
CA PRO F 55 -19.88 53.85 5.70
C PRO F 55 -20.64 52.69 5.10
N ASN F 56 -20.05 51.91 4.20
CA ASN F 56 -20.76 50.78 3.61
C ASN F 56 -21.11 49.73 4.66
N VAL F 57 -20.17 49.44 5.57
CA VAL F 57 -20.46 48.50 6.66
C VAL F 57 -21.49 49.10 7.61
N LEU F 58 -21.44 50.41 7.83
CA LEU F 58 -22.44 51.05 8.68
C LEU F 58 -23.84 50.89 8.10
N SER F 59 -23.98 51.06 6.78
CA SER F 59 -25.28 50.88 6.14
C SER F 59 -25.67 49.41 6.08
N SER F 60 -24.69 48.50 5.99
CA SER F 60 -24.99 47.07 5.90
C SER F 60 -25.58 46.51 7.19
N LEU F 61 -25.37 47.18 8.32
CA LEU F 61 -25.89 46.72 9.60
C LEU F 61 -27.27 47.26 9.91
N GLU F 62 -27.86 48.05 9.02
CA GLU F 62 -29.19 48.65 9.14
C GLU F 62 -29.48 49.16 10.54
N ILE F 63 -28.49 49.79 11.17
CA ILE F 63 -28.62 50.35 12.51
C ILE F 63 -28.05 51.76 12.51
N ASN F 64 -28.44 52.53 13.52
CA ASN F 64 -28.00 53.91 13.62
C ASN F 64 -26.49 53.96 13.85
N PRO F 65 -25.74 54.68 13.01
CA PRO F 65 -24.30 54.82 13.26
C PRO F 65 -23.97 55.42 14.62
N GLY F 66 -24.80 56.34 15.10
CA GLY F 66 -24.60 56.92 16.41
C GLY F 66 -25.20 56.09 17.52
N SER F 67 -24.93 54.78 17.49
CA SER F 67 -25.46 53.85 18.49
C SER F 67 -24.38 52.84 18.83
N PHE F 68 -24.75 51.87 19.67
CA PHE F 68 -23.81 50.87 20.13
C PHE F 68 -23.51 49.85 19.03
N CYS F 69 -22.32 49.26 19.11
CA CYS F 69 -21.95 48.16 18.22
C CYS F 69 -21.52 46.96 19.05
N THR F 70 -21.05 45.90 18.41
CA THR F 70 -20.66 44.69 19.10
C THR F 70 -19.37 44.14 18.49
N VAL F 71 -18.62 43.40 19.29
CA VAL F 71 -17.39 42.74 18.86
C VAL F 71 -17.57 41.25 19.10
N GLY F 72 -17.61 40.47 18.02
CA GLY F 72 -17.85 39.05 18.14
C GLY F 72 -16.73 38.31 18.85
N LYS F 73 -15.48 38.64 18.52
CA LYS F 73 -14.27 38.03 19.06
C LYS F 73 -14.38 36.51 19.23
N ILE F 74 -15.01 35.84 18.26
CA ILE F 74 -15.20 34.40 18.19
C ILE F 74 -15.48 33.81 19.57
N GLY F 75 -16.61 34.19 20.16
CA GLY F 75 -16.99 33.70 21.47
C GLY F 75 -17.10 34.81 22.50
N GLU F 76 -16.96 34.47 23.79
CA GLU F 76 -16.98 35.45 24.87
C GLU F 76 -18.28 36.27 24.85
N ASN F 77 -19.37 35.55 25.16
CA ASN F 77 -20.72 36.11 25.11
C ASN F 77 -20.79 37.46 25.83
N GLY F 78 -21.70 38.31 25.35
CA GLY F 78 -21.73 39.71 25.73
C GLY F 78 -21.37 40.53 24.51
N ILE F 79 -20.45 40.00 23.70
CA ILE F 79 -20.10 40.49 22.37
C ILE F 79 -19.61 41.94 22.45
N LEU F 80 -19.17 42.37 23.62
CA LEU F 80 -18.50 43.66 23.82
C LEU F 80 -19.32 44.81 23.24
N VAL F 81 -20.47 45.04 23.88
CA VAL F 81 -21.39 46.08 23.42
C VAL F 81 -20.77 47.44 23.72
N ILE F 82 -20.25 48.10 22.69
CA ILE F 82 -19.61 49.40 22.80
C ILE F 82 -20.18 50.30 21.71
N ALA F 83 -20.17 51.61 21.95
CA ALA F 83 -20.63 52.55 20.94
C ALA F 83 -19.67 52.58 19.76
N ARG F 84 -20.18 53.08 18.63
CA ARG F 84 -19.43 53.07 17.38
C ARG F 84 -19.50 54.44 16.72
N ALA F 85 -18.59 54.66 15.77
CA ALA F 85 -18.50 55.91 15.03
C ALA F 85 -18.00 55.58 13.62
N GLY F 86 -17.56 56.60 12.90
CA GLY F 86 -17.09 56.41 11.53
C GLY F 86 -15.64 56.79 11.33
N ASP F 87 -15.04 56.29 10.26
CA ASP F 87 -13.64 56.56 9.94
C ASP F 87 -13.56 57.72 8.94
N GLU F 88 -12.35 57.96 8.43
CA GLU F 88 -12.09 59.04 7.48
C GLU F 88 -11.72 58.51 6.09
N GLU F 89 -12.20 57.31 5.75
CA GLU F 89 -12.03 56.70 4.43
C GLU F 89 -10.58 56.31 4.19
N VAL F 90 -9.69 56.65 5.10
CA VAL F 90 -8.28 56.28 4.99
C VAL F 90 -8.05 54.99 5.75
N HIS F 91 -8.78 54.79 6.84
CA HIS F 91 -8.65 53.59 7.65
C HIS F 91 -9.24 52.40 6.89
N PRO F 92 -8.48 51.33 6.70
CA PRO F 92 -8.99 50.20 5.92
C PRO F 92 -10.17 49.52 6.60
N VAL F 93 -11.06 48.97 5.76
CA VAL F 93 -12.29 48.36 6.26
C VAL F 93 -12.01 47.09 7.03
N ASN F 94 -10.99 46.32 6.63
CA ASN F 94 -10.76 45.01 7.23
C ASN F 94 -10.45 45.11 8.72
N VAL F 95 -9.65 46.11 9.11
CA VAL F 95 -9.22 46.23 10.49
C VAL F 95 -10.12 47.23 11.21
N ILE F 96 -10.06 47.20 12.54
CA ILE F 96 -10.85 48.08 13.40
C ILE F 96 -9.99 48.55 14.55
N THR F 97 -10.43 49.62 15.21
CA THR F 97 -9.81 50.16 16.41
C THR F 97 -10.85 50.25 17.50
N LEU F 98 -10.53 49.70 18.68
CA LEU F 98 -11.49 49.67 19.78
C LEU F 98 -10.82 49.98 21.12
N SER F 99 -9.70 50.72 21.10
CA SER F 99 -9.10 51.38 22.25
C SER F 99 -8.36 50.43 23.20
N THR F 100 -7.17 50.86 23.62
CA THR F 100 -6.30 50.01 24.43
C THR F 100 -6.94 49.64 25.75
N THR F 101 -7.80 50.49 26.31
CA THR F 101 -8.50 50.16 27.54
C THR F 101 -9.36 48.91 27.34
N ILE F 102 -10.11 48.87 26.24
CA ILE F 102 -10.97 47.72 25.98
C ILE F 102 -10.15 46.50 25.61
N ARG F 103 -9.05 46.67 24.86
CA ARG F 103 -8.19 45.52 24.62
C ARG F 103 -7.64 44.94 25.92
N SER F 104 -7.22 45.81 26.85
CA SER F 104 -6.72 45.32 28.13
C SER F 104 -7.81 44.64 28.95
N VAL F 105 -9.01 45.21 28.95
CA VAL F 105 -10.10 44.66 29.76
C VAL F 105 -10.52 43.29 29.22
N GLY F 106 -10.75 43.20 27.91
CA GLY F 106 -11.21 41.97 27.30
C GLY F 106 -10.14 41.04 26.83
N ASN F 107 -8.87 41.34 27.10
CA ASN F 107 -7.73 40.53 26.65
C ASN F 107 -7.75 40.35 25.13
N LEU F 108 -8.11 41.42 24.42
CA LEU F 108 -8.16 41.39 22.96
C LEU F 108 -6.74 41.39 22.42
N ILE F 109 -6.28 40.21 21.98
CA ILE F 109 -4.97 40.12 21.33
C ILE F 109 -5.02 40.86 19.99
N LEU F 110 -3.89 41.44 19.61
CA LEU F 110 -3.83 42.30 18.42
C LEU F 110 -3.85 41.42 17.18
N GLY F 111 -5.05 41.05 16.73
CA GLY F 111 -5.19 40.25 15.54
C GLY F 111 -6.17 39.10 15.63
N ASP F 112 -6.96 39.06 16.70
CA ASP F 112 -7.97 38.02 16.83
C ASP F 112 -9.10 38.24 15.84
N ARG F 113 -9.81 37.16 15.53
CA ARG F 113 -10.96 37.25 14.65
C ARG F 113 -12.07 38.06 15.31
N LEU F 114 -12.80 38.82 14.50
CA LEU F 114 -13.85 39.70 14.99
C LEU F 114 -15.12 39.49 14.17
N GLU F 115 -16.26 39.63 14.84
CA GLU F 115 -17.56 39.47 14.19
C GLU F 115 -18.45 40.66 14.57
N LEU F 116 -19.34 41.01 13.65
CA LEU F 116 -20.25 42.13 13.82
C LEU F 116 -21.67 41.63 14.05
N LYS F 117 -22.38 42.31 14.95
CA LYS F 117 -23.74 41.92 15.31
C LYS F 117 -24.51 43.16 15.73
N LYS F 118 -25.84 43.03 15.75
CA LYS F 118 -26.69 44.15 16.14
C LYS F 118 -26.51 44.48 17.63
N ALA F 119 -26.81 45.72 17.97
CA ALA F 119 -26.64 46.19 19.33
C ALA F 119 -27.62 45.51 20.28
N GLN F 120 -27.22 45.41 21.55
CA GLN F 120 -28.03 44.77 22.56
C GLN F 120 -28.93 45.81 23.25
N VAL F 121 -29.55 45.42 24.36
CA VAL F 121 -30.46 46.30 25.08
C VAL F 121 -29.67 47.45 25.72
N GLN F 122 -30.36 48.56 25.93
CA GLN F 122 -29.72 49.73 26.54
C GLN F 122 -29.34 49.45 27.98
N PRO F 123 -28.29 50.11 28.48
CA PRO F 123 -27.86 49.89 29.87
C PRO F 123 -28.94 50.26 30.85
N PRO F 124 -29.19 49.43 31.87
CA PRO F 124 -30.23 49.75 32.85
C PRO F 124 -29.90 50.97 33.70
N TYR F 125 -28.76 50.94 34.40
CA TYR F 125 -28.33 52.01 35.30
C TYR F 125 -26.96 51.64 35.85
N ALA F 126 -26.30 52.64 36.44
CA ALA F 126 -25.01 52.48 37.09
C ALA F 126 -25.17 52.64 38.60
N THR F 127 -24.44 51.82 39.36
CA THR F 127 -24.64 51.74 40.80
C THR F 127 -23.46 52.25 41.61
N LYS F 128 -22.25 51.69 41.40
CA LYS F 128 -21.11 51.97 42.26
C LYS F 128 -19.99 52.71 41.55
N VAL F 129 -19.50 52.16 40.43
CA VAL F 129 -18.26 52.56 39.75
C VAL F 129 -17.21 53.00 40.77
N THR F 130 -16.47 52.03 41.31
CA THR F 130 -15.51 52.24 42.38
C THR F 130 -14.10 51.94 41.87
N VAL F 131 -13.15 52.78 42.28
CA VAL F 131 -11.75 52.60 41.88
C VAL F 131 -11.10 51.56 42.77
N GLY F 132 -10.26 50.71 42.17
CA GLY F 132 -9.56 49.68 42.91
C GLY F 132 -8.11 50.02 43.16
N SER F 133 -7.45 50.62 42.17
CA SER F 133 -6.06 51.06 42.27
C SER F 133 -5.13 49.90 42.63
N LEU F 134 -5.06 48.94 41.71
CA LEU F 134 -4.19 47.78 41.89
C LEU F 134 -2.73 48.19 41.69
N GLN F 135 -1.84 47.19 41.79
CA GLN F 135 -0.39 47.32 41.65
C GLN F 135 0.16 48.53 42.39
N GLY F 136 -0.45 48.88 43.51
CA GLY F 136 0.00 50.02 44.30
C GLY F 136 -0.58 49.98 45.69
N TYR F 137 -0.10 50.88 46.53
CA TYR F 137 -0.52 50.98 47.93
C TYR F 137 -1.69 51.93 48.11
N ASN F 138 -2.22 52.51 47.03
CA ASN F 138 -3.37 53.44 47.07
C ASN F 138 -2.95 54.65 47.91
N ILE F 139 -3.88 55.21 48.69
CA ILE F 139 -3.65 56.41 49.50
C ILE F 139 -3.10 57.51 48.58
N LEU F 140 -3.97 58.05 47.74
CA LEU F 140 -3.57 59.10 46.79
C LEU F 140 -3.86 60.49 47.35
N GLU F 141 -5.13 60.77 47.67
CA GLU F 141 -5.52 61.99 48.37
C GLU F 141 -5.09 63.27 47.67
N CYS F 142 -3.80 63.59 47.74
CA CYS F 142 -3.31 64.90 47.32
C CYS F 142 -3.48 65.10 45.81
N MET F 143 -3.01 64.14 45.01
CA MET F 143 -3.03 64.27 43.56
C MET F 143 -4.25 63.63 42.92
N GLU F 144 -5.31 63.36 43.71
CA GLU F 144 -6.53 62.80 43.14
C GLU F 144 -7.14 63.75 42.11
N GLU F 145 -7.24 65.03 42.45
CA GLU F 145 -7.79 66.09 41.61
C GLU F 145 -9.01 65.62 40.82
N LYS F 146 -9.95 64.98 41.54
CA LYS F 146 -11.26 64.59 41.00
C LYS F 146 -11.11 63.66 39.79
N VAL F 147 -10.60 62.45 40.07
CA VAL F 147 -10.52 61.42 39.05
C VAL F 147 -11.89 61.10 38.48
N ILE F 148 -12.95 61.36 39.26
CA ILE F 148 -14.31 61.07 38.80
C ILE F 148 -14.63 61.85 37.54
N GLN F 149 -14.16 63.10 37.45
CA GLN F 149 -14.43 63.92 36.27
C GLN F 149 -13.86 63.29 35.01
N LYS F 150 -12.58 62.89 35.06
CA LYS F 150 -11.96 62.30 33.87
C LYS F 150 -12.61 60.97 33.50
N LEU F 151 -12.93 60.15 34.52
CA LEU F 151 -13.51 58.83 34.24
C LEU F 151 -14.90 58.95 33.64
N LEU F 152 -15.72 59.86 34.16
CA LEU F 152 -17.12 59.96 33.75
C LEU F 152 -17.38 61.02 32.69
N ASP F 153 -16.34 61.70 32.21
CA ASP F 153 -16.48 62.62 31.09
C ASP F 153 -16.27 61.95 29.74
N ASP F 154 -16.04 60.64 29.72
CA ASP F 154 -15.81 59.88 28.49
C ASP F 154 -17.05 59.06 28.18
N SER F 155 -17.51 59.14 26.94
CA SER F 155 -18.67 58.36 26.51
C SER F 155 -18.33 56.87 26.52
N GLY F 156 -19.32 56.06 26.87
CA GLY F 156 -19.12 54.63 26.96
C GLY F 156 -18.88 54.15 28.38
N VAL F 157 -17.63 53.85 28.71
CA VAL F 157 -17.22 53.41 30.05
C VAL F 157 -17.90 52.10 30.39
N ILE F 158 -17.18 51.00 30.22
CA ILE F 158 -17.73 49.67 30.49
C ILE F 158 -17.27 49.24 31.89
N MET F 159 -18.19 48.66 32.64
CA MET F 159 -18.04 48.48 34.09
C MET F 159 -16.93 47.52 34.55
N PRO F 160 -16.48 46.54 33.75
CA PRO F 160 -15.36 45.71 34.24
C PRO F 160 -14.11 46.49 34.58
N GLY F 161 -13.85 47.63 33.93
CA GLY F 161 -12.71 48.44 34.30
C GLY F 161 -12.28 49.44 33.26
N MET F 162 -11.67 50.54 33.72
CA MET F 162 -11.07 51.55 32.85
C MET F 162 -9.59 51.66 33.17
N ILE F 163 -8.76 51.53 32.14
CA ILE F 163 -7.32 51.69 32.28
C ILE F 163 -6.92 52.95 31.52
N PHE F 164 -6.47 53.97 32.26
CA PHE F 164 -6.06 55.24 31.69
C PHE F 164 -4.64 55.57 32.13
N GLN F 165 -3.86 56.10 31.19
CA GLN F 165 -2.50 56.51 31.51
C GLN F 165 -2.51 57.71 32.45
N ASN F 166 -1.43 57.84 33.23
CA ASN F 166 -1.37 58.91 34.23
C ASN F 166 -1.34 60.29 33.59
N LEU F 167 -0.66 60.42 32.45
CA LEU F 167 -0.45 61.70 31.76
C LEU F 167 0.32 62.60 32.73
N LYS F 168 -0.20 63.77 33.10
CA LYS F 168 0.49 64.69 34.01
C LYS F 168 -0.44 64.99 35.18
N THR F 169 0.09 64.83 36.39
CA THR F 169 -0.67 65.10 37.62
C THR F 169 0.23 65.90 38.55
N LYS F 170 0.19 67.23 38.42
CA LYS F 170 1.05 68.14 39.18
C LYS F 170 2.52 67.71 39.11
N ALA F 171 3.22 67.81 40.23
CA ALA F 171 4.62 67.39 40.31
C ALA F 171 4.72 66.05 41.02
N GLY F 172 5.49 65.13 40.45
CA GLY F 172 5.64 63.81 41.02
C GLY F 172 5.55 62.70 40.00
N ASP F 173 5.45 63.08 38.72
CA ASP F 173 5.51 62.22 37.54
C ASP F 173 4.91 60.83 37.75
N GLU F 174 5.66 59.78 37.41
CA GLU F 174 5.32 58.37 37.59
C GLU F 174 3.98 58.01 36.95
N SER F 175 3.50 56.80 37.19
CA SER F 175 2.25 56.34 36.61
C SER F 175 1.54 55.44 37.60
N ILE F 176 0.22 55.39 37.49
CA ILE F 176 -0.63 54.56 38.34
C ILE F 176 -1.65 53.84 37.47
N ASP F 177 -2.21 52.76 38.03
CA ASP F 177 -3.23 51.97 37.36
C ASP F 177 -4.49 51.94 38.22
N VAL F 178 -5.64 51.98 37.55
CA VAL F 178 -6.94 51.98 38.21
C VAL F 178 -7.78 50.85 37.64
N VAL F 179 -8.48 50.14 38.51
CA VAL F 179 -9.34 49.02 38.14
C VAL F 179 -10.72 49.25 38.72
N ILE F 180 -11.76 49.05 37.91
CA ILE F 180 -13.13 49.33 38.32
C ILE F 180 -13.90 48.02 38.35
N THR F 181 -13.20 46.94 38.70
CA THR F 181 -13.81 45.60 38.65
C THR F 181 -14.92 45.41 39.67
N ASP F 182 -14.98 46.24 40.72
CA ASP F 182 -15.97 46.09 41.77
C ASP F 182 -17.22 46.89 41.45
N ALA F 183 -18.38 46.26 41.58
CA ALA F 183 -19.67 46.90 41.35
C ALA F 183 -20.77 46.03 41.93
N SER F 184 -21.96 46.61 42.05
CA SER F 184 -23.13 45.91 42.59
C SER F 184 -24.33 46.17 41.70
N ASP F 185 -24.15 46.02 40.39
CA ASP F 185 -25.21 46.21 39.42
C ASP F 185 -25.55 44.88 38.76
N ASP F 186 -26.85 44.60 38.62
CA ASP F 186 -27.33 43.36 38.04
C ASP F 186 -28.24 43.67 36.86
N SER F 187 -28.10 42.89 35.79
CA SER F 187 -28.89 43.04 34.59
C SER F 187 -29.77 41.81 34.38
N LEU F 188 -30.97 42.06 33.84
CA LEU F 188 -31.90 40.95 33.60
C LEU F 188 -31.34 39.89 32.66
N PRO F 189 -30.77 40.23 31.48
CA PRO F 189 -30.22 39.17 30.63
C PRO F 189 -28.91 38.59 31.17
N ASP F 190 -28.95 37.32 31.56
CA ASP F 190 -27.77 36.65 32.08
C ASP F 190 -26.77 36.25 30.99
N VAL F 191 -27.18 36.28 29.72
CA VAL F 191 -26.27 35.92 28.64
C VAL F 191 -25.15 36.95 28.53
N SER F 192 -25.45 38.23 28.77
CA SER F 192 -24.44 39.28 28.70
C SER F 192 -23.72 39.36 30.05
N GLN F 193 -22.45 38.96 30.06
CA GLN F 193 -21.65 39.00 31.28
C GLN F 193 -20.99 40.36 31.51
N LEU F 194 -21.20 41.32 30.61
CA LEU F 194 -20.56 42.63 30.74
C LEU F 194 -21.48 43.70 31.30
N ASP F 195 -22.80 43.54 31.17
CA ASP F 195 -23.85 44.41 31.72
C ASP F 195 -23.44 45.88 31.74
N LEU F 196 -23.15 46.43 30.57
CA LEU F 196 -22.67 47.80 30.44
C LEU F 196 -23.60 48.78 31.12
N ASN F 197 -23.02 49.84 31.67
CA ASN F 197 -23.75 50.92 32.34
C ASN F 197 -23.44 52.24 31.64
N MET F 198 -23.93 53.34 32.21
CA MET F 198 -23.69 54.68 31.69
C MET F 198 -22.99 55.51 32.76
N ASP F 199 -22.84 56.81 32.47
CA ASP F 199 -22.18 57.75 33.37
C ASP F 199 -23.13 58.89 33.70
N ASP F 200 -23.04 59.38 34.94
CA ASP F 200 -23.87 60.49 35.38
C ASP F 200 -23.12 61.21 36.50
N MET F 201 -22.73 62.45 36.25
CA MET F 201 -21.97 63.23 37.23
C MET F 201 -22.21 64.71 36.98
N TYR F 202 -21.94 65.51 38.01
CA TYR F 202 -22.09 66.96 37.95
C TYR F 202 -20.75 67.62 38.25
N GLY F 203 -20.37 68.59 37.44
CA GLY F 203 -19.11 69.27 37.61
C GLY F 203 -18.71 70.00 36.36
N GLY F 204 -17.48 70.53 36.39
CA GLY F 204 -16.95 71.26 35.25
C GLY F 204 -15.46 71.01 35.11
N LEU F 205 -14.98 71.26 33.89
CA LEU F 205 -13.56 71.09 33.56
C LEU F 205 -13.08 69.67 33.85
N GLY F 220 -25.16 62.44 38.75
CA GLY F 220 -24.43 62.85 39.93
C GLY F 220 -23.95 61.68 40.78
N SER F 221 -24.25 60.47 40.31
CA SER F 221 -23.88 59.23 41.01
C SER F 221 -24.45 59.19 42.41
N THR F 222 -23.94 58.27 43.24
CA THR F 222 -24.41 58.15 44.61
C THR F 222 -23.37 57.40 45.43
N HIS F 223 -23.31 57.73 46.73
CA HIS F 223 -22.42 57.07 47.68
C HIS F 223 -20.96 57.13 47.23
N ILE F 224 -20.57 58.27 46.64
CA ILE F 224 -19.22 58.59 46.18
C ILE F 224 -18.67 57.50 45.26
N THR F 225 -17.41 57.62 44.86
CA THR F 225 -16.78 56.63 43.98
C THR F 225 -15.61 55.91 44.64
N PHE F 226 -14.69 56.65 45.28
CA PHE F 226 -13.54 56.01 45.91
C PHE F 226 -13.96 55.25 47.15
N SER F 227 -13.54 53.99 47.24
CA SER F 227 -13.88 53.14 48.38
C SER F 227 -13.01 51.90 48.36
N LYS F 228 -12.49 51.54 49.54
CA LYS F 228 -11.75 50.30 49.75
C LYS F 228 -10.48 50.22 48.90
N GLU F 229 -9.77 49.09 49.00
CA GLU F 229 -8.55 48.85 48.23
C GLU F 229 -8.52 47.41 47.73
N THR F 230 -9.67 46.84 47.42
CA THR F 230 -9.76 45.45 47.02
C THR F 230 -9.12 45.24 45.64
N GLN F 231 -8.64 44.02 45.43
CA GLN F 231 -8.05 43.62 44.15
C GLN F 231 -9.15 43.17 43.20
N ALA F 232 -8.77 42.54 42.10
CA ALA F 232 -9.75 42.05 41.14
C ALA F 232 -10.69 41.04 41.78
N ASN F 233 -11.99 41.24 41.56
CA ASN F 233 -13.00 40.40 42.17
C ASN F 233 -13.15 39.08 41.40
N ARG F 234 -13.35 38.00 42.13
CA ARG F 234 -13.51 36.67 41.53
C ARG F 234 -14.96 36.30 41.26
N LYS F 235 -15.92 37.16 41.63
CA LYS F 235 -17.32 36.86 41.36
C LYS F 235 -17.59 36.83 39.85
N TYR F 236 -17.13 37.85 39.13
CA TYR F 236 -17.23 37.86 37.68
C TYR F 236 -16.16 36.99 37.04
N ASN F 237 -14.97 36.95 37.65
CA ASN F 237 -13.84 36.15 37.18
C ASN F 237 -13.48 36.48 35.74
N LEU F 238 -13.19 37.76 35.51
CA LEU F 238 -12.71 38.18 34.20
C LEU F 238 -11.31 37.62 33.97
N PRO F 239 -10.99 37.26 32.72
CA PRO F 239 -9.64 36.75 32.43
C PRO F 239 -8.58 37.79 32.74
N GLU F 240 -7.44 37.31 33.26
CA GLU F 240 -6.38 38.25 33.62
C GLU F 240 -5.25 38.19 32.62
N PRO F 241 -4.59 39.31 32.35
CA PRO F 241 -3.46 39.32 31.41
C PRO F 241 -2.23 38.70 32.06
N LEU F 242 -1.67 37.70 31.39
CA LEU F 242 -0.46 37.04 31.90
C LEU F 242 0.73 37.98 31.84
N SER F 243 1.56 37.93 32.88
CA SER F 243 2.73 38.80 32.99
C SER F 243 3.97 37.94 33.15
N TYR F 244 5.13 38.61 33.27
CA TYR F 244 6.39 37.90 33.45
C TYR F 244 6.45 37.18 34.79
N ALA F 245 5.79 37.73 35.81
CA ALA F 245 5.79 37.10 37.13
C ALA F 245 4.96 35.84 37.19
N ALA F 246 4.17 35.54 36.15
CA ALA F 246 3.38 34.31 36.15
C ALA F 246 4.26 33.08 36.03
N VAL F 247 5.32 33.16 35.23
CA VAL F 247 6.21 32.03 34.98
C VAL F 247 7.54 32.30 35.68
N GLY F 248 8.10 31.27 36.31
CA GLY F 248 9.35 31.40 37.01
C GLY F 248 10.12 30.09 37.00
N GLY F 249 11.35 30.16 37.50
CA GLY F 249 12.23 29.02 37.53
C GLY F 249 13.08 28.83 36.28
N LEU F 250 12.75 29.51 35.19
CA LEU F 250 13.49 29.47 33.95
C LEU F 250 13.91 30.88 33.53
N ASP F 251 14.48 31.62 34.49
CA ASP F 251 14.84 33.01 34.25
C ASP F 251 15.85 33.13 33.12
N LYS F 252 16.87 32.28 33.12
CA LYS F 252 17.89 32.32 32.08
C LYS F 252 17.33 31.97 30.71
N GLU F 253 16.17 31.32 30.64
CA GLU F 253 15.54 30.99 29.38
C GLU F 253 14.53 32.05 28.95
N ILE F 254 13.69 32.50 29.88
CA ILE F 254 12.67 33.50 29.54
C ILE F 254 13.33 34.84 29.21
N GLU F 255 14.40 35.20 29.91
CA GLU F 255 15.10 36.44 29.60
C GLU F 255 15.74 36.37 28.22
N SER F 256 16.36 35.22 27.88
CA SER F 256 16.95 35.06 26.56
C SER F 256 15.88 35.13 25.47
N LEU F 257 14.73 34.51 25.70
CA LEU F 257 13.64 34.59 24.71
C LEU F 257 13.14 36.01 24.56
N LYS F 258 12.98 36.72 25.67
CA LYS F 258 12.53 38.11 25.61
C LYS F 258 13.53 38.98 24.85
N SER F 259 14.81 38.77 25.09
CA SER F 259 15.83 39.52 24.35
C SER F 259 15.76 39.19 22.86
N ALA F 260 15.69 37.90 22.53
CA ALA F 260 15.66 37.48 21.13
C ALA F 260 14.41 37.93 20.41
N ILE F 261 13.34 38.26 21.13
CA ILE F 261 12.15 38.81 20.48
C ILE F 261 12.07 40.32 20.56
N GLU F 262 12.87 40.97 21.41
CA GLU F 262 12.77 42.42 21.56
C GLU F 262 13.86 43.20 20.85
N ILE F 263 15.14 42.78 20.94
CA ILE F 263 16.19 43.49 20.18
C ILE F 263 15.99 43.40 18.67
N PRO F 264 15.70 42.24 18.07
CA PRO F 264 15.44 42.23 16.63
C PRO F 264 14.22 43.02 16.21
N LEU F 265 13.31 43.32 17.13
CA LEU F 265 12.08 44.03 16.80
C LEU F 265 12.11 45.50 17.21
N HIS F 266 12.55 45.81 18.44
CA HIS F 266 12.51 47.18 18.92
C HIS F 266 13.48 48.09 18.17
N GLN F 267 14.70 47.60 17.94
CA GLN F 267 15.74 48.40 17.29
C GLN F 267 16.35 47.62 16.13
N PRO F 268 15.63 47.53 15.00
CA PRO F 268 16.22 46.88 13.81
C PRO F 268 17.21 47.77 13.07
N THR F 269 17.38 49.02 13.48
CA THR F 269 18.28 49.93 12.77
C THR F 269 19.72 49.44 12.84
N LEU F 270 20.15 48.96 14.01
CA LEU F 270 21.52 48.46 14.14
C LEU F 270 21.76 47.26 13.24
N PHE F 271 20.79 46.33 13.20
CA PHE F 271 20.93 45.17 12.33
C PHE F 271 20.93 45.56 10.86
N SER F 272 20.10 46.54 10.49
CA SER F 272 20.09 47.03 9.11
C SER F 272 21.41 47.66 8.74
N SER F 273 22.00 48.44 9.66
CA SER F 273 23.32 49.01 9.41
C SER F 273 24.37 47.92 9.28
N PHE F 274 24.29 46.87 10.11
CA PHE F 274 25.18 45.73 9.97
C PHE F 274 24.95 45.02 8.63
N GLY F 275 23.69 44.91 8.22
CA GLY F 275 23.37 44.25 6.96
C GLY F 275 23.67 42.77 6.95
N VAL F 276 23.35 42.06 8.02
CA VAL F 276 23.64 40.64 8.14
C VAL F 276 22.39 39.79 8.05
N SER F 277 21.27 40.37 7.61
CA SER F 277 20.00 39.64 7.48
C SER F 277 19.60 39.02 8.81
N PRO F 278 19.15 39.82 9.77
CA PRO F 278 18.85 39.28 11.10
C PRO F 278 17.79 38.20 11.02
N PRO F 279 17.86 37.20 11.90
CA PRO F 279 16.90 36.10 11.84
C PRO F 279 15.49 36.57 12.15
N ARG F 280 14.51 35.88 11.56
CA ARG F 280 13.11 36.22 11.70
C ARG F 280 12.34 35.19 12.52
N GLY F 281 12.94 34.06 12.85
CA GLY F 281 12.22 32.98 13.50
C GLY F 281 12.95 32.49 14.74
N ILE F 282 12.15 32.12 15.74
CA ILE F 282 12.64 31.56 16.99
C ILE F 282 11.93 30.24 17.24
N LEU F 283 12.69 29.20 17.56
CA LEU F 283 12.14 27.87 17.77
C LEU F 283 12.03 27.56 19.26
N LEU F 284 10.88 27.05 19.67
CA LEU F 284 10.65 26.59 21.04
C LEU F 284 10.50 25.08 21.02
N HIS F 285 11.35 24.39 21.78
CA HIS F 285 11.34 22.93 21.80
C HIS F 285 11.46 22.46 23.25
N GLY F 286 10.92 21.26 23.50
CA GLY F 286 10.98 20.66 24.81
C GLY F 286 9.97 19.55 24.97
N PRO F 287 9.99 18.89 26.14
CA PRO F 287 9.01 17.84 26.38
C PRO F 287 7.61 18.42 26.48
N PRO F 288 6.58 17.65 26.14
CA PRO F 288 5.21 18.15 26.28
C PRO F 288 4.87 18.41 27.74
N GLY F 289 4.05 19.45 27.95
CA GLY F 289 3.60 19.82 29.27
C GLY F 289 4.48 20.79 30.03
N THR F 290 5.62 21.18 29.46
CA THR F 290 6.49 22.14 30.14
C THR F 290 5.87 23.53 30.24
N GLY F 291 4.89 23.83 29.39
CA GLY F 291 4.24 25.12 29.46
C GLY F 291 4.79 26.16 28.51
N LYS F 292 4.96 25.78 27.24
CA LYS F 292 5.39 26.74 26.23
C LYS F 292 4.23 27.64 25.78
N THR F 293 3.01 27.10 25.77
CA THR F 293 1.86 27.87 25.26
C THR F 293 1.64 29.14 26.07
N MET F 294 1.77 29.05 27.40
CA MET F 294 1.66 30.25 28.21
C MET F 294 2.78 31.23 27.93
N LEU F 295 3.97 30.74 27.58
CA LEU F 295 5.06 31.64 27.20
C LEU F 295 4.72 32.40 25.92
N LEU F 296 4.18 31.69 24.92
CA LEU F 296 3.74 32.37 23.71
C LEU F 296 2.63 33.37 24.01
N ARG F 297 1.68 33.00 24.86
CA ARG F 297 0.59 33.92 25.19
C ARG F 297 1.11 35.17 25.90
N VAL F 298 2.05 34.99 26.84
CA VAL F 298 2.54 36.14 27.60
C VAL F 298 3.39 37.06 26.73
N VAL F 299 4.20 36.48 25.83
CA VAL F 299 4.96 37.35 24.93
C VAL F 299 4.06 37.98 23.87
N ALA F 300 2.90 37.37 23.59
CA ALA F 300 1.95 37.99 22.66
C ALA F 300 1.21 39.15 23.30
N ASN F 301 0.77 38.99 24.55
CA ASN F 301 -0.04 40.03 25.19
C ASN F 301 0.79 41.02 26.00
N THR F 302 2.10 40.82 26.11
CA THR F 302 2.96 41.78 26.79
C THR F 302 3.36 42.96 25.92
N SER F 303 3.06 42.90 24.62
CA SER F 303 3.39 43.96 23.69
C SER F 303 2.15 44.38 22.92
N ASN F 304 2.13 45.65 22.50
CA ASN F 304 1.00 46.19 21.77
C ASN F 304 1.07 45.94 20.27
N ALA F 305 2.12 45.27 19.80
CA ALA F 305 2.27 45.03 18.37
C ALA F 305 1.30 43.93 17.90
N HIS F 306 1.12 43.87 16.59
CA HIS F 306 0.20 42.92 15.99
C HIS F 306 0.72 41.50 16.14
N VAL F 307 -0.20 40.56 16.34
CA VAL F 307 0.13 39.15 16.53
C VAL F 307 -0.84 38.29 15.73
N LEU F 308 -0.31 37.23 15.12
CA LEU F 308 -1.12 36.26 14.40
C LEU F 308 -1.18 34.97 15.20
N THR F 309 -2.38 34.40 15.34
CA THR F 309 -2.58 33.15 16.06
C THR F 309 -3.30 32.16 15.14
N ILE F 310 -2.79 30.93 15.10
CA ILE F 310 -3.37 29.87 14.27
C ILE F 310 -3.88 28.76 15.19
N ASN F 311 -4.79 27.96 14.64
CA ASN F 311 -5.41 26.86 15.36
C ASN F 311 -4.94 25.51 14.83
N GLY F 312 -3.67 25.41 14.46
CA GLY F 312 -3.12 24.18 13.95
C GLY F 312 -3.56 23.88 12.54
N PRO F 313 -3.94 22.62 12.29
CA PRO F 313 -4.36 22.21 10.95
C PRO F 313 -5.76 22.66 10.55
N SER F 314 -6.38 23.57 11.29
CA SER F 314 -7.71 24.05 10.92
C SER F 314 -7.69 24.81 9.61
N ILE F 315 -6.56 25.45 9.29
CA ILE F 315 -6.46 26.18 8.03
C ILE F 315 -6.42 25.26 6.83
N VAL F 316 -6.09 23.98 7.03
CA VAL F 316 -6.02 23.03 5.92
C VAL F 316 -7.42 22.78 5.38
N SER F 317 -7.56 22.88 4.06
CA SER F 317 -8.84 22.67 3.39
C SER F 317 -8.68 21.60 2.31
N LYS F 318 -9.81 21.10 1.83
CA LYS F 318 -9.78 20.06 0.81
C LYS F 318 -9.20 20.59 -0.51
N TYR F 319 -9.34 21.90 -0.77
CA TYR F 319 -8.76 22.49 -1.96
C TYR F 319 -7.26 22.69 -1.77
N LEU F 320 -6.48 22.21 -2.73
CA LEU F 320 -5.03 22.37 -2.65
C LEU F 320 -4.62 23.83 -2.71
N GLY F 321 -5.23 24.60 -3.60
CA GLY F 321 -4.88 26.00 -3.75
C GLY F 321 -5.36 26.90 -2.62
N GLU F 322 -6.42 26.49 -1.92
CA GLU F 322 -6.98 27.33 -0.86
C GLU F 322 -5.98 27.51 0.27
N THR F 323 -5.28 26.45 0.66
CA THR F 323 -4.33 26.53 1.76
C THR F 323 -3.19 27.49 1.43
N GLU F 324 -2.59 27.35 0.26
CA GLU F 324 -1.50 28.22 -0.12
C GLU F 324 -1.97 29.65 -0.32
N ALA F 325 -3.20 29.85 -0.84
CA ALA F 325 -3.75 31.20 -0.97
C ALA F 325 -3.92 31.85 0.39
N ALA F 326 -4.44 31.10 1.36
CA ALA F 326 -4.58 31.64 2.72
C ALA F 326 -3.22 31.97 3.31
N LEU F 327 -2.23 31.11 3.10
CA LEU F 327 -0.90 31.38 3.63
C LEU F 327 -0.29 32.65 3.03
N ARG F 328 -0.39 32.82 1.71
CA ARG F 328 0.18 34.02 1.12
C ARG F 328 -0.61 35.26 1.53
N ASP F 329 -1.93 35.15 1.68
CA ASP F 329 -2.73 36.29 2.11
C ASP F 329 -2.35 36.72 3.52
N ILE F 330 -2.21 35.77 4.44
CA ILE F 330 -1.87 36.13 5.81
C ILE F 330 -0.44 36.67 5.89
N PHE F 331 0.47 36.09 5.10
CA PHE F 331 1.84 36.59 5.08
C PHE F 331 1.88 38.03 4.55
N ASN F 332 1.14 38.31 3.48
CA ASN F 332 1.12 39.66 2.93
C ASN F 332 0.50 40.65 3.89
N GLU F 333 -0.61 40.29 4.54
CA GLU F 333 -1.26 41.22 5.45
C GLU F 333 -0.42 41.44 6.71
N ALA F 334 0.37 40.43 7.11
CA ALA F 334 1.28 40.63 8.25
C ALA F 334 2.49 41.46 7.84
N ARG F 335 2.95 41.33 6.61
CA ARG F 335 4.12 42.09 6.16
C ARG F 335 3.78 43.56 5.91
N LYS F 336 2.59 43.84 5.37
CA LYS F 336 2.26 45.22 5.03
C LYS F 336 1.94 46.07 6.26
N TYR F 337 1.86 45.46 7.45
CA TYR F 337 1.96 46.18 8.70
C TYR F 337 3.35 45.94 9.27
N GLN F 338 4.09 47.02 9.53
CA GLN F 338 5.46 46.88 10.03
C GLN F 338 5.53 46.17 11.37
N PRO F 339 4.77 46.56 12.41
CA PRO F 339 4.83 45.81 13.68
C PRO F 339 3.93 44.59 13.63
N SER F 340 4.55 43.41 13.61
CA SER F 340 3.79 42.16 13.56
C SER F 340 4.65 41.03 14.12
N ILE F 341 3.98 40.04 14.70
CA ILE F 341 4.62 38.83 15.19
C ILE F 341 3.83 37.63 14.69
N ILE F 342 4.53 36.62 14.19
CA ILE F 342 3.92 35.44 13.60
C ILE F 342 4.09 34.26 14.56
N PHE F 343 3.00 33.56 14.83
CA PHE F 343 2.99 32.42 15.74
C PHE F 343 2.70 31.16 14.95
N ILE F 344 3.52 30.14 15.14
CA ILE F 344 3.34 28.84 14.49
C ILE F 344 3.14 27.79 15.57
N ASP F 345 1.99 27.12 15.53
CA ASP F 345 1.62 26.11 16.51
C ASP F 345 1.58 24.74 15.85
N GLU F 346 2.28 23.77 16.44
CA GLU F 346 2.31 22.39 15.98
C GLU F 346 2.77 22.31 14.52
N ILE F 347 4.01 22.75 14.31
CA ILE F 347 4.62 22.67 12.99
C ILE F 347 4.82 21.23 12.55
N ASP F 348 4.91 20.30 13.50
CA ASP F 348 5.08 18.89 13.15
C ASP F 348 3.88 18.37 12.36
N SER F 349 2.65 18.74 12.78
CA SER F 349 1.47 18.33 12.04
C SER F 349 1.39 19.04 10.69
N ILE F 350 1.67 20.35 10.68
CA ILE F 350 1.61 21.11 9.43
C ILE F 350 2.72 20.67 8.48
N ALA F 351 3.94 20.51 8.98
CA ALA F 351 5.09 20.15 8.16
C ALA F 351 5.65 18.81 8.63
N PRO F 352 5.29 17.71 7.97
CA PRO F 352 5.84 16.41 8.35
C PRO F 352 7.18 16.16 7.66
N ASN F 353 7.80 15.04 8.03
CA ASN F 353 9.08 14.68 7.44
C ASN F 353 8.91 14.29 5.98
N ARG F 354 9.75 14.86 5.11
CA ARG F 354 9.64 14.59 3.68
C ARG F 354 10.07 13.17 3.35
N ALA F 355 11.14 12.69 3.98
CA ALA F 355 11.70 11.38 3.68
C ALA F 355 11.07 10.25 4.50
N ASN F 356 10.11 10.57 5.38
CA ASN F 356 9.50 9.56 6.23
C ASN F 356 8.02 9.33 5.95
N ASP F 357 7.26 10.37 5.64
CA ASP F 357 5.81 10.21 5.43
C ASP F 357 5.43 11.01 4.19
N ASP F 358 5.43 10.36 3.03
CA ASP F 358 4.96 10.96 1.78
C ASP F 358 3.52 10.50 1.51
N SER F 359 2.62 10.89 2.40
CA SER F 359 1.23 10.45 2.31
C SER F 359 0.54 11.06 1.09
N GLY F 360 0.79 12.34 0.81
CA GLY F 360 0.13 13.04 -0.27
C GLY F 360 -0.65 14.23 0.23
N GLU F 361 -1.18 15.00 -0.73
CA GLU F 361 -1.94 16.20 -0.46
C GLU F 361 -1.12 17.19 0.37
N VAL F 362 -1.30 17.16 1.69
CA VAL F 362 -0.53 18.00 2.60
C VAL F 362 0.87 17.40 2.68
N GLU F 363 1.83 18.01 1.98
CA GLU F 363 3.18 17.49 1.88
C GLU F 363 4.14 18.68 1.96
N SER F 364 5.39 18.44 1.56
CA SER F 364 6.45 19.43 1.68
C SER F 364 6.25 20.63 0.76
N ARG F 365 5.14 20.66 0.01
CA ARG F 365 4.85 21.81 -0.83
C ARG F 365 4.57 23.05 0.01
N VAL F 366 3.86 22.88 1.13
CA VAL F 366 3.65 24.01 2.04
C VAL F 366 4.97 24.45 2.65
N VAL F 367 5.87 23.50 2.93
CA VAL F 367 7.19 23.84 3.44
C VAL F 367 7.95 24.68 2.41
N ALA F 368 7.90 24.25 1.15
CA ALA F 368 8.61 24.98 0.11
C ALA F 368 8.06 26.39 -0.07
N THR F 369 6.73 26.54 -0.07
CA THR F 369 6.17 27.87 -0.26
C THR F 369 6.41 28.76 0.95
N LEU F 370 6.38 28.21 2.17
CA LEU F 370 6.69 29.04 3.33
C LEU F 370 8.16 29.44 3.36
N LEU F 371 9.06 28.55 2.92
CA LEU F 371 10.46 28.94 2.80
C LEU F 371 10.64 30.03 1.75
N THR F 372 9.95 29.92 0.62
CA THR F 372 10.03 30.95 -0.40
C THR F 372 9.55 32.29 0.12
N LEU F 373 8.45 32.29 0.89
CA LEU F 373 7.98 33.53 1.52
C LEU F 373 8.98 34.04 2.55
N MET F 374 9.60 33.12 3.30
CA MET F 374 10.55 33.49 4.35
C MET F 374 11.88 33.97 3.78
N ASP F 375 12.12 33.77 2.49
CA ASP F 375 13.44 34.07 1.93
C ASP F 375 13.66 35.58 1.80
N GLY F 376 12.86 36.26 1.00
CA GLY F 376 13.17 37.61 0.59
C GLY F 376 12.09 38.66 0.72
N MET F 377 11.32 38.63 1.81
CA MET F 377 10.23 39.60 1.98
C MET F 377 10.76 41.02 2.06
N GLY F 378 11.98 41.21 2.55
CA GLY F 378 12.51 42.54 2.73
C GLY F 378 13.91 42.49 3.30
N ALA F 379 14.47 43.67 3.54
CA ALA F 379 15.84 43.81 4.03
C ALA F 379 15.90 44.06 5.53
N ALA F 380 15.25 45.13 6.01
CA ALA F 380 15.31 45.48 7.42
C ALA F 380 14.20 44.77 8.22
N GLY F 381 12.96 45.05 7.88
CA GLY F 381 11.83 44.38 8.51
C GLY F 381 11.60 44.70 9.98
N LYS F 382 10.39 44.43 10.46
CA LYS F 382 10.06 44.57 11.88
C LYS F 382 9.14 43.45 12.34
N VAL F 383 9.24 42.28 11.72
CA VAL F 383 8.36 41.15 12.00
C VAL F 383 9.22 39.95 12.41
N VAL F 384 8.74 39.21 13.41
CA VAL F 384 9.40 38.01 13.90
C VAL F 384 8.42 36.86 13.88
N VAL F 385 8.94 35.63 13.83
CA VAL F 385 8.12 34.42 13.76
C VAL F 385 8.45 33.54 14.95
N ILE F 386 7.40 32.99 15.58
CA ILE F 386 7.53 32.10 16.72
C ILE F 386 7.00 30.74 16.32
N ALA F 387 7.83 29.70 16.46
CA ALA F 387 7.45 28.34 16.13
C ALA F 387 7.75 27.44 17.31
N ALA F 388 6.77 26.61 17.69
CA ALA F 388 6.90 25.69 18.80
C ALA F 388 6.30 24.33 18.44
N THR F 389 6.97 23.27 18.87
CA THR F 389 6.47 21.92 18.66
C THR F 389 6.98 21.02 19.78
N ASN F 390 6.25 19.93 20.03
CA ASN F 390 6.62 19.01 21.09
C ASN F 390 7.77 18.11 20.69
N ARG F 391 7.78 17.64 19.44
CA ARG F 391 8.77 16.66 18.98
C ARG F 391 9.60 17.26 17.85
N PRO F 392 10.85 17.64 18.10
CA PRO F 392 11.71 18.11 17.01
C PRO F 392 12.01 17.06 15.95
N ASN F 393 11.86 15.78 16.28
CA ASN F 393 12.11 14.73 15.28
C ASN F 393 11.14 14.82 14.12
N SER F 394 9.86 15.08 14.40
CA SER F 394 8.87 15.18 13.34
C SER F 394 9.11 16.40 12.45
N VAL F 395 9.88 17.37 12.93
CA VAL F 395 10.25 18.52 12.10
C VAL F 395 11.14 18.06 10.96
N ASP F 396 10.87 18.55 9.75
CA ASP F 396 11.63 18.16 8.58
C ASP F 396 13.09 18.55 8.74
N PRO F 397 14.04 17.69 8.39
CA PRO F 397 15.47 18.06 8.55
C PRO F 397 15.87 19.29 7.77
N ALA F 398 15.28 19.51 6.59
CA ALA F 398 15.59 20.72 5.83
C ALA F 398 15.09 21.97 6.54
N LEU F 399 13.98 21.85 7.29
CA LEU F 399 13.48 22.99 8.05
C LEU F 399 14.40 23.36 9.21
N ARG F 400 15.22 22.41 9.68
CA ARG F 400 16.22 22.67 10.71
C ARG F 400 17.55 22.96 10.02
N ARG F 401 17.74 24.22 9.64
CA ARG F 401 18.94 24.65 8.94
C ARG F 401 19.55 25.85 9.64
N PRO F 402 20.87 26.02 9.53
CA PRO F 402 21.54 27.15 10.20
C PRO F 402 21.59 28.44 9.40
N GLY F 403 21.10 28.45 8.16
CA GLY F 403 21.23 29.63 7.34
C GLY F 403 20.54 30.85 7.92
N ARG F 404 19.28 30.68 8.33
CA ARG F 404 18.55 31.77 8.96
C ARG F 404 17.66 31.30 10.11
N PHE F 405 17.84 30.05 10.56
CA PHE F 405 17.10 29.52 11.71
C PHE F 405 18.02 28.76 12.65
N ASP F 406 19.27 29.23 12.81
CA ASP F 406 20.24 28.50 13.62
C ASP F 406 19.97 28.64 15.11
N GLN F 407 19.44 29.78 15.54
CA GLN F 407 19.22 30.02 16.96
C GLN F 407 18.19 29.03 17.52
N GLU F 408 18.46 28.55 18.73
CA GLU F 408 17.62 27.55 19.37
C GLU F 408 17.30 27.97 20.79
N VAL F 409 16.04 27.77 21.19
CA VAL F 409 15.59 28.01 22.56
C VAL F 409 15.01 26.70 23.07
N GLU F 410 15.72 26.05 24.00
CA GLU F 410 15.33 24.75 24.52
C GLU F 410 14.99 24.86 25.99
N ILE F 411 13.82 24.32 26.37
CA ILE F 411 13.38 24.29 27.75
C ILE F 411 13.21 22.84 28.16
N GLY F 412 13.81 22.47 29.30
CA GLY F 412 13.78 21.11 29.80
C GLY F 412 12.95 20.97 31.06
N ILE F 413 13.11 19.82 31.69
CA ILE F 413 12.39 19.54 32.94
C ILE F 413 12.95 20.42 34.05
N PRO F 414 12.11 21.18 34.77
CA PRO F 414 12.61 22.03 35.84
C PRO F 414 13.28 21.22 36.95
N ASP F 415 14.30 21.81 37.55
CA ASP F 415 15.01 21.17 38.66
C ASP F 415 14.28 21.45 39.97
N VAL F 416 14.92 21.13 41.10
CA VAL F 416 14.28 21.31 42.39
C VAL F 416 14.09 22.80 42.70
N ASP F 417 15.07 23.63 42.32
CA ASP F 417 14.96 25.06 42.57
C ASP F 417 13.84 25.68 41.75
N ALA F 418 13.76 25.34 40.47
CA ALA F 418 12.69 25.86 39.62
C ALA F 418 11.33 25.37 40.08
N ARG F 419 11.25 24.10 40.50
CA ARG F 419 9.98 23.57 41.01
C ARG F 419 9.56 24.29 42.29
N PHE F 420 10.51 24.54 43.19
CA PHE F 420 10.18 25.28 44.40
C PHE F 420 9.72 26.70 44.08
N ASP F 421 10.38 27.35 43.13
CA ASP F 421 9.99 28.69 42.73
C ASP F 421 8.58 28.71 42.13
N ILE F 422 8.28 27.74 41.27
CA ILE F 422 6.97 27.72 40.64
C ILE F 422 5.88 27.40 41.66
N LEU F 423 6.18 26.51 42.62
CA LEU F 423 5.21 26.23 43.68
C LEU F 423 4.96 27.45 44.56
N THR F 424 6.01 28.17 44.95
CA THR F 424 5.80 29.34 45.79
C THR F 424 5.10 30.46 45.03
N LYS F 425 5.36 30.59 43.72
CA LYS F 425 4.62 31.57 42.92
C LYS F 425 3.15 31.18 42.79
N GLN F 426 2.88 29.89 42.61
CA GLN F 426 1.49 29.44 42.54
C GLN F 426 0.77 29.70 43.85
N PHE F 427 1.45 29.46 44.97
CA PHE F 427 0.84 29.77 46.28
C PHE F 427 0.60 31.27 46.43
N SER F 428 1.58 32.09 46.05
CA SER F 428 1.42 33.53 46.16
C SER F 428 0.38 34.08 45.20
N ARG F 429 -0.01 33.30 44.18
CA ARG F 429 -1.05 33.75 43.26
C ARG F 429 -2.34 34.10 43.99
N MET F 430 -2.81 33.20 44.88
CA MET F 430 -3.96 33.50 45.73
C MET F 430 -3.57 33.77 47.18
N SER F 431 -2.27 33.90 47.47
CA SER F 431 -1.80 34.43 48.76
C SER F 431 -2.17 33.52 49.92
N SER F 432 -1.95 34.01 51.14
CA SER F 432 -2.19 33.22 52.35
C SER F 432 -3.65 33.21 52.77
N ASP F 433 -4.50 34.04 52.17
CA ASP F 433 -5.92 34.07 52.55
C ASP F 433 -6.61 32.75 52.23
N ARG F 434 -6.32 32.18 51.05
CA ARG F 434 -6.98 30.93 50.67
C ARG F 434 -6.40 29.75 51.44
N HIS F 435 -5.07 29.69 51.58
CA HIS F 435 -4.43 28.58 52.26
C HIS F 435 -3.14 29.07 52.90
N VAL F 436 -2.69 28.34 53.91
CA VAL F 436 -1.46 28.65 54.64
C VAL F 436 -0.55 27.42 54.60
N LEU F 437 0.73 27.65 54.33
CA LEU F 437 1.71 26.58 54.27
C LEU F 437 3.09 27.15 54.56
N ASP F 438 3.86 26.44 55.38
CA ASP F 438 5.20 26.89 55.71
C ASP F 438 6.13 26.68 54.53
N SER F 439 7.23 27.46 54.51
CA SER F 439 8.22 27.33 53.46
C SER F 439 8.90 25.97 53.49
N GLU F 440 9.05 25.38 54.68
CA GLU F 440 9.65 24.05 54.77
C GLU F 440 8.79 23.01 54.09
N ALA F 441 7.47 23.15 54.18
CA ALA F 441 6.57 22.23 53.48
C ALA F 441 6.74 22.33 51.97
N ILE F 442 6.85 23.55 51.45
CA ILE F 442 7.05 23.75 50.03
C ILE F 442 8.39 23.16 49.59
N LYS F 443 9.44 23.37 50.41
CA LYS F 443 10.74 22.81 50.10
C LYS F 443 10.71 21.29 50.08
N TYR F 444 10.01 20.68 51.05
CA TYR F 444 9.90 19.23 51.08
C TYR F 444 9.14 18.71 49.87
N ILE F 445 8.07 19.40 49.48
CA ILE F 445 7.30 19.01 48.30
C ILE F 445 8.18 19.09 47.06
N ALA F 446 8.95 20.17 46.93
CA ALA F 446 9.83 20.32 45.78
C ALA F 446 10.91 19.24 45.77
N SER F 447 11.44 18.89 46.94
CA SER F 447 12.44 17.83 47.02
C SER F 447 11.85 16.48 46.61
N LYS F 448 10.61 16.22 47.01
CA LYS F 448 9.95 14.97 46.61
C LYS F 448 9.77 14.91 45.10
N THR F 449 9.45 16.05 44.47
CA THR F 449 9.24 16.10 43.03
C THR F 449 10.60 16.10 42.34
N HIS F 450 10.87 15.08 41.53
CA HIS F 450 12.13 14.97 40.81
C HIS F 450 11.95 15.07 39.30
N GLY F 451 11.09 14.24 38.72
CA GLY F 451 10.90 14.23 37.27
C GLY F 451 9.57 14.80 36.83
N TYR F 452 8.87 15.50 37.72
CA TYR F 452 7.57 16.04 37.40
C TYR F 452 7.69 17.27 36.50
N VAL F 453 6.55 17.73 36.00
CA VAL F 453 6.48 18.86 35.09
C VAL F 453 5.44 19.84 35.64
N GLY F 454 5.49 21.07 35.12
CA GLY F 454 4.59 22.11 35.61
C GLY F 454 3.12 21.75 35.43
N ALA F 455 2.79 21.09 34.31
CA ALA F 455 1.43 20.60 34.13
C ALA F 455 1.06 19.58 35.19
N ASP F 456 1.99 18.69 35.52
CA ASP F 456 1.76 17.72 36.59
C ASP F 456 1.63 18.42 37.93
N LEU F 457 2.38 19.52 38.13
CA LEU F 457 2.27 20.28 39.36
C LEU F 457 0.89 20.93 39.49
N THR F 458 0.38 21.50 38.40
CA THR F 458 -0.97 22.06 38.43
C THR F 458 -2.01 20.97 38.66
N ALA F 459 -1.79 19.80 38.06
CA ALA F 459 -2.69 18.66 38.32
C ALA F 459 -2.66 18.29 39.80
N LEU F 460 -1.47 18.29 40.41
CA LEU F 460 -1.36 18.01 41.84
C LEU F 460 -2.13 19.04 42.66
N CYS F 461 -2.00 20.32 42.31
CA CYS F 461 -2.71 21.36 43.04
C CYS F 461 -4.22 21.19 42.92
N ARG F 462 -4.71 20.91 41.71
CA ARG F 462 -6.14 20.72 41.51
C ARG F 462 -6.63 19.48 42.26
N GLU F 463 -5.85 18.40 42.23
CA GLU F 463 -6.24 17.20 42.96
C GLU F 463 -6.29 17.46 44.46
N SER F 464 -5.32 18.20 44.99
CA SER F 464 -5.35 18.55 46.41
C SER F 464 -6.58 19.37 46.74
N VAL F 465 -6.90 20.35 45.91
CA VAL F 465 -8.06 21.22 46.18
C VAL F 465 -9.34 20.40 46.17
N MET F 466 -9.53 19.56 45.15
CA MET F 466 -10.77 18.79 45.07
C MET F 466 -10.85 17.73 46.16
N LYS F 467 -9.72 17.12 46.52
CA LYS F 467 -9.73 16.15 47.60
C LYS F 467 -10.09 16.82 48.92
N THR F 468 -9.54 18.01 49.18
CA THR F 468 -9.91 18.75 50.38
C THR F 468 -11.39 19.09 50.38
N ILE F 469 -11.93 19.52 49.24
CA ILE F 469 -13.32 19.91 49.16
C ILE F 469 -14.23 18.71 49.46
N GLN F 470 -13.97 17.58 48.78
CA GLN F 470 -14.81 16.40 48.99
C GLN F 470 -14.66 15.84 50.39
N ARG F 471 -13.44 15.84 50.94
CA ARG F 471 -13.25 15.34 52.30
C ARG F 471 -14.00 16.20 53.30
N GLY F 472 -13.91 17.52 53.17
CA GLY F 472 -14.64 18.39 54.07
C GLY F 472 -16.14 18.22 53.95
N LEU F 473 -16.64 18.10 52.71
CA LEU F 473 -18.06 17.87 52.50
C LEU F 473 -18.52 16.58 53.18
N GLY F 474 -17.84 15.47 52.89
CA GLY F 474 -18.23 14.20 53.45
C GLY F 474 -18.00 14.07 54.95
N THR F 475 -17.14 14.91 55.52
CA THR F 475 -16.88 14.85 56.95
C THR F 475 -17.81 15.74 57.76
N ASP F 476 -18.11 16.95 57.29
CA ASP F 476 -18.84 17.91 58.09
C ASP F 476 -20.17 18.35 57.46
N ALA F 477 -20.65 17.65 56.42
CA ALA F 477 -21.98 17.88 55.85
C ALA F 477 -22.13 19.33 55.37
N ASN F 478 -21.32 19.66 54.35
CA ASN F 478 -21.38 20.96 53.67
C ASN F 478 -21.00 22.10 54.62
N ILE F 479 -19.84 21.96 55.25
CA ILE F 479 -19.30 23.01 56.11
C ILE F 479 -18.60 24.05 55.25
N ASP F 480 -18.29 25.21 55.83
CA ASP F 480 -17.61 26.27 55.09
C ASP F 480 -16.22 25.82 54.69
N LYS F 481 -15.82 26.19 53.47
CA LYS F 481 -14.53 25.79 52.93
C LYS F 481 -13.36 26.53 53.57
N PHE F 482 -13.62 27.61 54.31
CA PHE F 482 -12.53 28.37 54.93
C PHE F 482 -11.92 27.66 56.12
N SER F 483 -12.66 26.76 56.77
CA SER F 483 -12.15 26.11 57.98
C SER F 483 -11.06 25.10 57.64
N LEU F 484 -11.28 24.26 56.62
CA LEU F 484 -10.33 23.18 56.32
C LEU F 484 -9.02 23.72 55.77
N LYS F 485 -9.08 24.70 54.88
CA LYS F 485 -7.91 25.27 54.21
C LYS F 485 -7.18 24.13 53.47
N VAL F 486 -5.86 24.24 53.34
CA VAL F 486 -5.05 23.24 52.66
C VAL F 486 -3.93 22.80 53.60
N THR F 487 -3.74 21.50 53.73
CA THR F 487 -2.73 20.92 54.61
C THR F 487 -1.77 20.05 53.80
N LEU F 488 -0.64 19.72 54.42
CA LEU F 488 0.37 18.89 53.76
C LEU F 488 -0.16 17.48 53.49
N LYS F 489 -1.06 16.98 54.33
CA LYS F 489 -1.60 15.64 54.13
C LYS F 489 -2.39 15.55 52.83
N ASP F 490 -3.17 16.58 52.51
CA ASP F 490 -3.91 16.59 51.26
C ASP F 490 -2.96 16.62 50.06
N VAL F 491 -1.88 17.41 50.16
CA VAL F 491 -0.90 17.47 49.08
C VAL F 491 -0.24 16.11 48.89
N GLU F 492 0.10 15.43 49.98
CA GLU F 492 0.70 14.11 49.88
C GLU F 492 -0.26 13.10 49.28
N SER F 493 -1.55 13.19 49.66
CA SER F 493 -2.54 12.28 49.09
C SER F 493 -2.70 12.51 47.59
N ALA F 494 -2.72 13.78 47.17
CA ALA F 494 -2.80 14.07 45.74
C ALA F 494 -1.54 13.59 45.01
N MET F 495 -0.38 13.75 45.63
CA MET F 495 0.85 13.24 45.04
C MET F 495 0.80 11.73 44.85
N VAL F 496 0.26 11.02 45.84
CA VAL F 496 0.13 9.57 45.73
C VAL F 496 -0.86 9.19 44.64
N ASP F 497 -2.00 9.90 44.59
CA ASP F 497 -3.12 9.52 43.74
C ASP F 497 -3.03 10.07 42.32
N ILE F 498 -2.03 10.91 42.01
CA ILE F 498 -1.95 11.48 40.67
C ILE F 498 -1.64 10.39 39.65
N ARG F 499 -0.80 9.41 40.01
CA ARG F 499 -0.44 8.29 39.15
C ARG F 499 0.05 8.76 37.79
N PRO F 500 1.25 9.33 37.70
CA PRO F 500 1.76 9.81 36.41
C PRO F 500 1.82 8.68 35.40
N SER F 501 1.55 9.02 34.13
CA SER F 501 1.41 8.00 33.10
C SER F 501 2.76 7.47 32.64
N ALA F 502 3.62 8.34 32.11
CA ALA F 502 4.92 7.93 31.58
C ALA F 502 5.93 9.02 31.92
N MET F 503 6.73 8.79 32.96
CA MET F 503 7.76 9.74 33.37
C MET F 503 9.11 9.33 32.78
N ARG F 504 9.15 9.27 31.46
CA ARG F 504 10.37 8.98 30.71
C ARG F 504 10.73 10.18 29.86
N GLU F 505 11.99 10.59 29.93
CA GLU F 505 12.47 11.74 29.18
C GLU F 505 13.90 11.46 28.72
N ILE F 506 14.45 12.41 27.96
CA ILE F 506 15.81 12.26 27.44
C ILE F 506 16.84 12.92 28.35
N PHE F 507 16.41 13.78 29.27
CA PHE F 507 17.30 14.45 30.22
C PHE F 507 16.96 13.93 31.61
N LEU F 508 17.59 12.82 32.01
CA LEU F 508 17.34 12.25 33.32
C LEU F 508 17.90 13.14 34.40
N GLU F 509 17.14 13.33 35.48
CA GLU F 509 17.53 14.17 36.60
C GLU F 509 17.66 13.27 37.83
N MET F 510 18.87 12.78 38.08
CA MET F 510 19.11 11.95 39.24
C MET F 510 19.07 12.79 40.51
N PRO F 511 18.75 12.17 41.65
CA PRO F 511 18.77 12.92 42.92
C PRO F 511 20.16 13.45 43.23
N LYS F 512 20.20 14.62 43.85
CA LYS F 512 21.47 15.26 44.16
C LYS F 512 22.22 14.47 45.22
N VAL F 513 23.49 14.17 44.95
CA VAL F 513 24.33 13.40 45.84
C VAL F 513 25.66 14.15 46.00
N TYR F 514 26.05 14.39 47.25
CA TYR F 514 27.24 15.16 47.56
C TYR F 514 28.40 14.22 47.93
N TRP F 515 29.51 14.82 48.39
CA TRP F 515 30.75 14.07 48.56
C TRP F 515 30.62 12.99 49.64
N SER F 516 30.09 13.37 50.80
CA SER F 516 30.05 12.43 51.93
C SER F 516 29.11 11.25 51.68
N ASP F 517 28.18 11.37 50.73
CA ASP F 517 27.28 10.26 50.44
C ASP F 517 27.97 9.17 49.63
N ILE F 518 29.14 9.43 49.06
CA ILE F 518 29.86 8.47 48.24
C ILE F 518 31.18 8.15 48.92
N GLY F 519 31.47 6.86 49.09
CA GLY F 519 32.74 6.43 49.65
C GLY F 519 33.61 5.73 48.63
N GLY F 520 34.82 6.23 48.43
CA GLY F 520 35.72 5.66 47.45
C GLY F 520 37.17 5.85 47.84
N GLN F 521 38.05 5.24 47.05
CA GLN F 521 39.47 5.31 47.30
C GLN F 521 40.01 6.72 47.02
N GLU F 522 41.07 7.08 47.74
CA GLU F 522 41.66 8.40 47.55
C GLU F 522 42.30 8.55 46.19
N GLU F 523 42.84 7.47 45.62
CA GLU F 523 43.42 7.53 44.28
C GLU F 523 42.36 7.89 43.26
N LEU F 524 41.17 7.29 43.37
CA LEU F 524 40.08 7.63 42.45
C LEU F 524 39.66 9.08 42.62
N LYS F 525 39.64 9.57 43.86
CA LYS F 525 39.29 10.98 44.10
C LYS F 525 40.32 11.91 43.46
N THR F 526 41.61 11.59 43.58
CA THR F 526 42.64 12.40 42.94
C THR F 526 42.49 12.36 41.44
N LYS F 527 42.22 11.18 40.88
CA LYS F 527 42.07 11.06 39.42
C LYS F 527 40.89 11.86 38.91
N MET F 528 39.74 11.78 39.59
CA MET F 528 38.57 12.53 39.15
C MET F 528 38.80 14.03 39.31
N LYS F 529 39.46 14.45 40.39
CA LYS F 529 39.76 15.87 40.56
C LYS F 529 40.65 16.38 39.45
N GLU F 530 41.70 15.62 39.09
CA GLU F 530 42.56 16.02 38.00
C GLU F 530 41.81 16.05 36.67
N MET F 531 40.96 15.05 36.43
CA MET F 531 40.21 14.96 35.19
C MET F 531 39.19 16.07 35.03
N ILE F 532 38.59 16.55 36.13
CA ILE F 532 37.66 17.67 36.02
C ILE F 532 38.39 19.01 36.03
N GLN F 533 39.58 19.08 36.63
CA GLN F 533 40.33 20.32 36.65
C GLN F 533 41.03 20.60 35.32
N LEU F 534 41.43 19.56 34.59
CA LEU F 534 42.20 19.78 33.36
C LEU F 534 41.47 20.59 32.31
N PRO F 535 40.23 20.25 31.88
CA PRO F 535 39.63 20.97 30.75
C PRO F 535 39.34 22.43 31.03
N LEU F 536 38.56 22.71 32.07
CA LEU F 536 38.07 24.06 32.30
C LEU F 536 39.21 25.03 32.60
N GLU F 537 40.18 24.61 33.40
CA GLU F 537 41.30 25.46 33.79
C GLU F 537 42.55 25.22 32.96
N ALA F 538 42.46 24.46 31.86
CA ALA F 538 43.60 24.25 30.99
C ALA F 538 43.26 24.30 29.51
N SER F 539 42.06 24.76 29.14
CA SER F 539 41.74 24.91 27.73
C SER F 539 42.67 25.90 27.04
N GLU F 540 42.99 27.01 27.70
CA GLU F 540 43.91 27.98 27.11
C GLU F 540 45.31 27.38 26.93
N THR F 541 45.77 26.62 27.92
CA THR F 541 47.08 25.97 27.79
C THR F 541 47.07 24.95 26.66
N PHE F 542 45.99 24.19 26.53
CA PHE F 542 45.88 23.23 25.44
C PHE F 542 45.89 23.92 24.08
N ALA F 543 45.17 25.04 23.97
CA ALA F 543 45.15 25.77 22.70
C ALA F 543 46.53 26.34 22.38
N ARG F 544 47.23 26.87 23.38
CA ARG F 544 48.57 27.40 23.15
C ARG F 544 49.54 26.30 22.75
N LEU F 545 49.44 25.13 23.40
CA LEU F 545 50.35 24.02 23.12
C LEU F 545 49.90 23.18 21.92
N GLY F 546 48.60 23.20 21.60
CA GLY F 546 48.07 22.36 20.55
C GLY F 546 47.80 20.92 20.96
N ILE F 547 48.01 20.57 22.22
CA ILE F 547 47.79 19.19 22.67
C ILE F 547 46.30 18.87 22.69
N SER F 548 45.48 19.84 23.09
CA SER F 548 44.03 19.64 23.30
C SER F 548 43.86 18.62 24.42
N ALA F 549 42.83 17.78 24.33
CA ALA F 549 42.56 16.80 25.37
C ALA F 549 42.31 15.44 24.75
N PRO F 550 42.69 14.36 25.43
CA PRO F 550 42.38 13.01 24.92
C PRO F 550 40.89 12.72 24.84
N LYS F 551 40.06 13.46 25.61
CA LYS F 551 38.60 13.33 25.61
C LYS F 551 38.14 11.87 25.69
N GLY F 552 38.92 11.03 26.37
CA GLY F 552 38.57 9.64 26.53
C GLY F 552 38.72 9.13 27.94
N VAL F 553 37.61 8.68 28.54
CA VAL F 553 37.60 8.14 29.90
C VAL F 553 36.89 6.79 29.85
N LEU F 554 37.53 5.77 30.42
CA LEU F 554 36.98 4.42 30.48
C LEU F 554 36.92 3.95 31.93
N LEU F 555 35.81 3.32 32.29
CA LEU F 555 35.58 2.82 33.64
C LEU F 555 35.17 1.36 33.55
N TYR F 556 36.02 0.46 34.03
CA TYR F 556 35.75 -0.97 34.03
C TYR F 556 35.85 -1.50 35.45
N GLY F 557 34.84 -2.27 35.86
CA GLY F 557 34.81 -2.83 37.20
C GLY F 557 33.53 -3.60 37.46
N PRO F 558 33.36 -4.05 38.70
CA PRO F 558 32.15 -4.78 39.05
C PRO F 558 30.93 -3.88 38.94
N PRO F 559 29.78 -4.44 38.58
CA PRO F 559 28.56 -3.63 38.44
C PRO F 559 27.90 -3.24 39.75
N GLY F 560 28.51 -3.54 40.89
CA GLY F 560 27.92 -3.23 42.18
C GLY F 560 27.86 -1.74 42.47
N CYS F 561 29.01 -1.12 42.66
CA CYS F 561 29.10 0.30 42.98
C CYS F 561 30.19 0.93 42.12
N SER F 562 30.47 2.20 42.39
CA SER F 562 31.49 2.98 41.69
C SER F 562 31.21 3.10 40.20
N LYS F 563 29.98 2.88 39.78
CA LYS F 563 29.55 3.02 38.39
C LYS F 563 28.43 4.01 38.21
N THR F 564 27.44 4.00 39.10
CA THR F 564 26.37 4.98 39.13
C THR F 564 26.51 5.96 40.28
N LEU F 565 27.06 5.52 41.41
CA LEU F 565 27.34 6.42 42.52
C LEU F 565 28.35 7.49 42.11
N THR F 566 29.34 7.10 41.31
CA THR F 566 30.32 8.08 40.82
C THR F 566 29.64 9.12 39.94
N ALA F 567 28.74 8.70 39.06
CA ALA F 567 28.01 9.66 38.23
C ALA F 567 27.14 10.58 39.08
N LYS F 568 26.48 10.03 40.09
CA LYS F 568 25.68 10.85 40.99
C LYS F 568 26.53 11.88 41.72
N ALA F 569 27.74 11.47 42.15
CA ALA F 569 28.65 12.42 42.79
C ALA F 569 29.07 13.51 41.82
N LEU F 570 29.42 13.13 40.58
CA LEU F 570 29.82 14.10 39.57
C LEU F 570 28.70 15.09 39.27
N ALA F 571 27.44 14.64 39.37
CA ALA F 571 26.32 15.50 39.06
C ALA F 571 26.24 16.73 39.96
N THR F 572 26.88 16.69 41.13
CA THR F 572 26.81 17.80 42.09
C THR F 572 28.15 18.39 42.45
N GLU F 573 29.19 17.57 42.61
CA GLU F 573 30.47 18.09 43.12
C GLU F 573 31.17 18.97 42.09
N SER F 574 31.02 18.67 40.80
CA SER F 574 31.72 19.45 39.79
C SER F 574 31.06 20.80 39.57
N GLY F 575 29.75 20.89 39.77
CA GLY F 575 29.02 22.12 39.49
C GLY F 575 28.70 22.33 38.03
N ILE F 576 29.04 21.38 37.16
CA ILE F 576 28.80 21.49 35.72
C ILE F 576 27.59 20.62 35.38
N ASN F 577 26.90 20.99 34.30
CA ASN F 577 25.75 20.21 33.85
C ASN F 577 26.15 18.77 33.58
N PHE F 578 25.36 17.84 34.10
CA PHE F 578 25.65 16.42 34.00
C PHE F 578 24.56 15.69 33.24
N LEU F 579 24.97 14.76 32.39
CA LEU F 579 24.05 13.96 31.57
C LEU F 579 24.33 12.48 31.79
N ALA F 580 23.28 11.72 32.05
CA ALA F 580 23.39 10.28 32.25
C ALA F 580 22.41 9.57 31.32
N VAL F 581 22.92 8.60 30.56
CA VAL F 581 22.10 7.81 29.64
C VAL F 581 22.27 6.35 30.00
N LYS F 582 21.15 5.66 30.21
CA LYS F 582 21.17 4.24 30.58
C LYS F 582 21.16 3.37 29.34
N GLY F 583 21.89 2.25 29.41
CA GLY F 583 21.99 1.32 28.31
C GLY F 583 20.66 0.70 27.92
N PRO F 584 19.99 0.04 28.87
CA PRO F 584 18.66 -0.52 28.56
C PRO F 584 17.64 0.53 28.15
N GLU F 585 17.76 1.76 28.66
CA GLU F 585 16.79 2.80 28.34
C GLU F 585 16.82 3.16 26.86
N ILE F 586 18.01 3.29 26.27
CA ILE F 586 18.11 3.73 24.89
C ILE F 586 17.59 2.65 23.93
N PHE F 587 17.72 1.39 24.30
CA PHE F 587 17.25 0.30 23.45
C PHE F 587 15.72 0.24 23.48
N ASN F 588 15.12 -0.05 22.33
CA ASN F 588 13.68 -0.10 22.21
C ASN F 588 13.31 -1.01 21.04
N LYS F 589 12.02 -1.37 20.98
CA LYS F 589 11.55 -2.26 19.93
C LYS F 589 11.70 -1.64 18.56
N TYR F 590 11.40 -0.35 18.44
CA TYR F 590 11.45 0.31 17.14
C TYR F 590 12.88 0.34 16.60
N VAL F 591 13.01 0.08 15.30
CA VAL F 591 14.31 0.07 14.64
C VAL F 591 14.57 1.48 14.09
N GLY F 592 15.69 2.08 14.54
CA GLY F 592 16.07 3.40 14.14
C GLY F 592 15.67 4.50 15.12
N GLU F 593 14.71 4.21 16.00
CA GLU F 593 14.34 5.20 17.01
C GLU F 593 15.46 5.41 18.01
N SER F 594 16.18 4.34 18.37
CA SER F 594 17.32 4.48 19.26
C SER F 594 18.41 5.34 18.62
N GLU F 595 18.65 5.16 17.32
CA GLU F 595 19.61 5.99 16.62
C GLU F 595 19.21 7.46 16.67
N ARG F 596 17.93 7.74 16.42
CA ARG F 596 17.45 9.12 16.45
C ARG F 596 17.60 9.72 17.84
N ALA F 597 17.28 8.94 18.88
CA ALA F 597 17.43 9.43 20.24
C ALA F 597 18.89 9.71 20.57
N ILE F 598 19.80 8.83 20.15
CA ILE F 598 21.22 9.03 20.40
C ILE F 598 21.70 10.30 19.70
N ARG F 599 21.30 10.48 18.44
CA ARG F 599 21.68 11.69 17.71
C ARG F 599 21.14 12.94 18.42
N GLU F 600 19.87 12.90 18.83
CA GLU F 600 19.27 14.07 19.48
C GLU F 600 19.99 14.41 20.78
N ILE F 601 20.28 13.40 21.60
CA ILE F 601 20.93 13.68 22.88
C ILE F 601 22.36 14.17 22.66
N PHE F 602 23.05 13.64 21.64
CA PHE F 602 24.40 14.10 21.37
C PHE F 602 24.43 15.54 20.92
N ARG F 603 23.56 15.91 19.97
CA ARG F 603 23.51 17.32 19.54
C ARG F 603 23.04 18.23 20.67
N LYS F 604 22.11 17.77 21.51
CA LYS F 604 21.68 18.60 22.63
C LYS F 604 22.81 18.84 23.62
N ALA F 605 23.58 17.79 23.94
CA ALA F 605 24.71 17.95 24.83
C ALA F 605 25.76 18.87 24.22
N ARG F 606 26.02 18.73 22.92
CA ARG F 606 27.00 19.59 22.26
C ARG F 606 26.56 21.05 22.26
N SER F 607 25.27 21.30 21.99
CA SER F 607 24.78 22.66 21.86
C SER F 607 24.59 23.36 23.21
N ALA F 608 24.23 22.60 24.25
CA ALA F 608 23.93 23.20 25.55
C ALA F 608 25.12 23.92 26.13
N ALA F 609 26.18 23.19 26.44
CA ALA F 609 27.39 23.74 27.04
C ALA F 609 28.50 22.69 27.06
N PRO F 610 29.77 23.10 27.04
CA PRO F 610 30.85 22.13 27.19
C PRO F 610 30.81 21.47 28.58
N SER F 611 30.52 20.18 28.62
CA SER F 611 30.32 19.49 29.88
C SER F 611 30.71 18.02 29.72
N ILE F 612 30.92 17.37 30.85
CA ILE F 612 31.27 15.96 30.89
C ILE F 612 30.00 15.13 30.73
N ILE F 613 29.99 14.25 29.75
CA ILE F 613 28.83 13.40 29.48
C ILE F 613 29.17 11.96 29.88
N PHE F 614 28.23 11.32 30.56
CA PHE F 614 28.42 9.98 31.09
C PHE F 614 27.37 9.04 30.51
N PHE F 615 27.80 7.83 30.16
CA PHE F 615 26.91 6.79 29.65
C PHE F 615 27.00 5.59 30.60
N ASP F 616 25.83 5.05 30.97
CA ASP F 616 25.77 4.16 32.12
C ASP F 616 26.33 2.78 31.82
N GLU F 617 25.72 2.05 30.89
CA GLU F 617 26.06 0.64 30.66
C GLU F 617 26.14 0.38 29.16
N ILE F 618 27.26 -0.19 28.73
CA ILE F 618 27.51 -0.46 27.32
C ILE F 618 27.39 -1.93 26.98
N ASP F 619 27.01 -2.79 27.92
CA ASP F 619 26.97 -4.22 27.68
C ASP F 619 25.87 -4.64 26.72
N ALA F 620 24.89 -3.77 26.45
CA ALA F 620 23.79 -4.12 25.57
C ALA F 620 24.07 -3.81 24.10
N LEU F 621 25.16 -3.13 23.79
CA LEU F 621 25.49 -2.77 22.42
C LEU F 621 26.90 -3.14 22.01
N SER F 622 27.85 -3.21 22.93
CA SER F 622 29.22 -3.57 22.59
C SER F 622 29.37 -4.97 22.00
N PRO F 623 28.75 -6.04 22.58
CA PRO F 623 28.95 -7.38 22.01
C PRO F 623 28.29 -7.55 20.66
N ASP F 624 28.89 -6.99 19.61
CA ASP F 624 28.39 -7.13 18.25
C ASP F 624 29.14 -8.18 17.44
N ARG F 625 30.36 -8.56 17.85
CA ARG F 625 31.13 -9.56 17.15
C ARG F 625 30.66 -10.98 17.43
N ASP F 626 29.80 -11.18 18.43
CA ASP F 626 29.30 -12.49 18.79
C ASP F 626 27.79 -12.44 18.92
N GLY F 627 27.15 -13.57 18.66
CA GLY F 627 25.71 -13.67 18.76
C GLY F 627 24.94 -13.19 17.56
N SER F 628 25.64 -12.83 16.47
CA SER F 628 25.00 -12.35 15.24
C SER F 628 24.12 -11.13 15.51
N SER F 629 24.77 -10.06 15.95
CA SER F 629 24.06 -8.83 16.26
C SER F 629 23.50 -8.19 14.99
N THR F 630 22.42 -7.44 15.15
CA THR F 630 21.78 -6.78 14.02
C THR F 630 22.66 -5.64 13.49
N SER F 631 22.37 -5.21 12.26
CA SER F 631 23.14 -4.15 11.64
C SER F 631 22.95 -2.80 12.33
N ALA F 632 21.86 -2.62 13.06
CA ALA F 632 21.63 -1.35 13.73
C ALA F 632 22.71 -1.05 14.76
N ALA F 633 23.14 -2.07 15.51
CA ALA F 633 24.23 -1.89 16.46
C ALA F 633 25.52 -1.51 15.76
N ASN F 634 25.81 -2.14 14.61
CA ASN F 634 27.01 -1.81 13.86
C ASN F 634 26.96 -0.36 13.37
N HIS F 635 25.79 0.08 12.89
CA HIS F 635 25.65 1.47 12.46
C HIS F 635 25.83 2.43 13.64
N VAL F 636 25.29 2.08 14.80
CA VAL F 636 25.46 2.93 15.98
C VAL F 636 26.93 3.05 16.35
N LEU F 637 27.65 1.91 16.35
CA LEU F 637 29.06 1.93 16.72
C LEU F 637 29.89 2.72 15.72
N THR F 638 29.64 2.53 14.41
CA THR F 638 30.41 3.28 13.44
C THR F 638 30.06 4.76 13.46
N SER F 639 28.81 5.11 13.75
CA SER F 639 28.44 6.52 13.86
C SER F 639 29.13 7.18 15.05
N LEU F 640 29.16 6.50 16.20
CA LEU F 640 29.85 7.08 17.35
C LEU F 640 31.35 7.16 17.11
N LEU F 641 31.92 6.16 16.43
CA LEU F 641 33.33 6.21 16.09
C LEU F 641 33.65 7.39 15.18
N ASN F 642 32.78 7.66 14.20
CA ASN F 642 33.00 8.78 13.30
C ASN F 642 32.76 10.12 13.98
N GLU F 643 31.83 10.18 14.94
CA GLU F 643 31.48 11.44 15.58
C GLU F 643 32.31 11.74 16.83
N ILE F 644 33.13 10.81 17.29
CA ILE F 644 33.98 11.07 18.45
C ILE F 644 35.32 11.65 17.97
N ASP F 645 36.01 10.92 17.10
CA ASP F 645 37.34 11.33 16.64
C ASP F 645 37.45 11.15 15.13
N GLY F 646 36.44 11.62 14.39
CA GLY F 646 36.47 11.52 12.94
C GLY F 646 36.38 12.86 12.25
N VAL F 647 37.48 13.26 11.58
CA VAL F 647 37.62 14.49 10.79
C VAL F 647 37.07 15.71 11.52
N GLU F 648 37.03 15.64 12.85
CA GLU F 648 36.62 16.78 13.68
C GLU F 648 37.03 16.48 15.11
N GLU F 649 37.01 17.52 15.94
CA GLU F 649 37.43 17.43 17.34
C GLU F 649 36.40 18.09 18.24
N LEU F 650 36.33 17.62 19.48
CA LEU F 650 35.44 18.16 20.50
C LEU F 650 36.29 18.61 21.68
N LYS F 651 36.75 19.86 21.64
CA LYS F 651 37.59 20.41 22.69
C LYS F 651 36.81 20.82 23.93
N GLY F 652 35.48 20.89 23.86
CA GLY F 652 34.68 21.33 24.98
C GLY F 652 34.19 20.21 25.87
N VAL F 653 33.56 19.20 25.28
CA VAL F 653 32.98 18.11 26.04
C VAL F 653 34.02 17.00 26.23
N VAL F 654 33.77 16.14 27.22
CA VAL F 654 34.63 15.02 27.53
C VAL F 654 33.80 13.74 27.46
N ILE F 655 34.32 12.73 26.76
CA ILE F 655 33.62 11.46 26.59
C ILE F 655 33.99 10.56 27.75
N VAL F 656 32.98 10.12 28.52
CA VAL F 656 33.16 9.20 29.63
C VAL F 656 32.27 7.99 29.40
N ALA F 657 32.87 6.80 29.47
CA ALA F 657 32.15 5.55 29.26
C ALA F 657 32.44 4.59 30.40
N ALA F 658 31.40 3.90 30.85
CA ALA F 658 31.50 2.90 31.90
C ALA F 658 31.14 1.53 31.34
N THR F 659 31.98 0.54 31.62
CA THR F 659 31.79 -0.80 31.09
C THR F 659 31.93 -1.83 32.21
N ASN F 660 31.29 -2.98 32.00
CA ASN F 660 31.37 -4.11 32.92
C ASN F 660 32.35 -5.17 32.44
N ARG F 661 32.18 -5.65 31.21
CA ARG F 661 33.11 -6.62 30.62
C ARG F 661 33.91 -5.93 29.52
N PRO F 662 35.21 -5.64 29.75
CA PRO F 662 35.99 -4.95 28.71
C PRO F 662 36.31 -5.82 27.51
N ASP F 663 36.15 -7.14 27.60
CA ASP F 663 36.46 -8.01 26.47
C ASP F 663 35.42 -7.96 25.38
N GLU F 664 34.23 -7.44 25.66
CA GLU F 664 33.14 -7.39 24.69
C GLU F 664 33.10 -6.09 23.91
N ILE F 665 34.05 -5.18 24.15
CA ILE F 665 34.07 -3.93 23.39
C ILE F 665 34.54 -4.19 21.96
N ASP F 666 34.26 -3.22 21.09
CA ASP F 666 34.65 -3.34 19.70
C ASP F 666 36.17 -3.29 19.55
N ALA F 667 36.69 -4.12 18.64
CA ALA F 667 38.13 -4.13 18.38
C ALA F 667 38.60 -2.80 17.79
N ALA F 668 37.80 -2.21 16.91
CA ALA F 668 38.14 -0.96 16.26
C ALA F 668 37.71 0.27 17.07
N LEU F 669 37.49 0.10 18.38
CA LEU F 669 37.10 1.19 19.26
C LEU F 669 38.23 1.66 20.17
N LEU F 670 39.00 0.73 20.74
CA LEU F 670 40.10 1.04 21.64
C LEU F 670 41.40 1.04 20.85
N ARG F 671 41.94 2.22 20.59
CA ARG F 671 43.19 2.39 19.88
C ARG F 671 44.07 3.39 20.62
N PRO F 672 45.39 3.28 20.48
CA PRO F 672 46.28 4.25 21.14
C PRO F 672 45.99 5.67 20.67
N GLY F 673 46.06 6.61 21.61
CA GLY F 673 45.79 8.01 21.34
C GLY F 673 44.37 8.44 21.58
N ARG F 674 43.42 7.50 21.65
CA ARG F 674 42.02 7.81 21.91
C ARG F 674 41.50 6.87 22.98
N LEU F 675 40.82 7.43 23.97
CA LEU F 675 40.29 6.66 25.10
C LEU F 675 41.41 5.91 25.82
N ASP F 676 42.58 6.54 25.92
CA ASP F 676 43.75 5.87 26.49
C ASP F 676 43.64 5.76 28.01
N ARG F 677 43.00 6.72 28.66
CA ARG F 677 42.91 6.70 30.12
C ARG F 677 42.08 5.52 30.60
N HIS F 678 42.61 4.78 31.57
CA HIS F 678 41.93 3.63 32.14
C HIS F 678 41.96 3.72 33.66
N ILE F 679 40.85 3.37 34.29
CA ILE F 679 40.70 3.42 35.75
C ILE F 679 40.42 2.02 36.24
N TYR F 680 41.21 1.55 37.21
CA TYR F 680 40.98 0.23 37.79
C TYR F 680 39.62 0.17 38.47
N VAL F 681 39.34 1.14 39.35
CA VAL F 681 38.06 1.33 40.04
C VAL F 681 37.43 -0.01 40.43
N GLY F 682 38.24 -0.88 41.04
CA GLY F 682 37.79 -2.21 41.43
C GLY F 682 36.86 -2.18 42.63
N PRO F 683 36.84 -3.28 43.38
CA PRO F 683 35.97 -3.34 44.55
C PRO F 683 36.38 -2.31 45.57
N PRO F 684 35.42 -1.78 46.35
CA PRO F 684 35.77 -0.78 47.37
C PRO F 684 36.69 -1.35 48.43
N ASP F 685 37.56 -0.50 48.95
CA ASP F 685 38.52 -0.91 49.97
C ASP F 685 37.88 -0.82 51.35
N VAL F 686 38.70 -0.94 52.39
CA VAL F 686 38.18 -0.93 53.76
C VAL F 686 37.56 0.42 54.09
N ASN F 687 38.23 1.52 53.69
CA ASN F 687 37.73 2.85 54.03
C ASN F 687 36.38 3.13 53.37
N ALA F 688 36.23 2.77 52.09
CA ALA F 688 34.98 3.02 51.40
C ALA F 688 33.84 2.21 52.00
N ARG F 689 34.09 0.94 52.32
CA ARG F 689 33.06 0.11 52.94
C ARG F 689 32.70 0.64 54.32
N LEU F 690 33.70 1.09 55.09
CA LEU F 690 33.42 1.68 56.39
C LEU F 690 32.55 2.93 56.25
N GLU F 691 32.84 3.77 55.25
CA GLU F 691 32.03 4.96 55.01
C GLU F 691 30.60 4.57 54.64
N ILE F 692 30.43 3.56 53.81
CA ILE F 692 29.08 3.11 53.43
C ILE F 692 28.33 2.59 54.64
N LEU F 693 28.99 1.80 55.49
CA LEU F 693 28.35 1.31 56.70
C LEU F 693 27.96 2.45 57.63
N LYS F 694 28.84 3.44 57.79
CA LYS F 694 28.52 4.59 58.63
C LYS F 694 27.33 5.36 58.09
N LYS F 695 27.28 5.56 56.77
CA LYS F 695 26.17 6.28 56.16
C LYS F 695 24.85 5.51 56.32
N CYS F 696 24.88 4.20 56.13
CA CYS F 696 23.67 3.39 56.22
C CYS F 696 23.24 3.13 57.65
N THR F 697 24.13 3.29 58.63
CA THR F 697 23.83 3.02 60.02
C THR F 697 23.28 4.25 60.74
N LYS F 698 23.23 5.40 60.07
CA LYS F 698 22.76 6.62 60.72
C LYS F 698 21.32 6.52 61.20
N LYS F 699 20.51 5.64 60.59
CA LYS F 699 19.14 5.47 61.05
C LYS F 699 19.10 4.82 62.44
N PHE F 700 19.98 3.85 62.68
CA PHE F 700 20.05 3.19 63.97
C PHE F 700 21.07 3.86 64.88
N ASN F 701 21.16 3.39 66.11
CA ASN F 701 22.09 3.91 67.10
C ASN F 701 23.27 2.95 67.23
N THR F 702 24.47 3.45 66.94
CA THR F 702 25.67 2.62 67.04
C THR F 702 26.11 2.39 68.48
N GLU F 703 25.91 3.39 69.34
CA GLU F 703 26.33 3.24 70.73
C GLU F 703 25.56 2.14 71.44
N GLU F 704 24.24 2.07 71.22
CA GLU F 704 23.44 1.02 71.85
C GLU F 704 23.83 -0.36 71.34
N SER F 705 24.08 -0.49 70.04
CA SER F 705 24.49 -1.78 69.48
C SER F 705 25.89 -2.16 69.94
N GLY F 706 26.78 -1.18 70.11
CA GLY F 706 28.13 -1.46 70.55
C GLY F 706 29.11 -1.85 69.47
N VAL F 707 28.69 -1.86 68.20
CA VAL F 707 29.59 -2.22 67.11
C VAL F 707 30.57 -1.07 66.87
N ASP F 708 31.81 -1.43 66.55
CA ASP F 708 32.86 -0.45 66.28
C ASP F 708 32.85 0.04 64.83
N LEU F 709 31.95 -0.47 64.00
CA LEU F 709 31.81 -0.06 62.61
C LEU F 709 33.06 -0.37 61.80
N HIS F 710 33.97 -1.17 62.35
CA HIS F 710 35.19 -1.57 61.66
C HIS F 710 35.37 -3.08 61.57
N GLU F 711 35.01 -3.82 62.62
CA GLU F 711 35.09 -5.27 62.56
C GLU F 711 34.13 -5.84 61.52
N LEU F 712 32.91 -5.28 61.45
CA LEU F 712 31.96 -5.73 60.45
C LEU F 712 32.46 -5.45 59.03
N ALA F 713 33.07 -4.27 58.84
CA ALA F 713 33.62 -3.96 57.53
C ALA F 713 34.77 -4.88 57.17
N ASP F 714 35.63 -5.20 58.14
CA ASP F 714 36.73 -6.12 57.89
C ASP F 714 36.21 -7.50 57.53
N ARG F 715 35.19 -7.99 58.25
CA ARG F 715 34.59 -9.27 57.91
C ARG F 715 33.92 -9.21 56.54
N THR F 716 33.22 -8.12 56.25
CA THR F 716 32.55 -7.93 54.96
C THR F 716 33.51 -7.23 53.99
N GLU F 717 34.52 -7.99 53.57
CA GLU F 717 35.57 -7.46 52.70
C GLU F 717 35.35 -7.75 51.22
N GLY F 718 34.69 -8.85 50.89
CA GLY F 718 34.45 -9.24 49.51
C GLY F 718 33.17 -8.71 48.92
N TYR F 719 32.48 -7.79 49.58
CA TYR F 719 31.19 -7.29 49.15
C TYR F 719 31.35 -5.87 48.62
N SER F 720 30.87 -5.63 47.40
CA SER F 720 30.85 -4.29 46.82
C SER F 720 29.65 -3.51 47.34
N GLY F 721 29.61 -2.22 47.01
CA GLY F 721 28.68 -1.31 47.68
C GLY F 721 27.22 -1.71 47.53
N ALA F 722 26.85 -2.23 46.36
CA ALA F 722 25.45 -2.58 46.12
C ALA F 722 24.99 -3.67 47.09
N GLU F 723 25.71 -4.78 47.16
CA GLU F 723 25.31 -5.83 48.09
C GLU F 723 25.62 -5.45 49.54
N VAL F 724 26.53 -4.51 49.78
CA VAL F 724 26.71 -3.99 51.14
C VAL F 724 25.45 -3.29 51.61
N VAL F 725 24.90 -2.38 50.80
CA VAL F 725 23.68 -1.71 51.22
C VAL F 725 22.51 -2.67 51.23
N LEU F 726 22.52 -3.69 50.35
CA LEU F 726 21.47 -4.71 50.40
C LEU F 726 21.51 -5.49 51.71
N LEU F 727 22.70 -5.89 52.16
CA LEU F 727 22.79 -6.64 53.41
C LEU F 727 22.48 -5.74 54.60
N CYS F 728 22.83 -4.45 54.51
CA CYS F 728 22.43 -3.53 55.56
C CYS F 728 20.90 -3.42 55.63
N GLN F 729 20.24 -3.33 54.47
CA GLN F 729 18.78 -3.26 54.45
C GLN F 729 18.15 -4.53 55.01
N GLU F 730 18.69 -5.70 54.65
CA GLU F 730 18.12 -6.94 55.17
C GLU F 730 18.40 -7.12 56.66
N ALA F 731 19.54 -6.63 57.14
CA ALA F 731 19.80 -6.64 58.58
C ALA F 731 18.83 -5.74 59.32
N GLY F 732 18.54 -4.56 58.77
CA GLY F 732 17.53 -3.71 59.36
C GLY F 732 16.15 -4.35 59.35
N LEU F 733 15.84 -5.08 58.27
CA LEU F 733 14.57 -5.80 58.20
C LEU F 733 14.48 -6.85 59.30
N ALA F 734 15.55 -7.63 59.47
CA ALA F 734 15.56 -8.65 60.53
C ALA F 734 15.46 -8.00 61.90
N ALA F 735 16.09 -6.83 62.07
CA ALA F 735 16.00 -6.11 63.33
C ALA F 735 14.59 -5.63 63.61
N ILE F 736 13.87 -5.18 62.58
CA ILE F 736 12.56 -4.59 62.83
C ILE F 736 11.42 -5.62 62.80
N MET F 737 11.65 -6.84 62.32
CA MET F 737 10.61 -7.86 62.47
C MET F 737 10.48 -8.45 63.87
N GLU F 738 11.36 -8.11 64.82
CA GLU F 738 11.21 -8.74 66.13
C GLU F 738 10.14 -8.03 66.97
N ASP F 739 10.23 -6.70 67.12
CA ASP F 739 9.28 -5.93 67.90
C ASP F 739 8.93 -4.63 67.19
N LEU F 740 8.69 -4.71 65.87
CA LEU F 740 8.27 -3.57 65.05
C LEU F 740 9.39 -2.53 65.08
N ASP F 741 9.14 -1.30 65.50
CA ASP F 741 10.15 -0.25 65.45
C ASP F 741 11.27 -0.53 66.44
N VAL F 742 12.51 -0.28 66.00
CA VAL F 742 13.69 -0.47 66.82
C VAL F 742 14.57 0.76 66.72
N ALA F 743 15.49 0.90 67.66
CA ALA F 743 16.47 1.98 67.67
C ALA F 743 17.88 1.51 67.40
N LYS F 744 18.10 0.20 67.27
CA LYS F 744 19.43 -0.34 67.02
C LYS F 744 19.29 -1.69 66.36
N VAL F 745 20.41 -2.18 65.80
CA VAL F 745 20.48 -3.48 65.15
C VAL F 745 21.34 -4.40 66.00
N GLU F 746 20.90 -5.64 66.15
CA GLU F 746 21.59 -6.62 66.97
C GLU F 746 22.67 -7.34 66.16
N LEU F 747 23.70 -7.81 66.87
CA LEU F 747 24.77 -8.55 66.22
C LEU F 747 24.28 -9.88 65.67
N ARG F 748 23.36 -10.54 66.38
CA ARG F 748 22.82 -11.81 65.90
C ARG F 748 22.07 -11.62 64.59
N HIS F 749 21.28 -10.55 64.49
CA HIS F 749 20.57 -10.27 63.25
C HIS F 749 21.54 -10.01 62.11
N PHE F 750 22.61 -9.25 62.38
CA PHE F 750 23.59 -8.96 61.33
C PHE F 750 24.30 -10.22 60.86
N GLU F 751 24.68 -11.10 61.79
CA GLU F 751 25.38 -12.32 61.40
C GLU F 751 24.44 -13.28 60.69
N LYS F 752 23.15 -13.31 61.08
CA LYS F 752 22.18 -14.13 60.37
C LYS F 752 21.98 -13.62 58.95
N ALA F 753 21.92 -12.30 58.77
CA ALA F 753 21.80 -11.75 57.42
C ALA F 753 23.04 -12.04 56.60
N PHE F 754 24.23 -11.93 57.21
CA PHE F 754 25.47 -12.19 56.48
C PHE F 754 25.59 -13.64 56.06
N LYS F 755 25.23 -14.57 56.95
CA LYS F 755 25.34 -15.99 56.63
C LYS F 755 24.29 -16.45 55.62
N GLY F 756 23.20 -15.72 55.48
CA GLY F 756 22.16 -16.08 54.53
C GLY F 756 22.40 -15.65 53.10
N ILE F 757 23.40 -14.81 52.87
CA ILE F 757 23.71 -14.31 51.53
C ILE F 757 25.17 -14.62 51.24
N ALA F 758 25.43 -15.25 50.08
CA ALA F 758 26.78 -15.57 49.69
C ALA F 758 27.52 -14.31 49.24
N ARG F 759 28.85 -14.39 49.25
CA ARG F 759 29.67 -13.25 48.84
C ARG F 759 29.47 -12.92 47.36
N GLY F 760 29.39 -13.95 46.51
CA GLY F 760 29.18 -13.74 45.10
C GLY F 760 30.40 -13.34 44.31
N ILE F 761 31.57 -13.28 44.95
CA ILE F 761 32.81 -12.88 44.29
C ILE F 761 33.71 -14.10 44.17
N THR F 762 34.57 -14.08 43.15
CA THR F 762 35.51 -15.16 42.87
C THR F 762 36.86 -14.56 42.51
N PRO F 763 37.96 -15.23 42.88
CA PRO F 763 39.29 -14.69 42.55
C PRO F 763 39.56 -14.59 41.06
N GLU F 764 38.90 -15.41 40.23
CA GLU F 764 39.21 -15.42 38.81
C GLU F 764 38.83 -14.12 38.13
N MET F 765 37.68 -13.54 38.49
CA MET F 765 37.29 -12.26 37.88
C MET F 765 38.21 -11.14 38.32
N LEU F 766 38.65 -11.15 39.59
CA LEU F 766 39.60 -10.16 40.05
C LEU F 766 40.93 -10.28 39.31
N SER F 767 41.41 -11.51 39.10
CA SER F 767 42.64 -11.73 38.37
C SER F 767 42.50 -11.26 36.92
N TYR F 768 41.35 -11.54 36.30
CA TYR F 768 41.12 -11.08 34.93
C TYR F 768 41.10 -9.56 34.85
N TYR F 769 40.45 -8.91 35.80
CA TYR F 769 40.44 -7.44 35.82
C TYR F 769 41.84 -6.89 36.02
N GLU F 770 42.62 -7.49 36.90
CA GLU F 770 43.98 -7.03 37.13
C GLU F 770 44.85 -7.18 35.88
N GLU F 771 44.75 -8.34 35.21
CA GLU F 771 45.58 -8.55 34.03
C GLU F 771 45.12 -7.69 32.87
N PHE F 772 43.83 -7.37 32.79
CA PHE F 772 43.38 -6.41 31.78
C PHE F 772 43.88 -5.00 32.10
N ALA F 773 43.93 -4.64 33.38
CA ALA F 773 44.47 -3.34 33.77
C ALA F 773 45.96 -3.26 33.50
N LEU F 774 46.69 -4.38 33.59
CA LEU F 774 48.11 -4.37 33.30
C LEU F 774 48.39 -3.99 31.85
N ARG F 775 47.59 -4.50 30.92
CA ARG F 775 47.78 -4.19 29.51
C ARG F 775 47.41 -2.75 29.17
N SER F 776 46.68 -2.07 30.05
CA SER F 776 46.28 -0.69 29.80
C SER F 776 47.27 0.29 30.44
PG ATP G . -19.47 -0.68 25.24
O1G ATP G . -18.12 -1.24 24.99
O2G ATP G . -20.60 -1.37 24.45
O3G ATP G . -19.56 0.83 25.01
PB ATP G . -21.18 -0.93 27.69
O1B ATP G . -21.91 0.35 27.71
O2B ATP G . -20.76 -1.48 29.05
O3B ATP G . -19.88 -0.87 26.77
PA ATP G . -23.52 -2.26 26.44
O1A ATP G . -24.08 -0.98 25.95
O2A ATP G . -23.49 -3.38 25.40
O3A ATP G . -22.02 -2.08 26.97
O5' ATP G . -24.29 -2.78 27.71
C5' ATP G . -25.26 -1.96 28.39
C4' ATP G . -26.47 -2.81 28.72
O4' ATP G . -26.08 -3.90 29.59
C3' ATP G . -27.59 -2.09 29.46
O3' ATP G . -28.48 -1.46 28.54
C2' ATP G . -28.27 -3.23 30.21
O2' ATP G . -29.18 -3.94 29.39
C1' ATP G . -27.07 -4.11 30.57
N9 ATP G . -26.48 -3.82 31.88
C8 ATP G . -25.20 -3.41 32.14
N7 ATP G . -24.94 -3.22 33.41
C5 ATP G . -26.14 -3.53 34.04
C6 ATP G . -26.52 -3.53 35.39
N6 ATP G . -25.71 -3.20 36.40
N1 ATP G . -27.79 -3.90 35.68
C2 ATP G . -28.61 -4.23 34.67
N3 ATP G . -28.35 -4.27 33.37
C4 ATP G . -27.09 -3.90 33.11
PG ATP H . -24.86 -20.60 -0.70
O1G ATP H . -23.51 -21.14 -0.95
O2G ATP H . -25.62 -20.20 -1.97
O3G ATP H . -24.88 -19.42 0.28
PB ATP H . -27.31 -21.91 0.42
O1B ATP H . -27.82 -20.78 1.22
O2B ATP H . -27.41 -23.29 1.07
O3B ATP H . -25.80 -21.69 -0.02
PA ATP H . -29.41 -22.61 -1.56
O1A ATP H . -30.45 -22.66 -0.51
O2A ATP H . -29.78 -21.79 -2.78
O3A ATP H . -28.05 -22.01 -0.99
O5' ATP H . -29.00 -24.06 -2.02
C5' ATP H . -28.78 -24.36 -3.42
C4' ATP H . -29.84 -25.31 -3.90
O4' ATP H . -29.51 -26.66 -3.51
C3' ATP H . -31.24 -25.08 -3.34
O3' ATP H . -31.95 -24.11 -4.12
C2' ATP H . -31.87 -26.46 -3.43
O2' ATP H . -32.37 -26.72 -4.75
C1' ATP H . -30.67 -27.37 -3.13
N9 ATP H . -30.55 -27.73 -1.73
C8 ATP H . -29.73 -27.16 -0.79
N7 ATP H . -29.83 -27.69 0.40
C5 ATP H . -30.78 -28.69 0.24
C6 ATP H . -31.34 -29.62 1.14
N6 ATP H . -31.00 -29.71 2.43
N1 ATP H . -32.27 -30.48 0.65
C2 ATP H . -32.62 -30.39 -0.63
N3 ATP H . -32.16 -29.56 -1.56
C4 ATP H . -31.24 -28.72 -1.06
PG ATP I . -6.70 -17.02 -25.58
O1G ATP I . -5.25 -16.78 -25.87
O2G ATP I . -7.46 -15.75 -25.17
O3G ATP I . -6.94 -18.11 -24.53
PB ATP I . -7.96 -18.90 -27.54
O1B ATP I . -9.43 -19.01 -27.50
O2B ATP I . -7.18 -20.04 -26.88
O3B ATP I . -7.46 -17.53 -26.89
PA ATP I . -7.70 -17.81 -30.28
O1A ATP I . -8.81 -18.31 -31.12
O2A ATP I . -7.88 -16.39 -29.72
O3A ATP I . -7.42 -18.76 -29.03
O5' ATP I . -6.34 -17.86 -31.08
C5' ATP I . -5.72 -16.65 -31.58
C4' ATP I . -5.66 -16.72 -33.08
O4' ATP I . -4.80 -17.80 -33.49
C3' ATP I . -6.99 -16.99 -33.78
O3' ATP I . -7.71 -15.78 -34.01
C2' ATP I . -6.55 -17.65 -35.09
O2' ATP I . -6.16 -16.67 -36.06
C1' ATP I . -5.33 -18.45 -34.64
N9 ATP I . -5.63 -19.84 -34.28
C8 ATP I . -5.70 -20.37 -33.02
N7 ATP I . -5.99 -21.65 -33.00
C5 ATP I . -6.12 -21.98 -34.33
C6 ATP I . -6.44 -23.19 -34.99
N6 ATP I . -6.67 -24.34 -34.36
N1 ATP I . -6.49 -23.18 -36.34
C2 ATP I . -6.26 -22.03 -36.98
N3 ATP I . -5.96 -20.83 -36.47
C4 ATP I . -5.91 -20.88 -35.14
PG ATP J . 15.21 7.96 -26.63
O1G ATP J . 16.34 8.78 -26.12
O2G ATP J . 14.21 8.75 -27.50
O3G ATP J . 14.44 7.22 -25.53
PB ATP J . 15.71 6.38 -29.13
O1B ATP J . 14.36 6.53 -29.71
O2B ATP J . 16.31 4.97 -29.22
O3B ATP J . 15.75 6.80 -27.59
PA ATP J . 16.71 8.78 -30.55
O1A ATP J . 16.73 8.57 -32.01
O2A ATP J . 15.49 9.54 -30.02
O3A ATP J . 16.75 7.39 -29.77
O5' ATP J . 18.01 9.52 -30.06
C5' ATP J . 17.99 10.92 -29.72
C4' ATP J . 18.65 11.73 -30.81
O4' ATP J . 19.97 11.20 -31.07
C3' ATP J . 17.95 11.68 -32.17
O3' ATP J . 16.92 12.66 -32.23
C2' ATP J . 19.10 12.00 -33.14
O2' ATP J . 19.32 13.41 -33.24
C1' ATP J . 20.29 11.32 -32.45
N9 ATP J . 20.59 9.99 -32.97
C8 ATP J . 20.23 8.78 -32.42
N7 ATP J . 20.64 7.74 -33.10
C5 ATP J . 21.32 8.29 -34.18
C6 ATP J . 21.99 7.73 -35.27
N6 ATP J . 22.10 6.41 -35.48
N1 ATP J . 22.56 8.57 -36.17
C2 ATP J . 22.46 9.89 -35.97
N3 ATP J . 21.85 10.54 -34.97
C4 ATP J . 21.29 9.69 -34.10
PG ATP K . 18.02 26.13 -0.15
O1G ATP K . 18.67 25.86 1.16
O2G ATP K . 16.59 26.69 -0.03
O3G ATP K . 17.99 24.91 -1.10
PB ATP K . 20.05 27.37 -1.96
O1B ATP K . 19.62 27.78 -3.32
O2B ATP K . 20.84 26.07 -1.88
O3B ATP K . 18.83 27.25 -0.97
PA ATP K . 20.71 30.00 -0.78
O1A ATP K . 21.11 30.98 -1.83
O2A ATP K . 19.26 30.12 -0.29
O3A ATP K . 20.93 28.51 -1.27
O5' ATP K . 21.67 30.11 0.48
C5' ATP K . 21.14 30.22 1.81
C4' ATP K . 21.94 31.27 2.57
O4' ATP K . 23.33 30.90 2.57
C3' ATP K . 21.91 32.67 1.96
O3' ATP K . 20.76 33.39 2.40
C2' ATP K . 23.20 33.28 2.49
O2' ATP K . 23.03 33.83 3.79
C1' ATP K . 24.14 32.06 2.54
N9 ATP K . 25.05 31.95 1.41
C8 ATP K . 25.15 30.91 0.53
N7 ATP K . 26.07 31.07 -0.40
C5 ATP K . 26.62 32.31 -0.10
C6 ATP K . 27.66 33.06 -0.70
N6 ATP K . 28.33 32.66 -1.77
N1 ATP K . 27.96 34.26 -0.14
C2 ATP K . 27.28 34.66 0.94
N3 ATP K . 26.29 34.04 1.59
C4 ATP K . 26.02 32.86 1.02
PG ATP L . 2.37 21.15 24.98
O1G ATP L . 1.57 20.04 25.57
O2G ATP L . 2.23 21.27 23.45
O3G ATP L . 3.86 21.10 25.34
PB ATP L . 2.00 23.47 26.85
O1B ATP L . 2.66 24.76 26.56
O2B ATP L . 2.65 22.61 27.93
O3B ATP L . 1.87 22.57 25.53
PA ATP L . -0.34 24.51 28.32
O1A ATP L . 0.03 25.93 28.30
O2A ATP L . -1.83 24.23 28.08
O3A ATP L . 0.47 23.67 27.25
O5' ATP L . 0.07 23.83 29.69
C5' ATP L . -0.77 22.84 30.33
C4' ATP L . -1.29 23.39 31.64
O4' ATP L . -0.44 22.92 32.72
C3' ATP L . -1.27 24.90 31.76
O3' ATP L . -2.48 25.47 31.24
C2' ATP L . -1.16 25.12 33.27
O2' ATP L . -2.42 25.01 33.92
C1' ATP L . -0.26 23.95 33.67
N9 ATP L . 1.16 24.28 33.73
C8 ATP L . 2.15 23.80 32.89
N7 ATP L . 3.35 24.26 33.18
C5 ATP L . 3.14 25.10 34.26
C6 ATP L . 4.01 25.90 35.02
N6 ATP L . 5.32 25.99 34.80
N1 ATP L . 3.47 26.62 36.03
C2 ATP L . 2.15 26.54 36.25
N3 ATP L . 1.24 25.82 35.60
C4 ATP L . 1.80 25.12 34.61
#